data_8RTL
#
_entry.id   8RTL
#
_cell.length_a   90.164
_cell.length_b   108.797
_cell.length_c   117.109
_cell.angle_alpha   97.58
_cell.angle_beta   90.04
_cell.angle_gamma   96.18
#
_symmetry.space_group_name_H-M   'P 1'
#
loop_
_entity.id
_entity.type
_entity.pdbx_description
1 polymer 'Arsenite oxidase subunit AioA'
2 polymer 'Arsenite oxidase subunit AioB'
3 polymer 'Arsenite oxidase subunit AioB'
4 polymer 'Arsenite oxidase subunit AioA'
5 polymer 'Arsenite oxidase subunit AioA'
6 non-polymer '2-AMINO-5,6-DIMERCAPTO-7-METHYL-3,7,8A,9-TETRAHYDRO-8-OXA-1,3,9,10-TETRAAZA-ANTHRACEN-4-ONE GUANOSINE DINUCLEOTIDE'
7 non-polymer 'MOLYBDENUM(IV) ION'
8 non-polymer 'FE3-S4 CLUSTER'
9 non-polymer DI(HYDROXYETHYL)ETHER
10 non-polymer 1,2-ETHANEDIOL
11 non-polymer 'PENTAETHYLENE GLYCOL'
12 non-polymer 'TRIETHYLENE GLYCOL'
13 non-polymer GLYCEROL
14 non-polymer 'OXYGEN ATOM'
15 non-polymer 'SODIUM ION'
16 non-polymer 'FE2/S2 (INORGANIC) CLUSTER'
17 non-polymer 1-ETHOXY-2-(2-ETHOXYETHOXY)ETHANE
18 non-polymer 2-(2-METHOXYETHOXY)ETHANOL
19 water water
#
loop_
_entity_poly.entity_id
_entity_poly.type
_entity_poly.pdbx_seq_one_letter_code
_entity_poly.pdbx_strand_id
1 'polypeptide(L)'
;NDRITLPPANAQRTNMTCHFCIVGCGYHVYKWPELQEGGRAPEQNALGLDFRKQLPPLAVTLTPAMTNVVTEHNGRRYNI
MVVPDKACVVNSGLSSTRGGKMASYMYTPTGDGKQRLKAPRLYAADQWVDTTWDHAMALYAGLIKKTLDKDGPQGVFFSC
FDHGGAGGGFENTWGTGKLMFSAIQTPMVRIHNRPAYNSECHATREMGIGELNNAYEDAQLADVIWSIGNNPYESQTNYF
LNHWLPNLQGATTSKKKERFPNENFPQARIIFVDPRETPSVAIARHVAGNDRVLHLAIEPGTDTALFNGLFTYVVEQGWI
DKPFIEAHTKGFDDAVKTNRLSLDECSNITGVPVDMLKRAAEWSYKPKASGQAPRTMHAYEKGIIWGNDNYVIQSALLDL
VIATHNVGRRGTGCVRMGGHQEGYTRPPYPGDKKIYIDQELIKGKGRIMTWWGCNNFQTSNNAQALREAILQRSAIVKQA
MQKARGATTEEMVDVIYEATQNGGLFVTSINLYPTKLAEAAHLMLPAAHPGEMNLTSMNGERRIRLSEKFMDPPGTAMAD
CLIAARIANALRDMYQKDGKAEMAAQFEGFDWKTEEDAFNDGFRRAGQPGAPAIDSQGGSTGHLVTYDRLRKSGNNGVQL
PVVSWDESKGLVGTEMLYTEGKFDTDDGKAHFKPAPWNGLPATVQQQKDKYRFWLNNGRNNEVWQTAYHDQYNSLMQERY
PMAYIEMNPDDCKQLDVTGGDIVEVYNDFGSTFAMVYPVAEIKRGQTFMLFGYVNGIQGDVTTDWTDRNIIPYYKGTWGD
IRKVGSMEEFKRTVSFKSRRFA
;
A,C
2 'polypeptide(L)'
;LRTTLQYPATQVSVAKNLKANEPVSFTYPDTSSPCVAVKLGSPVPGGVGPNNDIVAYSVLCTHMGFPTSYDKSSKTFKCP
GHFTEFDAEKAGQMICGQATENLPRVLLRYDEASDALTAVGVDGLIYGRQANVI
;
B
3 'polypeptide(L)'
;AGRTTLQYPATQVSVAKNLKANEPVSFTYPDTSSPCVAVKLGSPVPGGVGPNNDIVAYSVLCTHMGFPTSYDKSSKTFKC
PGHFTEFDAEKAGQMICGQATENLPRVLLRYDEASDALTAVGVDGLIYGRQANVI
;
D,F,H
4 'polypeptide(L)'
;AANDRITLPPANAQRTNMTCHFCIVGCGYHVYKWPELQEGGRAPEQNALGLDFRKQLPPLAVTLTPAMTNVVTEHNGRRY
NIMVVPDKACVVNSGLSSTRGGKMASYMYTPTGDGKQRLKAPRLYAADQWVDTTWDHAMALYAGLIKKTLDKDGPQGVFF
SCFDHGGAGGGFENTWGTGKLMFSAIQTPMVRIHNRPAYNSECHATREMGIGELNNAYEDAQLADVIWSIGNNPYESQTN
YFLNHWLPNLQGATTSKKKERFPNENFPQARIIFVDPRETPSVAIARHVAGNDRVLHLAIEPGTDTALFNGLFTYVVEQG
WIDKPFIEAHTKGFDDAVKTNRLSLDECSNITGVPVDMLKRAAEWSYKPKASGQAPRTMHAYEKGIIWGNDNYVIQSALL
DLVIATHNVGRRGTGCVRMGGHQEGYTRPPYPGDKKIYIDQELIKGKGRIMTWWGCNNFQTSNNAQALREAILQRSAIVK
QAMQKARGATTEEMVDVIYEATQNGGLFVTSINLYPTKLAEAAHLMLPAAHPGEMNLTSMNGERRIRLSEKFMDPPGTAM
ADCLIAARIANALRDMYQKDGKAEMAAQFEGFDWKTEEDAFNDGFRRAGQPGAPAIDSQGGSTGHLVTYDRLRKSGNNGV
QLPVVSWDESKGLVGTEMLYTEGKFDTDDGKAHFKPAPWNGLPATVQQQKDKYRFWLNNGRNNEVWQTAYHDQYNSLMQE
RYPMAYIEMNPDDCKQLDVTGGDIVEVYNDFGSTFAMVYPVAEIKRGQTFMLFGYVNGIQGDVTTDWTDRNIIPYYKGTW
GDIRKVGSMEEFKRTVSFKSRRFA
;
E
5 'polypeptide(L)'
;ANDRITLPPANAQRTNMTCHFCIVGCGYHVYKWPELQEGGRAPEQNALGLDFRKQLPPLAVTLTPAMTNVVTEHNGRRYN
IMVVPDKACVVNSGLSSTRGGKMASYMYTPTGDGKQRLKAPRLYAADQWVDTTWDHAMALYAGLIKKTLDKDGPQGVFFS
CFDHGGAGGGFENTWGTGKLMFSAIQTPMVRIHNRPAYNSECHATREMGIGELNNAYEDAQLADVIWSIGNNPYESQTNY
FLNHWLPNLQGATTSKKKERFPNENFPQARIIFVDPRETPSVAIARHVAGNDRVLHLAIEPGTDTALFNGLFTYVVEQGW
IDKPFIEAHTKGFDDAVKTNRLSLDECSNITGVPVDMLKRAAEWSYKPKASGQAPRTMHAYEKGIIWGNDNYVIQSALLD
LVIATHNVGRRGTGCVRMGGHQEGYTRPPYPGDKKIYIDQELIKGKGRIMTWWGCNNFQTSNNAQALREAILQRSAIVKQ
AMQKARGATTEEMVDVIYEATQNGGLFVTSINLYPTKLAEAAHLMLPAAHPGEMNLTSMNGERRIRLSEKFMDPPGTAMA
DCLIAARIANALRDMYQKDGKAEMAAQFEGFDWKTEEDAFNDGFRRAGQPGAPAIDSQGGSTGHLVTYDRLRKSGNNGVQ
LPVVSWDESKGLVGTEMLYTEGKFDTDDGKAHFKPAPWNGLPATVQQQKDKYRFWLNNGRNNEVWQTAYHDQYNSLMQER
YPMAYIEMNPDDCKQLDVTGGDIVEVYNDFGSTFAMVYPVAEIKRGQTFMLFGYVNGIQGDVTTDWTDRNIIPYYKGTWG
DIRKVGSMEEFKRTVSFKSRRFA
;
G
#
loop_
_chem_comp.id
_chem_comp.type
_chem_comp.name
_chem_comp.formula
1PE non-polymer 'PENTAETHYLENE GLYCOL' 'C10 H22 O6'
4MO non-polymer 'MOLYBDENUM(IV) ION' 'Mo 4'
EDO non-polymer 1,2-ETHANEDIOL 'C2 H6 O2'
F3S non-polymer 'FE3-S4 CLUSTER' 'Fe3 S4'
FES non-polymer 'FE2/S2 (INORGANIC) CLUSTER' 'Fe2 S2'
GOL non-polymer GLYCEROL 'C3 H8 O3'
MGD non-polymer '2-AMINO-5,6-DIMERCAPTO-7-METHYL-3,7,8A,9-TETRAHYDRO-8-OXA-1,3,9,10-TETRAAZA-ANTHRACEN-4-ONE GUANOSINE DINUCLEOTIDE' 'C20 H26 N10 O13 P2 S2'
NA non-polymer 'SODIUM ION' 'Na 1'
O non-polymer 'OXYGEN ATOM' O
P4G non-polymer 1-ETHOXY-2-(2-ETHOXYETHOXY)ETHANE 'C8 H18 O3'
PEG non-polymer DI(HYDROXYETHYL)ETHER 'C4 H10 O3'
PG0 non-polymer 2-(2-METHOXYETHOXY)ETHANOL 'C5 H12 O3'
PGE non-polymer 'TRIETHYLENE GLYCOL' 'C6 H14 O4'
#
# COMPACT_ATOMS: atom_id res chain seq x y z
N ASN A 1 6.04 1.98 -6.78
CA ASN A 1 6.39 2.35 -5.39
C ASN A 1 7.44 1.36 -4.87
N ASP A 2 7.46 1.18 -3.55
CA ASP A 2 8.66 0.87 -2.81
C ASP A 2 8.53 -0.39 -1.96
N ARG A 3 7.57 -1.27 -2.28
CA ARG A 3 7.43 -2.53 -1.56
C ARG A 3 6.64 -3.53 -2.39
N ILE A 4 6.64 -4.79 -1.92
CA ILE A 4 5.94 -5.88 -2.58
C ILE A 4 5.31 -6.75 -1.52
N THR A 5 4.13 -7.33 -1.85
CA THR A 5 3.48 -8.29 -0.95
C THR A 5 4.03 -9.67 -1.31
N LEU A 6 4.69 -10.33 -0.37
CA LEU A 6 5.25 -11.66 -0.65
C LEU A 6 4.14 -12.71 -0.69
N PRO A 7 4.32 -13.77 -1.50
CA PRO A 7 3.39 -14.89 -1.52
C PRO A 7 3.55 -15.69 -0.23
N PRO A 8 2.46 -16.07 0.45
CA PRO A 8 2.57 -16.93 1.63
C PRO A 8 3.19 -18.28 1.27
N ALA A 9 3.76 -18.96 2.27
CA ALA A 9 4.36 -20.26 2.07
C ALA A 9 3.40 -21.21 1.36
N ASN A 10 2.11 -21.19 1.75
CA ASN A 10 1.12 -22.15 1.25
C ASN A 10 0.36 -21.56 0.08
N ALA A 11 0.83 -20.49 -0.57
CA ALA A 11 0.10 -19.90 -1.68
C ALA A 11 -0.09 -20.93 -2.79
N GLN A 12 -1.15 -20.77 -3.55
CA GLN A 12 -1.40 -21.64 -4.70
C GLN A 12 -0.31 -21.37 -5.72
N ARG A 13 0.22 -22.40 -6.38
CA ARG A 13 1.25 -22.25 -7.39
C ARG A 13 0.87 -23.04 -8.64
N THR A 14 0.71 -22.36 -9.75
CA THR A 14 0.47 -23.09 -11.00
C THR A 14 1.64 -22.80 -11.98
N ASN A 15 1.67 -23.62 -13.04
CA ASN A 15 2.64 -23.48 -14.10
C ASN A 15 2.07 -22.61 -15.20
N MET A 16 2.95 -21.79 -15.77
CA MET A 16 2.62 -20.94 -16.85
C MET A 16 3.85 -20.81 -17.75
N THR A 17 3.65 -21.12 -19.06
CA THR A 17 4.61 -20.79 -20.09
C THR A 17 4.40 -19.32 -20.40
N CYS A 18 5.47 -18.62 -20.73
CA CYS A 18 5.39 -17.25 -21.18
C CYS A 18 4.35 -17.14 -22.31
N HIS A 19 3.56 -16.04 -22.25
CA HIS A 19 2.59 -15.75 -23.29
C HIS A 19 3.19 -15.50 -24.68
N PHE A 20 4.44 -14.98 -24.75
CA PHE A 20 4.90 -14.29 -25.95
C PHE A 20 5.84 -15.18 -26.79
N CYS A 21 7.15 -14.98 -26.75
CA CYS A 21 7.97 -15.44 -27.86
C CYS A 21 8.21 -16.96 -27.81
N ILE A 22 8.68 -17.45 -28.96
CA ILE A 22 9.06 -18.84 -29.21
C ILE A 22 9.80 -19.54 -28.08
N VAL A 23 10.67 -18.84 -27.35
CA VAL A 23 11.49 -19.53 -26.36
C VAL A 23 10.64 -20.30 -25.37
N GLY A 24 9.46 -19.77 -24.99
CA GLY A 24 8.58 -20.58 -24.17
C GLY A 24 9.13 -20.72 -22.74
N CYS A 25 9.73 -19.68 -22.23
CA CYS A 25 10.30 -19.68 -20.86
C CYS A 25 9.24 -20.07 -19.81
N GLY A 26 9.66 -20.86 -18.83
CA GLY A 26 8.81 -21.36 -17.81
C GLY A 26 8.71 -20.36 -16.65
N TYR A 27 7.46 -20.18 -16.18
CA TYR A 27 7.11 -19.37 -15.04
C TYR A 27 6.14 -20.15 -14.12
N HIS A 28 6.08 -19.65 -12.87
CA HIS A 28 5.18 -20.02 -11.82
C HIS A 28 4.29 -18.80 -11.54
N VAL A 29 3.00 -19.08 -11.32
CA VAL A 29 2.01 -18.08 -10.93
C VAL A 29 1.59 -18.39 -9.51
N TYR A 30 1.87 -17.47 -8.59
CA TYR A 30 1.48 -17.56 -7.23
C TYR A 30 0.18 -16.77 -7.09
N LYS A 31 -0.81 -17.40 -6.42
CA LYS A 31 -2.15 -16.80 -6.25
C LYS A 31 -2.59 -16.92 -4.81
N TRP A 32 -3.07 -15.83 -4.23
CA TRP A 32 -3.42 -15.91 -2.82
C TRP A 32 -4.37 -14.77 -2.44
N PRO A 33 -5.22 -14.96 -1.43
CA PRO A 33 -6.14 -13.88 -1.03
C PRO A 33 -5.42 -12.55 -0.75
N GLU A 34 -6.07 -11.47 -1.18
CA GLU A 34 -5.48 -10.15 -1.07
C GLU A 34 -5.06 -9.80 0.36
N LEU A 35 -5.74 -10.29 1.37
CA LEU A 35 -5.45 -9.81 2.71
C LEU A 35 -4.46 -10.70 3.43
N GLN A 36 -3.85 -11.70 2.74
CA GLN A 36 -2.76 -12.50 3.28
C GLN A 36 -1.43 -12.06 2.64
N GLU A 37 -0.33 -12.36 3.34
CA GLU A 37 1.00 -12.21 2.77
C GLU A 37 1.99 -13.17 3.42
N GLY A 38 3.10 -13.40 2.70
CA GLY A 38 4.23 -14.15 3.18
C GLY A 38 5.07 -13.30 4.13
N GLY A 39 5.83 -14.03 4.96
CA GLY A 39 6.81 -13.47 5.85
C GLY A 39 8.15 -13.36 5.09
N ARG A 40 9.06 -12.56 5.65
CA ARG A 40 10.38 -12.34 5.03
C ARG A 40 11.31 -13.56 5.18
N ALA A 41 11.16 -14.34 6.26
CA ALA A 41 11.96 -15.55 6.44
C ALA A 41 11.73 -16.49 5.25
N PRO A 42 12.78 -17.19 4.72
CA PRO A 42 12.68 -17.96 3.49
C PRO A 42 11.65 -19.10 3.59
N GLU A 43 11.53 -19.70 4.78
CA GLU A 43 10.52 -20.75 4.94
C GLU A 43 9.10 -20.21 5.19
N GLN A 44 8.91 -18.88 5.28
CA GLN A 44 7.59 -18.29 5.49
C GLN A 44 7.06 -17.58 4.25
N ASN A 45 7.70 -17.75 3.10
CA ASN A 45 7.18 -17.30 1.85
C ASN A 45 7.36 -18.40 0.81
N ALA A 46 6.53 -18.28 -0.26
CA ALA A 46 6.47 -19.29 -1.30
C ALA A 46 7.74 -19.35 -2.16
N LEU A 47 8.43 -18.20 -2.31
CA LEU A 47 9.70 -18.14 -3.08
C LEU A 47 10.85 -18.91 -2.42
N GLY A 48 10.81 -19.11 -1.11
CA GLY A 48 11.91 -19.68 -0.34
C GLY A 48 13.13 -18.77 -0.30
N LEU A 49 12.95 -17.45 -0.32
CA LEU A 49 14.05 -16.49 -0.39
C LEU A 49 14.05 -15.68 0.88
N ASP A 50 15.26 -15.25 1.26
CA ASP A 50 15.43 -14.63 2.58
C ASP A 50 15.34 -13.13 2.40
N PHE A 51 14.18 -12.54 2.73
CA PHE A 51 14.01 -11.11 2.58
C PHE A 51 14.22 -10.37 3.91
N ARG A 52 14.89 -11.01 4.86
CA ARG A 52 15.35 -10.32 6.07
C ARG A 52 16.63 -9.46 5.84
N LYS A 53 17.28 -9.65 4.72
CA LYS A 53 18.49 -8.92 4.32
C LYS A 53 18.55 -8.89 2.80
N GLN A 54 19.41 -8.00 2.26
CA GLN A 54 19.57 -7.86 0.84
C GLN A 54 19.82 -9.18 0.13
N LEU A 55 19.23 -9.40 -1.03
CA LEU A 55 19.51 -10.61 -1.79
C LEU A 55 20.69 -10.33 -2.71
N PRO A 56 21.50 -11.38 -3.03
CA PRO A 56 22.61 -11.26 -3.93
C PRO A 56 22.11 -11.21 -5.35
N PRO A 57 22.99 -10.84 -6.32
CA PRO A 57 22.65 -10.94 -7.73
C PRO A 57 22.22 -12.35 -8.13
N LEU A 58 21.26 -12.42 -9.09
CA LEU A 58 20.74 -13.67 -9.66
C LEU A 58 19.81 -14.46 -8.70
N ALA A 59 19.59 -14.02 -7.46
CA ALA A 59 18.77 -14.73 -6.52
C ALA A 59 17.29 -14.71 -6.95
N VAL A 60 16.86 -13.63 -7.63
CA VAL A 60 15.44 -13.52 -7.95
C VAL A 60 15.31 -12.61 -9.14
N THR A 61 14.17 -12.77 -9.82
CA THR A 61 13.63 -11.74 -10.69
C THR A 61 12.25 -11.38 -10.09
N LEU A 62 12.10 -10.18 -9.58
CA LEU A 62 10.93 -9.75 -8.86
C LEU A 62 10.87 -8.22 -8.86
N THR A 63 9.85 -7.69 -9.56
CA THR A 63 9.50 -6.30 -9.55
C THR A 63 7.99 -6.16 -9.35
N PRO A 64 7.52 -4.94 -9.06
CA PRO A 64 6.07 -4.68 -9.02
C PRO A 64 5.34 -4.99 -10.32
N ALA A 65 6.02 -4.93 -11.47
CA ALA A 65 5.41 -5.28 -12.75
C ALA A 65 5.06 -6.76 -12.82
N MET A 66 5.67 -7.57 -11.94
CA MET A 66 5.48 -9.02 -11.91
C MET A 66 4.41 -9.40 -10.87
N THR A 67 3.67 -8.38 -10.38
CA THR A 67 2.63 -8.56 -9.39
C THR A 67 1.35 -7.92 -9.89
N ASN A 68 0.22 -8.42 -9.36
CA ASN A 68 -1.03 -7.72 -9.57
C ASN A 68 -2.02 -8.19 -8.51
N VAL A 69 -3.20 -7.52 -8.52
CA VAL A 69 -4.37 -7.94 -7.75
C VAL A 69 -5.53 -8.12 -8.72
N VAL A 70 -6.02 -9.37 -8.82
CA VAL A 70 -7.10 -9.68 -9.74
C VAL A 70 -8.40 -9.73 -8.91
N THR A 71 -9.50 -9.37 -9.59
CA THR A 71 -10.86 -9.47 -9.07
C THR A 71 -11.59 -10.54 -9.88
N GLU A 72 -12.00 -11.64 -9.22
CA GLU A 72 -12.55 -12.81 -9.86
C GLU A 72 -14.07 -12.59 -10.04
N HIS A 73 -14.71 -13.55 -10.75
CA HIS A 73 -16.14 -13.50 -11.02
C HIS A 73 -16.96 -13.52 -9.73
N ASN A 74 -16.43 -14.13 -8.67
CA ASN A 74 -17.08 -14.07 -7.37
C ASN A 74 -16.89 -12.76 -6.61
N GLY A 75 -16.23 -11.74 -7.20
CA GLY A 75 -16.00 -10.47 -6.56
C GLY A 75 -14.81 -10.50 -5.59
N ARG A 76 -14.17 -11.66 -5.33
CA ARG A 76 -13.07 -11.75 -4.38
C ARG A 76 -11.75 -11.37 -5.07
N ARG A 77 -10.88 -10.75 -4.26
CA ARG A 77 -9.62 -10.17 -4.72
C ARG A 77 -8.45 -11.08 -4.34
N TYR A 78 -7.51 -11.28 -5.28
CA TYR A 78 -6.37 -12.16 -5.08
C TYR A 78 -5.09 -11.51 -5.63
N ASN A 79 -4.06 -11.49 -4.78
CA ASN A 79 -2.70 -11.21 -5.21
C ASN A 79 -2.25 -12.30 -6.17
N ILE A 80 -1.57 -11.86 -7.22
CA ILE A 80 -0.87 -12.77 -8.12
C ILE A 80 0.58 -12.29 -8.26
N MET A 81 1.48 -13.24 -8.56
CA MET A 81 2.91 -12.99 -8.75
C MET A 81 3.34 -13.97 -9.82
N VAL A 82 3.85 -13.42 -10.94
CA VAL A 82 4.18 -14.19 -12.12
C VAL A 82 5.70 -14.09 -12.33
N VAL A 83 6.40 -15.17 -12.02
CA VAL A 83 7.86 -15.13 -11.91
C VAL A 83 8.50 -16.34 -12.57
N PRO A 84 9.71 -16.21 -13.10
CA PRO A 84 10.37 -17.32 -13.83
C PRO A 84 10.77 -18.47 -12.96
N ASP A 85 10.69 -19.66 -13.54
CA ASP A 85 10.98 -20.89 -12.85
C ASP A 85 12.47 -21.13 -13.01
N LYS A 86 13.19 -21.20 -11.87
CA LYS A 86 14.59 -21.44 -11.80
C LYS A 86 14.97 -22.84 -12.30
N ALA A 87 14.09 -23.81 -12.12
CA ALA A 87 14.46 -25.18 -12.47
C ALA A 87 13.95 -25.53 -13.87
N CYS A 88 13.34 -24.59 -14.60
CA CYS A 88 13.00 -24.86 -15.98
C CYS A 88 14.26 -24.88 -16.86
N VAL A 89 14.42 -25.97 -17.64
CA VAL A 89 15.61 -26.08 -18.49
C VAL A 89 15.68 -24.96 -19.55
N VAL A 90 14.55 -24.42 -19.99
CA VAL A 90 14.53 -23.49 -21.12
C VAL A 90 15.28 -22.22 -20.74
N ASN A 91 14.88 -21.64 -19.57
CA ASN A 91 15.29 -20.31 -19.19
C ASN A 91 16.09 -20.32 -17.87
N SER A 92 16.10 -21.39 -17.10
CA SER A 92 16.87 -21.46 -15.87
C SER A 92 16.60 -20.23 -15.01
N GLY A 93 15.33 -19.82 -14.81
CA GLY A 93 14.99 -18.63 -14.04
C GLY A 93 15.13 -17.27 -14.77
N LEU A 94 15.46 -17.25 -16.05
CA LEU A 94 15.52 -15.95 -16.76
C LEU A 94 14.10 -15.56 -17.19
N SER A 95 13.86 -14.23 -17.18
CA SER A 95 12.67 -13.59 -17.64
C SER A 95 13.12 -12.47 -18.57
N SER A 96 12.57 -12.37 -19.78
CA SER A 96 12.77 -11.18 -20.58
C SER A 96 11.90 -10.05 -20.07
N THR A 97 12.14 -8.84 -20.59
CA THR A 97 11.34 -7.68 -20.26
C THR A 97 9.89 -7.91 -20.69
N ARG A 98 9.66 -8.77 -21.73
CA ARG A 98 8.33 -8.94 -22.28
C ARG A 98 7.54 -9.89 -21.37
N GLY A 99 8.08 -11.08 -21.12
CA GLY A 99 7.45 -12.06 -20.20
C GLY A 99 7.37 -11.56 -18.77
N GLY A 100 8.35 -10.71 -18.38
CA GLY A 100 8.39 -10.16 -17.03
C GLY A 100 7.14 -9.32 -16.73
N LYS A 101 6.48 -8.82 -17.76
CA LYS A 101 5.30 -8.00 -17.60
C LYS A 101 4.00 -8.80 -17.52
N MET A 102 4.06 -10.12 -17.64
CA MET A 102 2.83 -10.91 -17.69
C MET A 102 1.82 -10.54 -16.57
N ALA A 103 2.25 -10.42 -15.30
CA ALA A 103 1.33 -10.12 -14.23
C ALA A 103 0.56 -8.83 -14.49
N SER A 104 1.25 -7.81 -15.01
CA SER A 104 0.72 -6.50 -15.28
C SER A 104 -0.28 -6.57 -16.43
N TYR A 105 -0.06 -7.54 -17.33
CA TYR A 105 -0.92 -7.67 -18.50
C TYR A 105 -1.98 -8.76 -18.25
N MET A 106 -2.10 -9.28 -17.01
CA MET A 106 -3.29 -10.04 -16.68
C MET A 106 -4.45 -9.02 -16.53
N TYR A 107 -5.68 -9.52 -16.72
CA TYR A 107 -6.86 -8.67 -16.68
C TYR A 107 -7.13 -8.27 -15.23
N THR A 108 -7.22 -6.94 -15.02
CA THR A 108 -7.81 -6.37 -13.82
C THR A 108 -8.64 -5.18 -14.25
N PRO A 109 -9.68 -4.82 -13.42
CA PRO A 109 -10.56 -3.73 -13.77
C PRO A 109 -9.92 -2.35 -13.83
N THR A 110 -8.79 -2.13 -13.13
CA THR A 110 -8.17 -0.81 -13.04
C THR A 110 -6.76 -0.75 -13.65
N GLY A 111 -6.18 -1.90 -14.03
CA GLY A 111 -4.81 -1.97 -14.48
C GLY A 111 -4.63 -1.83 -16.00
N ASP A 112 -3.53 -2.40 -16.51
CA ASP A 112 -3.16 -2.26 -17.92
C ASP A 112 -4.17 -2.96 -18.83
N GLY A 113 -4.86 -4.03 -18.30
CA GLY A 113 -5.89 -4.79 -18.99
C GLY A 113 -7.31 -4.21 -18.86
N LYS A 114 -7.42 -2.97 -18.41
CA LYS A 114 -8.72 -2.41 -18.05
C LYS A 114 -9.62 -2.36 -19.28
N GLN A 115 -9.09 -2.18 -20.48
CA GLN A 115 -9.89 -2.07 -21.70
C GLN A 115 -10.02 -3.40 -22.42
N ARG A 116 -9.73 -4.49 -21.72
CA ARG A 116 -10.08 -5.82 -22.25
C ARG A 116 -11.54 -5.88 -22.71
N LEU A 117 -11.79 -6.55 -23.87
CA LEU A 117 -13.12 -6.83 -24.31
C LEU A 117 -13.74 -7.79 -23.27
N LYS A 118 -14.91 -7.41 -22.74
CA LYS A 118 -15.65 -8.12 -21.70
C LYS A 118 -17.01 -8.63 -22.18
N ALA A 119 -17.47 -8.20 -23.36
CA ALA A 119 -18.74 -8.62 -23.91
C ALA A 119 -18.69 -8.41 -25.39
N PRO A 120 -19.64 -8.98 -26.17
CA PRO A 120 -19.77 -8.61 -27.57
C PRO A 120 -19.98 -7.11 -27.73
N ARG A 121 -19.31 -6.51 -28.71
CA ARG A 121 -19.48 -5.11 -29.12
C ARG A 121 -20.00 -5.11 -30.56
N LEU A 122 -20.95 -4.21 -30.81
CA LEU A 122 -21.62 -4.09 -32.10
C LEU A 122 -21.56 -2.62 -32.53
N TYR A 123 -21.16 -2.37 -33.79
CA TYR A 123 -21.29 -1.04 -34.35
C TYR A 123 -22.65 -1.01 -35.05
N ALA A 124 -23.63 -0.44 -34.35
CA ALA A 124 -24.99 -0.36 -34.82
C ALA A 124 -25.15 0.89 -35.68
N ALA A 125 -24.54 0.79 -36.88
CA ALA A 125 -24.62 1.75 -37.98
C ALA A 125 -23.80 3.02 -37.75
N ASP A 126 -23.95 3.65 -36.56
CA ASP A 126 -23.42 4.96 -36.28
C ASP A 126 -22.91 5.10 -34.84
N GLN A 127 -22.67 4.01 -34.10
CA GLN A 127 -22.23 4.07 -32.72
C GLN A 127 -21.93 2.65 -32.25
N TRP A 128 -20.94 2.55 -31.35
CA TRP A 128 -20.61 1.32 -30.69
C TRP A 128 -21.58 1.12 -29.53
N VAL A 129 -22.01 -0.14 -29.36
CA VAL A 129 -22.85 -0.52 -28.24
C VAL A 129 -22.47 -1.94 -27.86
N ASP A 130 -22.84 -2.33 -26.63
CA ASP A 130 -22.78 -3.73 -26.24
C ASP A 130 -23.86 -4.51 -26.97
N THR A 131 -23.65 -5.84 -27.13
CA THR A 131 -24.80 -6.69 -27.46
C THR A 131 -24.64 -8.01 -26.75
N THR A 132 -25.62 -8.88 -26.81
CA THR A 132 -25.55 -10.20 -26.19
C THR A 132 -24.79 -11.15 -27.13
N TRP A 133 -24.29 -12.22 -26.51
CA TRP A 133 -23.66 -13.30 -27.24
C TRP A 133 -24.65 -13.95 -28.21
N ASP A 134 -25.93 -14.16 -27.76
CA ASP A 134 -26.90 -14.77 -28.65
C ASP A 134 -27.18 -13.88 -29.86
N HIS A 135 -27.28 -12.55 -29.68
CA HIS A 135 -27.52 -11.64 -30.79
C HIS A 135 -26.30 -11.65 -31.72
N ALA A 136 -25.11 -11.61 -31.16
CA ALA A 136 -23.86 -11.67 -31.92
C ALA A 136 -23.77 -12.93 -32.79
N MET A 137 -24.15 -14.09 -32.22
CA MET A 137 -24.13 -15.34 -32.94
C MET A 137 -25.21 -15.35 -34.02
N ALA A 138 -26.41 -14.82 -33.72
CA ALA A 138 -27.49 -14.74 -34.68
C ALA A 138 -27.07 -13.91 -35.89
N LEU A 139 -26.42 -12.78 -35.63
CA LEU A 139 -25.92 -11.92 -36.72
C LEU A 139 -24.74 -12.56 -37.50
N TYR A 140 -23.81 -13.17 -36.78
CA TYR A 140 -22.55 -13.65 -37.37
C TYR A 140 -22.75 -14.99 -38.08
N ALA A 141 -23.33 -15.98 -37.36
CA ALA A 141 -23.77 -17.26 -37.89
C ALA A 141 -24.79 -17.01 -38.98
N GLY A 142 -25.74 -16.07 -38.75
CA GLY A 142 -26.74 -15.75 -39.74
C GLY A 142 -26.15 -15.36 -41.08
N LEU A 143 -25.19 -14.44 -41.04
CA LEU A 143 -24.45 -14.03 -42.22
C LEU A 143 -23.68 -15.17 -42.89
N ILE A 144 -22.95 -15.93 -42.08
CA ILE A 144 -22.17 -17.06 -42.59
C ILE A 144 -23.12 -18.05 -43.28
N LYS A 145 -24.27 -18.33 -42.65
CA LYS A 145 -25.23 -19.24 -43.19
C LYS A 145 -25.77 -18.72 -44.51
N LYS A 146 -26.10 -17.43 -44.54
CA LYS A 146 -26.67 -16.84 -45.73
C LYS A 146 -25.65 -16.95 -46.85
N THR A 147 -24.39 -16.64 -46.53
CA THR A 147 -23.32 -16.64 -47.50
C THR A 147 -23.09 -18.07 -48.02
N LEU A 148 -23.06 -19.07 -47.13
CA LEU A 148 -22.95 -20.46 -47.54
C LEU A 148 -24.07 -20.86 -48.48
N ASP A 149 -25.32 -20.48 -48.14
CA ASP A 149 -26.47 -20.89 -48.92
C ASP A 149 -26.50 -20.25 -50.30
N LYS A 150 -25.96 -19.05 -50.47
CA LYS A 150 -26.08 -18.28 -51.70
C LYS A 150 -24.79 -18.25 -52.48
N ASP A 151 -23.65 -18.03 -51.79
CA ASP A 151 -22.35 -17.91 -52.43
C ASP A 151 -21.44 -19.12 -52.29
N GLY A 152 -21.78 -20.06 -51.40
CA GLY A 152 -20.88 -21.12 -51.00
C GLY A 152 -19.79 -20.61 -50.02
N PRO A 153 -18.87 -21.50 -49.60
CA PRO A 153 -17.81 -21.13 -48.67
C PRO A 153 -16.88 -19.99 -49.10
N GLN A 154 -16.79 -19.73 -50.41
CA GLN A 154 -15.86 -18.76 -50.96
C GLN A 154 -16.27 -17.33 -50.63
N GLY A 155 -17.48 -17.11 -50.11
CA GLY A 155 -17.86 -15.80 -49.61
C GLY A 155 -17.40 -15.47 -48.18
N VAL A 156 -16.84 -16.44 -47.45
CA VAL A 156 -16.52 -16.32 -46.03
C VAL A 156 -15.00 -16.27 -45.86
N PHE A 157 -14.49 -15.15 -45.35
CA PHE A 157 -13.07 -14.92 -45.24
C PHE A 157 -12.64 -14.90 -43.77
N PHE A 158 -11.42 -15.38 -43.56
CA PHE A 158 -10.73 -15.28 -42.28
C PHE A 158 -9.28 -14.85 -42.48
N SER A 159 -8.77 -14.08 -41.49
CA SER A 159 -7.36 -14.09 -41.19
C SER A 159 -7.23 -14.48 -39.74
N CYS A 160 -6.47 -15.55 -39.49
CA CYS A 160 -6.52 -16.21 -38.22
C CYS A 160 -5.08 -16.57 -37.88
N PHE A 161 -4.75 -16.51 -36.59
CA PHE A 161 -3.56 -17.08 -36.03
C PHE A 161 -3.43 -18.54 -36.48
N ASP A 162 -2.20 -19.01 -36.72
CA ASP A 162 -1.87 -20.41 -36.79
C ASP A 162 -0.83 -20.81 -35.74
N HIS A 163 -0.55 -19.91 -34.80
CA HIS A 163 0.65 -19.98 -33.99
C HIS A 163 0.29 -20.56 -32.65
N GLY A 164 1.29 -20.64 -31.78
CA GLY A 164 1.17 -21.08 -30.40
C GLY A 164 1.12 -19.96 -29.38
N GLY A 165 1.23 -20.34 -28.13
CA GLY A 165 1.24 -19.40 -27.00
C GLY A 165 -0.11 -18.67 -26.85
N ALA A 166 -0.08 -17.48 -26.24
CA ALA A 166 -1.27 -16.66 -26.04
C ALA A 166 -1.83 -16.30 -27.44
N GLY A 167 -3.13 -16.49 -27.65
CA GLY A 167 -3.75 -16.22 -28.97
C GLY A 167 -3.40 -17.28 -30.00
N GLY A 168 -3.06 -18.45 -29.52
CA GLY A 168 -2.78 -19.61 -30.33
C GLY A 168 -2.86 -20.86 -29.48
N GLY A 169 -2.12 -21.89 -29.95
CA GLY A 169 -1.97 -23.14 -29.21
C GLY A 169 -2.84 -24.25 -29.73
N PHE A 170 -2.55 -25.44 -29.24
CA PHE A 170 -3.12 -26.62 -29.86
C PHE A 170 -4.65 -26.72 -29.80
N GLU A 171 -5.22 -26.24 -28.70
CA GLU A 171 -6.68 -26.27 -28.51
C GLU A 171 -7.28 -25.29 -29.48
N ASN A 172 -6.65 -24.06 -29.54
CA ASN A 172 -7.17 -22.96 -30.34
C ASN A 172 -7.00 -23.13 -31.84
N THR A 173 -5.83 -23.59 -32.30
CA THR A 173 -5.64 -23.82 -33.74
C THR A 173 -6.57 -24.94 -34.22
N TRP A 174 -6.79 -25.97 -33.39
CA TRP A 174 -7.76 -27.02 -33.74
C TRP A 174 -9.18 -26.48 -33.86
N GLY A 175 -9.56 -25.67 -32.89
CA GLY A 175 -10.92 -25.15 -32.85
C GLY A 175 -11.21 -24.31 -34.06
N THR A 176 -10.30 -23.36 -34.32
CA THR A 176 -10.47 -22.48 -35.46
C THR A 176 -10.40 -23.23 -36.77
N GLY A 177 -9.41 -24.16 -36.87
CA GLY A 177 -9.20 -24.89 -38.09
C GLY A 177 -10.36 -25.82 -38.41
N LYS A 178 -10.84 -26.51 -37.38
CA LYS A 178 -12.02 -27.38 -37.57
C LYS A 178 -13.22 -26.56 -38.02
N LEU A 179 -13.39 -25.34 -37.46
CA LEU A 179 -14.48 -24.49 -37.84
C LEU A 179 -14.32 -24.08 -39.29
N MET A 180 -13.14 -23.51 -39.61
CA MET A 180 -12.96 -22.90 -40.92
C MET A 180 -12.94 -23.96 -42.02
N PHE A 181 -12.25 -25.05 -41.74
CA PHE A 181 -11.94 -26.04 -42.77
C PHE A 181 -12.87 -27.25 -42.78
N SER A 182 -13.23 -27.84 -41.62
CA SER A 182 -14.08 -29.01 -41.65
C SER A 182 -15.56 -28.62 -41.74
N ALA A 183 -15.96 -27.51 -41.11
CA ALA A 183 -17.38 -27.18 -40.94
C ALA A 183 -17.87 -26.21 -42.02
N ILE A 184 -17.30 -24.99 -42.02
CA ILE A 184 -17.58 -23.97 -43.00
C ILE A 184 -16.98 -24.39 -44.34
N GLN A 185 -15.76 -24.96 -44.31
CA GLN A 185 -15.05 -25.49 -45.46
C GLN A 185 -14.65 -24.36 -46.42
N THR A 186 -14.23 -23.21 -45.85
CA THR A 186 -13.77 -22.09 -46.66
C THR A 186 -12.27 -22.20 -46.92
N PRO A 187 -11.84 -22.05 -48.20
CA PRO A 187 -10.45 -21.80 -48.55
C PRO A 187 -9.98 -20.35 -48.49
N MET A 188 -10.91 -19.40 -48.17
CA MET A 188 -10.59 -17.99 -48.23
C MET A 188 -10.05 -17.60 -46.87
N VAL A 189 -8.87 -18.15 -46.54
CA VAL A 189 -8.28 -18.04 -45.22
C VAL A 189 -6.80 -17.68 -45.33
N ARG A 190 -6.38 -16.63 -44.59
CA ARG A 190 -4.97 -16.31 -44.48
C ARG A 190 -4.57 -16.52 -43.03
N ILE A 191 -3.26 -16.33 -42.84
CA ILE A 191 -2.61 -16.54 -41.55
C ILE A 191 -2.29 -15.17 -40.97
N HIS A 192 -2.01 -15.14 -39.66
CA HIS A 192 -1.80 -13.87 -38.98
C HIS A 192 -0.67 -13.04 -39.61
N ASN A 193 0.43 -13.70 -40.03
CA ASN A 193 1.60 -12.99 -40.51
C ASN A 193 1.83 -13.06 -42.00
N ARG A 194 0.92 -13.69 -42.77
CA ARG A 194 1.16 -13.80 -44.19
C ARG A 194 -0.15 -13.99 -44.92
N PRO A 195 -0.29 -13.38 -46.11
CA PRO A 195 -1.60 -13.25 -46.75
C PRO A 195 -2.18 -14.38 -47.61
N ALA A 196 -1.83 -15.62 -47.31
CA ALA A 196 -2.36 -16.79 -47.95
C ALA A 196 -2.26 -17.94 -46.95
N TYR A 197 -2.80 -19.14 -47.33
CA TYR A 197 -2.63 -20.31 -46.50
C TYR A 197 -1.40 -21.10 -46.98
N ASN A 198 -0.24 -20.81 -46.37
CA ASN A 198 1.06 -21.26 -46.82
C ASN A 198 1.93 -21.45 -45.56
N SER A 199 3.19 -21.76 -45.82
CA SER A 199 4.23 -21.99 -44.84
C SER A 199 5.38 -21.00 -45.08
N GLU A 200 6.11 -20.69 -43.99
CA GLU A 200 7.33 -19.94 -44.01
C GLU A 200 8.47 -20.81 -44.56
N CYS A 201 8.32 -22.13 -44.53
CA CYS A 201 9.34 -23.11 -44.69
C CYS A 201 9.01 -24.11 -45.79
N HIS A 202 8.44 -23.67 -46.92
CA HIS A 202 8.20 -24.59 -48.02
C HIS A 202 9.46 -25.33 -48.54
N ALA A 203 10.51 -24.58 -48.87
CA ALA A 203 11.73 -25.16 -49.43
C ALA A 203 12.37 -26.20 -48.48
N THR A 204 12.70 -25.83 -47.24
CA THR A 204 13.33 -26.73 -46.30
C THR A 204 12.48 -27.96 -46.01
N ARG A 205 11.16 -27.80 -45.84
CA ARG A 205 10.29 -28.96 -45.68
C ARG A 205 10.33 -29.83 -46.93
N GLU A 206 10.19 -29.26 -48.12
CA GLU A 206 10.19 -30.09 -49.33
C GLU A 206 11.58 -30.74 -49.54
N MET A 207 12.64 -30.18 -48.94
CA MET A 207 13.99 -30.75 -49.04
C MET A 207 14.14 -31.87 -48.01
N GLY A 208 13.16 -31.98 -47.09
CA GLY A 208 13.07 -33.10 -46.14
C GLY A 208 13.46 -32.68 -44.71
N ILE A 209 13.60 -31.36 -44.47
CA ILE A 209 14.07 -30.87 -43.18
C ILE A 209 13.06 -29.86 -42.65
N GLY A 210 12.19 -30.37 -41.77
CA GLY A 210 11.38 -29.47 -40.96
C GLY A 210 12.30 -28.52 -40.16
N GLU A 211 11.75 -27.31 -39.95
CA GLU A 211 12.52 -26.16 -39.55
C GLU A 211 12.81 -26.16 -38.03
N LEU A 212 12.26 -27.05 -37.23
CA LEU A 212 12.58 -27.10 -35.80
C LEU A 212 13.08 -28.51 -35.55
N ASN A 213 14.36 -28.71 -35.90
CA ASN A 213 14.95 -30.03 -36.00
C ASN A 213 15.96 -30.29 -34.90
N ASN A 214 16.10 -29.40 -33.91
CA ASN A 214 17.13 -29.62 -32.88
C ASN A 214 16.61 -29.27 -31.50
N ALA A 215 17.51 -29.37 -30.51
CA ALA A 215 17.30 -28.95 -29.14
C ALA A 215 18.00 -27.62 -28.90
N TYR A 216 17.52 -26.85 -27.90
CA TYR A 216 18.30 -25.74 -27.37
C TYR A 216 19.66 -26.21 -26.86
N GLU A 217 19.79 -27.44 -26.34
CA GLU A 217 21.09 -27.95 -25.91
C GLU A 217 22.12 -27.96 -27.08
N ASP A 218 21.67 -28.09 -28.33
CA ASP A 218 22.51 -28.05 -29.49
C ASP A 218 23.23 -26.70 -29.64
N ALA A 219 22.59 -25.60 -29.28
CA ALA A 219 23.24 -24.31 -29.23
C ALA A 219 24.34 -24.30 -28.18
N GLN A 220 24.24 -25.14 -27.14
CA GLN A 220 25.34 -25.31 -26.20
C GLN A 220 26.53 -26.16 -26.71
N LEU A 221 26.28 -27.05 -27.68
CA LEU A 221 27.26 -28.04 -28.13
C LEU A 221 27.98 -27.62 -29.40
N ALA A 222 27.51 -26.52 -30.02
CA ALA A 222 28.03 -26.09 -31.31
C ALA A 222 29.44 -25.51 -31.20
N ASP A 223 30.23 -25.71 -32.27
CA ASP A 223 31.47 -24.93 -32.46
C ASP A 223 31.17 -23.51 -32.92
N VAL A 224 30.21 -23.40 -33.85
CA VAL A 224 29.88 -22.14 -34.50
C VAL A 224 28.37 -22.04 -34.51
N ILE A 225 27.84 -20.85 -34.25
CA ILE A 225 26.43 -20.54 -34.48
C ILE A 225 26.33 -19.48 -35.55
N TRP A 226 25.53 -19.76 -36.59
CA TRP A 226 25.09 -18.73 -37.52
C TRP A 226 23.71 -18.20 -37.09
N SER A 227 23.54 -16.87 -37.14
CA SER A 227 22.27 -16.18 -36.89
C SER A 227 22.00 -15.37 -38.16
N ILE A 228 21.12 -15.89 -39.02
CA ILE A 228 20.86 -15.40 -40.36
C ILE A 228 19.49 -14.67 -40.39
N GLY A 229 19.46 -13.34 -40.62
CA GLY A 229 18.23 -12.60 -40.63
C GLY A 229 17.49 -12.62 -39.29
N ASN A 230 18.30 -12.30 -38.23
CA ASN A 230 17.92 -12.73 -36.91
C ASN A 230 18.63 -11.86 -35.88
N ASN A 231 17.83 -11.27 -34.96
CA ASN A 231 18.32 -10.34 -33.93
C ASN A 231 18.00 -10.94 -32.58
N PRO A 232 18.62 -12.12 -32.25
CA PRO A 232 18.11 -12.99 -31.19
C PRO A 232 18.22 -12.46 -29.75
N TYR A 233 19.08 -11.53 -29.48
CA TYR A 233 19.09 -10.95 -28.13
C TYR A 233 17.72 -10.25 -27.89
N GLU A 234 17.22 -9.59 -28.95
CA GLU A 234 15.98 -8.83 -28.87
C GLU A 234 14.73 -9.73 -29.12
N SER A 235 14.84 -10.76 -29.99
CA SER A 235 13.70 -11.47 -30.56
C SER A 235 13.54 -12.87 -29.95
N GLN A 236 14.63 -13.46 -29.40
CA GLN A 236 14.65 -14.76 -28.77
C GLN A 236 15.60 -14.70 -27.55
N THR A 237 15.34 -13.73 -26.73
CA THR A 237 16.23 -13.30 -25.62
C THR A 237 16.80 -14.48 -24.86
N ASN A 238 15.95 -15.30 -24.26
CA ASN A 238 16.45 -16.23 -23.26
C ASN A 238 17.07 -17.48 -23.91
N TYR A 239 16.80 -17.77 -25.20
CA TYR A 239 17.54 -18.80 -25.88
C TYR A 239 18.99 -18.29 -26.05
N PHE A 240 19.11 -17.04 -26.50
CA PHE A 240 20.39 -16.38 -26.67
C PHE A 240 21.13 -16.31 -25.29
N LEU A 241 20.43 -15.90 -24.24
CA LEU A 241 21.06 -15.69 -22.95
C LEU A 241 21.43 -16.96 -22.26
N ASN A 242 20.52 -17.94 -22.27
CA ASN A 242 20.65 -19.13 -21.45
C ASN A 242 21.43 -20.22 -22.18
N HIS A 243 21.48 -20.18 -23.51
CA HIS A 243 22.11 -21.28 -24.31
C HIS A 243 23.30 -20.77 -25.14
N TRP A 244 23.12 -19.69 -25.90
CA TRP A 244 24.17 -19.21 -26.81
C TRP A 244 25.35 -18.65 -26.04
N LEU A 245 25.07 -17.77 -25.08
CA LEU A 245 26.12 -17.02 -24.40
C LEU A 245 26.96 -17.96 -23.56
N PRO A 246 26.41 -18.92 -22.83
CA PRO A 246 27.26 -19.86 -22.11
C PRO A 246 28.27 -20.64 -22.97
N ASN A 247 27.91 -20.87 -24.24
CA ASN A 247 28.78 -21.53 -25.17
C ASN A 247 29.92 -20.55 -25.48
N LEU A 248 29.59 -19.32 -25.90
CA LEU A 248 30.57 -18.28 -26.19
C LEU A 248 31.49 -18.03 -25.00
N GLN A 249 30.99 -18.14 -23.77
CA GLN A 249 31.79 -17.96 -22.55
C GLN A 249 32.63 -19.16 -22.12
N GLY A 250 32.50 -20.34 -22.78
CA GLY A 250 33.29 -21.50 -22.46
C GLY A 250 32.65 -22.36 -21.36
N ALA A 251 31.41 -22.07 -20.93
CA ALA A 251 30.81 -22.79 -19.82
C ALA A 251 30.38 -24.20 -20.25
N THR A 252 30.14 -24.44 -21.56
CA THR A 252 29.74 -25.73 -22.05
C THR A 252 30.86 -26.59 -22.63
N THR A 253 32.11 -26.10 -22.69
CA THR A 253 33.22 -26.86 -23.27
C THR A 253 33.34 -28.25 -22.64
N SER A 254 33.25 -28.38 -21.32
CA SER A 254 33.53 -29.64 -20.68
C SER A 254 32.43 -30.67 -21.06
N LYS A 255 31.22 -30.19 -21.33
CA LYS A 255 30.12 -31.07 -21.78
C LYS A 255 30.36 -31.50 -23.24
N LYS A 256 30.79 -30.61 -24.12
CA LYS A 256 31.20 -31.05 -25.46
C LYS A 256 32.24 -32.19 -25.37
N LYS A 257 33.29 -31.99 -24.53
CA LYS A 257 34.39 -32.94 -24.45
C LYS A 257 33.93 -34.28 -23.87
N GLU A 258 32.97 -34.24 -22.96
CA GLU A 258 32.49 -35.47 -22.34
C GLU A 258 31.70 -36.27 -23.35
N ARG A 259 30.95 -35.60 -24.21
CA ARG A 259 30.21 -36.26 -25.28
C ARG A 259 31.11 -36.80 -26.37
N PHE A 260 32.18 -36.04 -26.71
CA PHE A 260 33.03 -36.39 -27.83
C PHE A 260 34.48 -36.40 -27.37
N PRO A 261 34.94 -37.51 -26.72
CA PRO A 261 36.29 -37.64 -26.18
C PRO A 261 37.46 -37.38 -27.15
N ASN A 262 37.22 -37.52 -28.48
CA ASN A 262 38.31 -37.54 -29.45
C ASN A 262 38.14 -36.41 -30.45
N GLU A 263 37.51 -35.29 -30.00
CA GLU A 263 37.22 -34.19 -30.90
C GLU A 263 37.68 -32.88 -30.27
N ASN A 264 38.37 -32.04 -31.05
CA ASN A 264 38.77 -30.72 -30.65
C ASN A 264 37.56 -29.82 -30.54
N PHE A 265 37.53 -29.01 -29.50
CA PHE A 265 36.49 -28.00 -29.37
C PHE A 265 37.17 -26.66 -29.15
N PRO A 266 37.35 -25.83 -30.20
CA PRO A 266 37.95 -24.53 -30.01
C PRO A 266 36.93 -23.65 -29.28
N GLN A 267 37.35 -22.44 -28.98
CA GLN A 267 36.42 -21.46 -28.47
C GLN A 267 35.36 -21.30 -29.55
N ALA A 268 34.11 -21.18 -29.07
CA ALA A 268 32.99 -21.07 -29.94
C ALA A 268 32.99 -19.66 -30.55
N ARG A 269 32.47 -19.62 -31.77
CA ARG A 269 32.34 -18.41 -32.54
C ARG A 269 30.93 -18.28 -33.11
N ILE A 270 30.61 -17.05 -33.57
CA ILE A 270 29.28 -16.69 -33.98
C ILE A 270 29.35 -15.84 -35.24
N ILE A 271 28.49 -16.12 -36.21
CA ILE A 271 28.43 -15.38 -37.46
C ILE A 271 27.00 -14.85 -37.63
N PHE A 272 26.84 -13.55 -37.90
CA PHE A 272 25.58 -12.89 -38.16
C PHE A 272 25.49 -12.47 -39.62
N VAL A 273 24.48 -12.95 -40.33
CA VAL A 273 24.14 -12.41 -41.63
C VAL A 273 22.94 -11.49 -41.44
N ASP A 274 23.25 -10.19 -41.56
CA ASP A 274 22.27 -9.17 -41.32
C ASP A 274 22.84 -7.89 -41.93
N PRO A 275 22.13 -7.22 -42.86
CA PRO A 275 22.57 -5.91 -43.33
C PRO A 275 22.85 -4.91 -42.23
N ARG A 276 22.21 -5.09 -41.08
CA ARG A 276 22.21 -4.11 -40.00
C ARG A 276 23.08 -4.59 -38.86
N GLU A 277 23.79 -3.65 -38.25
CA GLU A 277 24.50 -3.91 -36.98
C GLU A 277 23.53 -3.75 -35.83
N THR A 278 23.16 -4.89 -35.19
CA THR A 278 22.10 -4.93 -34.23
C THR A 278 22.69 -4.99 -32.81
N PRO A 279 21.83 -4.84 -31.79
CA PRO A 279 22.25 -5.11 -30.41
C PRO A 279 22.85 -6.51 -30.22
N SER A 280 22.37 -7.49 -30.97
CA SER A 280 22.85 -8.86 -30.84
C SER A 280 24.32 -8.95 -31.32
N VAL A 281 24.67 -8.23 -32.40
CA VAL A 281 26.04 -8.13 -32.89
C VAL A 281 26.89 -7.52 -31.78
N ALA A 282 26.42 -6.38 -31.23
CA ALA A 282 27.17 -5.67 -30.20
C ALA A 282 27.41 -6.55 -29.00
N ILE A 283 26.35 -7.23 -28.54
CA ILE A 283 26.43 -7.98 -27.29
C ILE A 283 27.33 -9.21 -27.54
N ALA A 284 27.24 -9.82 -28.71
CA ALA A 284 28.12 -10.94 -29.03
C ALA A 284 29.60 -10.52 -28.96
N ARG A 285 29.91 -9.30 -29.43
CA ARG A 285 31.29 -8.81 -29.47
C ARG A 285 31.76 -8.54 -28.02
N HIS A 286 30.85 -8.04 -27.19
CA HIS A 286 31.14 -7.74 -25.81
C HIS A 286 31.48 -9.03 -25.10
N VAL A 287 30.71 -10.10 -25.36
CA VAL A 287 30.87 -11.34 -24.62
C VAL A 287 32.08 -12.11 -25.16
N ALA A 288 32.18 -12.26 -26.48
CA ALA A 288 33.15 -13.18 -27.07
C ALA A 288 34.44 -12.49 -27.54
N GLY A 289 34.46 -11.16 -27.67
CA GLY A 289 35.56 -10.45 -28.31
C GLY A 289 35.27 -10.25 -29.79
N ASN A 290 35.81 -9.18 -30.41
CA ASN A 290 35.66 -8.94 -31.83
C ASN A 290 36.20 -10.08 -32.69
N ASP A 291 37.23 -10.78 -32.21
CA ASP A 291 37.85 -11.83 -33.03
C ASP A 291 37.04 -13.12 -33.16
N ARG A 292 35.97 -13.30 -32.36
CA ARG A 292 35.13 -14.47 -32.41
C ARG A 292 33.71 -14.20 -32.93
N VAL A 293 33.49 -12.97 -33.46
CA VAL A 293 32.27 -12.61 -34.10
C VAL A 293 32.59 -12.16 -35.51
N LEU A 294 31.80 -12.65 -36.49
CA LEU A 294 31.81 -12.16 -37.87
C LEU A 294 30.46 -11.59 -38.21
N HIS A 295 30.38 -10.26 -38.37
CA HIS A 295 29.21 -9.64 -38.89
C HIS A 295 29.32 -9.53 -40.40
N LEU A 296 28.63 -10.41 -41.15
N LEU A 296 28.63 -10.41 -41.15
CA LEU A 296 28.51 -10.31 -42.59
CA LEU A 296 28.53 -10.31 -42.59
C LEU A 296 27.38 -9.36 -42.89
C LEU A 296 27.38 -9.36 -42.89
N ALA A 297 27.76 -8.08 -43.04
CA ALA A 297 26.82 -7.02 -43.23
C ALA A 297 26.45 -6.95 -44.69
N ILE A 298 25.70 -7.90 -45.17
CA ILE A 298 25.34 -8.00 -46.57
C ILE A 298 24.48 -6.83 -47.04
N GLU A 299 24.54 -6.57 -48.35
CA GLU A 299 23.54 -5.75 -49.02
C GLU A 299 22.16 -6.39 -48.82
N PRO A 300 21.12 -5.56 -48.58
CA PRO A 300 19.76 -6.07 -48.46
C PRO A 300 19.38 -6.97 -49.66
N GLY A 301 18.81 -8.13 -49.30
CA GLY A 301 18.23 -9.03 -50.28
C GLY A 301 19.26 -9.97 -50.92
N THR A 302 20.55 -10.01 -50.46
CA THR A 302 21.60 -10.71 -51.17
C THR A 302 21.97 -12.02 -50.51
N ASP A 303 21.12 -12.53 -49.60
CA ASP A 303 21.33 -13.81 -48.93
C ASP A 303 21.63 -14.97 -49.87
N THR A 304 20.86 -15.07 -50.98
CA THR A 304 20.97 -16.17 -51.92
C THR A 304 22.37 -16.19 -52.53
N ALA A 305 22.86 -14.99 -52.94
CA ALA A 305 24.21 -14.89 -53.46
C ALA A 305 25.26 -15.30 -52.41
N LEU A 306 25.11 -14.82 -51.16
CA LEU A 306 25.96 -15.23 -50.06
C LEU A 306 26.11 -16.73 -49.97
N PHE A 307 24.97 -17.45 -49.84
CA PHE A 307 24.99 -18.90 -49.61
C PHE A 307 25.50 -19.65 -50.84
N ASN A 308 25.18 -19.19 -52.05
CA ASN A 308 25.68 -19.85 -53.24
C ASN A 308 27.21 -19.71 -53.36
N GLY A 309 27.76 -18.57 -52.94
CA GLY A 309 29.20 -18.36 -52.88
C GLY A 309 29.87 -19.23 -51.83
N LEU A 310 29.27 -19.35 -50.64
CA LEU A 310 29.80 -20.26 -49.60
C LEU A 310 29.69 -21.73 -50.00
N PHE A 311 28.57 -22.10 -50.59
CA PHE A 311 28.38 -23.48 -51.06
C PHE A 311 29.41 -23.84 -52.13
N THR A 312 29.62 -22.90 -53.06
CA THR A 312 30.55 -23.10 -54.13
C THR A 312 31.96 -23.30 -53.56
N TYR A 313 32.31 -22.48 -52.59
CA TYR A 313 33.65 -22.50 -52.00
C TYR A 313 33.90 -23.77 -51.21
N VAL A 314 32.97 -24.15 -50.30
CA VAL A 314 33.14 -25.35 -49.51
C VAL A 314 33.23 -26.59 -50.41
N VAL A 315 32.48 -26.64 -51.55
CA VAL A 315 32.60 -27.72 -52.51
C VAL A 315 34.00 -27.70 -53.15
N GLU A 316 34.43 -26.55 -53.65
CA GLU A 316 35.75 -26.46 -54.26
C GLU A 316 36.88 -26.82 -53.29
N GLN A 317 36.83 -26.44 -52.01
CA GLN A 317 37.82 -26.82 -51.02
C GLN A 317 37.69 -28.27 -50.57
N GLY A 318 36.52 -28.90 -50.82
CA GLY A 318 36.24 -30.23 -50.37
C GLY A 318 35.88 -30.20 -48.89
N TRP A 319 35.40 -29.06 -48.34
CA TRP A 319 34.94 -29.00 -46.96
C TRP A 319 33.46 -29.40 -46.85
N ILE A 320 33.19 -30.65 -47.25
CA ILE A 320 31.86 -31.22 -47.34
C ILE A 320 32.00 -32.66 -46.87
N ASP A 321 30.86 -33.28 -46.55
CA ASP A 321 30.78 -34.68 -46.16
C ASP A 321 30.33 -35.55 -47.34
N LYS A 322 31.26 -36.07 -48.11
CA LYS A 322 30.99 -36.83 -49.33
C LYS A 322 30.30 -38.16 -48.98
N PRO A 323 30.72 -38.90 -47.91
CA PRO A 323 29.96 -40.08 -47.48
C PRO A 323 28.50 -39.80 -47.10
N PHE A 324 28.25 -38.66 -46.42
CA PHE A 324 26.92 -38.24 -46.10
C PHE A 324 26.12 -37.94 -47.38
N ILE A 325 26.66 -37.13 -48.28
CA ILE A 325 26.02 -36.75 -49.51
C ILE A 325 25.63 -37.99 -50.33
N GLU A 326 26.55 -38.94 -50.45
CA GLU A 326 26.38 -40.15 -51.21
C GLU A 326 25.28 -41.01 -50.59
N ALA A 327 25.24 -41.20 -49.26
CA ALA A 327 24.32 -42.15 -48.65
C ALA A 327 22.90 -41.56 -48.46
N HIS A 328 22.76 -40.25 -48.28
CA HIS A 328 21.60 -39.65 -47.62
C HIS A 328 21.05 -38.43 -48.38
N THR A 329 21.52 -38.12 -49.60
CA THR A 329 21.07 -36.93 -50.29
C THR A 329 20.81 -37.26 -51.75
N LYS A 330 20.15 -36.35 -52.44
CA LYS A 330 19.89 -36.43 -53.85
C LYS A 330 19.96 -35.01 -54.40
N GLY A 331 20.59 -34.89 -55.54
CA GLY A 331 20.58 -33.66 -56.33
C GLY A 331 21.83 -32.81 -56.15
N PHE A 332 22.86 -33.31 -55.43
CA PHE A 332 24.03 -32.50 -55.12
C PHE A 332 24.73 -31.93 -56.36
N ASP A 333 25.05 -32.81 -57.31
CA ASP A 333 25.82 -32.48 -58.51
C ASP A 333 25.08 -31.43 -59.33
N ASP A 334 23.75 -31.52 -59.38
CA ASP A 334 22.94 -30.49 -60.04
C ASP A 334 23.07 -29.15 -59.33
N ALA A 335 22.98 -29.16 -57.98
CA ALA A 335 23.08 -27.92 -57.19
C ALA A 335 24.46 -27.26 -57.34
N VAL A 336 25.52 -28.06 -57.41
CA VAL A 336 26.87 -27.53 -57.66
C VAL A 336 26.87 -26.69 -58.95
N LYS A 337 26.24 -27.21 -60.04
CA LYS A 337 26.17 -26.51 -61.32
C LYS A 337 25.27 -25.28 -61.26
N THR A 338 24.04 -25.40 -60.79
CA THR A 338 23.09 -24.31 -60.87
C THR A 338 23.48 -23.15 -59.93
N ASN A 339 24.12 -23.45 -58.78
CA ASN A 339 24.40 -22.51 -57.73
C ASN A 339 25.82 -21.91 -57.82
N ARG A 340 26.60 -22.27 -58.83
CA ARG A 340 28.00 -21.90 -58.94
C ARG A 340 28.14 -20.38 -58.91
N LEU A 341 28.92 -19.89 -57.95
CA LEU A 341 29.23 -18.47 -57.85
C LEU A 341 30.61 -18.33 -57.24
N SER A 342 31.50 -17.52 -57.87
CA SER A 342 32.87 -17.33 -57.42
C SER A 342 32.81 -16.43 -56.19
N LEU A 343 33.85 -16.47 -55.36
CA LEU A 343 33.88 -15.56 -54.22
C LEU A 343 33.93 -14.08 -54.64
N ASP A 344 34.58 -13.77 -55.76
CA ASP A 344 34.63 -12.40 -56.26
C ASP A 344 33.22 -11.93 -56.66
N GLU A 345 32.44 -12.76 -57.38
CA GLU A 345 31.08 -12.39 -57.76
C GLU A 345 30.23 -12.23 -56.50
N CYS A 346 30.36 -13.20 -55.58
CA CYS A 346 29.70 -13.17 -54.27
C CYS A 346 29.96 -11.88 -53.50
N SER A 347 31.24 -11.46 -53.46
CA SER A 347 31.67 -10.23 -52.81
C SER A 347 31.08 -8.98 -53.48
N ASN A 348 31.09 -8.93 -54.82
CA ASN A 348 30.48 -7.84 -55.57
C ASN A 348 28.97 -7.70 -55.29
N ILE A 349 28.26 -8.82 -55.23
CA ILE A 349 26.82 -8.78 -54.97
C ILE A 349 26.54 -8.43 -53.51
N THR A 350 27.17 -9.17 -52.58
CA THR A 350 26.89 -8.99 -51.15
C THR A 350 27.46 -7.70 -50.57
N GLY A 351 28.59 -7.25 -51.13
CA GLY A 351 29.42 -6.22 -50.54
C GLY A 351 30.34 -6.77 -49.46
N VAL A 352 30.32 -8.07 -49.15
CA VAL A 352 31.16 -8.64 -48.14
C VAL A 352 32.54 -8.94 -48.74
N PRO A 353 33.66 -8.51 -48.12
CA PRO A 353 34.98 -8.77 -48.71
C PRO A 353 35.26 -10.28 -48.77
N VAL A 354 36.09 -10.64 -49.71
CA VAL A 354 36.46 -12.02 -49.96
C VAL A 354 37.06 -12.64 -48.71
N ASP A 355 37.94 -11.90 -47.99
CA ASP A 355 38.58 -12.40 -46.78
C ASP A 355 37.54 -12.82 -45.74
N MET A 356 36.45 -12.03 -45.58
N MET A 356 36.45 -12.04 -45.59
CA MET A 356 35.42 -12.35 -44.60
CA MET A 356 35.43 -12.36 -44.61
C MET A 356 34.63 -13.60 -45.02
C MET A 356 34.64 -13.61 -45.01
N LEU A 357 34.31 -13.74 -46.32
CA LEU A 357 33.66 -14.93 -46.86
C LEU A 357 34.47 -16.18 -46.59
N LYS A 358 35.78 -16.12 -46.91
CA LYS A 358 36.70 -17.22 -46.66
C LYS A 358 36.78 -17.54 -45.17
N ARG A 359 36.84 -16.48 -44.30
CA ARG A 359 36.92 -16.76 -42.88
C ARG A 359 35.67 -17.48 -42.34
N ALA A 360 34.51 -17.09 -42.86
CA ALA A 360 33.24 -17.65 -42.39
C ALA A 360 33.22 -19.14 -42.73
N ALA A 361 33.67 -19.50 -43.96
CA ALA A 361 33.80 -20.89 -44.38
C ALA A 361 34.82 -21.67 -43.56
N GLU A 362 35.91 -21.01 -43.26
CA GLU A 362 37.00 -21.61 -42.47
C GLU A 362 36.55 -21.92 -41.05
N TRP A 363 35.88 -20.97 -40.40
CA TRP A 363 35.37 -21.22 -39.06
C TRP A 363 34.37 -22.37 -39.02
N SER A 364 33.54 -22.48 -40.06
CA SER A 364 32.28 -23.21 -40.05
C SER A 364 32.35 -24.63 -40.64
N TYR A 365 33.20 -24.87 -41.65
CA TYR A 365 33.12 -26.05 -42.50
C TYR A 365 34.48 -26.76 -42.65
N LYS A 366 35.60 -26.03 -42.52
CA LYS A 366 36.93 -26.63 -42.64
C LYS A 366 37.11 -27.62 -41.49
N PRO A 367 37.54 -28.88 -41.77
CA PRO A 367 37.72 -29.85 -40.69
C PRO A 367 38.60 -29.31 -39.58
N LYS A 368 38.25 -29.62 -38.35
CA LYS A 368 39.09 -29.37 -37.20
C LYS A 368 40.27 -30.33 -37.25
N ALA A 369 41.21 -30.11 -36.31
CA ALA A 369 42.48 -30.81 -36.38
C ALA A 369 42.27 -32.31 -36.10
N SER A 370 41.28 -32.61 -35.25
CA SER A 370 40.93 -33.98 -34.90
C SER A 370 40.19 -34.71 -36.04
N GLY A 371 39.81 -34.03 -37.14
CA GLY A 371 39.29 -34.73 -38.33
C GLY A 371 37.84 -34.42 -38.61
N GLN A 372 37.09 -34.02 -37.56
CA GLN A 372 35.64 -33.89 -37.64
C GLN A 372 35.33 -32.48 -38.16
N ALA A 373 34.25 -32.37 -38.93
CA ALA A 373 33.73 -31.08 -39.36
C ALA A 373 33.28 -30.32 -38.12
N PRO A 374 33.35 -28.96 -38.13
CA PRO A 374 32.80 -28.16 -37.04
C PRO A 374 31.31 -28.46 -36.94
N ARG A 375 30.85 -28.46 -35.69
CA ARG A 375 29.42 -28.44 -35.34
C ARG A 375 28.89 -27.03 -35.49
N THR A 376 28.21 -26.79 -36.62
CA THR A 376 27.74 -25.47 -36.99
C THR A 376 26.20 -25.48 -37.04
N MET A 377 25.58 -24.83 -36.07
CA MET A 377 24.16 -24.61 -36.02
C MET A 377 23.83 -23.38 -36.84
N HIS A 378 22.97 -23.55 -37.83
CA HIS A 378 22.53 -22.50 -38.70
C HIS A 378 21.09 -22.12 -38.30
N ALA A 379 20.92 -20.95 -37.65
CA ALA A 379 19.70 -20.42 -37.09
C ALA A 379 19.24 -19.26 -37.95
N TYR A 380 17.98 -19.27 -38.41
CA TYR A 380 17.50 -18.19 -39.26
C TYR A 380 16.12 -17.74 -38.84
N GLU A 381 15.76 -16.50 -39.16
CA GLU A 381 14.41 -15.99 -38.92
C GLU A 381 13.97 -15.07 -40.05
N LYS A 382 13.35 -13.93 -39.70
CA LYS A 382 12.58 -13.15 -40.64
C LYS A 382 13.40 -12.31 -41.61
N GLY A 383 14.67 -12.04 -41.32
CA GLY A 383 15.53 -11.40 -42.32
C GLY A 383 15.61 -12.18 -43.63
N ILE A 384 15.47 -13.52 -43.57
CA ILE A 384 15.37 -14.34 -44.78
C ILE A 384 13.96 -14.89 -45.04
N ILE A 385 13.18 -15.22 -44.00
CA ILE A 385 11.81 -15.66 -44.22
C ILE A 385 10.95 -14.62 -44.91
N TRP A 386 11.06 -13.36 -44.49
CA TRP A 386 10.51 -12.20 -45.19
C TRP A 386 11.52 -11.52 -46.09
N GLY A 387 12.43 -12.30 -46.64
CA GLY A 387 13.59 -11.79 -47.39
C GLY A 387 13.31 -11.81 -48.90
N ASN A 388 14.39 -11.69 -49.68
CA ASN A 388 14.33 -11.62 -51.13
C ASN A 388 14.13 -13.01 -51.73
N ASP A 389 12.83 -13.43 -51.81
CA ASP A 389 12.45 -14.72 -52.38
C ASP A 389 12.71 -15.79 -51.33
N ASN A 390 11.75 -15.89 -50.37
CA ASN A 390 11.74 -16.88 -49.30
C ASN A 390 12.20 -18.27 -49.76
N TYR A 391 11.59 -18.76 -50.85
CA TYR A 391 11.79 -20.10 -51.31
C TYR A 391 13.25 -20.34 -51.74
N VAL A 392 13.80 -19.37 -52.48
CA VAL A 392 15.12 -19.48 -53.09
C VAL A 392 16.18 -19.33 -51.99
N ILE A 393 15.97 -18.50 -51.00
CA ILE A 393 17.00 -18.33 -49.98
C ILE A 393 17.18 -19.62 -49.21
N GLN A 394 16.07 -20.21 -48.78
CA GLN A 394 16.10 -21.45 -48.04
C GLN A 394 16.73 -22.54 -48.89
N SER A 395 16.38 -22.59 -50.21
CA SER A 395 16.99 -23.56 -51.09
C SER A 395 18.54 -23.44 -51.02
N ALA A 396 19.06 -22.21 -51.15
CA ALA A 396 20.50 -21.96 -51.19
C ALA A 396 21.16 -22.33 -49.83
N LEU A 397 20.53 -21.89 -48.73
CA LEU A 397 21.07 -22.08 -47.38
C LEU A 397 21.12 -23.58 -47.05
N LEU A 398 20.00 -24.28 -47.31
CA LEU A 398 19.89 -25.69 -46.96
C LEU A 398 20.90 -26.52 -47.78
N ASP A 399 21.17 -26.13 -49.03
CA ASP A 399 22.17 -26.80 -49.86
C ASP A 399 23.53 -26.80 -49.13
N LEU A 400 23.91 -25.66 -48.56
CA LEU A 400 25.13 -25.52 -47.79
C LEU A 400 25.12 -26.41 -46.55
N VAL A 401 24.01 -26.37 -45.83
CA VAL A 401 23.90 -27.14 -44.62
C VAL A 401 23.99 -28.64 -44.91
N ILE A 402 23.34 -29.12 -45.98
CA ILE A 402 23.19 -30.55 -46.21
C ILE A 402 24.57 -31.07 -46.66
N ALA A 403 25.22 -30.29 -47.54
CA ALA A 403 26.53 -30.67 -48.05
C ALA A 403 27.56 -30.75 -46.91
N THR A 404 27.38 -29.97 -45.85
CA THR A 404 28.29 -29.92 -44.71
C THR A 404 27.78 -30.75 -43.53
N HIS A 405 26.71 -31.55 -43.75
CA HIS A 405 26.20 -32.44 -42.70
C HIS A 405 25.92 -31.66 -41.41
N ASN A 406 25.35 -30.45 -41.53
CA ASN A 406 24.96 -29.67 -40.38
C ASN A 406 23.45 -29.80 -40.05
N VAL A 407 22.91 -31.01 -40.23
CA VAL A 407 21.61 -31.42 -39.71
C VAL A 407 21.85 -32.78 -39.11
N GLY A 408 21.18 -33.11 -38.02
CA GLY A 408 21.26 -34.48 -37.53
C GLY A 408 22.51 -34.74 -36.67
N ARG A 409 23.46 -33.80 -36.54
CA ARG A 409 24.60 -34.01 -35.62
C ARG A 409 24.32 -33.17 -34.42
N ARG A 410 24.71 -33.63 -33.22
CA ARG A 410 24.55 -32.75 -32.06
C ARG A 410 25.42 -31.50 -32.21
N GLY A 411 24.91 -30.36 -31.75
CA GLY A 411 25.57 -29.10 -31.94
C GLY A 411 25.30 -28.52 -33.31
N THR A 412 24.37 -29.08 -34.10
CA THR A 412 24.07 -28.58 -35.44
C THR A 412 22.57 -28.34 -35.55
N GLY A 413 22.05 -28.31 -36.77
CA GLY A 413 20.70 -27.92 -37.04
C GLY A 413 20.71 -26.76 -38.00
N CYS A 414 19.76 -26.78 -38.94
CA CYS A 414 19.38 -25.62 -39.70
C CYS A 414 17.94 -25.31 -39.30
N VAL A 415 17.79 -24.31 -38.40
CA VAL A 415 16.53 -24.16 -37.70
C VAL A 415 16.02 -22.74 -37.83
N ARG A 416 14.69 -22.62 -37.83
CA ARG A 416 14.02 -21.42 -37.42
C ARG A 416 14.31 -21.15 -35.93
N MET A 417 14.55 -19.86 -35.69
CA MET A 417 14.58 -19.33 -34.32
C MET A 417 13.15 -19.16 -33.79
N GLY A 418 12.18 -18.92 -34.67
CA GLY A 418 10.77 -18.88 -34.33
C GLY A 418 10.35 -17.46 -33.93
N GLY A 419 9.03 -17.27 -33.78
CA GLY A 419 8.42 -16.00 -33.55
C GLY A 419 7.59 -16.07 -32.29
N HIS A 420 6.34 -16.37 -32.49
CA HIS A 420 5.50 -16.98 -31.46
C HIS A 420 5.97 -18.38 -31.10
N GLN A 421 5.44 -18.91 -30.01
CA GLN A 421 5.40 -20.37 -29.83
C GLN A 421 4.65 -21.03 -30.96
N GLU A 422 4.77 -22.37 -31.02
CA GLU A 422 4.10 -23.20 -31.96
C GLU A 422 3.00 -23.96 -31.22
N GLY A 423 1.93 -24.18 -31.94
CA GLY A 423 0.92 -25.10 -31.39
C GLY A 423 -0.14 -25.44 -32.43
N TYR A 424 0.30 -26.09 -33.51
CA TYR A 424 -0.57 -26.31 -34.67
C TYR A 424 -1.16 -27.73 -34.69
N THR A 425 -2.50 -27.81 -34.67
CA THR A 425 -3.25 -29.02 -34.99
C THR A 425 -4.51 -28.61 -35.75
N ARG A 426 -4.57 -28.99 -37.05
CA ARG A 426 -5.65 -28.54 -37.92
C ARG A 426 -6.00 -29.60 -38.96
N PRO A 427 -7.25 -29.62 -39.45
CA PRO A 427 -7.56 -30.33 -40.68
C PRO A 427 -6.74 -29.81 -41.86
N PRO A 428 -6.65 -30.53 -43.02
CA PRO A 428 -5.96 -30.00 -44.19
C PRO A 428 -6.69 -28.78 -44.72
N TYR A 429 -5.97 -27.87 -45.33
CA TYR A 429 -6.52 -26.70 -45.97
C TYR A 429 -7.40 -27.19 -47.12
N PRO A 430 -8.68 -26.79 -47.23
CA PRO A 430 -9.59 -27.38 -48.20
C PRO A 430 -9.55 -26.86 -49.62
N GLY A 431 -8.55 -26.08 -50.02
CA GLY A 431 -8.40 -25.67 -51.42
C GLY A 431 -7.19 -26.33 -52.10
N ASP A 432 -7.09 -26.14 -53.40
CA ASP A 432 -5.97 -26.64 -54.18
C ASP A 432 -5.17 -25.50 -54.82
N LYS A 433 -5.42 -24.23 -54.43
CA LYS A 433 -4.64 -23.07 -54.90
C LYS A 433 -4.28 -22.16 -53.72
N LYS A 434 -3.12 -21.50 -53.79
CA LYS A 434 -2.81 -20.41 -52.87
C LYS A 434 -3.58 -19.19 -53.35
N ILE A 435 -4.12 -18.45 -52.37
CA ILE A 435 -4.94 -17.31 -52.69
C ILE A 435 -4.40 -16.16 -51.87
N TYR A 436 -4.16 -15.04 -52.56
CA TYR A 436 -3.66 -13.83 -51.94
C TYR A 436 -4.85 -13.07 -51.36
N ILE A 437 -5.11 -13.27 -50.07
CA ILE A 437 -6.39 -12.92 -49.45
C ILE A 437 -6.54 -11.41 -49.47
N ASP A 438 -5.49 -10.66 -49.06
CA ASP A 438 -5.56 -9.20 -49.04
C ASP A 438 -5.98 -8.63 -50.40
N GLN A 439 -5.37 -9.15 -51.47
CA GLN A 439 -5.66 -8.73 -52.83
C GLN A 439 -7.14 -9.02 -53.16
N GLU A 440 -7.61 -10.22 -52.78
CA GLU A 440 -9.02 -10.55 -52.96
C GLU A 440 -9.95 -9.55 -52.27
N LEU A 441 -9.64 -9.20 -51.01
CA LEU A 441 -10.45 -8.27 -50.25
C LEU A 441 -10.40 -6.89 -50.90
N ILE A 442 -9.20 -6.42 -51.30
CA ILE A 442 -9.03 -5.13 -51.95
C ILE A 442 -9.84 -5.09 -53.23
N LYS A 443 -9.96 -6.22 -53.95
CA LYS A 443 -10.68 -6.27 -55.21
C LYS A 443 -12.20 -6.41 -55.00
N GLY A 444 -12.68 -6.48 -53.78
CA GLY A 444 -14.11 -6.43 -53.51
C GLY A 444 -14.72 -7.79 -53.27
N LYS A 445 -13.93 -8.84 -53.05
CA LYS A 445 -14.47 -10.16 -52.80
C LYS A 445 -14.84 -10.39 -51.33
N GLY A 446 -15.74 -11.34 -51.13
CA GLY A 446 -16.15 -11.81 -49.84
C GLY A 446 -17.30 -10.96 -49.25
N ARG A 447 -18.13 -11.63 -48.45
CA ARG A 447 -19.25 -11.01 -47.76
C ARG A 447 -18.84 -10.61 -46.32
N ILE A 448 -18.11 -11.49 -45.67
CA ILE A 448 -17.76 -11.37 -44.26
C ILE A 448 -16.28 -11.75 -44.13
N MET A 449 -15.55 -10.93 -43.35
CA MET A 449 -14.16 -11.14 -43.05
C MET A 449 -14.04 -11.14 -41.53
N THR A 450 -13.43 -12.18 -40.98
CA THR A 450 -13.10 -12.26 -39.56
C THR A 450 -11.59 -12.15 -39.36
N TRP A 451 -11.13 -11.11 -38.60
CA TRP A 451 -9.77 -11.07 -38.01
C TRP A 451 -9.84 -11.77 -36.69
N TRP A 452 -9.11 -12.84 -36.53
CA TRP A 452 -9.17 -13.66 -35.35
C TRP A 452 -7.78 -13.76 -34.74
N GLY A 453 -7.57 -13.03 -33.62
CA GLY A 453 -6.26 -13.20 -32.98
C GLY A 453 -5.14 -12.55 -33.79
N CYS A 454 -5.48 -11.50 -34.57
CA CYS A 454 -4.50 -10.83 -35.38
C CYS A 454 -5.03 -9.48 -35.76
N ASN A 455 -4.15 -8.61 -36.30
CA ASN A 455 -4.52 -7.22 -36.62
C ASN A 455 -3.75 -6.79 -37.84
N ASN A 456 -4.29 -7.14 -39.05
CA ASN A 456 -3.56 -6.84 -40.28
C ASN A 456 -3.57 -5.36 -40.68
N PHE A 457 -4.36 -4.50 -40.04
CA PHE A 457 -4.23 -3.06 -40.21
C PHE A 457 -2.84 -2.56 -39.82
N GLN A 458 -2.25 -3.21 -38.82
CA GLN A 458 -0.93 -2.89 -38.34
C GLN A 458 0.17 -3.76 -38.98
N THR A 459 -0.18 -4.96 -39.49
CA THR A 459 0.81 -5.99 -39.84
C THR A 459 0.74 -6.53 -41.25
N SER A 460 -0.28 -6.16 -42.06
CA SER A 460 -0.22 -6.56 -43.46
C SER A 460 0.97 -5.92 -44.20
N ASN A 461 1.44 -6.64 -45.22
CA ASN A 461 2.27 -6.01 -46.23
C ASN A 461 1.37 -5.13 -47.06
N ASN A 462 1.88 -4.01 -47.58
CA ASN A 462 1.05 -3.10 -48.36
C ASN A 462 -0.17 -2.74 -47.51
N ALA A 463 0.01 -2.48 -46.21
CA ALA A 463 -1.06 -2.31 -45.23
C ALA A 463 -1.98 -1.15 -45.51
N GLN A 464 -1.47 -0.07 -46.13
CA GLN A 464 -2.25 1.09 -46.48
C GLN A 464 -3.35 0.76 -47.52
N ALA A 465 -2.99 0.03 -48.62
CA ALA A 465 -3.99 -0.45 -49.59
C ALA A 465 -5.09 -1.26 -48.87
N LEU A 466 -4.67 -2.08 -47.89
CA LEU A 466 -5.58 -2.93 -47.14
C LEU A 466 -6.53 -2.05 -46.34
N ARG A 467 -6.02 -1.22 -45.44
CA ARG A 467 -6.85 -0.36 -44.60
C ARG A 467 -7.81 0.49 -45.40
N GLU A 468 -7.31 1.16 -46.43
CA GLU A 468 -8.15 1.94 -47.32
C GLU A 468 -9.36 1.11 -47.75
N ALA A 469 -9.12 -0.08 -48.29
CA ALA A 469 -10.17 -0.86 -48.90
C ALA A 469 -11.15 -1.32 -47.83
N ILE A 470 -10.64 -1.79 -46.69
CA ILE A 470 -11.48 -2.33 -45.65
C ILE A 470 -12.38 -1.27 -45.00
N LEU A 471 -11.79 -0.11 -44.67
CA LEU A 471 -12.56 1.02 -44.15
C LEU A 471 -13.69 1.41 -45.09
N GLN A 472 -13.42 1.56 -46.40
CA GLN A 472 -14.46 1.92 -47.38
C GLN A 472 -15.57 0.88 -47.47
N ARG A 473 -15.18 -0.41 -47.53
CA ARG A 473 -16.16 -1.51 -47.63
C ARG A 473 -16.96 -1.57 -46.33
N SER A 474 -16.34 -1.27 -45.18
CA SER A 474 -16.97 -1.28 -43.88
C SER A 474 -18.03 -0.19 -43.80
N ALA A 475 -17.68 0.98 -44.37
CA ALA A 475 -18.52 2.15 -44.42
C ALA A 475 -19.82 1.86 -45.18
N ILE A 476 -19.75 1.08 -46.28
CA ILE A 476 -20.93 0.76 -47.06
C ILE A 476 -21.92 -0.01 -46.18
N VAL A 477 -21.44 -1.01 -45.43
CA VAL A 477 -22.27 -1.75 -44.49
C VAL A 477 -22.85 -0.82 -43.40
N LYS A 478 -22.02 0.02 -42.80
CA LYS A 478 -22.48 1.03 -41.83
C LYS A 478 -23.62 1.90 -42.38
N GLN A 479 -23.47 2.39 -43.62
CA GLN A 479 -24.48 3.22 -44.28
C GLN A 479 -25.78 2.43 -44.48
N ALA A 480 -25.69 1.13 -44.87
CA ALA A 480 -26.87 0.32 -45.10
C ALA A 480 -27.61 0.01 -43.80
N MET A 481 -26.86 -0.24 -42.71
CA MET A 481 -27.41 -0.57 -41.40
C MET A 481 -28.27 0.56 -40.85
N GLN A 482 -27.92 1.81 -41.15
CA GLN A 482 -28.48 2.97 -40.48
C GLN A 482 -29.88 3.33 -40.94
N LYS A 483 -30.28 2.84 -42.13
CA LYS A 483 -31.62 3.02 -42.65
C LYS A 483 -32.59 2.08 -41.93
N ALA A 484 -32.09 1.02 -41.26
CA ALA A 484 -32.97 0.15 -40.48
C ALA A 484 -33.44 0.82 -39.18
N ARG A 485 -34.69 0.49 -38.84
CA ARG A 485 -35.36 0.88 -37.62
C ARG A 485 -36.21 -0.34 -37.26
N GLY A 486 -35.99 -0.89 -36.09
CA GLY A 486 -36.90 -1.87 -35.55
C GLY A 486 -36.78 -3.20 -36.26
N ALA A 487 -35.67 -3.46 -36.95
CA ALA A 487 -35.51 -4.68 -37.72
C ALA A 487 -35.18 -5.83 -36.74
N THR A 488 -35.75 -7.01 -37.02
CA THR A 488 -35.28 -8.22 -36.35
C THR A 488 -33.84 -8.53 -36.81
N THR A 489 -33.14 -9.36 -36.04
CA THR A 489 -31.82 -9.89 -36.38
C THR A 489 -31.80 -10.45 -37.80
N GLU A 490 -32.82 -11.23 -38.17
CA GLU A 490 -32.94 -11.83 -39.52
C GLU A 490 -33.03 -10.76 -40.61
N GLU A 491 -33.85 -9.72 -40.41
CA GLU A 491 -33.92 -8.62 -41.36
C GLU A 491 -32.57 -7.91 -41.49
N MET A 492 -31.83 -7.79 -40.35
CA MET A 492 -30.57 -7.08 -40.33
C MET A 492 -29.53 -7.84 -41.16
N VAL A 493 -29.51 -9.18 -40.98
CA VAL A 493 -28.70 -10.08 -41.77
C VAL A 493 -28.91 -9.82 -43.27
N ASP A 494 -30.17 -9.68 -43.70
CA ASP A 494 -30.50 -9.42 -45.11
C ASP A 494 -30.01 -8.02 -45.55
N VAL A 495 -30.14 -7.01 -44.68
CA VAL A 495 -29.71 -5.65 -45.02
C VAL A 495 -28.18 -5.64 -45.24
N ILE A 496 -27.43 -6.24 -44.34
CA ILE A 496 -25.98 -6.29 -44.39
C ILE A 496 -25.55 -7.11 -45.64
N TYR A 497 -26.16 -8.29 -45.83
CA TYR A 497 -25.88 -9.13 -47.00
C TYR A 497 -26.06 -8.34 -48.29
N GLU A 498 -27.14 -7.60 -48.39
CA GLU A 498 -27.39 -6.73 -49.52
C GLU A 498 -26.28 -5.70 -49.70
N ALA A 499 -25.79 -5.13 -48.59
CA ALA A 499 -24.77 -4.10 -48.66
C ALA A 499 -23.47 -4.71 -49.25
N THR A 500 -23.20 -6.00 -48.93
CA THR A 500 -22.02 -6.70 -49.41
C THR A 500 -22.17 -7.05 -50.89
N GLN A 501 -23.38 -7.10 -51.44
CA GLN A 501 -23.53 -7.23 -52.88
C GLN A 501 -23.24 -5.92 -53.59
N ASN A 502 -23.22 -4.80 -52.85
CA ASN A 502 -22.87 -3.50 -53.42
C ASN A 502 -21.54 -3.02 -52.87
N GLY A 503 -20.57 -3.94 -52.66
CA GLY A 503 -19.19 -3.54 -52.41
C GLY A 503 -18.84 -3.63 -50.94
N GLY A 504 -19.83 -3.84 -50.05
CA GLY A 504 -19.62 -3.79 -48.61
C GLY A 504 -18.93 -5.05 -48.13
N LEU A 505 -18.44 -5.02 -46.89
CA LEU A 505 -17.87 -6.16 -46.23
C LEU A 505 -18.25 -6.06 -44.77
N PHE A 506 -18.74 -7.16 -44.19
CA PHE A 506 -19.04 -7.20 -42.77
C PHE A 506 -17.73 -7.63 -42.12
N VAL A 507 -17.31 -6.94 -41.06
CA VAL A 507 -16.02 -7.20 -40.46
C VAL A 507 -16.22 -7.57 -38.99
N THR A 508 -15.60 -8.67 -38.60
CA THR A 508 -15.64 -9.14 -37.23
C THR A 508 -14.21 -9.25 -36.75
N SER A 509 -13.99 -8.93 -35.47
CA SER A 509 -12.69 -9.11 -34.83
C SER A 509 -12.90 -9.90 -33.56
N ILE A 510 -12.12 -10.96 -33.41
CA ILE A 510 -12.16 -11.77 -32.22
C ILE A 510 -10.85 -11.56 -31.54
N ASN A 511 -10.89 -10.92 -30.36
CA ASN A 511 -9.70 -10.30 -29.84
C ASN A 511 -9.79 -10.16 -28.31
N LEU A 512 -8.64 -9.78 -27.72
CA LEU A 512 -8.53 -9.27 -26.36
C LEU A 512 -8.93 -7.78 -26.24
N TYR A 513 -8.84 -7.00 -27.30
CA TYR A 513 -8.88 -5.55 -27.22
C TYR A 513 -9.55 -5.06 -28.49
N PRO A 514 -10.08 -3.81 -28.41
CA PRO A 514 -10.63 -3.21 -29.62
C PRO A 514 -9.63 -3.21 -30.78
N THR A 515 -8.46 -2.64 -30.53
CA THR A 515 -7.40 -2.36 -31.48
C THR A 515 -7.91 -1.36 -32.53
N LYS A 516 -7.01 -1.01 -33.43
CA LYS A 516 -7.28 -0.24 -34.62
C LYS A 516 -8.33 -0.89 -35.53
N LEU A 517 -8.49 -2.21 -35.48
CA LEU A 517 -9.56 -2.88 -36.19
C LEU A 517 -10.97 -2.32 -35.85
N ALA A 518 -11.16 -1.80 -34.65
CA ALA A 518 -12.40 -1.10 -34.28
C ALA A 518 -12.77 0.06 -35.19
N GLU A 519 -11.83 0.60 -35.96
CA GLU A 519 -12.15 1.65 -36.92
C GLU A 519 -13.01 1.09 -38.06
N ALA A 520 -12.96 -0.23 -38.31
CA ALA A 520 -13.71 -0.83 -39.40
C ALA A 520 -14.71 -1.91 -38.94
N ALA A 521 -14.50 -2.50 -37.76
CA ALA A 521 -15.27 -3.67 -37.34
C ALA A 521 -16.72 -3.28 -37.04
N HIS A 522 -17.62 -4.22 -37.36
CA HIS A 522 -19.02 -4.10 -37.04
C HIS A 522 -19.33 -4.94 -35.81
N LEU A 523 -18.54 -5.98 -35.57
CA LEU A 523 -18.69 -6.86 -34.44
C LEU A 523 -17.35 -7.24 -33.84
N MET A 524 -17.24 -7.20 -32.51
CA MET A 524 -16.05 -7.64 -31.80
C MET A 524 -16.41 -8.59 -30.66
N LEU A 525 -15.75 -9.75 -30.63
CA LEU A 525 -16.05 -10.80 -29.64
C LEU A 525 -14.86 -10.97 -28.67
N PRO A 526 -15.11 -11.06 -27.34
CA PRO A 526 -14.05 -11.11 -26.34
C PRO A 526 -13.40 -12.48 -26.16
N ALA A 527 -12.05 -12.53 -26.33
CA ALA A 527 -11.31 -13.76 -26.09
C ALA A 527 -10.54 -13.70 -24.75
N ALA A 528 -10.05 -14.87 -24.38
CA ALA A 528 -9.34 -15.17 -23.16
C ALA A 528 -7.94 -15.72 -23.49
N HIS A 529 -7.00 -15.36 -22.62
CA HIS A 529 -5.60 -15.65 -22.85
C HIS A 529 -5.15 -16.65 -21.78
N PRO A 530 -3.92 -17.23 -21.87
CA PRO A 530 -3.45 -18.24 -20.92
C PRO A 530 -3.43 -17.74 -19.46
N GLY A 531 -3.88 -18.60 -18.54
CA GLY A 531 -4.10 -18.22 -17.15
C GLY A 531 -5.60 -17.97 -16.91
N GLU A 532 -6.30 -17.33 -17.87
CA GLU A 532 -7.75 -17.31 -17.96
C GLU A 532 -8.29 -18.62 -18.56
N MET A 533 -7.41 -19.39 -19.20
CA MET A 533 -7.77 -20.69 -19.74
C MET A 533 -6.52 -21.54 -19.60
N ASN A 534 -6.72 -22.85 -19.60
CA ASN A 534 -5.65 -23.80 -19.90
C ASN A 534 -5.20 -23.64 -21.36
N LEU A 535 -3.91 -23.86 -21.66
CA LEU A 535 -3.44 -23.77 -23.05
C LEU A 535 -2.14 -24.56 -23.22
N THR A 536 -2.03 -25.27 -24.32
CA THR A 536 -0.84 -26.05 -24.60
C THR A 536 -0.15 -25.43 -25.80
N SER A 537 1.16 -25.57 -25.83
CA SER A 537 2.00 -25.04 -26.91
C SER A 537 3.42 -25.61 -26.76
N MET A 538 4.22 -25.40 -27.78
CA MET A 538 5.60 -25.88 -27.75
C MET A 538 6.51 -24.74 -28.22
N ASN A 539 7.78 -24.85 -27.85
CA ASN A 539 8.77 -23.79 -28.15
C ASN A 539 9.62 -24.20 -29.37
N GLY A 540 10.71 -23.49 -29.60
CA GLY A 540 11.59 -23.67 -30.74
C GLY A 540 12.33 -25.00 -30.80
N GLU A 541 12.31 -25.78 -29.72
CA GLU A 541 12.85 -27.14 -29.68
C GLU A 541 11.71 -28.16 -29.44
N ARG A 542 10.47 -27.76 -29.79
CA ARG A 542 9.28 -28.62 -29.78
C ARG A 542 8.89 -29.09 -28.37
N ARG A 543 9.25 -28.33 -27.32
CA ARG A 543 8.94 -28.66 -25.96
C ARG A 543 7.49 -28.22 -25.62
N ILE A 544 6.59 -29.19 -25.52
CA ILE A 544 5.15 -28.96 -25.21
C ILE A 544 4.96 -28.83 -23.70
N ARG A 545 4.30 -27.70 -23.30
CA ARG A 545 3.96 -27.42 -21.92
C ARG A 545 2.48 -27.04 -21.85
N LEU A 546 1.89 -27.40 -20.70
CA LEU A 546 0.58 -26.88 -20.30
C LEU A 546 0.71 -25.62 -19.44
N SER A 547 0.05 -24.59 -19.92
CA SER A 547 -0.18 -23.38 -19.12
C SER A 547 -1.54 -23.52 -18.42
N GLU A 548 -1.51 -23.54 -17.06
CA GLU A 548 -2.68 -23.78 -16.24
C GLU A 548 -3.56 -22.53 -16.06
N LYS A 549 -4.87 -22.69 -16.15
CA LYS A 549 -5.84 -21.68 -15.72
C LYS A 549 -5.66 -21.40 -14.23
N PHE A 550 -5.66 -20.13 -13.85
CA PHE A 550 -5.61 -19.75 -12.43
C PHE A 550 -6.56 -18.59 -12.10
N MET A 551 -7.31 -18.06 -13.07
CA MET A 551 -8.15 -16.92 -12.84
C MET A 551 -9.25 -16.88 -13.90
N ASP A 552 -10.25 -16.02 -13.67
CA ASP A 552 -11.36 -15.94 -14.56
C ASP A 552 -11.02 -14.97 -15.67
N PRO A 553 -11.60 -15.15 -16.90
CA PRO A 553 -11.54 -14.10 -17.90
C PRO A 553 -12.36 -12.88 -17.53
N PRO A 554 -12.10 -11.69 -18.12
CA PRO A 554 -12.98 -10.54 -17.98
C PRO A 554 -14.35 -10.83 -18.55
N GLY A 555 -15.39 -10.40 -17.81
CA GLY A 555 -16.78 -10.58 -18.20
C GLY A 555 -17.06 -11.97 -18.80
N THR A 556 -17.55 -11.96 -20.07
CA THR A 556 -17.91 -13.16 -20.78
C THR A 556 -16.88 -13.53 -21.84
N ALA A 557 -15.64 -13.07 -21.65
CA ALA A 557 -14.55 -13.46 -22.54
C ALA A 557 -14.36 -14.98 -22.51
N MET A 558 -14.08 -15.58 -23.68
CA MET A 558 -14.02 -17.03 -23.83
C MET A 558 -12.73 -17.48 -24.56
N ALA A 559 -12.32 -18.72 -24.30
CA ALA A 559 -11.24 -19.36 -25.00
C ALA A 559 -11.59 -19.44 -26.49
N ASP A 560 -10.64 -19.16 -27.38
CA ASP A 560 -10.90 -19.07 -28.81
C ASP A 560 -11.51 -20.37 -29.34
N CYS A 561 -11.03 -21.52 -28.81
CA CYS A 561 -11.57 -22.80 -29.25
C CYS A 561 -13.07 -22.91 -28.94
N LEU A 562 -13.47 -22.37 -27.78
CA LEU A 562 -14.85 -22.35 -27.31
C LEU A 562 -15.66 -21.31 -28.05
N ILE A 563 -15.08 -20.17 -28.49
CA ILE A 563 -15.77 -19.28 -29.40
C ILE A 563 -16.05 -20.01 -30.70
N ALA A 564 -15.08 -20.79 -31.19
CA ALA A 564 -15.29 -21.55 -32.42
C ALA A 564 -16.43 -22.54 -32.24
N ALA A 565 -16.47 -23.25 -31.11
CA ALA A 565 -17.55 -24.19 -30.84
C ALA A 565 -18.90 -23.46 -30.77
N ARG A 566 -18.91 -22.29 -30.12
CA ARG A 566 -20.11 -21.48 -30.06
C ARG A 566 -20.65 -21.19 -31.46
N ILE A 567 -19.77 -20.79 -32.38
CA ILE A 567 -20.13 -20.44 -33.75
C ILE A 567 -20.63 -21.67 -34.49
N ALA A 568 -19.94 -22.80 -34.30
CA ALA A 568 -20.31 -24.04 -34.97
C ALA A 568 -21.70 -24.51 -34.54
N ASN A 569 -21.96 -24.48 -33.24
CA ASN A 569 -23.23 -24.89 -32.67
C ASN A 569 -24.37 -23.93 -33.05
N ALA A 570 -24.06 -22.65 -33.23
CA ALA A 570 -25.06 -21.71 -33.69
C ALA A 570 -25.44 -22.06 -35.12
N LEU A 571 -24.43 -22.30 -35.95
CA LEU A 571 -24.70 -22.68 -37.33
C LEU A 571 -25.43 -24.02 -37.41
N ARG A 572 -25.06 -24.98 -36.57
CA ARG A 572 -25.72 -26.26 -36.57
C ARG A 572 -27.21 -26.07 -36.28
N ASP A 573 -27.51 -25.37 -35.19
CA ASP A 573 -28.88 -25.08 -34.77
C ASP A 573 -29.68 -24.40 -35.89
N MET A 574 -29.08 -23.45 -36.63
CA MET A 574 -29.79 -22.76 -37.70
C MET A 574 -30.15 -23.74 -38.81
N TYR A 575 -29.19 -24.57 -39.20
CA TYR A 575 -29.41 -25.59 -40.21
C TYR A 575 -30.46 -26.62 -39.76
N GLN A 576 -30.39 -27.10 -38.51
CA GLN A 576 -31.41 -28.02 -38.03
C GLN A 576 -32.80 -27.39 -38.10
N LYS A 577 -32.92 -26.14 -37.64
CA LYS A 577 -34.17 -25.39 -37.75
C LYS A 577 -34.65 -25.25 -39.20
N ASP A 578 -33.74 -25.02 -40.14
CA ASP A 578 -34.07 -24.87 -41.54
C ASP A 578 -34.33 -26.22 -42.24
N GLY A 579 -34.25 -27.37 -41.53
CA GLY A 579 -34.55 -28.67 -42.09
C GLY A 579 -33.46 -29.19 -43.03
N LYS A 580 -32.18 -28.87 -42.76
CA LYS A 580 -31.07 -29.17 -43.67
C LYS A 580 -30.07 -30.01 -42.90
N ALA A 581 -30.41 -31.30 -42.76
CA ALA A 581 -29.71 -32.26 -41.91
C ALA A 581 -28.27 -32.46 -42.35
N GLU A 582 -28.03 -32.46 -43.67
CA GLU A 582 -26.70 -32.65 -44.21
C GLU A 582 -25.81 -31.45 -43.87
N MET A 583 -26.36 -30.22 -43.97
CA MET A 583 -25.58 -29.03 -43.66
C MET A 583 -25.34 -28.94 -42.14
N ALA A 584 -26.34 -29.30 -41.33
CA ALA A 584 -26.20 -29.41 -39.88
C ALA A 584 -25.07 -30.37 -39.50
N ALA A 585 -24.99 -31.52 -40.16
CA ALA A 585 -23.98 -32.53 -39.86
C ALA A 585 -22.56 -32.01 -40.03
N GLN A 586 -22.30 -31.06 -40.96
CA GLN A 586 -20.98 -30.49 -41.14
C GLN A 586 -20.53 -29.73 -39.88
N PHE A 587 -21.47 -29.27 -39.02
CA PHE A 587 -21.16 -28.50 -37.82
C PHE A 587 -21.25 -29.35 -36.56
N GLU A 588 -21.32 -30.67 -36.70
CA GLU A 588 -21.12 -31.55 -35.58
C GLU A 588 -19.68 -31.54 -35.13
N GLY A 589 -19.49 -32.04 -33.90
CA GLY A 589 -18.17 -32.27 -33.34
C GLY A 589 -17.63 -31.08 -32.57
N PHE A 590 -18.50 -30.19 -32.06
CA PHE A 590 -18.07 -29.10 -31.21
C PHE A 590 -18.82 -29.11 -29.89
N ASP A 591 -19.12 -30.31 -29.36
CA ASP A 591 -19.75 -30.43 -28.06
C ASP A 591 -18.69 -30.23 -26.98
N TRP A 592 -18.17 -29.00 -26.83
CA TRP A 592 -17.02 -28.75 -25.98
C TRP A 592 -17.42 -27.87 -24.81
N LYS A 593 -17.10 -28.30 -23.60
CA LYS A 593 -17.42 -27.55 -22.39
C LYS A 593 -16.17 -26.83 -21.89
N THR A 594 -14.96 -27.38 -22.16
CA THR A 594 -13.71 -26.77 -21.72
C THR A 594 -12.68 -26.94 -22.83
N GLU A 595 -11.60 -26.16 -22.72
CA GLU A 595 -10.54 -26.15 -23.71
C GLU A 595 -9.93 -27.54 -23.86
N GLU A 596 -9.83 -28.28 -22.74
CA GLU A 596 -9.35 -29.66 -22.75
C GLU A 596 -10.05 -30.50 -23.81
N ASP A 597 -11.32 -30.30 -24.00
CA ASP A 597 -12.13 -31.05 -24.98
C ASP A 597 -11.57 -30.90 -26.40
N ALA A 598 -11.11 -29.67 -26.75
CA ALA A 598 -10.47 -29.32 -28.01
C ALA A 598 -9.09 -30.02 -28.19
N PHE A 599 -8.36 -30.16 -27.07
CA PHE A 599 -7.14 -30.90 -26.97
C PHE A 599 -7.37 -32.39 -27.27
N ASN A 600 -8.38 -32.99 -26.60
CA ASN A 600 -8.75 -34.38 -26.85
C ASN A 600 -9.23 -34.61 -28.29
N ASP A 601 -9.96 -33.64 -28.85
CA ASP A 601 -10.54 -33.81 -30.17
C ASP A 601 -9.52 -33.68 -31.30
N GLY A 602 -8.43 -32.90 -31.09
CA GLY A 602 -7.48 -32.48 -32.13
C GLY A 602 -6.13 -33.19 -31.99
N PHE A 603 -5.35 -32.63 -31.08
CA PHE A 603 -4.01 -33.10 -30.83
C PHE A 603 -4.03 -34.59 -30.53
N ARG A 604 -4.96 -35.02 -29.67
CA ARG A 604 -4.91 -36.38 -29.18
C ARG A 604 -5.54 -37.37 -30.14
N ARG A 605 -6.20 -36.88 -31.20
CA ARG A 605 -6.78 -37.79 -32.18
C ARG A 605 -5.90 -37.95 -33.41
N ALA A 606 -4.89 -37.11 -33.63
CA ALA A 606 -4.08 -37.17 -34.83
C ALA A 606 -3.53 -38.58 -35.07
N GLY A 607 -3.87 -39.14 -36.24
CA GLY A 607 -3.30 -40.38 -36.69
C GLY A 607 -3.92 -41.59 -35.98
N GLN A 608 -5.01 -41.41 -35.22
CA GLN A 608 -5.64 -42.48 -34.47
C GLN A 608 -6.64 -43.18 -35.39
N PRO A 609 -7.05 -44.44 -35.08
CA PRO A 609 -8.09 -45.14 -35.84
C PRO A 609 -9.46 -44.47 -35.82
N GLY A 610 -10.08 -44.30 -37.00
CA GLY A 610 -11.35 -43.60 -37.11
C GLY A 610 -11.22 -42.08 -37.03
N ALA A 611 -9.99 -41.52 -37.07
CA ALA A 611 -9.82 -40.08 -37.04
C ALA A 611 -9.88 -39.55 -38.47
N PRO A 612 -10.32 -38.29 -38.69
CA PRO A 612 -10.19 -37.68 -40.02
C PRO A 612 -8.75 -37.21 -40.18
N ALA A 613 -8.40 -36.76 -41.38
CA ALA A 613 -7.05 -36.23 -41.66
C ALA A 613 -6.75 -35.04 -40.73
N ILE A 614 -5.67 -35.13 -39.93
CA ILE A 614 -5.27 -34.07 -38.98
C ILE A 614 -3.78 -33.83 -39.18
N ASP A 615 -3.36 -32.57 -39.38
CA ASP A 615 -1.96 -32.16 -39.46
C ASP A 615 -1.64 -31.57 -38.08
N SER A 616 -0.79 -32.26 -37.32
CA SER A 616 -0.42 -31.92 -35.94
C SER A 616 1.09 -32.00 -35.75
N GLN A 617 1.62 -30.98 -35.06
CA GLN A 617 3.00 -30.97 -34.54
C GLN A 617 3.26 -32.03 -33.49
N GLY A 618 2.23 -32.58 -32.89
CA GLY A 618 2.33 -33.71 -31.99
C GLY A 618 2.58 -35.03 -32.69
N GLY A 619 2.16 -35.13 -33.98
CA GLY A 619 2.20 -36.36 -34.73
C GLY A 619 1.19 -37.39 -34.16
N SER A 620 1.48 -38.64 -34.52
CA SER A 620 0.56 -39.70 -34.25
C SER A 620 0.71 -40.24 -32.84
N THR A 621 1.71 -39.80 -32.06
CA THR A 621 1.83 -40.16 -30.64
C THR A 621 1.27 -39.06 -29.74
N GLY A 622 0.63 -38.05 -30.30
CA GLY A 622 0.01 -36.98 -29.51
C GLY A 622 -1.01 -37.48 -28.45
N HIS A 623 -1.67 -38.62 -28.74
CA HIS A 623 -2.60 -39.19 -27.77
C HIS A 623 -1.93 -39.55 -26.44
N LEU A 624 -0.61 -39.74 -26.42
CA LEU A 624 0.08 -40.08 -25.17
C LEU A 624 0.14 -38.90 -24.23
N VAL A 625 0.06 -37.67 -24.77
CA VAL A 625 0.04 -36.47 -23.98
C VAL A 625 -1.37 -36.26 -23.42
N THR A 626 -1.46 -35.99 -22.10
CA THR A 626 -2.72 -35.57 -21.48
C THR A 626 -2.39 -34.35 -20.65
N TYR A 627 -3.41 -33.54 -20.28
CA TYR A 627 -3.17 -32.40 -19.39
C TYR A 627 -2.54 -32.87 -18.09
N ASP A 628 -3.02 -33.98 -17.48
CA ASP A 628 -2.47 -34.44 -16.21
C ASP A 628 -1.03 -34.87 -16.33
N ARG A 629 -0.66 -35.46 -17.45
CA ARG A 629 0.71 -35.90 -17.68
C ARG A 629 1.62 -34.68 -17.87
N LEU A 630 1.15 -33.64 -18.57
CA LEU A 630 1.92 -32.40 -18.72
C LEU A 630 2.10 -31.69 -17.39
N ARG A 631 1.05 -31.62 -16.60
CA ARG A 631 1.17 -31.12 -15.23
C ARG A 631 2.30 -31.83 -14.50
N LYS A 632 2.35 -33.17 -14.53
CA LYS A 632 3.38 -33.91 -13.81
C LYS A 632 4.76 -33.58 -14.40
N SER A 633 4.85 -33.32 -15.69
CA SER A 633 6.11 -32.94 -16.33
C SER A 633 6.63 -31.57 -15.88
N GLY A 634 5.79 -30.65 -15.40
CA GLY A 634 6.31 -29.32 -15.03
C GLY A 634 6.55 -28.43 -16.23
N ASN A 635 7.29 -27.33 -16.01
CA ASN A 635 7.65 -26.43 -17.12
C ASN A 635 8.66 -27.06 -18.11
N ASN A 636 9.22 -28.23 -17.77
CA ASN A 636 10.10 -28.93 -18.69
C ASN A 636 9.34 -29.66 -19.77
N GLY A 637 8.07 -30.06 -19.49
CA GLY A 637 7.24 -30.73 -20.46
C GLY A 637 8.01 -31.94 -21.09
N VAL A 638 7.87 -32.01 -22.42
CA VAL A 638 8.46 -33.06 -23.22
C VAL A 638 8.70 -32.48 -24.60
N GLN A 639 9.79 -32.94 -25.24
CA GLN A 639 10.10 -32.54 -26.58
C GLN A 639 9.32 -33.48 -27.47
N LEU A 640 8.56 -32.89 -28.41
CA LEU A 640 7.80 -33.72 -29.35
C LEU A 640 8.70 -34.19 -30.50
N PRO A 641 8.41 -35.34 -31.19
CA PRO A 641 7.33 -36.25 -30.81
C PRO A 641 7.62 -37.10 -29.59
N VAL A 642 6.56 -37.45 -28.82
CA VAL A 642 6.63 -38.38 -27.71
C VAL A 642 6.96 -39.74 -28.30
N VAL A 643 7.91 -40.44 -27.67
CA VAL A 643 8.25 -41.79 -28.09
C VAL A 643 7.62 -42.84 -27.17
N SER A 644 7.59 -42.57 -25.88
CA SER A 644 6.96 -43.49 -24.94
C SER A 644 6.33 -42.75 -23.75
N TRP A 645 5.42 -43.49 -23.09
CA TRP A 645 4.82 -43.09 -21.83
C TRP A 645 4.59 -44.32 -20.96
N ASP A 646 4.92 -44.19 -19.66
CA ASP A 646 4.28 -45.01 -18.65
C ASP A 646 4.29 -44.23 -17.33
N GLU A 647 3.62 -44.77 -16.31
CA GLU A 647 3.41 -44.07 -15.05
C GLU A 647 4.75 -43.85 -14.34
N SER A 648 5.67 -44.81 -14.46
CA SER A 648 6.94 -44.76 -13.76
C SER A 648 7.95 -43.84 -14.44
N LYS A 649 7.94 -43.74 -15.79
CA LYS A 649 8.89 -42.96 -16.59
C LYS A 649 8.42 -41.56 -16.96
N GLY A 650 7.11 -41.36 -17.11
CA GLY A 650 6.59 -40.12 -17.67
C GLY A 650 6.68 -40.16 -19.18
N LEU A 651 6.42 -39.00 -19.77
CA LEU A 651 6.56 -38.72 -21.18
C LEU A 651 8.05 -38.70 -21.53
N VAL A 652 8.47 -39.57 -22.47
CA VAL A 652 9.80 -39.57 -23.08
C VAL A 652 9.69 -39.15 -24.54
N GLY A 653 10.47 -38.09 -24.93
CA GLY A 653 10.33 -37.49 -26.25
C GLY A 653 11.61 -37.50 -27.08
N THR A 654 11.79 -36.51 -27.93
CA THR A 654 12.76 -36.57 -29.01
C THR A 654 13.61 -35.31 -28.96
N GLU A 655 14.94 -35.48 -28.85
CA GLU A 655 15.83 -34.36 -28.69
C GLU A 655 16.11 -33.66 -30.01
N MET A 656 16.55 -34.45 -30.99
CA MET A 656 17.02 -33.91 -32.25
C MET A 656 16.40 -34.72 -33.37
N LEU A 657 16.02 -34.04 -34.46
CA LEU A 657 15.54 -34.75 -35.65
C LEU A 657 16.67 -35.11 -36.60
N TYR A 658 16.53 -36.22 -37.32
CA TYR A 658 17.30 -36.61 -38.47
C TYR A 658 18.67 -37.17 -38.09
N THR A 659 18.83 -37.70 -36.88
CA THR A 659 20.14 -38.16 -36.40
C THR A 659 20.51 -39.50 -37.07
N GLU A 660 19.62 -40.20 -37.78
CA GLU A 660 20.02 -41.40 -38.48
C GLU A 660 19.95 -41.14 -39.97
N GLY A 661 19.86 -39.90 -40.39
CA GLY A 661 19.96 -39.65 -41.83
C GLY A 661 18.68 -39.97 -42.62
N LYS A 662 17.53 -40.08 -41.95
CA LYS A 662 16.28 -40.35 -42.63
C LYS A 662 15.50 -39.06 -42.63
N PHE A 663 15.26 -38.48 -43.81
CA PHE A 663 14.59 -37.20 -43.94
C PHE A 663 13.11 -37.38 -44.32
N ASP A 664 12.32 -36.33 -44.22
CA ASP A 664 10.89 -36.36 -44.52
C ASP A 664 10.64 -36.12 -46.01
N THR A 665 10.99 -37.08 -46.87
CA THR A 665 10.77 -37.07 -48.30
C THR A 665 10.43 -38.49 -48.71
N ASP A 666 10.03 -38.66 -49.99
CA ASP A 666 9.60 -39.95 -50.52
C ASP A 666 10.65 -41.04 -50.29
N ASP A 667 11.95 -40.71 -50.47
CA ASP A 667 13.01 -41.70 -50.48
C ASP A 667 13.80 -41.71 -49.17
N GLY A 668 13.45 -40.86 -48.18
CA GLY A 668 14.24 -40.77 -46.96
C GLY A 668 15.52 -39.94 -47.10
N LYS A 669 15.81 -39.37 -48.28
CA LYS A 669 17.01 -38.58 -48.48
C LYS A 669 16.71 -37.08 -48.42
N ALA A 670 17.67 -36.28 -48.02
CA ALA A 670 17.57 -34.82 -48.13
C ALA A 670 17.80 -34.46 -49.59
N HIS A 671 17.06 -33.50 -50.11
CA HIS A 671 17.09 -33.12 -51.49
C HIS A 671 17.67 -31.71 -51.64
N PHE A 672 18.79 -31.58 -52.40
CA PHE A 672 19.34 -30.31 -52.82
C PHE A 672 18.40 -29.66 -53.81
N LYS A 673 18.41 -28.32 -53.87
CA LYS A 673 17.60 -27.56 -54.78
C LYS A 673 18.42 -26.50 -55.49
N PRO A 674 18.08 -26.15 -56.75
CA PRO A 674 18.71 -25.01 -57.45
C PRO A 674 18.30 -23.72 -56.75
N ALA A 675 19.21 -22.74 -56.69
CA ALA A 675 18.94 -21.44 -56.07
C ALA A 675 19.41 -20.30 -56.97
N PRO A 676 18.65 -19.89 -58.01
CA PRO A 676 19.13 -18.83 -58.91
C PRO A 676 19.17 -17.47 -58.22
N TRP A 677 20.16 -16.69 -58.59
CA TRP A 677 20.30 -15.31 -58.18
C TRP A 677 19.67 -14.48 -59.29
N ASN A 678 18.56 -13.78 -59.01
CA ASN A 678 17.88 -12.94 -59.97
C ASN A 678 17.81 -11.47 -59.55
N GLY A 679 18.65 -11.06 -58.59
CA GLY A 679 18.53 -9.71 -58.06
C GLY A 679 17.28 -9.54 -57.21
N LEU A 680 16.95 -8.26 -56.99
CA LEU A 680 15.75 -7.91 -56.26
C LEU A 680 14.56 -8.07 -57.21
N PRO A 681 13.32 -8.27 -56.68
CA PRO A 681 12.12 -8.24 -57.53
C PRO A 681 11.97 -6.86 -58.17
N ALA A 682 11.49 -6.82 -59.41
CA ALA A 682 11.30 -5.58 -60.12
C ALA A 682 10.41 -4.60 -59.34
N THR A 683 9.38 -5.08 -58.64
CA THR A 683 8.53 -4.20 -57.85
C THR A 683 9.37 -3.47 -56.79
N VAL A 684 10.26 -4.23 -56.11
CA VAL A 684 11.09 -3.65 -55.04
C VAL A 684 12.18 -2.77 -55.70
N GLN A 685 12.77 -3.25 -56.78
CA GLN A 685 13.83 -2.52 -57.48
C GLN A 685 13.32 -1.15 -57.94
N GLN A 686 12.05 -1.09 -58.42
CA GLN A 686 11.47 0.18 -58.83
C GLN A 686 11.42 1.18 -57.68
N GLN A 687 11.10 0.71 -56.46
CA GLN A 687 11.12 1.56 -55.27
C GLN A 687 12.57 2.03 -55.02
N LYS A 688 13.51 1.10 -55.02
CA LYS A 688 14.93 1.40 -54.83
C LYS A 688 15.49 2.39 -55.86
N ASP A 689 15.00 2.29 -57.12
CA ASP A 689 15.38 3.19 -58.19
C ASP A 689 14.83 4.59 -57.99
N LYS A 690 13.65 4.75 -57.38
CA LYS A 690 12.98 6.03 -57.27
C LYS A 690 13.37 6.75 -55.98
N TYR A 691 13.68 6.04 -54.90
CA TYR A 691 13.71 6.61 -53.58
C TYR A 691 15.03 6.27 -52.90
N ARG A 692 15.31 7.00 -51.79
CA ARG A 692 16.65 7.17 -51.24
C ARG A 692 16.97 6.04 -50.27
N PHE A 693 16.05 5.66 -49.37
CA PHE A 693 16.44 4.93 -48.19
C PHE A 693 15.88 3.50 -48.25
N TRP A 694 16.70 2.51 -47.85
CA TRP A 694 16.21 1.17 -47.57
C TRP A 694 15.43 1.15 -46.25
N LEU A 695 14.17 0.70 -46.29
CA LEU A 695 13.26 0.81 -45.17
C LEU A 695 13.15 -0.56 -44.51
N ASN A 696 14.27 -0.92 -43.85
CA ASN A 696 14.37 -2.09 -43.03
C ASN A 696 13.42 -1.86 -41.87
N ASN A 697 13.05 -2.97 -41.21
CA ASN A 697 11.97 -2.97 -40.25
C ASN A 697 11.97 -4.29 -39.47
N GLY A 698 11.38 -4.25 -38.27
CA GLY A 698 11.33 -5.41 -37.40
C GLY A 698 11.23 -5.01 -35.93
N ARG A 699 11.88 -5.81 -35.08
CA ARG A 699 11.57 -5.87 -33.67
C ARG A 699 12.43 -4.98 -32.84
N ASN A 700 11.79 -4.52 -31.75
CA ASN A 700 12.40 -3.90 -30.60
C ASN A 700 12.27 -4.88 -29.47
N ASN A 701 13.37 -5.01 -28.68
CA ASN A 701 13.38 -5.84 -27.47
C ASN A 701 12.18 -5.62 -26.56
N GLU A 702 11.85 -4.38 -26.28
CA GLU A 702 10.90 -4.08 -25.22
C GLU A 702 9.47 -4.24 -25.70
N VAL A 703 9.18 -3.93 -26.98
CA VAL A 703 7.84 -3.92 -27.56
C VAL A 703 7.47 -5.33 -28.09
N TRP A 704 6.29 -5.84 -27.67
CA TRP A 704 5.76 -7.09 -28.17
C TRP A 704 4.75 -6.77 -29.27
N GLN A 705 5.12 -7.11 -30.50
CA GLN A 705 4.21 -7.28 -31.61
C GLN A 705 3.46 -5.99 -31.85
N THR A 706 2.11 -5.99 -31.96
CA THR A 706 1.34 -4.79 -32.30
C THR A 706 1.04 -3.93 -31.06
N ALA A 707 1.72 -4.21 -29.93
CA ALA A 707 1.68 -3.39 -28.73
C ALA A 707 0.24 -3.36 -28.15
N TYR A 708 -0.42 -4.51 -28.23
CA TYR A 708 -1.81 -4.63 -27.83
C TYR A 708 -1.95 -4.43 -26.34
N HIS A 709 -1.10 -5.07 -25.52
CA HIS A 709 -0.90 -4.69 -24.13
C HIS A 709 -0.09 -3.39 -23.98
N ASP A 710 1.03 -3.27 -24.70
CA ASP A 710 2.02 -2.24 -24.42
C ASP A 710 1.49 -0.82 -24.59
N GLN A 711 0.51 -0.66 -25.49
CA GLN A 711 -0.16 0.62 -25.68
C GLN A 711 -0.79 1.16 -24.43
N TYR A 712 -1.14 0.31 -23.47
CA TYR A 712 -1.80 0.71 -22.24
C TYR A 712 -0.80 0.85 -21.07
N ASN A 713 0.47 0.55 -21.30
CA ASN A 713 1.50 0.54 -20.24
C ASN A 713 2.18 1.92 -20.22
N SER A 714 2.12 2.65 -19.06
CA SER A 714 2.62 4.03 -19.04
C SER A 714 4.15 4.07 -19.31
N LEU A 715 4.91 3.07 -18.79
CA LEU A 715 6.35 3.01 -18.99
C LEU A 715 6.64 2.77 -20.46
N MET A 716 5.95 1.86 -21.10
CA MET A 716 6.19 1.58 -22.52
C MET A 716 5.92 2.81 -23.38
N GLN A 717 4.85 3.52 -23.07
CA GLN A 717 4.43 4.68 -23.83
C GLN A 717 5.35 5.88 -23.61
N GLU A 718 5.91 6.02 -22.40
CA GLU A 718 6.89 7.03 -22.14
C GLU A 718 8.18 6.74 -22.93
N ARG A 719 8.58 5.46 -23.00
CA ARG A 719 9.81 5.08 -23.70
C ARG A 719 9.68 5.17 -25.22
N TYR A 720 8.55 4.68 -25.78
CA TYR A 720 8.28 4.59 -27.22
C TYR A 720 6.86 5.15 -27.44
N PRO A 721 6.61 6.46 -27.23
CA PRO A 721 5.30 7.04 -27.50
C PRO A 721 4.94 6.89 -28.99
N MET A 722 5.97 6.75 -29.86
CA MET A 722 5.75 6.67 -31.28
C MET A 722 6.74 5.64 -31.85
N ALA A 723 6.36 5.03 -32.99
CA ALA A 723 7.26 4.14 -33.69
C ALA A 723 8.51 4.96 -34.09
N TYR A 724 9.68 4.34 -33.94
CA TYR A 724 10.93 5.04 -34.21
C TYR A 724 11.55 4.48 -35.49
N ILE A 725 12.38 5.34 -36.11
CA ILE A 725 13.18 4.99 -37.26
C ILE A 725 14.66 5.31 -36.94
N GLU A 726 15.47 4.26 -36.87
CA GLU A 726 16.92 4.35 -36.74
C GLU A 726 17.46 4.95 -38.01
N MET A 727 18.17 6.08 -37.89
CA MET A 727 18.75 6.77 -39.03
C MET A 727 20.25 7.01 -38.82
N ASN A 728 21.01 6.89 -39.92
CA ASN A 728 22.42 7.31 -39.90
C ASN A 728 22.55 8.80 -39.51
N PRO A 729 23.39 9.20 -38.51
CA PRO A 729 23.54 10.60 -38.11
C PRO A 729 23.90 11.59 -39.21
N ASP A 730 24.65 11.12 -40.22
CA ASP A 730 25.04 11.99 -41.32
C ASP A 730 23.81 12.23 -42.23
N ASP A 731 23.01 11.20 -42.43
CA ASP A 731 21.73 11.35 -43.17
C ASP A 731 20.78 12.30 -42.41
N CYS A 732 20.78 12.22 -41.07
CA CYS A 732 20.03 13.07 -40.16
C CYS A 732 20.39 14.52 -40.36
N LYS A 733 21.67 14.81 -40.37
CA LYS A 733 22.18 16.15 -40.56
C LYS A 733 21.72 16.66 -41.90
N GLN A 734 21.79 15.83 -42.94
CA GLN A 734 21.38 16.23 -44.28
C GLN A 734 19.91 16.62 -44.31
N LEU A 735 19.06 15.87 -43.59
CA LEU A 735 17.65 16.21 -43.47
C LEU A 735 17.29 17.18 -42.32
N ASP A 736 18.28 17.75 -41.60
CA ASP A 736 18.06 18.63 -40.49
C ASP A 736 17.18 17.99 -39.44
N VAL A 737 17.35 16.70 -39.16
CA VAL A 737 16.62 16.05 -38.08
C VAL A 737 17.58 15.55 -37.00
N THR A 738 17.03 15.39 -35.82
CA THR A 738 17.67 14.76 -34.68
C THR A 738 16.64 13.93 -33.87
N GLY A 739 17.11 13.40 -32.72
CA GLY A 739 16.31 12.53 -31.90
C GLY A 739 15.01 13.24 -31.50
N GLY A 740 13.85 12.59 -31.73
CA GLY A 740 12.57 13.16 -31.28
C GLY A 740 11.88 14.08 -32.28
N ASP A 741 12.47 14.22 -33.47
CA ASP A 741 11.79 14.85 -34.60
C ASP A 741 10.88 13.79 -35.18
N ILE A 742 9.84 14.25 -35.86
CA ILE A 742 8.91 13.37 -36.53
C ILE A 742 9.19 13.54 -38.02
N VAL A 743 9.17 12.40 -38.71
CA VAL A 743 9.33 12.35 -40.15
C VAL A 743 8.16 11.59 -40.78
N GLU A 744 7.83 11.99 -42.00
CA GLU A 744 7.04 11.16 -42.90
C GLU A 744 7.98 10.23 -43.69
N VAL A 745 7.68 8.91 -43.73
CA VAL A 745 8.34 7.92 -44.56
C VAL A 745 7.36 7.51 -45.65
N TYR A 746 7.76 7.54 -46.90
CA TYR A 746 6.79 7.33 -47.97
C TYR A 746 7.40 6.78 -49.23
N ASN A 747 6.54 6.16 -50.04
CA ASN A 747 6.91 5.71 -51.36
C ASN A 747 5.63 5.64 -52.22
N ASP A 748 5.70 4.91 -53.34
CA ASP A 748 4.53 4.64 -54.18
C ASP A 748 3.45 3.82 -53.43
N PHE A 749 3.81 2.93 -52.49
CA PHE A 749 2.84 2.08 -51.79
C PHE A 749 2.08 2.78 -50.65
N GLY A 750 2.72 3.73 -49.97
CA GLY A 750 2.07 4.41 -48.86
C GLY A 750 2.91 5.50 -48.22
N SER A 751 2.35 6.06 -47.13
CA SER A 751 2.91 7.15 -46.34
C SER A 751 2.68 6.78 -44.88
N THR A 752 3.71 6.90 -44.01
CA THR A 752 3.57 6.70 -42.59
C THR A 752 4.48 7.66 -41.87
N PHE A 753 4.59 7.54 -40.57
CA PHE A 753 5.25 8.54 -39.74
C PHE A 753 6.01 7.84 -38.66
N ALA A 754 7.18 8.40 -38.33
CA ALA A 754 8.01 7.86 -37.25
C ALA A 754 8.71 8.99 -36.54
N MET A 755 9.12 8.72 -35.30
CA MET A 755 10.08 9.59 -34.64
C MET A 755 11.53 9.18 -34.98
N VAL A 756 12.37 10.16 -35.25
CA VAL A 756 13.75 9.97 -35.63
C VAL A 756 14.57 9.52 -34.40
N TYR A 757 15.38 8.47 -34.62
CA TYR A 757 16.26 7.86 -33.63
C TYR A 757 17.66 7.75 -34.26
N PRO A 758 18.51 8.77 -34.17
CA PRO A 758 19.88 8.66 -34.70
C PRO A 758 20.63 7.48 -34.10
N VAL A 759 21.25 6.67 -35.00
CA VAL A 759 21.95 5.47 -34.64
C VAL A 759 23.24 5.41 -35.49
N ALA A 760 24.37 5.54 -34.79
CA ALA A 760 25.70 5.59 -35.46
C ALA A 760 25.95 4.35 -36.32
N GLU A 761 25.38 3.19 -35.93
CA GLU A 761 25.70 1.92 -36.54
C GLU A 761 24.89 1.75 -37.82
N ILE A 762 23.91 2.60 -38.12
CA ILE A 762 23.13 2.49 -39.35
C ILE A 762 23.96 3.01 -40.49
N LYS A 763 23.92 2.29 -41.60
CA LYS A 763 24.64 2.70 -42.78
C LYS A 763 23.88 3.80 -43.51
N ARG A 764 24.68 4.65 -44.21
CA ARG A 764 24.15 5.74 -45.00
C ARG A 764 23.20 5.16 -46.07
N GLY A 765 22.02 5.81 -46.27
CA GLY A 765 21.01 5.36 -47.20
C GLY A 765 20.24 4.13 -46.70
N GLN A 766 20.47 3.70 -45.45
CA GLN A 766 19.70 2.65 -44.81
C GLN A 766 19.04 3.23 -43.54
N THR A 767 17.91 2.59 -43.11
CA THR A 767 17.11 2.95 -41.95
C THR A 767 16.57 1.66 -41.33
N PHE A 768 15.94 1.81 -40.14
CA PHE A 768 15.33 0.67 -39.48
C PHE A 768 14.13 1.22 -38.70
N MET A 769 12.91 0.81 -39.07
CA MET A 769 11.70 1.29 -38.38
C MET A 769 11.07 0.15 -37.59
N LEU A 770 10.63 0.44 -36.35
CA LEU A 770 9.80 -0.50 -35.59
C LEU A 770 8.55 -0.86 -36.39
N PHE A 771 8.26 -2.16 -36.50
CA PHE A 771 7.15 -2.69 -37.29
C PHE A 771 5.90 -2.79 -36.37
N GLY A 772 4.73 -2.87 -37.02
CA GLY A 772 3.50 -3.31 -36.31
C GLY A 772 2.90 -2.30 -35.33
N TYR A 773 3.36 -1.04 -35.27
CA TYR A 773 3.11 -0.28 -34.03
C TYR A 773 1.78 0.47 -34.10
N VAL A 774 1.35 0.87 -32.91
CA VAL A 774 0.11 1.59 -32.65
C VAL A 774 0.19 3.05 -33.00
N ASN A 775 1.37 3.63 -33.24
CA ASN A 775 1.45 5.03 -33.65
C ASN A 775 2.56 5.12 -34.70
N GLY A 776 2.18 5.06 -36.00
CA GLY A 776 3.11 5.02 -37.10
C GLY A 776 3.31 3.57 -37.50
N ILE A 777 2.49 3.14 -38.45
CA ILE A 777 2.44 1.77 -38.92
C ILE A 777 3.48 1.69 -40.05
N GLN A 778 4.50 0.87 -39.85
CA GLN A 778 5.59 0.71 -40.81
C GLN A 778 5.12 0.13 -42.17
N GLY A 779 4.18 -0.84 -42.09
CA GLY A 779 3.82 -1.68 -43.22
C GLY A 779 3.15 -0.94 -44.36
N ASP A 780 2.73 0.33 -44.15
CA ASP A 780 2.18 1.17 -45.22
C ASP A 780 3.14 1.28 -46.42
N VAL A 781 4.44 1.13 -46.16
CA VAL A 781 5.42 1.35 -47.21
C VAL A 781 5.99 0.03 -47.72
N THR A 782 5.55 -1.14 -47.19
CA THR A 782 5.92 -2.41 -47.78
C THR A 782 5.13 -2.64 -49.08
N THR A 783 5.73 -3.36 -50.03
CA THR A 783 5.16 -3.59 -51.35
C THR A 783 4.20 -4.77 -51.26
N ASP A 784 3.48 -5.03 -52.37
CA ASP A 784 2.63 -6.17 -52.51
C ASP A 784 3.40 -7.43 -52.93
N TRP A 785 4.72 -7.36 -53.13
CA TRP A 785 5.44 -8.44 -53.77
C TRP A 785 5.54 -9.64 -52.83
N THR A 786 5.31 -10.83 -53.40
CA THR A 786 5.51 -12.07 -52.66
C THR A 786 6.24 -13.08 -53.56
N ASP A 787 6.82 -14.07 -52.90
CA ASP A 787 7.46 -15.16 -53.64
C ASP A 787 6.38 -16.09 -54.28
N ARG A 788 6.83 -17.21 -54.84
CA ARG A 788 5.96 -18.14 -55.52
C ARG A 788 4.87 -18.71 -54.63
N ASN A 789 5.09 -18.82 -53.30
CA ASN A 789 4.13 -19.34 -52.36
C ASN A 789 3.37 -18.23 -51.61
N ILE A 790 3.43 -16.98 -52.11
CA ILE A 790 2.79 -15.84 -51.52
C ILE A 790 3.38 -15.55 -50.13
N ILE A 791 4.72 -15.52 -50.08
CA ILE A 791 5.46 -15.05 -48.91
C ILE A 791 5.95 -13.65 -49.23
N PRO A 792 5.54 -12.62 -48.45
CA PRO A 792 6.01 -11.24 -48.68
C PRO A 792 7.50 -11.01 -48.38
N TYR A 793 8.10 -10.13 -49.17
CA TYR A 793 9.39 -9.57 -48.88
C TYR A 793 9.17 -8.30 -48.04
N TYR A 794 8.72 -8.51 -46.81
CA TYR A 794 8.50 -7.42 -45.87
C TYR A 794 9.79 -6.62 -45.61
N LYS A 795 10.97 -7.26 -45.67
CA LYS A 795 12.22 -6.56 -45.42
C LYS A 795 12.78 -5.83 -46.64
N GLY A 796 12.00 -5.78 -47.76
CA GLY A 796 12.39 -5.29 -49.05
C GLY A 796 11.49 -4.16 -49.48
N THR A 797 11.83 -2.94 -49.08
CA THR A 797 11.23 -1.75 -49.60
C THR A 797 12.16 -0.53 -49.42
N TRP A 798 11.95 0.45 -50.30
CA TRP A 798 12.68 1.71 -50.29
C TRP A 798 11.67 2.88 -50.29
N GLY A 799 12.07 4.02 -49.75
CA GLY A 799 11.26 5.22 -49.68
C GLY A 799 12.10 6.45 -49.32
N ASP A 800 11.44 7.61 -49.38
CA ASP A 800 12.00 8.89 -48.99
C ASP A 800 11.46 9.30 -47.63
N ILE A 801 12.15 10.28 -47.06
CA ILE A 801 11.95 10.76 -45.71
C ILE A 801 11.86 12.27 -45.79
N ARG A 802 10.83 12.82 -45.13
CA ARG A 802 10.53 14.24 -45.12
C ARG A 802 10.35 14.65 -43.66
N LYS A 803 10.91 15.79 -43.26
CA LYS A 803 10.82 16.22 -41.86
C LYS A 803 9.42 16.83 -41.68
N VAL A 804 8.65 16.35 -40.67
CA VAL A 804 7.46 17.08 -40.22
C VAL A 804 7.84 18.17 -39.23
N GLY A 805 8.55 17.83 -38.16
CA GLY A 805 9.07 18.89 -37.28
C GLY A 805 9.54 18.28 -35.98
N SER A 806 9.86 19.14 -35.00
N SER A 806 9.83 19.13 -35.00
CA SER A 806 10.37 18.72 -33.70
CA SER A 806 10.38 18.71 -33.72
C SER A 806 9.26 18.48 -32.69
C SER A 806 9.28 18.50 -32.68
N MET A 807 9.16 17.27 -32.14
CA MET A 807 8.24 16.98 -31.02
C MET A 807 8.95 17.21 -29.68
N GLU A 808 8.76 18.40 -29.10
CA GLU A 808 9.50 18.86 -27.92
C GLU A 808 9.38 17.88 -26.80
N GLU A 809 8.16 17.35 -26.64
CA GLU A 809 7.80 16.42 -25.61
C GLU A 809 8.62 15.14 -25.74
N PHE A 810 8.79 14.64 -26.99
CA PHE A 810 9.61 13.46 -27.15
C PHE A 810 11.04 13.76 -26.71
N LYS A 811 11.53 14.96 -27.03
CA LYS A 811 12.89 15.31 -26.64
C LYS A 811 13.03 15.40 -25.12
N ARG A 812 11.97 15.79 -24.37
CA ARG A 812 12.04 15.95 -22.92
C ARG A 812 11.93 14.59 -22.20
N THR A 813 11.32 13.57 -22.82
CA THR A 813 10.93 12.37 -22.10
C THR A 813 11.53 11.10 -22.67
N VAL A 814 11.92 11.08 -23.94
CA VAL A 814 12.37 9.83 -24.57
C VAL A 814 13.91 9.84 -24.64
N SER A 815 14.56 8.73 -24.21
CA SER A 815 15.97 8.49 -24.49
C SER A 815 16.23 8.14 -25.96
N PHE A 816 17.16 8.85 -26.59
CA PHE A 816 17.71 8.55 -27.89
C PHE A 816 19.16 8.05 -27.78
N LYS A 817 19.55 7.50 -26.65
CA LYS A 817 20.88 6.96 -26.43
C LYS A 817 20.95 5.57 -27.05
N SER A 818 22.16 5.04 -27.13
CA SER A 818 22.46 3.91 -27.98
C SER A 818 21.90 2.64 -27.33
N ARG A 819 21.29 1.81 -28.17
CA ARG A 819 20.72 0.52 -27.75
C ARG A 819 21.69 -0.62 -28.07
N ARG A 820 22.90 -0.30 -28.57
CA ARG A 820 23.93 -1.32 -28.83
C ARG A 820 24.97 -1.28 -27.70
N PHE A 821 24.92 -2.24 -26.79
CA PHE A 821 25.71 -2.21 -25.59
C PHE A 821 27.21 -2.33 -25.92
N ALA A 822 28.02 -1.41 -25.36
N ALA A 822 28.04 -1.47 -25.33
CA ALA A 822 29.47 -1.51 -25.41
CA ALA A 822 29.49 -1.71 -25.30
C ALA A 822 30.04 -0.93 -24.12
C ALA A 822 30.02 -1.36 -23.90
N LEU B 1 -1.55 1.31 10.74
CA LEU B 1 -1.48 2.80 10.87
C LEU B 1 -0.72 3.31 9.63
N ARG B 2 0.60 3.33 9.75
CA ARG B 2 1.45 4.02 8.77
C ARG B 2 1.40 3.33 7.41
N THR B 3 1.34 4.16 6.35
CA THR B 3 1.29 3.68 4.98
C THR B 3 2.67 3.81 4.33
N THR B 4 3.59 4.61 4.91
CA THR B 4 4.87 4.89 4.26
C THR B 4 5.98 4.13 4.99
N LEU B 5 7.10 3.93 4.26
CA LEU B 5 8.31 3.37 4.82
C LEU B 5 9.01 4.44 5.64
N GLN B 6 9.74 4.01 6.69
CA GLN B 6 10.50 4.93 7.50
C GLN B 6 11.91 5.03 6.90
N TYR B 7 12.08 5.88 5.88
CA TYR B 7 13.39 6.18 5.34
C TYR B 7 14.29 6.94 6.30
N PRO B 8 15.58 6.57 6.45
CA PRO B 8 16.54 7.45 7.16
C PRO B 8 16.87 8.70 6.33
N ALA B 9 17.36 9.73 7.00
CA ALA B 9 17.90 10.92 6.34
C ALA B 9 19.43 10.81 6.41
N THR B 10 20.08 10.57 5.29
CA THR B 10 21.54 10.33 5.26
C THR B 10 22.22 11.43 4.47
N GLN B 11 23.11 12.16 5.11
CA GLN B 11 24.04 13.05 4.42
C GLN B 11 24.87 12.32 3.36
N VAL B 12 24.93 12.90 2.15
CA VAL B 12 25.78 12.40 1.07
C VAL B 12 27.04 13.26 1.01
N SER B 13 26.85 14.57 0.75
CA SER B 13 27.95 15.52 0.64
C SER B 13 27.32 16.90 0.53
N VAL B 14 28.14 17.93 0.37
CA VAL B 14 27.66 19.24 -0.03
C VAL B 14 27.71 19.29 -1.55
N ALA B 15 26.73 19.96 -2.17
CA ALA B 15 26.59 19.98 -3.63
C ALA B 15 27.82 20.51 -4.33
N LYS B 16 28.43 21.55 -3.74
CA LYS B 16 29.55 22.19 -4.41
C LYS B 16 30.83 21.33 -4.38
N ASN B 17 30.87 20.19 -3.70
CA ASN B 17 32.01 19.31 -3.79
C ASN B 17 31.89 18.43 -5.03
N LEU B 18 30.71 18.34 -5.65
CA LEU B 18 30.53 17.41 -6.76
C LEU B 18 31.10 18.05 -8.01
N LYS B 19 31.91 17.31 -8.75
CA LYS B 19 32.43 17.74 -10.03
C LYS B 19 31.50 17.20 -11.12
N ALA B 20 31.34 17.98 -12.21
CA ALA B 20 30.46 17.53 -13.29
C ALA B 20 30.91 16.15 -13.78
N ASN B 21 29.95 15.21 -13.82
CA ASN B 21 30.08 13.91 -14.47
C ASN B 21 31.14 13.03 -13.80
N GLU B 22 31.38 13.24 -12.49
CA GLU B 22 32.22 12.43 -11.64
C GLU B 22 31.34 11.81 -10.54
N PRO B 23 30.94 10.51 -10.65
CA PRO B 23 30.01 9.87 -9.72
C PRO B 23 30.60 9.79 -8.29
N VAL B 24 29.75 10.05 -7.29
CA VAL B 24 30.06 9.81 -5.89
C VAL B 24 29.27 8.58 -5.45
N SER B 25 29.92 7.67 -4.74
CA SER B 25 29.33 6.47 -4.18
C SER B 25 28.92 6.71 -2.76
N PHE B 26 27.78 6.12 -2.38
CA PHE B 26 27.30 6.15 -1.00
C PHE B 26 26.35 4.97 -0.88
N THR B 27 26.00 4.64 0.37
CA THR B 27 24.96 3.62 0.63
C THR B 27 23.70 4.32 1.18
N TYR B 28 22.55 3.82 0.70
CA TYR B 28 21.23 4.29 1.12
C TYR B 28 20.15 3.29 0.70
N PRO B 29 19.18 2.91 1.56
CA PRO B 29 19.03 3.38 2.94
C PRO B 29 19.75 2.60 4.01
N ASP B 30 20.65 1.68 3.59
CA ASP B 30 21.51 0.97 4.50
C ASP B 30 22.76 0.56 3.72
N THR B 31 23.71 -0.04 4.44
CA THR B 31 25.04 -0.30 3.87
C THR B 31 24.99 -1.40 2.84
N SER B 32 23.90 -2.19 2.65
CA SER B 32 23.85 -3.17 1.58
C SER B 32 23.22 -2.61 0.30
N SER B 33 22.87 -1.32 0.25
CA SER B 33 22.25 -0.73 -0.93
C SER B 33 23.19 0.28 -1.56
N PRO B 34 24.02 -0.07 -2.56
CA PRO B 34 24.93 0.91 -3.18
C PRO B 34 24.18 1.86 -4.11
N CYS B 35 24.59 3.14 -3.99
CA CYS B 35 24.03 4.25 -4.73
C CYS B 35 25.15 5.13 -5.31
N VAL B 36 24.78 5.90 -6.33
CA VAL B 36 25.60 6.92 -6.94
C VAL B 36 24.80 8.22 -7.00
N ALA B 37 25.47 9.36 -6.76
CA ALA B 37 25.00 10.69 -7.10
C ALA B 37 25.99 11.27 -8.11
N VAL B 38 25.46 11.96 -9.14
CA VAL B 38 26.30 12.61 -10.10
C VAL B 38 25.72 13.98 -10.44
N LYS B 39 26.57 14.99 -10.60
CA LYS B 39 26.25 16.26 -11.21
C LYS B 39 26.33 16.05 -12.71
N LEU B 40 25.21 16.22 -13.40
CA LEU B 40 25.21 15.98 -14.83
C LEU B 40 25.85 17.10 -15.63
N GLY B 41 25.81 18.34 -15.11
CA GLY B 41 26.44 19.47 -15.81
C GLY B 41 25.42 20.31 -16.55
N SER B 42 24.19 19.82 -16.66
CA SER B 42 23.12 20.45 -17.42
C SER B 42 21.81 20.17 -16.71
N PRO B 43 20.90 21.16 -16.49
CA PRO B 43 19.64 20.87 -15.76
C PRO B 43 18.86 19.71 -16.36
N VAL B 44 18.31 18.86 -15.50
CA VAL B 44 17.37 17.82 -15.93
C VAL B 44 16.11 17.86 -15.03
N PRO B 45 14.95 17.39 -15.51
CA PRO B 45 13.72 17.45 -14.71
C PRO B 45 13.98 16.74 -13.39
N GLY B 46 13.73 17.46 -12.31
CA GLY B 46 13.89 16.87 -10.99
C GLY B 46 15.33 16.79 -10.48
N GLY B 47 16.31 17.34 -11.22
CA GLY B 47 17.66 17.48 -10.70
C GLY B 47 17.69 18.46 -9.53
N VAL B 48 18.57 18.20 -8.55
CA VAL B 48 18.72 19.10 -7.43
C VAL B 48 20.07 19.86 -7.51
N GLY B 49 20.16 20.82 -6.59
CA GLY B 49 21.37 21.58 -6.38
C GLY B 49 21.29 22.91 -7.11
N PRO B 50 22.38 23.73 -7.04
CA PRO B 50 22.39 25.04 -7.66
C PRO B 50 22.06 25.03 -9.15
N ASN B 51 22.43 23.99 -9.89
CA ASN B 51 22.17 23.98 -11.33
C ASN B 51 21.11 22.93 -11.69
N ASN B 52 20.35 22.48 -10.68
CA ASN B 52 19.25 21.53 -10.87
C ASN B 52 19.69 20.31 -11.66
N ASP B 53 20.90 19.86 -11.36
CA ASP B 53 21.47 18.92 -12.29
C ASP B 53 22.03 17.74 -11.57
N ILE B 54 21.87 17.66 -10.24
CA ILE B 54 22.39 16.55 -9.50
C ILE B 54 21.28 15.50 -9.42
N VAL B 55 21.64 14.26 -9.74
CA VAL B 55 20.69 13.14 -9.64
C VAL B 55 21.36 12.02 -8.89
N ALA B 56 20.53 11.07 -8.38
CA ALA B 56 21.09 9.94 -7.67
C ALA B 56 20.22 8.71 -7.88
N TYR B 57 20.90 7.56 -7.87
CA TYR B 57 20.29 6.25 -8.16
C TYR B 57 20.81 5.13 -7.28
N SER B 58 19.93 4.13 -7.02
CA SER B 58 20.37 2.77 -6.75
C SER B 58 21.08 2.19 -7.97
N VAL B 59 22.25 1.58 -7.75
CA VAL B 59 23.01 1.04 -8.88
C VAL B 59 22.74 -0.46 -9.06
N LEU B 60 21.93 -1.11 -8.20
CA LEU B 60 21.63 -2.54 -8.41
C LEU B 60 20.64 -2.69 -9.58
N CYS B 61 20.99 -3.51 -10.57
CA CYS B 61 20.14 -3.67 -11.73
C CYS B 61 18.80 -4.22 -11.27
N THR B 62 17.70 -3.66 -11.76
CA THR B 62 16.37 -4.07 -11.40
C THR B 62 15.92 -5.35 -12.13
N HIS B 63 16.78 -5.90 -13.03
CA HIS B 63 16.59 -7.21 -13.60
C HIS B 63 16.88 -8.27 -12.54
N MET B 64 18.17 -8.59 -12.35
CA MET B 64 18.61 -9.60 -11.42
C MET B 64 19.77 -9.14 -10.52
N GLY B 65 19.98 -7.83 -10.40
CA GLY B 65 20.61 -7.35 -9.19
C GLY B 65 22.13 -7.16 -9.25
N PHE B 66 22.72 -7.28 -10.43
CA PHE B 66 24.16 -7.01 -10.50
C PHE B 66 24.38 -5.50 -10.27
N PRO B 67 25.42 -5.06 -9.54
CA PRO B 67 25.82 -3.66 -9.54
C PRO B 67 26.12 -3.17 -10.95
N THR B 68 25.47 -2.12 -11.36
CA THR B 68 25.66 -1.49 -12.66
C THR B 68 26.84 -0.55 -12.54
N SER B 69 27.37 -0.13 -13.69
CA SER B 69 28.48 0.83 -13.65
C SER B 69 28.07 2.07 -14.41
N TYR B 70 28.37 3.21 -13.82
CA TYR B 70 28.14 4.50 -14.45
C TYR B 70 29.15 4.71 -15.59
N ASP B 71 28.66 4.93 -16.83
CA ASP B 71 29.50 5.30 -17.94
C ASP B 71 29.48 6.82 -18.12
N LYS B 72 30.63 7.48 -17.92
CA LYS B 72 30.72 8.93 -17.98
C LYS B 72 30.48 9.47 -19.38
N SER B 73 30.83 8.73 -20.42
CA SER B 73 30.71 9.21 -21.78
C SER B 73 29.24 9.23 -22.26
N SER B 74 28.40 8.28 -21.82
CA SER B 74 27.01 8.26 -22.24
C SER B 74 26.04 8.81 -21.16
N LYS B 75 26.50 8.96 -19.89
CA LYS B 75 25.72 9.23 -18.71
C LYS B 75 24.61 8.19 -18.56
N THR B 76 25.01 6.92 -18.53
CA THR B 76 24.12 5.80 -18.31
C THR B 76 24.68 4.86 -17.27
N PHE B 77 23.84 3.94 -16.77
CA PHE B 77 24.26 2.84 -15.94
C PHE B 77 24.10 1.57 -16.77
N LYS B 78 25.16 0.76 -16.88
CA LYS B 78 25.16 -0.44 -17.71
C LYS B 78 25.31 -1.63 -16.80
N CYS B 79 24.58 -2.68 -17.12
CA CYS B 79 24.58 -3.88 -16.32
C CYS B 79 25.39 -4.92 -17.08
N PRO B 80 26.44 -5.54 -16.48
CA PRO B 80 27.14 -6.61 -17.18
C PRO B 80 26.41 -7.96 -17.26
N GLY B 81 25.24 -8.10 -16.59
CA GLY B 81 24.62 -9.42 -16.42
C GLY B 81 23.94 -9.85 -17.72
N HIS B 82 22.90 -9.11 -18.13
CA HIS B 82 22.17 -9.34 -19.38
C HIS B 82 22.02 -8.03 -20.13
N PHE B 83 22.92 -7.06 -19.92
CA PHE B 83 23.17 -5.95 -20.85
C PHE B 83 22.06 -4.87 -20.80
N THR B 84 21.32 -4.80 -19.66
CA THR B 84 20.41 -3.68 -19.48
C THR B 84 21.20 -2.36 -19.36
N GLU B 85 20.69 -1.29 -19.93
CA GLU B 85 21.27 0.05 -19.79
C GLU B 85 20.17 1.09 -19.47
N PHE B 86 20.41 1.89 -18.45
CA PHE B 86 19.48 2.91 -17.94
C PHE B 86 20.04 4.32 -18.16
N ASP B 87 19.14 5.26 -18.43
CA ASP B 87 19.47 6.64 -18.78
C ASP B 87 19.47 7.45 -17.49
N ALA B 88 20.65 8.00 -17.07
CA ALA B 88 20.73 8.82 -15.85
C ALA B 88 20.10 10.20 -16.08
N GLU B 89 19.88 10.55 -17.36
CA GLU B 89 19.30 11.82 -17.73
C GLU B 89 17.77 11.76 -17.90
N LYS B 90 17.17 10.56 -17.83
CA LYS B 90 15.72 10.38 -17.98
C LYS B 90 15.18 9.57 -16.81
N ALA B 91 15.68 9.85 -15.61
CA ALA B 91 15.15 9.24 -14.40
C ALA B 91 15.19 7.73 -14.49
N GLY B 92 16.32 7.19 -14.91
CA GLY B 92 16.49 5.75 -14.91
C GLY B 92 15.74 5.00 -15.99
N GLN B 93 15.22 5.70 -17.02
CA GLN B 93 14.51 5.05 -18.12
C GLN B 93 15.39 3.94 -18.71
N MET B 94 14.85 2.74 -18.90
CA MET B 94 15.56 1.66 -19.55
C MET B 94 15.72 1.94 -21.04
N ILE B 95 16.99 2.07 -21.54
CA ILE B 95 17.24 2.38 -22.93
C ILE B 95 16.98 1.14 -23.80
N CYS B 96 17.47 0.01 -23.27
CA CYS B 96 17.40 -1.34 -23.82
C CYS B 96 17.70 -2.25 -22.63
N GLY B 97 17.02 -3.44 -22.54
CA GLY B 97 17.38 -4.43 -21.55
C GLY B 97 16.21 -5.29 -21.16
N GLN B 98 16.45 -6.08 -20.14
CA GLN B 98 15.56 -7.12 -19.70
C GLN B 98 14.77 -6.77 -18.42
N ALA B 99 15.06 -5.61 -17.79
CA ALA B 99 14.32 -5.17 -16.62
C ALA B 99 12.91 -4.71 -16.99
N THR B 100 12.06 -4.74 -15.98
CA THR B 100 10.69 -4.23 -16.09
C THR B 100 10.50 -3.02 -15.18
N GLU B 101 11.57 -2.49 -14.63
CA GLU B 101 11.50 -1.28 -13.77
C GLU B 101 12.66 -0.36 -14.06
N ASN B 102 12.38 0.95 -14.08
CA ASN B 102 13.42 1.93 -14.20
C ASN B 102 14.36 1.85 -13.00
N LEU B 103 15.57 2.37 -13.21
CA LEU B 103 16.56 2.33 -12.15
C LEU B 103 16.04 3.19 -11.00
N PRO B 104 15.89 2.69 -9.75
CA PRO B 104 15.33 3.50 -8.65
C PRO B 104 16.10 4.82 -8.41
N ARG B 105 15.37 5.93 -8.21
CA ARG B 105 15.98 7.21 -7.96
C ARG B 105 16.12 7.40 -6.46
N VAL B 106 17.32 7.75 -5.95
CA VAL B 106 17.46 8.28 -4.60
C VAL B 106 17.02 9.74 -4.58
N LEU B 107 15.99 10.06 -3.79
CA LEU B 107 15.46 11.38 -3.60
C LEU B 107 16.38 12.12 -2.59
N LEU B 108 16.91 13.28 -3.10
CA LEU B 108 17.82 14.12 -2.39
C LEU B 108 17.08 15.40 -1.99
N ARG B 109 17.18 15.77 -0.70
CA ARG B 109 16.94 17.17 -0.34
C ARG B 109 18.21 18.00 -0.61
N TYR B 110 18.07 19.19 -1.19
CA TYR B 110 19.13 20.16 -1.33
C TYR B 110 18.78 21.39 -0.47
N ASP B 111 19.60 21.67 0.59
CA ASP B 111 19.43 22.79 1.49
C ASP B 111 20.40 23.91 1.06
N GLU B 112 19.86 25.03 0.58
CA GLU B 112 20.62 26.16 0.14
C GLU B 112 21.44 26.70 1.29
N ALA B 113 20.86 26.72 2.49
CA ALA B 113 21.49 27.32 3.66
C ALA B 113 22.87 26.70 4.02
N SER B 114 22.98 25.39 3.88
CA SER B 114 24.13 24.56 4.27
C SER B 114 24.90 24.00 3.06
N ASP B 115 24.29 24.06 1.85
CA ASP B 115 24.73 23.37 0.65
C ASP B 115 24.68 21.85 0.75
N ALA B 116 24.04 21.25 1.80
CA ALA B 116 23.92 19.81 1.99
C ALA B 116 22.97 19.15 0.98
N LEU B 117 23.40 17.96 0.54
CA LEU B 117 22.57 16.98 -0.11
C LEU B 117 22.29 15.88 0.90
N THR B 118 21.00 15.61 1.17
CA THR B 118 20.60 14.51 2.04
C THR B 118 19.70 13.55 1.25
N ALA B 119 20.06 12.26 1.24
CA ALA B 119 19.19 11.19 0.77
C ALA B 119 18.07 11.02 1.79
N VAL B 120 16.82 11.10 1.26
CA VAL B 120 15.64 11.09 2.15
C VAL B 120 14.58 10.07 1.78
N GLY B 121 14.74 9.39 0.62
CA GLY B 121 13.75 8.49 0.12
C GLY B 121 14.26 7.81 -1.14
N VAL B 122 13.48 6.84 -1.63
CA VAL B 122 13.75 6.20 -2.90
C VAL B 122 12.45 6.17 -3.69
N ASP B 123 12.52 6.50 -4.98
CA ASP B 123 11.42 6.34 -5.95
C ASP B 123 11.75 5.13 -6.84
N GLY B 124 10.96 4.05 -6.66
CA GLY B 124 11.20 2.75 -7.24
C GLY B 124 11.55 1.78 -6.14
N LEU B 125 11.50 0.48 -6.48
CA LEU B 125 11.88 -0.57 -5.56
C LEU B 125 13.29 -1.09 -5.92
N ILE B 126 14.18 -1.11 -4.91
CA ILE B 126 15.52 -1.60 -5.06
C ILE B 126 15.48 -3.12 -5.26
N TYR B 127 16.35 -3.64 -6.16
CA TYR B 127 16.51 -5.07 -6.38
C TYR B 127 16.59 -5.87 -5.09
N GLY B 128 15.94 -7.03 -5.08
CA GLY B 128 16.21 -8.09 -4.14
C GLY B 128 15.84 -7.73 -2.71
N ARG B 129 14.72 -6.97 -2.64
CA ARG B 129 14.17 -6.45 -1.38
C ARG B 129 12.64 -6.47 -1.43
N GLN B 130 12.06 -6.84 -0.31
CA GLN B 130 10.59 -6.86 -0.17
C GLN B 130 10.11 -5.42 -0.03
N ALA B 131 10.89 -4.58 0.69
CA ALA B 131 10.64 -3.13 0.81
C ALA B 131 11.98 -2.40 0.74
N ASN B 132 12.01 -1.13 0.32
CA ASN B 132 13.28 -0.40 0.28
C ASN B 132 13.96 -0.35 1.64
N VAL B 133 13.17 -0.28 2.73
CA VAL B 133 13.67 -0.27 4.09
C VAL B 133 13.55 -1.69 4.63
N ILE B 134 14.67 -2.33 4.97
CA ILE B 134 14.63 -3.67 5.48
C ILE B 134 14.63 -3.57 7.02
N ASN C 1 -9.21 -0.61 -1.48
CA ASN C 1 -8.67 -1.37 -0.35
C ASN C 1 -8.96 -0.60 0.95
N ASP C 2 -8.09 -0.77 1.94
CA ASP C 2 -8.47 -0.78 3.33
C ASP C 2 -7.71 0.23 4.17
N ARG C 3 -7.08 1.24 3.52
CA ARG C 3 -6.41 2.31 4.25
C ARG C 3 -6.23 3.49 3.31
N ILE C 4 -5.89 4.62 3.91
CA ILE C 4 -5.69 5.89 3.24
C ILE C 4 -4.47 6.53 3.91
N THR C 5 -3.69 7.28 3.10
CA THR C 5 -2.56 8.05 3.52
C THR C 5 -3.11 9.42 3.93
N LEU C 6 -2.92 9.79 5.21
CA LEU C 6 -3.40 11.08 5.66
C LEU C 6 -2.48 12.21 5.18
N PRO C 7 -3.06 13.41 4.96
CA PRO C 7 -2.25 14.61 4.60
C PRO C 7 -1.48 15.05 5.84
N PRO C 8 -0.18 15.34 5.75
CA PRO C 8 0.59 15.83 6.90
C PRO C 8 0.02 17.17 7.37
N ALA C 9 0.25 17.53 8.65
CA ALA C 9 -0.26 18.78 9.18
C ALA C 9 0.15 19.97 8.30
N ASN C 10 1.37 19.95 7.77
CA ASN C 10 1.94 21.08 7.00
C ASN C 10 1.72 20.89 5.49
N ALA C 11 0.86 19.97 5.08
CA ALA C 11 0.51 19.80 3.67
C ALA C 11 0.03 21.09 3.01
N GLN C 12 0.40 21.26 1.76
CA GLN C 12 -0.07 22.37 0.94
C GLN C 12 -1.57 22.21 0.77
N ARG C 13 -2.35 23.31 0.81
CA ARG C 13 -3.79 23.29 0.64
C ARG C 13 -4.19 24.40 -0.30
N THR C 14 -4.82 24.05 -1.42
CA THR C 14 -5.38 25.06 -2.31
C THR C 14 -6.90 24.93 -2.37
N ASN C 15 -7.53 25.96 -2.92
CA ASN C 15 -8.97 26.01 -3.13
C ASN C 15 -9.31 25.50 -4.53
N MET C 16 -10.38 24.69 -4.56
CA MET C 16 -10.95 24.20 -5.79
C MET C 16 -12.47 24.23 -5.66
N THR C 17 -13.14 24.79 -6.68
CA THR C 17 -14.57 24.69 -6.91
C THR C 17 -14.74 23.40 -7.69
N CYS C 18 -15.75 22.63 -7.34
CA CYS C 18 -16.12 21.47 -8.06
C CYS C 18 -16.16 21.69 -9.56
N HIS C 19 -15.58 20.71 -10.29
CA HIS C 19 -15.48 20.77 -11.74
C HIS C 19 -16.85 20.81 -12.47
N PHE C 20 -17.91 20.23 -11.89
CA PHE C 20 -19.11 19.79 -12.57
C PHE C 20 -20.25 20.78 -12.36
N CYS C 21 -21.23 20.45 -11.53
CA CYS C 21 -22.54 21.08 -11.72
C CYS C 21 -22.56 22.50 -11.16
N ILE C 22 -23.60 23.21 -11.58
CA ILE C 22 -23.93 24.58 -11.21
C ILE C 22 -23.68 24.93 -9.73
N VAL C 23 -23.96 24.04 -8.81
CA VAL C 23 -23.90 24.38 -7.40
C VAL C 23 -22.54 24.95 -7.02
N GLY C 24 -21.45 24.43 -7.57
CA GLY C 24 -20.18 25.05 -7.35
C GLY C 24 -19.68 24.82 -5.93
N CYS C 25 -19.91 23.63 -5.36
CA CYS C 25 -19.44 23.30 -4.05
C CYS C 25 -17.94 23.53 -3.90
N GLY C 26 -17.58 23.92 -2.67
CA GLY C 26 -16.21 24.26 -2.36
C GLY C 26 -15.49 23.02 -1.85
N TYR C 27 -14.26 22.91 -2.33
CA TYR C 27 -13.33 21.86 -1.97
C TYR C 27 -11.96 22.47 -1.72
N HIS C 28 -11.18 21.67 -0.97
CA HIS C 28 -9.78 21.87 -0.68
C HIS C 28 -9.00 20.75 -1.33
N VAL C 29 -7.84 21.11 -1.92
CA VAL C 29 -6.93 20.09 -2.49
C VAL C 29 -5.65 20.11 -1.63
N TYR C 30 -5.38 18.99 -0.95
CA TYR C 30 -4.20 18.77 -0.17
C TYR C 30 -3.20 18.06 -1.09
N LYS C 31 -1.95 18.58 -1.12
CA LYS C 31 -0.87 18.04 -1.96
C LYS C 31 0.37 17.88 -1.11
N TRP C 32 1.00 16.70 -1.18
CA TRP C 32 2.22 16.49 -0.42
C TRP C 32 3.08 15.40 -1.06
N PRO C 33 4.38 15.34 -0.77
CA PRO C 33 5.22 14.28 -1.36
C PRO C 33 4.71 12.87 -1.04
N GLU C 34 4.83 11.99 -2.01
CA GLU C 34 4.32 10.64 -1.91
C GLU C 34 4.83 9.90 -0.68
N LEU C 35 6.06 10.13 -0.28
CA LEU C 35 6.60 9.30 0.77
C LEU C 35 6.40 9.90 2.16
N GLN C 36 5.60 11.00 2.29
CA GLN C 36 5.23 11.57 3.55
C GLN C 36 3.77 11.20 3.85
N GLU C 37 3.44 11.25 5.15
CA GLU C 37 2.06 11.13 5.59
C GLU C 37 1.81 11.85 6.92
N GLY C 38 0.51 12.12 7.17
CA GLY C 38 0.03 12.65 8.43
C GLY C 38 -0.09 11.56 9.46
N GLY C 39 -0.06 12.01 10.73
CA GLY C 39 -0.35 11.17 11.89
C GLY C 39 -1.88 11.11 12.10
N ARG C 40 -2.32 10.08 12.80
CA ARG C 40 -3.75 9.93 13.14
C ARG C 40 -4.24 10.96 14.17
N ALA C 41 -3.36 11.42 15.09
CA ALA C 41 -3.73 12.47 16.04
C ALA C 41 -4.19 13.71 15.28
N PRO C 42 -5.28 14.41 15.75
CA PRO C 42 -5.92 15.45 14.96
C PRO C 42 -4.98 16.64 14.62
N GLU C 43 -4.08 16.95 15.55
CA GLU C 43 -3.12 18.04 15.31
C GLU C 43 -1.94 17.59 14.44
N GLN C 44 -1.83 16.29 14.08
CA GLN C 44 -0.75 15.78 13.24
C GLN C 44 -1.20 15.47 11.82
N ASN C 45 -2.39 15.90 11.43
CA ASN C 45 -2.84 15.80 10.05
C ASN C 45 -3.53 17.07 9.66
N ALA C 46 -3.55 17.31 8.35
CA ALA C 46 -4.07 18.53 7.75
C ALA C 46 -5.61 18.65 7.92
N LEU C 47 -6.33 17.53 8.09
CA LEU C 47 -7.81 17.60 8.22
C LEU C 47 -8.22 18.06 9.63
N GLY C 48 -7.34 17.92 10.61
CA GLY C 48 -7.62 18.22 11.99
C GLY C 48 -8.58 17.22 12.61
N LEU C 49 -8.56 15.94 12.17
CA LEU C 49 -9.56 14.97 12.62
C LEU C 49 -8.86 13.88 13.37
N ASP C 50 -9.61 13.21 14.26
CA ASP C 50 -8.96 12.30 15.19
C ASP C 50 -9.13 10.89 14.66
N PHE C 51 -8.09 10.34 14.03
CA PHE C 51 -8.17 9.01 13.47
C PHE C 51 -7.61 7.94 14.39
N ARG C 52 -7.45 8.27 15.69
CA ARG C 52 -7.07 7.27 16.67
C ARG C 52 -8.28 6.43 17.17
N LYS C 53 -9.50 6.82 16.78
CA LYS C 53 -10.73 6.17 17.17
C LYS C 53 -11.74 6.45 16.08
N GLN C 54 -12.80 5.65 16.06
CA GLN C 54 -13.82 5.78 14.99
C GLN C 54 -14.35 7.20 14.96
N LEU C 55 -14.54 7.76 13.77
CA LEU C 55 -15.15 9.07 13.69
C LEU C 55 -16.69 8.94 13.69
N PRO C 56 -17.40 9.95 14.25
CA PRO C 56 -18.85 9.93 14.29
C PRO C 56 -19.39 10.31 12.94
N PRO C 57 -20.71 10.15 12.69
CA PRO C 57 -21.31 10.57 11.43
C PRO C 57 -21.09 12.08 11.21
N LEU C 58 -21.00 12.50 9.96
CA LEU C 58 -20.81 13.87 9.49
C LEU C 58 -19.41 14.45 9.73
N ALA C 59 -18.51 13.75 10.39
CA ALA C 59 -17.20 14.28 10.74
C ALA C 59 -16.34 14.52 9.50
N VAL C 60 -16.54 13.71 8.43
CA VAL C 60 -15.69 13.83 7.26
C VAL C 60 -16.46 13.24 6.07
N THR C 61 -16.03 13.63 4.87
CA THR C 61 -16.23 12.88 3.65
C THR C 61 -14.84 12.50 3.12
N LEU C 62 -14.50 11.21 3.18
CA LEU C 62 -13.18 10.75 2.76
C LEU C 62 -13.25 9.28 2.41
N THR C 63 -12.95 9.00 1.12
CA THR C 63 -12.79 7.66 0.61
C THR C 63 -11.55 7.63 -0.28
N PRO C 64 -11.11 6.43 -0.66
CA PRO C 64 -10.00 6.30 -1.61
C PRO C 64 -10.22 6.98 -2.94
N ALA C 65 -11.52 7.10 -3.37
CA ALA C 65 -11.83 7.81 -4.61
C ALA C 65 -11.47 9.30 -4.54
N MET C 66 -11.30 9.82 -3.30
CA MET C 66 -11.01 11.23 -3.05
C MET C 66 -9.50 11.47 -2.90
N THR C 67 -8.70 10.43 -3.24
CA THR C 67 -7.26 10.47 -3.13
C THR C 67 -6.63 10.08 -4.46
N ASN C 68 -5.41 10.60 -4.71
CA ASN C 68 -4.64 10.11 -5.85
C ASN C 68 -3.15 10.35 -5.61
N VAL C 69 -2.33 9.84 -6.53
CA VAL C 69 -0.91 10.07 -6.64
C VAL C 69 -0.63 10.60 -8.02
N VAL C 70 -0.24 11.89 -8.13
CA VAL C 70 0.07 12.51 -9.42
C VAL C 70 1.61 12.45 -9.62
N THR C 71 1.99 12.40 -10.90
CA THR C 71 3.36 12.47 -11.37
C THR C 71 3.49 13.78 -12.14
N GLU C 72 4.31 14.69 -11.65
CA GLU C 72 4.46 16.03 -12.23
C GLU C 72 5.50 15.98 -13.38
N HIS C 73 5.57 17.09 -14.14
CA HIS C 73 6.54 17.26 -15.24
C HIS C 73 7.98 17.08 -14.78
N ASN C 74 8.30 17.34 -13.51
CA ASN C 74 9.60 16.99 -13.00
C ASN C 74 9.81 15.50 -12.65
N GLY C 75 8.85 14.63 -12.89
CA GLY C 75 8.94 13.21 -12.54
C GLY C 75 8.60 12.92 -11.07
N ARG C 76 8.38 13.92 -10.22
CA ARG C 76 8.16 13.67 -8.79
C ARG C 76 6.68 13.38 -8.53
N ARG C 77 6.47 12.47 -7.58
CA ARG C 77 5.17 11.91 -7.24
C ARG C 77 4.62 12.58 -5.97
N TYR C 78 3.36 12.99 -6.01
CA TYR C 78 2.71 13.69 -4.90
C TYR C 78 1.32 13.11 -4.63
N ASN C 79 1.07 12.80 -3.35
CA ASN C 79 -0.27 12.51 -2.86
C ASN C 79 -1.15 13.74 -3.04
N ILE C 80 -2.39 13.51 -3.52
CA ILE C 80 -3.40 14.55 -3.49
C ILE C 80 -4.64 14.00 -2.77
N MET C 81 -5.43 14.88 -2.14
CA MET C 81 -6.66 14.56 -1.45
C MET C 81 -7.59 15.74 -1.69
N VAL C 82 -8.72 15.46 -2.37
CA VAL C 82 -9.66 16.45 -2.84
C VAL C 82 -10.99 16.27 -2.08
N VAL C 83 -11.24 17.18 -1.11
CA VAL C 83 -12.28 16.97 -0.12
C VAL C 83 -13.08 18.24 0.06
N PRO C 84 -14.37 18.15 0.42
CA PRO C 84 -15.22 19.33 0.54
C PRO C 84 -14.85 20.21 1.75
N ASP C 85 -15.06 21.52 1.55
CA ASP C 85 -14.74 22.53 2.53
C ASP C 85 -15.96 22.60 3.46
N LYS C 86 -15.73 22.37 4.78
CA LYS C 86 -16.79 22.42 5.78
C LYS C 86 -17.29 23.85 6.00
N ALA C 87 -16.46 24.86 5.70
CA ALA C 87 -16.86 26.21 6.00
C ALA C 87 -17.33 26.92 4.77
N CYS C 88 -17.39 26.24 3.61
CA CYS C 88 -17.95 26.90 2.44
C CYS C 88 -19.48 26.99 2.60
N VAL C 89 -20.01 28.19 2.39
CA VAL C 89 -21.44 28.41 2.55
C VAL C 89 -22.27 27.64 1.55
N VAL C 90 -21.74 27.29 0.38
CA VAL C 90 -22.56 26.66 -0.67
C VAL C 90 -22.98 25.26 -0.22
N ASN C 91 -22.01 24.45 0.26
CA ASN C 91 -22.17 23.05 0.54
C ASN C 91 -21.94 22.67 1.99
N SER C 92 -21.36 23.53 2.81
CA SER C 92 -21.16 23.21 4.24
C SER C 92 -20.51 21.85 4.41
N GLY C 93 -19.44 21.53 3.68
CA GLY C 93 -18.79 20.22 3.72
C GLY C 93 -19.44 19.05 2.98
N LEU C 94 -20.54 19.25 2.24
CA LEU C 94 -21.14 18.18 1.45
C LEU C 94 -20.35 18.03 0.16
N SER C 95 -20.22 16.78 -0.28
CA SER C 95 -19.73 16.39 -1.59
C SER C 95 -20.78 15.51 -2.26
N SER C 96 -21.12 15.76 -3.52
CA SER C 96 -21.90 14.82 -4.28
C SER C 96 -21.03 13.64 -4.73
N THR C 97 -21.72 12.60 -5.26
CA THR C 97 -20.96 11.45 -5.82
C THR C 97 -20.07 11.90 -7.00
N ARG C 98 -20.43 13.01 -7.65
CA ARG C 98 -19.75 13.44 -8.87
C ARG C 98 -18.49 14.20 -8.51
N GLY C 99 -18.62 15.24 -7.69
CA GLY C 99 -17.50 16.00 -7.14
C GLY C 99 -16.55 15.18 -6.27
N GLY C 100 -17.10 14.16 -5.63
CA GLY C 100 -16.34 13.33 -4.70
C GLY C 100 -15.28 12.53 -5.44
N LYS C 101 -15.50 12.33 -6.74
CA LYS C 101 -14.53 11.58 -7.52
C LYS C 101 -13.47 12.49 -8.15
N MET C 102 -13.49 13.81 -7.91
CA MET C 102 -12.52 14.68 -8.62
C MET C 102 -11.06 14.16 -8.49
N ALA C 103 -10.58 13.75 -7.33
CA ALA C 103 -9.25 13.24 -7.16
C ALA C 103 -8.93 12.11 -8.16
N SER C 104 -9.87 11.19 -8.31
CA SER C 104 -9.75 10.05 -9.19
C SER C 104 -9.67 10.49 -10.64
N TYR C 105 -10.29 11.63 -10.96
CA TYR C 105 -10.41 12.08 -12.32
C TYR C 105 -9.38 13.18 -12.59
N MET C 106 -8.48 13.42 -11.65
CA MET C 106 -7.26 14.14 -12.02
C MET C 106 -6.39 13.22 -12.90
N TYR C 107 -5.56 13.86 -13.74
CA TYR C 107 -4.64 13.15 -14.62
C TYR C 107 -3.53 12.50 -13.79
N THR C 108 -3.40 11.17 -13.96
CA THR C 108 -2.26 10.38 -13.60
C THR C 108 -2.00 9.40 -14.74
N PRO C 109 -0.74 8.96 -14.91
CA PRO C 109 -0.41 8.05 -16.02
C PRO C 109 -1.05 6.66 -15.92
N THR C 110 -1.44 6.20 -14.73
CA THR C 110 -1.98 4.86 -14.54
C THR C 110 -3.47 4.81 -14.12
N GLY C 111 -4.09 5.94 -13.82
CA GLY C 111 -5.41 6.02 -13.23
C GLY C 111 -6.51 6.18 -14.27
N ASP C 112 -7.67 6.72 -13.77
CA ASP C 112 -8.82 6.97 -14.59
C ASP C 112 -8.55 7.96 -15.74
N GLY C 113 -7.60 8.91 -15.58
CA GLY C 113 -7.23 9.91 -16.55
C GLY C 113 -6.10 9.48 -17.51
N LYS C 114 -5.81 8.19 -17.51
CA LYS C 114 -4.63 7.68 -18.23
C LYS C 114 -4.75 7.97 -19.70
N GLN C 115 -5.97 8.02 -20.27
CA GLN C 115 -6.10 8.23 -21.71
C GLN C 115 -6.23 9.70 -22.11
N ARG C 116 -5.96 10.59 -21.18
CA ARG C 116 -5.99 12.01 -21.47
C ARG C 116 -5.17 12.33 -22.72
N LEU C 117 -5.66 13.24 -23.54
CA LEU C 117 -4.91 13.74 -24.67
C LEU C 117 -3.67 14.49 -24.14
N LYS C 118 -2.49 14.07 -24.60
CA LYS C 118 -1.20 14.57 -24.11
C LYS C 118 -0.43 15.36 -25.21
N ALA C 119 -0.88 15.29 -26.45
CA ALA C 119 -0.22 15.92 -27.57
C ALA C 119 -1.24 16.02 -28.68
N PRO C 120 -1.00 16.87 -29.69
CA PRO C 120 -1.79 16.84 -30.91
C PRO C 120 -1.83 15.42 -31.52
N ARG C 121 -3.05 15.00 -31.93
CA ARG C 121 -3.31 13.77 -32.65
C ARG C 121 -3.84 14.16 -34.05
N LEU C 122 -3.37 13.41 -35.04
CA LEU C 122 -3.64 13.64 -36.44
C LEU C 122 -4.09 12.30 -37.04
N TYR C 123 -5.22 12.36 -37.77
CA TYR C 123 -5.61 11.22 -38.59
C TYR C 123 -5.00 11.45 -39.95
N ALA C 124 -3.85 10.79 -40.17
CA ALA C 124 -3.09 10.96 -41.39
C ALA C 124 -3.62 10.02 -42.45
N ALA C 125 -4.87 10.32 -42.90
CA ALA C 125 -5.59 9.65 -43.99
C ALA C 125 -6.15 8.29 -43.56
N ASP C 126 -5.31 7.45 -42.92
CA ASP C 126 -5.64 6.07 -42.64
C ASP C 126 -5.12 5.56 -41.31
N GLN C 127 -4.71 6.46 -40.39
CA GLN C 127 -4.19 6.02 -39.10
C GLN C 127 -4.07 7.23 -38.18
N TRP C 128 -4.29 7.01 -36.92
CA TRP C 128 -3.98 7.98 -35.85
C TRP C 128 -2.48 8.00 -35.56
N VAL C 129 -1.89 9.20 -35.59
CA VAL C 129 -0.52 9.42 -35.16
C VAL C 129 -0.48 10.70 -34.32
N ASP C 130 0.58 10.82 -33.53
CA ASP C 130 0.91 12.09 -32.90
C ASP C 130 1.41 13.07 -33.96
N THR C 131 1.28 14.36 -33.72
CA THR C 131 2.03 15.37 -34.51
C THR C 131 2.45 16.50 -33.56
N THR C 132 3.23 17.47 -34.06
CA THR C 132 3.67 18.57 -33.25
C THR C 132 2.56 19.62 -33.20
N TRP C 133 2.64 20.45 -32.16
CA TRP C 133 1.80 21.64 -32.05
C TRP C 133 2.02 22.56 -33.23
N ASP C 134 3.30 22.77 -33.66
CA ASP C 134 3.53 23.67 -34.77
C ASP C 134 2.92 23.14 -36.07
N HIS C 135 3.03 21.82 -36.32
CA HIS C 135 2.43 21.25 -37.53
C HIS C 135 0.89 21.37 -37.44
N ALA C 136 0.32 21.05 -36.25
CA ALA C 136 -1.11 21.17 -35.99
C ALA C 136 -1.66 22.58 -36.27
N MET C 137 -0.92 23.58 -35.82
CA MET C 137 -1.30 24.98 -36.03
C MET C 137 -1.17 25.34 -37.51
N ALA C 138 -0.10 24.88 -38.14
CA ALA C 138 0.10 25.13 -39.56
C ALA C 138 -1.07 24.59 -40.38
N LEU C 139 -1.52 23.37 -40.06
CA LEU C 139 -2.63 22.72 -40.77
C LEU C 139 -3.98 23.42 -40.47
N TYR C 140 -4.19 23.74 -39.19
CA TYR C 140 -5.48 24.23 -38.72
C TYR C 140 -5.67 25.71 -39.08
N ALA C 141 -4.68 26.53 -38.70
CA ALA C 141 -4.59 27.93 -39.10
C ALA C 141 -4.52 28.02 -40.61
N GLY C 142 -3.73 27.16 -41.26
CA GLY C 142 -3.62 27.13 -42.71
C GLY C 142 -4.98 27.02 -43.40
N LEU C 143 -5.77 26.05 -42.95
CA LEU C 143 -7.13 25.83 -43.42
C LEU C 143 -8.07 27.00 -43.18
N ILE C 144 -8.06 27.50 -41.94
CA ILE C 144 -8.89 28.63 -41.56
C ILE C 144 -8.52 29.82 -42.45
N LYS C 145 -7.20 30.05 -42.66
CA LYS C 145 -6.75 31.16 -43.45
C LYS C 145 -7.23 31.00 -44.89
N LYS C 146 -7.10 29.78 -45.42
CA LYS C 146 -7.46 29.55 -46.81
C LYS C 146 -8.97 29.81 -46.94
N THR C 147 -9.75 29.32 -45.95
CA THR C 147 -11.19 29.46 -45.99
C THR C 147 -11.57 30.94 -45.89
N LEU C 148 -10.94 31.70 -44.97
CA LEU C 148 -11.16 33.14 -44.88
C LEU C 148 -10.87 33.84 -46.21
N ASP C 149 -9.76 33.50 -46.86
CA ASP C 149 -9.33 34.16 -48.09
C ASP C 149 -10.27 33.88 -49.26
N LYS C 150 -10.92 32.70 -49.29
CA LYS C 150 -11.68 32.25 -50.44
C LYS C 150 -13.18 32.31 -50.17
N ASP C 151 -13.63 31.83 -49.00
CA ASP C 151 -15.04 31.79 -48.65
C ASP C 151 -15.47 32.88 -47.68
N GLY C 152 -14.53 33.50 -46.94
CA GLY C 152 -14.86 34.37 -45.83
C GLY C 152 -15.20 33.59 -44.57
N PRO C 153 -15.50 34.29 -43.46
CA PRO C 153 -15.77 33.60 -42.18
C PRO C 153 -16.89 32.57 -42.17
N GLN C 154 -17.81 32.64 -43.14
CA GLN C 154 -18.98 31.74 -43.23
C GLN C 154 -18.56 30.29 -43.54
N GLY C 155 -17.31 30.06 -43.98
CA GLY C 155 -16.79 28.72 -44.18
C GLY C 155 -16.20 28.05 -42.91
N VAL C 156 -16.10 28.78 -41.78
CA VAL C 156 -15.41 28.30 -40.59
C VAL C 156 -16.43 28.09 -39.49
N PHE C 157 -16.59 26.84 -39.01
CA PHE C 157 -17.63 26.52 -38.06
C PHE C 157 -17.02 26.10 -36.72
N PHE C 158 -17.78 26.43 -35.67
CA PHE C 158 -17.49 25.96 -34.32
C PHE C 158 -18.78 25.46 -33.67
N SER C 159 -18.64 24.42 -32.84
CA SER C 159 -19.48 24.22 -31.70
C SER C 159 -18.58 24.32 -30.44
N CYS C 160 -18.90 25.23 -29.54
CA CYS C 160 -18.03 25.51 -28.39
C CYS C 160 -18.86 25.63 -27.13
N PHE C 161 -18.26 25.24 -25.99
CA PHE C 161 -18.77 25.55 -24.66
C PHE C 161 -19.02 27.05 -24.56
N ASP C 162 -20.08 27.43 -23.82
CA ASP C 162 -20.28 28.81 -23.37
C ASP C 162 -20.35 28.88 -21.84
N HIS C 163 -20.10 27.78 -21.16
CA HIS C 163 -20.48 27.60 -19.78
C HIS C 163 -19.27 27.87 -18.90
N GLY C 164 -19.45 27.66 -17.59
CA GLY C 164 -18.43 27.78 -16.58
C GLY C 164 -17.88 26.44 -16.10
N GLY C 165 -17.17 26.50 -14.96
CA GLY C 165 -16.47 25.35 -14.42
C GLY C 165 -15.53 24.65 -15.44
N ALA C 166 -15.30 23.34 -15.26
CA ALA C 166 -14.26 22.63 -16.01
C ALA C 166 -14.69 22.62 -17.46
N GLY C 167 -13.79 23.04 -18.38
CA GLY C 167 -14.10 23.18 -19.78
C GLY C 167 -14.97 24.36 -20.11
N GLY C 168 -14.91 25.35 -19.23
CA GLY C 168 -15.45 26.67 -19.46
C GLY C 168 -14.79 27.68 -18.52
N GLY C 169 -15.54 28.71 -18.16
CA GLY C 169 -15.09 29.73 -17.23
C GLY C 169 -14.66 31.00 -17.93
N PHE C 170 -14.51 32.04 -17.13
CA PHE C 170 -14.37 33.39 -17.69
C PHE C 170 -13.15 33.58 -18.59
N GLU C 171 -12.04 32.92 -18.22
CA GLU C 171 -10.82 32.95 -19.00
C GLU C 171 -11.08 32.32 -20.38
N ASN C 172 -11.70 31.11 -20.34
CA ASN C 172 -11.84 30.25 -21.52
C ASN C 172 -12.91 30.76 -22.48
N THR C 173 -14.09 31.20 -21.94
CA THR C 173 -15.14 31.75 -22.80
C THR C 173 -14.64 33.02 -23.46
N TRP C 174 -13.87 33.85 -22.75
CA TRP C 174 -13.27 35.06 -23.38
C TRP C 174 -12.30 34.69 -24.51
N GLY C 175 -11.46 33.67 -24.23
CA GLY C 175 -10.42 33.31 -25.18
C GLY C 175 -11.00 32.82 -26.49
N THR C 176 -11.96 31.88 -26.34
CA THR C 176 -12.61 31.31 -27.50
C THR C 176 -13.47 32.36 -28.20
N GLY C 177 -14.24 33.13 -27.41
CA GLY C 177 -15.12 34.11 -28.02
C GLY C 177 -14.36 35.22 -28.76
N LYS C 178 -13.26 35.66 -28.14
CA LYS C 178 -12.40 36.66 -28.83
C LYS C 178 -11.87 36.10 -30.15
N LEU C 179 -11.49 34.80 -30.14
CA LEU C 179 -10.95 34.15 -31.31
C LEU C 179 -12.06 34.06 -32.36
N MET C 180 -13.22 33.50 -31.99
CA MET C 180 -14.27 33.20 -32.96
C MET C 180 -14.85 34.49 -33.52
N PHE C 181 -15.10 35.43 -32.61
CA PHE C 181 -15.92 36.60 -32.95
C PHE C 181 -15.09 37.84 -33.28
N SER C 182 -14.04 38.18 -32.51
CA SER C 182 -13.32 39.41 -32.78
C SER C 182 -12.27 39.19 -33.89
N ALA C 183 -11.67 38.00 -33.93
CA ALA C 183 -10.54 37.73 -34.80
C ALA C 183 -10.96 37.11 -36.13
N ILE C 184 -11.48 35.88 -36.06
CA ILE C 184 -11.97 35.15 -37.23
C ILE C 184 -13.25 35.81 -37.74
N GLN C 185 -14.09 36.25 -36.79
CA GLN C 185 -15.36 36.94 -37.06
C GLN C 185 -16.37 36.00 -37.75
N THR C 186 -16.41 34.74 -37.30
CA THR C 186 -17.38 33.79 -37.86
C THR C 186 -18.70 33.88 -37.08
N PRO C 187 -19.84 33.97 -37.82
CA PRO C 187 -21.18 33.72 -37.24
C PRO C 187 -21.62 32.25 -37.18
N MET C 188 -20.78 31.33 -37.73
CA MET C 188 -21.18 29.96 -37.87
C MET C 188 -20.74 29.25 -36.62
N VAL C 189 -21.38 29.65 -35.48
CA VAL C 189 -21.00 29.13 -34.18
C VAL C 189 -22.26 28.66 -33.44
N ARG C 190 -22.25 27.40 -32.96
CA ARG C 190 -23.23 26.95 -32.00
C ARG C 190 -22.58 26.76 -30.63
N ILE C 191 -23.43 26.35 -29.67
CA ILE C 191 -23.10 26.26 -28.26
C ILE C 191 -23.12 24.77 -27.94
N HIS C 192 -22.48 24.41 -26.83
CA HIS C 192 -22.32 23.00 -26.49
C HIS C 192 -23.66 22.26 -26.39
N ASN C 193 -24.70 22.91 -25.85
CA ASN C 193 -25.98 22.23 -25.58
C ASN C 193 -27.10 22.63 -26.52
N ARG C 194 -26.86 23.53 -27.47
CA ARG C 194 -27.92 23.96 -28.35
C ARG C 194 -27.37 24.38 -29.68
N PRO C 195 -28.09 24.08 -30.79
CA PRO C 195 -27.53 24.25 -32.13
C PRO C 195 -27.53 25.59 -32.89
N ALA C 196 -27.53 26.69 -32.13
CA ALA C 196 -27.36 28.04 -32.66
C ALA C 196 -26.69 28.88 -31.58
N TYR C 197 -26.39 30.16 -31.93
CA TYR C 197 -25.89 31.12 -30.96
C TYR C 197 -27.07 31.92 -30.37
N ASN C 198 -27.64 31.36 -29.28
CA ASN C 198 -28.84 31.83 -28.65
C ASN C 198 -28.64 31.69 -27.13
N SER C 199 -29.73 31.99 -26.43
CA SER C 199 -29.90 31.87 -25.00
C SER C 199 -30.98 30.82 -24.68
N GLU C 200 -30.88 30.22 -23.52
CA GLU C 200 -31.93 29.36 -22.94
C GLU C 200 -33.09 30.21 -22.39
N CYS C 201 -32.89 31.52 -22.24
CA CYS C 201 -33.66 32.39 -21.37
C CYS C 201 -33.95 33.68 -22.09
N HIS C 202 -34.24 33.61 -23.38
CA HIS C 202 -34.69 34.77 -24.14
C HIS C 202 -35.94 35.43 -23.55
N ALA C 203 -37.00 34.68 -23.23
CA ALA C 203 -38.25 35.28 -22.76
C ALA C 203 -38.04 36.03 -21.43
N THR C 204 -37.56 35.34 -20.39
CA THR C 204 -37.35 35.95 -19.07
C THR C 204 -36.40 37.14 -19.14
N ARG C 205 -35.31 37.04 -19.92
CA ARG C 205 -34.46 38.22 -20.13
C ARG C 205 -35.25 39.36 -20.77
N GLU C 206 -35.94 39.09 -21.89
CA GLU C 206 -36.68 40.15 -22.57
C GLU C 206 -37.78 40.74 -21.66
N MET C 207 -38.28 39.98 -20.70
CA MET C 207 -39.31 40.46 -19.76
C MET C 207 -38.66 41.20 -18.60
N GLY C 208 -37.31 41.14 -18.52
CA GLY C 208 -36.48 42.01 -17.67
C GLY C 208 -35.94 41.28 -16.44
N ILE C 209 -36.01 39.96 -16.45
CA ILE C 209 -35.57 39.14 -15.35
C ILE C 209 -34.53 38.15 -15.87
N GLY C 210 -33.25 38.48 -15.60
CA GLY C 210 -32.17 37.52 -15.77
C GLY C 210 -32.47 36.30 -14.86
N GLU C 211 -32.02 35.14 -15.33
CA GLU C 211 -32.48 33.86 -14.82
C GLU C 211 -31.77 33.46 -13.53
N LEU C 212 -30.72 34.15 -13.10
CA LEU C 212 -30.10 33.81 -11.82
C LEU C 212 -30.21 35.04 -10.94
N ASN C 213 -31.40 35.27 -10.39
CA ASN C 213 -31.78 36.51 -9.74
C ASN C 213 -31.83 36.41 -8.23
N ASN C 214 -31.44 35.27 -7.64
CA ASN C 214 -31.55 35.16 -6.18
C ASN C 214 -30.26 34.61 -5.55
N ALA C 215 -30.32 34.34 -4.24
CA ALA C 215 -29.26 33.67 -3.50
C ALA C 215 -29.74 32.25 -3.15
N TYR C 216 -28.79 31.34 -2.86
CA TYR C 216 -29.15 30.05 -2.26
C TYR C 216 -29.85 30.24 -0.92
N GLU C 217 -29.52 31.32 -0.17
CA GLU C 217 -30.21 31.60 1.09
C GLU C 217 -31.74 31.79 0.89
N ASP C 218 -32.18 32.21 -0.31
CA ASP C 218 -33.56 32.37 -0.67
C ASP C 218 -34.33 31.05 -0.59
N ALA C 219 -33.71 29.95 -1.00
CA ALA C 219 -34.31 28.66 -0.79
C ALA C 219 -34.50 28.34 0.67
N GLN C 220 -33.64 28.88 1.56
CA GLN C 220 -33.88 28.72 3.00
C GLN C 220 -35.06 29.54 3.58
N LEU C 221 -35.40 30.67 2.95
CA LEU C 221 -36.36 31.62 3.49
C LEU C 221 -37.77 31.45 2.92
N ALA C 222 -37.90 30.58 1.89
CA ALA C 222 -39.15 30.46 1.18
C ALA C 222 -40.21 29.72 2.01
N ASP C 223 -41.49 30.11 1.77
CA ASP C 223 -42.63 29.29 2.21
C ASP C 223 -42.80 28.05 1.31
N VAL C 224 -42.62 28.27 0.02
CA VAL C 224 -42.92 27.25 -0.97
C VAL C 224 -41.82 27.26 -1.97
N ILE C 225 -41.37 26.07 -2.39
CA ILE C 225 -40.44 25.97 -3.52
C ILE C 225 -41.13 25.20 -4.64
N TRP C 226 -41.18 25.78 -5.83
CA TRP C 226 -41.51 25.03 -7.05
C TRP C 226 -40.22 24.55 -7.72
N SER C 227 -40.18 23.25 -8.12
CA SER C 227 -39.14 22.69 -8.97
C SER C 227 -39.84 22.25 -10.28
N ILE C 228 -39.70 23.05 -11.31
CA ILE C 228 -40.36 22.91 -12.61
C ILE C 228 -39.39 22.33 -13.65
N GLY C 229 -39.63 21.12 -14.13
CA GLY C 229 -38.77 20.50 -15.14
C GLY C 229 -37.35 20.25 -14.61
N ASN C 230 -37.30 19.67 -13.39
CA ASN C 230 -36.15 19.77 -12.55
C ASN C 230 -36.08 18.60 -11.61
N ASN C 231 -34.90 17.89 -11.61
CA ASN C 231 -34.70 16.71 -10.79
C ASN C 231 -33.57 17.00 -9.79
N PRO C 232 -33.74 17.97 -8.87
CA PRO C 232 -32.59 18.59 -8.19
C PRO C 232 -31.79 17.76 -7.21
N TYR C 233 -32.35 16.70 -6.66
CA TYR C 233 -31.55 15.81 -5.82
C TYR C 233 -30.45 15.18 -6.67
N GLU C 234 -30.80 14.87 -7.95
CA GLU C 234 -29.83 14.22 -8.85
C GLU C 234 -28.98 15.27 -9.63
N SER C 235 -29.51 16.46 -9.92
CA SER C 235 -28.99 17.39 -10.91
C SER C 235 -28.35 18.62 -10.27
N GLN C 236 -28.74 18.97 -9.03
CA GLN C 236 -28.21 20.06 -8.25
C GLN C 236 -28.07 19.66 -6.79
N THR C 237 -27.53 18.47 -6.55
CA THR C 237 -27.59 17.75 -5.27
C THR C 237 -27.39 18.64 -4.05
N ASN C 238 -26.31 19.37 -3.97
CA ASN C 238 -25.96 19.96 -2.67
C ASN C 238 -26.73 21.29 -2.46
N TYR C 239 -27.34 21.86 -3.51
CA TYR C 239 -28.26 22.99 -3.30
C TYR C 239 -29.53 22.41 -2.64
N PHE C 240 -30.00 21.31 -3.21
CA PHE C 240 -31.14 20.57 -2.64
C PHE C 240 -30.83 20.14 -1.19
N LEU C 241 -29.65 19.54 -0.96
CA LEU C 241 -29.34 18.96 0.34
C LEU C 241 -29.04 19.99 1.40
N ASN C 242 -28.33 21.05 1.04
CA ASN C 242 -27.78 21.97 2.01
C ASN C 242 -28.74 23.16 2.21
N HIS C 243 -29.62 23.43 1.22
CA HIS C 243 -30.50 24.58 1.31
C HIS C 243 -31.99 24.20 1.38
N TRP C 244 -32.47 23.36 0.45
CA TRP C 244 -33.87 23.06 0.35
C TRP C 244 -34.33 22.23 1.53
N LEU C 245 -33.60 21.17 1.83
CA LEU C 245 -34.08 20.19 2.78
C LEU C 245 -34.09 20.81 4.18
N PRO C 246 -33.07 21.60 4.59
CA PRO C 246 -33.15 22.28 5.89
C PRO C 246 -34.41 23.15 6.12
N ASN C 247 -34.91 23.74 5.02
CA ASN C 247 -36.14 24.50 5.03
C ASN C 247 -37.30 23.53 5.28
N LEU C 248 -37.41 22.46 4.48
CA LEU C 248 -38.48 21.49 4.65
C LEU C 248 -38.46 20.86 6.05
N GLN C 249 -37.27 20.71 6.65
CA GLN C 249 -37.16 20.15 8.01
C GLN C 249 -37.46 21.11 9.15
N GLY C 250 -37.58 22.44 8.88
CA GLY C 250 -37.90 23.42 9.89
C GLY C 250 -36.65 23.99 10.60
N ALA C 251 -35.46 23.71 10.07
CA ALA C 251 -34.23 24.24 10.60
C ALA C 251 -34.10 25.74 10.28
N THR C 252 -34.79 26.29 9.25
CA THR C 252 -34.66 27.69 8.89
C THR C 252 -35.81 28.55 9.41
N THR C 253 -36.79 27.99 10.10
CA THR C 253 -37.97 28.73 10.54
C THR C 253 -37.55 29.94 11.40
N SER C 254 -36.60 29.73 12.34
CA SER C 254 -36.31 30.78 13.29
C SER C 254 -35.63 31.97 12.56
N LYS C 255 -34.94 31.68 11.46
CA LYS C 255 -34.28 32.70 10.65
C LYS C 255 -35.33 33.48 9.85
N LYS C 256 -36.30 32.80 9.23
CA LYS C 256 -37.42 33.54 8.63
C LYS C 256 -38.07 34.51 9.65
N LYS C 257 -38.38 34.01 10.84
CA LYS C 257 -39.10 34.80 11.84
C LYS C 257 -38.25 35.98 12.32
N GLU C 258 -36.94 35.82 12.39
CA GLU C 258 -36.07 36.89 12.87
C GLU C 258 -36.04 38.01 11.83
N ARG C 259 -36.01 37.63 10.55
CA ARG C 259 -36.09 38.58 9.45
C ARG C 259 -37.43 39.28 9.34
N PHE C 260 -38.54 38.57 9.59
CA PHE C 260 -39.87 39.13 9.37
C PHE C 260 -40.70 38.89 10.63
N PRO C 261 -40.52 39.75 11.68
CA PRO C 261 -41.18 39.54 12.96
C PRO C 261 -42.72 39.43 12.97
N ASN C 262 -43.38 39.94 11.91
CA ASN C 262 -44.84 40.09 11.91
C ASN C 262 -45.44 39.33 10.74
N GLU C 263 -44.76 38.25 10.32
CA GLU C 263 -45.19 37.39 9.23
C GLU C 263 -45.24 35.93 9.71
N ASN C 264 -46.35 35.24 9.40
CA ASN C 264 -46.49 33.82 9.67
C ASN C 264 -45.59 33.05 8.71
N PHE C 265 -44.98 32.01 9.22
CA PHE C 265 -44.20 31.10 8.38
C PHE C 265 -44.71 29.68 8.67
N PRO C 266 -45.58 29.12 7.81
CA PRO C 266 -46.03 27.76 7.99
C PRO C 266 -44.85 26.85 7.64
N GLN C 267 -45.06 25.57 7.91
CA GLN C 267 -44.15 24.56 7.46
C GLN C 267 -44.02 24.71 5.95
N ALA C 268 -42.76 24.55 5.51
CA ALA C 268 -42.46 24.75 4.12
C ALA C 268 -42.98 23.58 3.32
N ARG C 269 -43.35 23.90 2.09
CA ARG C 269 -43.89 22.93 1.15
C ARG C 269 -43.16 23.05 -0.19
N ILE C 270 -43.33 22.01 -1.03
CA ILE C 270 -42.61 21.88 -2.26
C ILE C 270 -43.54 21.33 -3.35
N ILE C 271 -43.49 21.95 -4.51
CA ILE C 271 -44.30 21.56 -5.67
C ILE C 271 -43.37 21.17 -6.81
N PHE C 272 -43.54 19.96 -7.39
CA PHE C 272 -42.79 19.52 -8.56
C PHE C 272 -43.66 19.48 -9.81
N VAL C 273 -43.37 20.21 -10.85
CA VAL C 273 -43.97 20.05 -12.17
C VAL C 273 -43.02 19.21 -13.06
N ASP C 274 -43.39 17.95 -13.16
CA ASP C 274 -42.58 16.97 -13.87
C ASP C 274 -43.51 15.83 -14.26
N PRO C 275 -43.61 15.48 -15.57
CA PRO C 275 -44.31 14.28 -15.98
C PRO C 275 -43.91 13.02 -15.23
N ARG C 276 -42.64 12.97 -14.75
CA ARG C 276 -42.12 11.80 -14.09
C ARG C 276 -42.01 11.95 -12.59
N GLU C 277 -42.29 10.86 -11.88
CA GLU C 277 -42.00 10.75 -10.47
C GLU C 277 -40.52 10.35 -10.32
N THR C 278 -39.72 11.31 -9.85
CA THR C 278 -38.28 11.21 -9.80
C THR C 278 -37.86 10.88 -8.39
N PRO C 279 -36.56 10.54 -8.22
CA PRO C 279 -35.95 10.45 -6.90
C PRO C 279 -36.18 11.68 -6.02
N SER C 280 -36.15 12.87 -6.66
CA SER C 280 -36.35 14.11 -5.96
C SER C 280 -37.77 14.16 -5.30
N VAL C 281 -38.80 13.73 -6.06
CA VAL C 281 -40.16 13.65 -5.52
C VAL C 281 -40.18 12.69 -4.35
N ALA C 282 -39.57 11.50 -4.54
CA ALA C 282 -39.60 10.50 -3.48
C ALA C 282 -38.92 11.03 -2.21
N ILE C 283 -37.77 11.68 -2.36
CA ILE C 283 -36.96 12.06 -1.21
C ILE C 283 -37.67 13.26 -0.53
N ALA C 284 -38.30 14.14 -1.30
CA ALA C 284 -39.09 15.23 -0.71
C ALA C 284 -40.23 14.67 0.15
N ARG C 285 -40.84 13.56 -0.29
CA ARG C 285 -41.96 12.95 0.48
C ARG C 285 -41.43 12.34 1.78
N HIS C 286 -40.24 11.75 1.68
CA HIS C 286 -39.60 11.10 2.81
C HIS C 286 -39.31 12.14 3.85
N VAL C 287 -38.82 13.33 3.43
CA VAL C 287 -38.36 14.31 4.38
C VAL C 287 -39.55 15.11 4.89
N ALA C 288 -40.43 15.58 4.00
CA ALA C 288 -41.48 16.53 4.39
C ALA C 288 -42.83 15.89 4.75
N GLY C 289 -43.04 14.59 4.41
CA GLY C 289 -44.37 13.99 4.46
C GLY C 289 -45.09 14.17 3.11
N ASN C 290 -46.00 13.26 2.79
CA ASN C 290 -46.79 13.36 1.55
C ASN C 290 -47.67 14.61 1.52
N ASP C 291 -48.05 15.12 2.69
CA ASP C 291 -48.96 16.26 2.77
C ASP C 291 -48.33 17.60 2.44
N ARG C 292 -46.98 17.67 2.36
CA ARG C 292 -46.27 18.90 2.08
C ARG C 292 -45.53 18.85 0.74
N VAL C 293 -45.81 17.82 -0.06
CA VAL C 293 -45.32 17.68 -1.40
C VAL C 293 -46.53 17.58 -2.32
N LEU C 294 -46.54 18.36 -3.40
CA LEU C 294 -47.45 18.19 -4.54
C LEU C 294 -46.64 17.85 -5.77
N HIS C 295 -46.75 16.62 -6.23
CA HIS C 295 -46.29 16.24 -7.53
C HIS C 295 -47.36 16.51 -8.60
N LEU C 296 -47.20 17.63 -9.37
CA LEU C 296 -48.04 17.91 -10.52
C LEU C 296 -47.47 17.14 -11.71
N ALA C 297 -47.96 15.90 -11.86
CA ALA C 297 -47.48 14.97 -12.84
C ALA C 297 -48.13 15.28 -14.18
N ILE C 298 -47.77 16.41 -14.79
CA ILE C 298 -48.37 16.85 -16.01
C ILE C 298 -48.13 15.88 -17.15
N GLU C 299 -49.03 15.98 -18.14
CA GLU C 299 -48.77 15.41 -19.44
C GLU C 299 -47.57 16.09 -20.06
N PRO C 300 -46.70 15.32 -20.74
CA PRO C 300 -45.53 15.91 -21.39
C PRO C 300 -45.90 17.10 -22.27
N GLY C 301 -45.11 18.15 -22.21
CA GLY C 301 -45.23 19.31 -23.07
C GLY C 301 -46.33 20.29 -22.65
N THR C 302 -46.99 20.14 -21.48
CA THR C 302 -48.20 20.93 -21.18
C THR C 302 -47.93 22.05 -20.18
N ASP C 303 -46.67 22.36 -19.87
CA ASP C 303 -46.30 23.41 -18.94
C ASP C 303 -46.99 24.77 -19.21
N THR C 304 -47.14 25.15 -20.49
CA THR C 304 -47.73 26.42 -20.83
C THR C 304 -49.19 26.45 -20.37
N ALA C 305 -49.92 25.34 -20.61
CA ALA C 305 -51.29 25.22 -20.15
C ALA C 305 -51.39 25.32 -18.63
N LEU C 306 -50.51 24.59 -17.94
CA LEU C 306 -50.41 24.63 -16.48
C LEU C 306 -50.36 26.06 -15.96
N PHE C 307 -49.35 26.84 -16.44
CA PHE C 307 -49.10 28.18 -15.94
C PHE C 307 -50.20 29.14 -16.35
N ASN C 308 -50.76 29.03 -17.54
CA ASN C 308 -51.86 29.87 -17.96
C ASN C 308 -53.11 29.69 -17.09
N GLY C 309 -53.37 28.41 -16.69
CA GLY C 309 -54.48 28.09 -15.80
C GLY C 309 -54.23 28.62 -14.39
N LEU C 310 -52.98 28.49 -13.87
CA LEU C 310 -52.65 29.04 -12.55
C LEU C 310 -52.71 30.58 -12.55
N PHE C 311 -52.18 31.20 -13.61
CA PHE C 311 -52.20 32.66 -13.72
C PHE C 311 -53.64 33.15 -13.77
N THR C 312 -54.48 32.49 -14.59
CA THR C 312 -55.87 32.88 -14.71
C THR C 312 -56.53 32.80 -13.34
N TYR C 313 -56.29 31.73 -12.63
CA TYR C 313 -56.95 31.46 -11.34
C TYR C 313 -56.50 32.48 -10.28
N VAL C 314 -55.18 32.71 -10.11
CA VAL C 314 -54.73 33.67 -9.11
C VAL C 314 -55.24 35.10 -9.43
N VAL C 315 -55.38 35.48 -10.71
CA VAL C 315 -55.98 36.74 -11.11
C VAL C 315 -57.47 36.76 -10.70
N GLU C 316 -58.20 35.70 -11.02
CA GLU C 316 -59.62 35.67 -10.68
C GLU C 316 -59.86 35.69 -9.17
N GLN C 317 -59.02 35.01 -8.37
CA GLN C 317 -59.10 35.04 -6.92
C GLN C 317 -58.60 36.35 -6.32
N GLY C 318 -57.88 37.19 -7.10
CA GLY C 318 -57.23 38.36 -6.56
C GLY C 318 -55.98 37.99 -5.74
N TRP C 319 -55.36 36.81 -5.95
CA TRP C 319 -54.16 36.41 -5.27
C TRP C 319 -52.94 36.89 -6.04
N ILE C 320 -52.87 38.22 -6.20
CA ILE C 320 -51.88 38.92 -6.98
C ILE C 320 -51.52 40.17 -6.20
N ASP C 321 -50.38 40.77 -6.56
CA ASP C 321 -49.91 42.02 -5.99
C ASP C 321 -50.28 43.20 -6.90
N LYS C 322 -51.46 43.79 -6.69
CA LYS C 322 -51.94 44.85 -7.57
C LYS C 322 -51.09 46.11 -7.46
N PRO C 323 -50.63 46.56 -6.25
CA PRO C 323 -49.68 47.66 -6.18
C PRO C 323 -48.34 47.41 -6.91
N PHE C 324 -47.82 46.18 -6.82
CA PHE C 324 -46.63 45.79 -7.54
C PHE C 324 -46.87 45.86 -9.05
N ILE C 325 -47.96 45.28 -9.54
CA ILE C 325 -48.32 45.30 -10.94
C ILE C 325 -48.39 46.74 -11.46
N GLU C 326 -49.08 47.60 -10.73
CA GLU C 326 -49.35 48.95 -11.13
C GLU C 326 -48.04 49.74 -11.19
N ALA C 327 -47.14 49.62 -10.20
CA ALA C 327 -45.93 50.44 -10.11
C ALA C 327 -44.80 49.93 -11.03
N HIS C 328 -44.69 48.63 -11.26
CA HIS C 328 -43.42 48.02 -11.67
C HIS C 328 -43.56 47.07 -12.88
N THR C 329 -44.73 47.08 -13.58
CA THR C 329 -44.92 46.10 -14.64
C THR C 329 -45.62 46.79 -15.79
N LYS C 330 -45.67 46.09 -16.92
CA LYS C 330 -46.36 46.57 -18.11
C LYS C 330 -46.90 45.36 -18.83
N GLY C 331 -48.14 45.50 -19.33
CA GLY C 331 -48.78 44.51 -20.19
C GLY C 331 -49.64 43.48 -19.44
N PHE C 332 -49.93 43.70 -18.14
CA PHE C 332 -50.68 42.74 -17.35
C PHE C 332 -52.06 42.42 -17.96
N ASP C 333 -52.83 43.48 -18.26
CA ASP C 333 -54.21 43.36 -18.73
C ASP C 333 -54.27 42.61 -20.03
N ASP C 334 -53.27 42.83 -20.92
CA ASP C 334 -53.13 42.05 -22.14
C ASP C 334 -52.93 40.57 -21.84
N ALA C 335 -52.04 40.25 -20.90
CA ALA C 335 -51.70 38.87 -20.59
C ALA C 335 -52.90 38.14 -19.97
N VAL C 336 -53.70 38.85 -19.16
CA VAL C 336 -54.93 38.28 -18.61
C VAL C 336 -55.82 37.79 -19.76
N LYS C 337 -55.98 38.61 -20.82
CA LYS C 337 -56.79 38.26 -22.00
C LYS C 337 -56.19 37.12 -22.80
N THR C 338 -54.90 37.20 -23.18
CA THR C 338 -54.31 36.27 -24.11
C THR C 338 -54.16 34.89 -23.48
N ASN C 339 -53.86 34.86 -22.16
CA ASN C 339 -53.48 33.65 -21.43
C ASN C 339 -54.66 32.97 -20.74
N ARG C 340 -55.88 33.51 -20.89
CA ARG C 340 -57.03 33.05 -20.14
C ARG C 340 -57.27 31.58 -20.38
N LEU C 341 -57.33 30.79 -19.31
CA LEU C 341 -57.66 29.38 -19.38
C LEU C 341 -58.33 28.98 -18.08
N SER C 342 -59.43 28.24 -18.15
CA SER C 342 -60.18 27.81 -16.98
C SER C 342 -59.42 26.67 -16.35
N LEU C 343 -59.67 26.41 -15.07
CA LEU C 343 -59.09 25.24 -14.43
C LEU C 343 -59.56 23.94 -15.07
N ASP C 344 -60.81 23.89 -15.55
CA ASP C 344 -61.29 22.72 -16.29
C ASP C 344 -60.50 22.45 -17.55
N GLU C 345 -60.27 23.51 -18.38
CA GLU C 345 -59.49 23.36 -19.60
C GLU C 345 -58.06 22.94 -19.25
N CYS C 346 -57.47 23.62 -18.24
CA CYS C 346 -56.14 23.33 -17.73
C CYS C 346 -56.01 21.87 -17.31
N SER C 347 -57.00 21.36 -16.56
CA SER C 347 -57.03 19.96 -16.09
C SER C 347 -57.13 18.97 -17.25
N ASN C 348 -58.01 19.26 -18.25
CA ASN C 348 -58.11 18.42 -19.44
C ASN C 348 -56.77 18.30 -20.21
N ILE C 349 -56.10 19.43 -20.44
CA ILE C 349 -54.83 19.44 -21.15
C ILE C 349 -53.71 18.78 -20.32
N THR C 350 -53.54 19.21 -19.04
CA THR C 350 -52.40 18.76 -18.25
C THR C 350 -52.59 17.33 -17.75
N GLY C 351 -53.86 16.95 -17.53
CA GLY C 351 -54.21 15.73 -16.82
C GLY C 351 -54.13 15.94 -15.31
N VAL C 352 -53.86 17.16 -14.81
CA VAL C 352 -53.77 17.35 -13.37
C VAL C 352 -55.19 17.67 -12.87
N PRO C 353 -55.72 16.97 -11.83
CA PRO C 353 -57.08 17.26 -11.32
C PRO C 353 -57.21 18.70 -10.82
N VAL C 354 -58.40 19.24 -10.92
CA VAL C 354 -58.67 20.62 -10.59
C VAL C 354 -58.30 20.87 -9.10
N ASP C 355 -58.60 19.92 -8.19
CA ASP C 355 -58.29 20.03 -6.77
C ASP C 355 -56.78 20.29 -6.54
N MET C 356 -55.92 19.60 -7.32
N MET C 356 -55.93 19.61 -7.33
CA MET C 356 -54.48 19.74 -7.19
CA MET C 356 -54.48 19.75 -7.18
C MET C 356 -54.01 21.11 -7.72
C MET C 356 -54.01 21.10 -7.73
N LEU C 357 -54.59 21.58 -8.84
CA LEU C 357 -54.35 22.91 -9.38
C LEU C 357 -54.69 24.01 -8.37
N LYS C 358 -55.87 23.89 -7.76
CA LYS C 358 -56.29 24.81 -6.71
C LYS C 358 -55.35 24.75 -5.50
N ARG C 359 -54.92 23.55 -5.11
CA ARG C 359 -54.08 23.40 -3.92
C ARG C 359 -52.72 24.07 -4.14
N ALA C 360 -52.20 23.96 -5.36
CA ALA C 360 -50.89 24.49 -5.68
C ALA C 360 -50.96 26.03 -5.59
N ALA C 361 -52.07 26.62 -6.08
CA ALA C 361 -52.32 28.05 -5.99
C ALA C 361 -52.55 28.52 -4.56
N GLU C 362 -53.23 27.72 -3.76
CA GLU C 362 -53.53 28.01 -2.38
C GLU C 362 -52.25 28.01 -1.55
N TRP C 363 -51.42 26.97 -1.71
CA TRP C 363 -50.16 26.91 -1.01
C TRP C 363 -49.25 28.10 -1.38
N SER C 364 -49.30 28.54 -2.63
CA SER C 364 -48.24 29.37 -3.22
C SER C 364 -48.54 30.87 -3.26
N TYR C 365 -49.81 31.27 -3.40
CA TYR C 365 -50.22 32.60 -3.81
C TYR C 365 -51.28 33.21 -2.91
N LYS C 366 -52.10 32.38 -2.23
CA LYS C 366 -53.13 32.90 -1.35
C LYS C 366 -52.43 33.59 -0.16
N PRO C 367 -52.80 34.85 0.18
CA PRO C 367 -52.27 35.51 1.36
C PRO C 367 -52.23 34.64 2.60
N LYS C 368 -51.14 34.67 3.34
CA LYS C 368 -51.07 34.06 4.65
C LYS C 368 -51.91 34.90 5.61
N ALA C 369 -52.13 34.33 6.80
CA ALA C 369 -53.06 34.93 7.74
C ALA C 369 -52.58 36.32 8.17
N SER C 370 -51.24 36.49 8.28
CA SER C 370 -50.62 37.76 8.63
C SER C 370 -50.71 38.83 7.53
N GLY C 371 -51.20 38.48 6.31
CA GLY C 371 -51.50 39.47 5.28
C GLY C 371 -50.60 39.38 4.07
N GLN C 372 -49.37 38.85 4.24
CA GLN C 372 -48.35 38.85 3.22
C GLN C 372 -48.56 37.63 2.30
N ALA C 373 -48.26 37.82 1.01
CA ALA C 373 -48.21 36.72 0.06
C ALA C 373 -47.15 35.71 0.48
N PRO C 374 -47.35 34.37 0.22
CA PRO C 374 -46.29 33.38 0.47
C PRO C 374 -45.04 33.76 -0.31
N ARG C 375 -43.90 33.50 0.29
CA ARG C 375 -42.58 33.58 -0.38
C ARG C 375 -42.36 32.27 -1.14
N THR C 376 -42.61 32.33 -2.45
CA THR C 376 -42.57 31.19 -3.35
C THR C 376 -41.43 31.36 -4.35
N MET C 377 -40.42 30.52 -4.19
CA MET C 377 -39.31 30.43 -5.12
C MET C 377 -39.69 29.48 -6.26
N HIS C 378 -39.66 29.98 -7.49
CA HIS C 378 -39.98 29.20 -8.67
C HIS C 378 -38.67 28.86 -9.39
N ALA C 379 -38.28 27.58 -9.33
CA ALA C 379 -36.97 27.07 -9.79
C ALA C 379 -37.28 26.20 -11.01
N TYR C 380 -36.61 26.43 -12.13
CA TYR C 380 -36.88 25.64 -13.33
C TYR C 380 -35.57 25.19 -13.97
N GLU C 381 -35.60 24.09 -14.76
CA GLU C 381 -34.46 23.62 -15.52
C GLU C 381 -34.92 23.03 -16.85
N LYS C 382 -34.28 21.89 -17.25
CA LYS C 382 -34.37 21.45 -18.64
C LYS C 382 -35.71 20.80 -19.01
N GLY C 383 -36.50 20.30 -18.05
CA GLY C 383 -37.88 19.91 -18.34
C GLY C 383 -38.69 20.97 -19.10
N ILE C 384 -38.40 22.28 -18.86
CA ILE C 384 -39.03 23.36 -19.60
C ILE C 384 -38.10 24.11 -20.54
N ILE C 385 -36.82 24.19 -20.22
CA ILE C 385 -35.88 24.83 -21.14
C ILE C 385 -35.74 24.04 -22.44
N TRP C 386 -35.69 22.69 -22.33
CA TRP C 386 -35.78 21.83 -23.50
C TRP C 386 -37.21 21.30 -23.69
N GLY C 387 -38.20 22.10 -23.32
CA GLY C 387 -39.60 21.70 -23.25
C GLY C 387 -40.37 22.04 -24.54
N ASN C 388 -41.72 21.99 -24.45
CA ASN C 388 -42.59 22.32 -25.57
C ASN C 388 -42.70 23.82 -25.83
N ASP C 389 -41.77 24.37 -26.63
CA ASP C 389 -41.71 25.78 -26.98
C ASP C 389 -41.14 26.57 -25.78
N ASN C 390 -39.80 26.51 -25.65
CA ASN C 390 -39.02 27.15 -24.59
C ASN C 390 -39.48 28.60 -24.34
N TYR C 391 -39.63 29.39 -25.39
CA TYR C 391 -39.92 30.81 -25.27
C TYR C 391 -41.33 31.03 -24.63
N VAL C 392 -42.30 30.24 -25.08
CA VAL C 392 -43.70 30.37 -24.62
C VAL C 392 -43.83 29.90 -23.19
N ILE C 393 -43.11 28.86 -22.79
CA ILE C 393 -43.26 28.37 -21.44
C ILE C 393 -42.78 29.42 -20.44
N GLN C 394 -41.63 30.00 -20.71
CA GLN C 394 -41.06 31.05 -19.88
C GLN C 394 -41.98 32.25 -19.85
N SER C 395 -42.58 32.61 -20.98
CA SER C 395 -43.56 33.69 -21.04
C SER C 395 -44.68 33.43 -20.02
N ALA C 396 -45.26 32.20 -20.06
CA ALA C 396 -46.38 31.82 -19.22
C ALA C 396 -46.00 31.83 -17.73
N LEU C 397 -44.85 31.24 -17.41
CA LEU C 397 -44.36 31.08 -16.06
C LEU C 397 -44.08 32.44 -15.44
N LEU C 398 -43.33 33.27 -16.19
CA LEU C 398 -42.90 34.57 -15.67
C LEU C 398 -44.10 35.45 -15.40
N ASP C 399 -45.13 35.39 -16.24
CA ASP C 399 -46.39 36.12 -16.04
C ASP C 399 -46.98 35.79 -14.66
N LEU C 400 -46.99 34.51 -14.28
CA LEU C 400 -47.49 34.09 -12.98
C LEU C 400 -46.61 34.65 -11.86
N VAL C 401 -45.29 34.53 -12.05
CA VAL C 401 -44.38 35.00 -11.03
C VAL C 401 -44.49 36.52 -10.83
N ILE C 402 -44.63 37.29 -11.91
CA ILE C 402 -44.53 38.74 -11.81
C ILE C 402 -45.83 39.22 -11.13
N ALA C 403 -46.97 38.66 -11.58
CA ALA C 403 -48.25 39.03 -11.01
C ALA C 403 -48.31 38.72 -9.49
N THR C 404 -47.56 37.74 -9.02
CA THR C 404 -47.53 37.34 -7.63
C THR C 404 -46.33 37.88 -6.89
N HIS C 405 -45.56 38.80 -7.52
CA HIS C 405 -44.42 39.43 -6.88
C HIS C 405 -43.45 38.42 -6.31
N ASN C 406 -43.21 37.31 -7.07
CA ASN C 406 -42.25 36.31 -6.64
C ASN C 406 -40.87 36.52 -7.32
N VAL C 407 -40.50 37.77 -7.61
CA VAL C 407 -39.13 38.15 -7.88
C VAL C 407 -38.81 39.28 -6.92
N GLY C 408 -37.56 39.36 -6.46
CA GLY C 408 -37.19 40.57 -5.75
C GLY C 408 -37.59 40.57 -4.28
N ARG C 409 -38.28 39.55 -3.78
CA ARG C 409 -38.60 39.46 -2.37
C ARG C 409 -37.72 38.35 -1.86
N ARG C 410 -37.18 38.47 -0.64
CA ARG C 410 -36.39 37.39 -0.11
C ARG C 410 -37.25 36.12 0.06
N GLY C 411 -36.64 34.97 -0.19
CA GLY C 411 -37.37 33.73 -0.15
C GLY C 411 -38.10 33.50 -1.48
N THR C 412 -37.88 34.31 -2.53
CA THR C 412 -38.53 34.15 -3.82
C THR C 412 -37.46 34.09 -4.93
N GLY C 413 -37.85 34.37 -6.17
CA GLY C 413 -37.05 34.23 -7.34
C GLY C 413 -37.75 33.32 -8.33
N CYS C 414 -37.67 33.68 -9.60
CA CYS C 414 -37.95 32.73 -10.69
C CYS C 414 -36.63 32.47 -11.41
N VAL C 415 -36.05 31.30 -11.13
CA VAL C 415 -34.62 31.10 -11.38
C VAL C 415 -34.42 29.80 -12.13
N ARG C 416 -33.41 29.80 -12.99
CA ARG C 416 -32.72 28.59 -13.38
C ARG C 416 -32.04 27.96 -12.19
N MET C 417 -32.20 26.62 -12.16
CA MET C 417 -31.40 25.78 -11.30
C MET C 417 -29.97 25.65 -11.87
N GLY C 418 -29.86 25.63 -13.20
CA GLY C 418 -28.55 25.65 -13.88
C GLY C 418 -28.09 24.21 -14.17
N GLY C 419 -27.01 24.13 -14.97
CA GLY C 419 -26.47 22.88 -15.44
C GLY C 419 -25.03 22.71 -15.03
N HIS C 420 -24.16 23.28 -15.86
CA HIS C 420 -22.81 23.62 -15.48
C HIS C 420 -22.88 24.90 -14.63
N GLN C 421 -21.72 25.20 -14.03
CA GLN C 421 -21.43 26.56 -13.58
C GLN C 421 -21.44 27.53 -14.74
N GLU C 422 -21.44 28.83 -14.41
CA GLU C 422 -21.47 29.91 -15.33
C GLU C 422 -20.11 30.58 -15.35
N GLY C 423 -19.78 31.07 -16.52
CA GLY C 423 -18.57 31.88 -16.57
C GLY C 423 -18.37 32.57 -17.91
N TYR C 424 -19.34 33.42 -18.27
CA TYR C 424 -19.39 33.96 -19.60
C TYR C 424 -18.82 35.39 -19.66
N THR C 425 -17.79 35.56 -20.49
CA THR C 425 -17.30 36.88 -20.91
C THR C 425 -16.87 36.77 -22.38
N ARG C 426 -17.62 37.45 -23.26
CA ARG C 426 -17.39 37.33 -24.70
C ARG C 426 -17.66 38.63 -25.43
N PRO C 427 -17.05 38.83 -26.61
CA PRO C 427 -17.52 39.87 -27.52
C PRO C 427 -18.94 39.56 -27.98
N PRO C 428 -19.69 40.51 -28.57
CA PRO C 428 -21.03 40.19 -29.08
C PRO C 428 -20.87 39.27 -30.31
N TYR C 429 -21.89 38.45 -30.49
CA TYR C 429 -22.04 37.55 -31.60
C TYR C 429 -22.04 38.38 -32.88
N PRO C 430 -21.19 38.08 -33.89
CA PRO C 430 -21.02 38.95 -35.06
C PRO C 430 -22.04 38.82 -36.19
N GLY C 431 -23.14 38.10 -36.00
CA GLY C 431 -24.18 38.09 -37.01
C GLY C 431 -25.46 38.78 -36.57
N ASP C 432 -26.39 38.88 -37.52
CA ASP C 432 -27.72 39.43 -37.27
C ASP C 432 -28.82 38.39 -37.50
N LYS C 433 -28.50 37.09 -37.57
CA LYS C 433 -29.45 36.00 -37.77
C LYS C 433 -29.11 34.79 -36.89
N LYS C 434 -30.10 34.05 -36.40
CA LYS C 434 -29.87 32.75 -35.79
C LYS C 434 -29.66 31.73 -36.90
N ILE C 435 -28.70 30.83 -36.68
CA ILE C 435 -28.34 29.87 -37.70
C ILE C 435 -28.34 28.51 -37.03
N TYR C 436 -29.04 27.57 -37.68
CA TYR C 436 -29.20 26.22 -37.18
C TYR C 436 -27.98 25.45 -37.70
N ILE C 437 -26.94 25.35 -36.86
CA ILE C 437 -25.62 24.97 -37.32
C ILE C 437 -25.63 23.52 -37.79
N ASP C 438 -26.24 22.60 -37.01
CA ASP C 438 -26.26 21.20 -37.36
C ASP C 438 -26.89 21.00 -38.75
N GLN C 439 -27.99 21.70 -39.02
CA GLN C 439 -28.69 21.63 -40.31
C GLN C 439 -27.75 22.11 -41.41
N GLU C 440 -27.02 23.21 -41.17
CA GLU C 440 -26.03 23.68 -42.13
C GLU C 440 -24.99 22.59 -42.44
N LEU C 441 -24.45 21.96 -41.41
CA LEU C 441 -23.45 20.90 -41.57
C LEU C 441 -24.03 19.72 -42.34
N ILE C 442 -25.24 19.29 -41.97
CA ILE C 442 -25.89 18.16 -42.60
C ILE C 442 -26.17 18.48 -44.08
N LYS C 443 -26.40 19.75 -44.41
CA LYS C 443 -26.63 20.18 -45.78
C LYS C 443 -25.35 20.37 -46.58
N GLY C 444 -24.20 20.15 -45.97
CA GLY C 444 -22.93 20.14 -46.69
C GLY C 444 -22.23 21.51 -46.66
N LYS C 445 -22.60 22.41 -45.73
CA LYS C 445 -21.94 23.69 -45.60
C LYS C 445 -20.69 23.62 -44.70
N GLY C 446 -19.78 24.57 -44.92
CA GLY C 446 -18.59 24.68 -44.06
C GLY C 446 -17.41 23.88 -44.62
N ARG C 447 -16.18 24.42 -44.45
CA ARG C 447 -14.94 23.75 -44.80
C ARG C 447 -14.34 23.03 -43.59
N ILE C 448 -14.42 23.70 -42.42
CA ILE C 448 -13.79 23.23 -41.19
C ILE C 448 -14.79 23.40 -40.05
N MET C 449 -14.93 22.36 -39.22
CA MET C 449 -15.76 22.36 -38.05
C MET C 449 -14.85 22.04 -36.85
N THR C 450 -14.84 22.87 -35.81
CA THR C 450 -14.18 22.57 -34.54
C THR C 450 -15.21 22.31 -33.43
N TRP C 451 -15.22 21.11 -32.82
CA TRP C 451 -15.87 20.83 -31.57
C TRP C 451 -14.86 21.24 -30.47
N TRP C 452 -15.25 22.15 -29.59
CA TRP C 452 -14.36 22.62 -28.55
C TRP C 452 -15.01 22.44 -27.19
N GLY C 453 -14.51 21.46 -26.44
CA GLY C 453 -15.07 21.15 -25.11
C GLY C 453 -16.56 20.77 -25.13
N CYS C 454 -16.90 20.06 -26.20
CA CYS C 454 -18.24 19.49 -26.31
C CYS C 454 -18.15 18.29 -27.26
N ASN C 455 -19.20 17.47 -27.19
CA ASN C 455 -19.23 16.28 -28.02
C ASN C 455 -20.66 16.09 -28.55
N ASN C 456 -21.00 16.77 -29.64
CA ASN C 456 -22.37 16.69 -30.18
C ASN C 456 -22.76 15.35 -30.80
N PHE C 457 -21.83 14.45 -31.07
CA PHE C 457 -22.17 13.07 -31.45
C PHE C 457 -23.02 12.38 -30.37
N GLN C 458 -22.76 12.73 -29.11
CA GLN C 458 -23.50 12.21 -27.98
C GLN C 458 -24.66 13.11 -27.56
N THR C 459 -24.64 14.42 -27.89
CA THR C 459 -25.52 15.40 -27.25
C THR C 459 -26.29 16.32 -28.19
N SER C 460 -26.11 16.23 -29.52
CA SER C 460 -27.01 16.92 -30.42
C SER C 460 -28.43 16.39 -30.34
N ASN C 461 -29.36 17.28 -30.59
CA ASN C 461 -30.71 16.86 -30.95
C ASN C 461 -30.63 16.27 -32.36
N ASN C 462 -31.45 15.24 -32.66
CA ASN C 462 -31.41 14.61 -33.98
C ASN C 462 -29.92 14.21 -34.22
N ALA C 463 -29.28 13.61 -33.21
CA ALA C 463 -27.84 13.28 -33.22
C ALA C 463 -27.45 12.27 -34.31
N GLN C 464 -28.35 11.34 -34.66
CA GLN C 464 -28.09 10.35 -35.69
C GLN C 464 -27.90 10.99 -37.08
N ALA C 465 -28.76 11.95 -37.46
CA ALA C 465 -28.61 12.70 -38.71
C ALA C 465 -27.25 13.41 -38.71
N LEU C 466 -26.85 13.94 -37.52
CA LEU C 466 -25.58 14.63 -37.40
C LEU C 466 -24.43 13.68 -37.65
N ARG C 467 -24.36 12.57 -36.90
CA ARG C 467 -23.24 11.65 -37.01
C ARG C 467 -23.11 11.11 -38.42
N GLU C 468 -24.22 10.67 -39.00
CA GLU C 468 -24.25 10.22 -40.39
C GLU C 468 -23.52 11.23 -41.26
N ALA C 469 -23.96 12.50 -41.23
CA ALA C 469 -23.45 13.49 -42.14
C ALA C 469 -21.99 13.73 -41.88
N ILE C 470 -21.57 13.84 -40.59
CA ILE C 470 -20.23 14.22 -40.27
C ILE C 470 -19.23 13.11 -40.62
N LEU C 471 -19.56 11.85 -40.26
CA LEU C 471 -18.75 10.71 -40.62
C LEU C 471 -18.52 10.63 -42.13
N GLN C 472 -19.60 10.79 -42.95
CA GLN C 472 -19.45 10.75 -44.39
C GLN C 472 -18.58 11.88 -44.93
N ARG C 473 -18.85 13.12 -44.46
CA ARG C 473 -18.04 14.27 -44.92
C ARG C 473 -16.58 14.11 -44.45
N SER C 474 -16.35 13.53 -43.27
CA SER C 474 -15.01 13.28 -42.73
C SER C 474 -14.25 12.27 -43.58
N ALA C 475 -14.98 11.24 -44.01
CA ALA C 475 -14.48 10.21 -44.91
C ALA C 475 -13.95 10.79 -46.25
N ILE C 476 -14.64 11.80 -46.80
CA ILE C 476 -14.21 12.41 -48.05
C ILE C 476 -12.81 13.01 -47.89
N VAL C 477 -12.61 13.77 -46.80
CA VAL C 477 -11.30 14.33 -46.47
C VAL C 477 -10.25 13.21 -46.25
N LYS C 478 -10.60 12.17 -45.46
CA LYS C 478 -9.71 11.02 -45.29
C LYS C 478 -9.25 10.41 -46.60
N GLN C 479 -10.21 10.19 -47.53
CA GLN C 479 -9.92 9.63 -48.84
C GLN C 479 -8.99 10.56 -49.62
N ALA C 480 -9.23 11.88 -49.60
CA ALA C 480 -8.39 12.80 -50.37
C ALA C 480 -6.97 12.90 -49.79
N MET C 481 -6.82 12.86 -48.45
CA MET C 481 -5.54 12.93 -47.77
C MET C 481 -4.61 11.77 -48.16
N GLN C 482 -5.17 10.59 -48.43
CA GLN C 482 -4.41 9.37 -48.58
C GLN C 482 -3.71 9.26 -49.93
N LYS C 483 -4.14 10.05 -50.92
CA LYS C 483 -3.47 10.14 -52.21
C LYS C 483 -2.19 10.97 -52.08
N ALA C 484 -2.05 11.78 -51.04
CA ALA C 484 -0.81 12.53 -50.79
C ALA C 484 0.33 11.60 -50.31
N ARG C 485 1.53 11.93 -50.80
CA ARG C 485 2.79 11.35 -50.38
C ARG C 485 3.77 12.51 -50.32
N GLY C 486 4.38 12.75 -49.16
CA GLY C 486 5.52 13.66 -49.13
C GLY C 486 5.12 15.12 -49.30
N ALA C 487 3.86 15.44 -49.07
CA ALA C 487 3.31 16.76 -49.23
C ALA C 487 3.77 17.63 -48.05
N THR C 488 4.08 18.89 -48.38
CA THR C 488 4.28 19.92 -47.38
C THR C 488 2.93 20.21 -46.76
N THR C 489 2.94 20.80 -45.56
CA THR C 489 1.77 21.29 -44.87
C THR C 489 0.88 22.14 -45.79
N GLU C 490 1.46 23.09 -46.51
CA GLU C 490 0.74 23.96 -47.43
C GLU C 490 0.05 23.16 -48.55
N GLU C 491 0.74 22.20 -49.19
CA GLU C 491 0.09 21.31 -50.16
C GLU C 491 -1.08 20.51 -49.54
N MET C 492 -0.92 20.09 -48.29
CA MET C 492 -1.94 19.28 -47.62
C MET C 492 -3.19 20.13 -47.36
N VAL C 493 -2.99 21.40 -46.99
CA VAL C 493 -4.06 22.37 -46.83
C VAL C 493 -4.86 22.48 -48.13
N ASP C 494 -4.20 22.52 -49.29
CA ASP C 494 -4.85 22.57 -50.60
C ASP C 494 -5.61 21.27 -50.90
N VAL C 495 -5.01 20.11 -50.56
CA VAL C 495 -5.65 18.80 -50.77
C VAL C 495 -6.98 18.77 -50.00
N ILE C 496 -6.93 19.11 -48.70
CA ILE C 496 -8.07 19.05 -47.82
C ILE C 496 -9.13 20.05 -48.29
N TYR C 497 -8.70 21.31 -48.56
CA TYR C 497 -9.62 22.35 -49.02
C TYR C 497 -10.35 21.89 -50.29
N GLU C 498 -9.63 21.29 -51.23
CA GLU C 498 -10.26 20.72 -52.43
C GLU C 498 -11.31 19.67 -52.06
N ALA C 499 -11.02 18.83 -51.07
CA ALA C 499 -11.93 17.76 -50.67
C ALA C 499 -13.22 18.36 -50.12
N THR C 500 -13.11 19.52 -49.42
CA THR C 500 -14.24 20.21 -48.83
C THR C 500 -15.08 20.87 -49.93
N GLN C 501 -14.53 21.17 -51.09
CA GLN C 501 -15.34 21.63 -52.21
C GLN C 501 -16.09 20.48 -52.88
N ASN C 502 -15.78 19.23 -52.54
CA ASN C 502 -16.51 18.06 -52.98
C ASN C 502 -17.22 17.41 -51.82
N GLY C 503 -17.75 18.19 -50.87
CA GLY C 503 -18.63 17.65 -49.83
C GLY C 503 -17.91 17.33 -48.53
N GLY C 504 -16.56 17.40 -48.52
CA GLY C 504 -15.79 17.01 -47.34
C GLY C 504 -15.90 18.08 -46.24
N LEU C 505 -15.43 17.73 -45.06
CA LEU C 505 -15.39 18.65 -43.92
C LEU C 505 -14.19 18.23 -43.07
N PHE C 506 -13.33 19.19 -42.76
CA PHE C 506 -12.19 18.95 -41.89
C PHE C 506 -12.69 19.14 -40.47
N VAL C 507 -12.43 18.17 -39.61
CA VAL C 507 -13.01 18.17 -38.29
C VAL C 507 -11.89 18.20 -37.24
N THR C 508 -12.03 19.08 -36.26
CA THR C 508 -11.06 19.21 -35.19
C THR C 508 -11.83 19.12 -33.90
N SER C 509 -11.18 18.51 -32.89
CA SER C 509 -11.76 18.48 -31.56
C SER C 509 -10.68 18.98 -30.59
N ILE C 510 -11.09 19.84 -29.67
CA ILE C 510 -10.20 20.34 -28.64
C ILE C 510 -10.79 19.86 -27.35
N ASN C 511 -10.11 18.97 -26.68
CA ASN C 511 -10.75 18.11 -25.69
C ASN C 511 -9.74 17.66 -24.61
N LEU C 512 -10.27 17.00 -23.57
CA LEU C 512 -9.51 16.21 -22.59
C LEU C 512 -9.25 14.80 -23.11
N TYR C 513 -10.12 14.26 -24.00
CA TYR C 513 -10.09 12.86 -24.34
C TYR C 513 -10.41 12.74 -25.80
N PRO C 514 -10.05 11.59 -26.41
CA PRO C 514 -10.48 11.36 -27.79
C PRO C 514 -12.00 11.50 -28.00
N THR C 515 -12.79 10.73 -27.19
CA THR C 515 -14.24 10.63 -27.28
C THR C 515 -14.63 10.01 -28.62
N LYS C 516 -15.93 9.78 -28.77
CA LYS C 516 -16.53 9.35 -30.01
C LYS C 516 -16.24 10.30 -31.17
N LEU C 517 -16.00 11.57 -30.91
CA LEU C 517 -15.56 12.46 -32.01
C LEU C 517 -14.32 11.96 -32.77
N ALA C 518 -13.43 11.21 -32.10
CA ALA C 518 -12.29 10.51 -32.77
C ALA C 518 -12.72 9.64 -33.98
N GLU C 519 -13.97 9.20 -34.03
CA GLU C 519 -14.48 8.44 -35.18
C GLU C 519 -14.51 9.29 -36.44
N ALA C 520 -14.60 10.63 -36.30
CA ALA C 520 -14.64 11.52 -37.47
C ALA C 520 -13.49 12.51 -37.55
N ALA C 521 -12.80 12.79 -36.43
CA ALA C 521 -11.91 13.91 -36.34
C ALA C 521 -10.65 13.61 -37.14
N HIS C 522 -10.11 14.70 -37.72
CA HIS C 522 -8.83 14.66 -38.42
C HIS C 522 -7.71 15.14 -37.50
N LEU C 523 -8.08 15.88 -36.43
CA LEU C 523 -7.14 16.61 -35.60
C LEU C 523 -7.75 16.73 -34.24
N MET C 524 -6.95 16.43 -33.21
CA MET C 524 -7.41 16.61 -31.84
C MET C 524 -6.31 17.25 -31.01
N LEU C 525 -6.70 18.30 -30.23
CA LEU C 525 -5.77 19.08 -29.46
C LEU C 525 -6.03 18.86 -27.96
N PRO C 526 -4.94 18.69 -27.14
CA PRO C 526 -5.11 18.45 -25.71
C PRO C 526 -5.37 19.70 -24.88
N ALA C 527 -6.47 19.69 -24.08
CA ALA C 527 -6.75 20.75 -23.16
C ALA C 527 -6.47 20.33 -21.69
N ALA C 528 -6.55 21.33 -20.84
CA ALA C 528 -6.32 21.24 -19.39
C ALA C 528 -7.55 21.72 -18.59
N HIS C 529 -7.79 21.05 -17.49
CA HIS C 529 -8.99 21.27 -16.69
C HIS C 529 -8.54 21.93 -15.36
N PRO C 530 -9.49 22.37 -14.49
CA PRO C 530 -9.13 23.10 -13.24
C PRO C 530 -8.24 22.30 -12.32
N GLY C 531 -7.22 22.97 -11.74
CA GLY C 531 -6.20 22.31 -10.95
C GLY C 531 -4.92 22.10 -11.81
N GLU C 532 -5.08 21.80 -13.12
CA GLU C 532 -4.00 21.91 -14.09
C GLU C 532 -3.87 23.34 -14.59
N MET C 533 -4.85 24.20 -14.30
CA MET C 533 -4.81 25.60 -14.60
C MET C 533 -5.59 26.28 -13.49
N ASN C 534 -5.38 27.56 -13.37
CA ASN C 534 -6.28 28.46 -12.64
C ASN C 534 -7.58 28.66 -13.45
N LEU C 535 -8.74 28.82 -12.75
CA LEU C 535 -9.99 29.01 -13.49
C LEU C 535 -11.02 29.71 -12.59
N THR C 536 -11.75 30.65 -13.15
CA THR C 536 -12.81 31.34 -12.44
C THR C 536 -14.13 30.98 -13.05
N SER C 537 -15.14 30.92 -12.17
CA SER C 537 -16.53 30.66 -12.54
C SER C 537 -17.48 31.00 -11.38
N MET C 538 -18.76 31.04 -11.69
CA MET C 538 -19.76 31.35 -10.69
C MET C 538 -20.84 30.27 -10.71
N ASN C 539 -21.51 30.12 -9.57
CA ASN C 539 -22.56 29.08 -9.39
C ASN C 539 -23.95 29.71 -9.65
N GLY C 540 -24.99 28.98 -9.24
CA GLY C 540 -26.36 29.39 -9.49
C GLY C 540 -26.88 30.62 -8.75
N GLU C 541 -26.10 31.13 -7.78
CA GLU C 541 -26.36 32.39 -7.09
C GLU C 541 -25.30 33.44 -7.45
N ARG C 542 -24.63 33.24 -8.59
CA ARG C 542 -23.64 34.18 -9.13
C ARG C 542 -22.37 34.33 -8.25
N ARG C 543 -22.06 33.32 -7.44
CA ARG C 543 -20.91 33.33 -6.56
C ARG C 543 -19.65 32.92 -7.34
N ILE C 544 -18.83 33.92 -7.72
CA ILE C 544 -17.54 33.68 -8.39
C ILE C 544 -16.46 33.24 -7.40
N ARG C 545 -15.77 32.12 -7.78
CA ARG C 545 -14.63 31.60 -7.05
C ARG C 545 -13.48 31.36 -8.07
N LEU C 546 -12.28 31.37 -7.51
CA LEU C 546 -11.05 30.94 -8.20
C LEU C 546 -10.72 29.50 -7.78
N SER C 547 -10.57 28.69 -8.80
CA SER C 547 -9.98 27.36 -8.67
C SER C 547 -8.49 27.46 -9.00
N GLU C 548 -7.66 27.16 -7.98
CA GLU C 548 -6.22 27.32 -8.03
C GLU C 548 -5.53 26.14 -8.71
N LYS C 549 -4.60 26.42 -9.63
CA LYS C 549 -3.69 25.40 -10.17
C LYS C 549 -2.90 24.74 -9.04
N PHE C 550 -2.78 23.39 -9.08
CA PHE C 550 -1.94 22.72 -8.08
C PHE C 550 -1.12 21.56 -8.68
N MET C 551 -1.21 21.34 -10.00
CA MET C 551 -0.49 20.29 -10.65
C MET C 551 -0.33 20.60 -12.13
N ASP C 552 0.54 19.82 -12.79
CA ASP C 552 0.80 20.07 -14.17
C ASP C 552 -0.26 19.38 -15.02
N PRO C 553 -0.56 19.90 -16.23
CA PRO C 553 -1.35 19.11 -17.18
C PRO C 553 -0.60 17.87 -17.71
N PRO C 554 -1.29 16.87 -18.28
CA PRO C 554 -0.65 15.79 -19.06
C PRO C 554 0.04 16.36 -20.27
N GLY C 555 1.27 15.84 -20.51
CA GLY C 555 2.10 16.23 -21.63
C GLY C 555 2.04 17.73 -21.89
N THR C 556 1.60 18.08 -23.13
CA THR C 556 1.58 19.44 -23.61
C THR C 556 0.15 19.99 -23.64
N ALA C 557 -0.74 19.35 -22.87
CA ALA C 557 -2.10 19.86 -22.73
C ALA C 557 -2.08 21.29 -22.21
N MET C 558 -2.98 22.13 -22.73
CA MET C 558 -3.00 23.57 -22.50
C MET C 558 -4.42 24.05 -22.11
N ALA C 559 -4.49 25.14 -21.33
CA ALA C 559 -5.73 25.84 -21.04
C ALA C 559 -6.36 26.27 -22.38
N ASP C 560 -7.69 26.17 -22.49
CA ASP C 560 -8.39 26.45 -23.73
C ASP C 560 -8.13 27.89 -24.19
N CYS C 561 -8.06 28.83 -23.24
CA CYS C 561 -7.85 30.23 -23.64
C CYS C 561 -6.50 30.40 -24.33
N LEU C 562 -5.50 29.63 -23.88
CA LEU C 562 -4.14 29.64 -24.41
C LEU C 562 -4.09 28.87 -25.73
N ILE C 563 -4.91 27.83 -25.89
CA ILE C 563 -5.09 27.21 -27.20
C ILE C 563 -5.63 28.25 -28.18
N ALA C 564 -6.59 29.05 -27.75
CA ALA C 564 -7.15 30.09 -28.60
C ALA C 564 -6.09 31.10 -28.98
N ALA C 565 -5.25 31.52 -28.03
CA ALA C 565 -4.17 32.45 -28.32
C ALA C 565 -3.17 31.83 -29.31
N ARG C 566 -2.88 30.54 -29.14
CA ARG C 566 -1.98 29.82 -30.02
C ARG C 566 -2.50 29.91 -31.46
N ILE C 567 -3.79 29.67 -31.63
CA ILE C 567 -4.45 29.70 -32.93
C ILE C 567 -4.41 31.12 -33.50
N ALA C 568 -4.72 32.12 -32.67
CA ALA C 568 -4.81 33.50 -33.12
C ALA C 568 -3.44 34.02 -33.58
N ASN C 569 -2.40 33.68 -32.82
CA ASN C 569 -1.03 34.05 -33.15
C ASN C 569 -0.50 33.32 -34.38
N ALA C 570 -0.91 32.09 -34.58
CA ALA C 570 -0.52 31.38 -35.81
C ALA C 570 -1.17 32.08 -37.01
N LEU C 571 -2.46 32.46 -36.85
CA LEU C 571 -3.12 33.15 -37.93
C LEU C 571 -2.49 34.52 -38.20
N ARG C 572 -2.15 35.24 -37.14
CA ARG C 572 -1.58 36.56 -37.32
C ARG C 572 -0.25 36.45 -38.09
N ASP C 573 0.62 35.53 -37.66
CA ASP C 573 1.92 35.27 -38.30
C ASP C 573 1.73 34.92 -39.79
N MET C 574 0.70 34.13 -40.14
CA MET C 574 0.46 33.76 -41.53
C MET C 574 0.10 34.96 -42.36
N TYR C 575 -0.78 35.78 -41.81
CA TYR C 575 -1.20 37.01 -42.48
C TYR C 575 -0.02 37.97 -42.62
N GLN C 576 0.77 38.18 -41.55
CA GLN C 576 1.93 39.05 -41.61
C GLN C 576 2.86 38.59 -42.73
N LYS C 577 3.17 37.28 -42.75
CA LYS C 577 3.97 36.68 -43.80
C LYS C 577 3.40 36.89 -45.20
N ASP C 578 2.08 36.80 -45.36
CA ASP C 578 1.44 37.00 -46.65
C ASP C 578 1.30 38.49 -47.01
N GLY C 579 1.77 39.44 -46.18
CA GLY C 579 1.72 40.86 -46.48
C GLY C 579 0.33 41.46 -46.32
N LYS C 580 -0.45 40.98 -45.35
CA LYS C 580 -1.86 41.31 -45.22
C LYS C 580 -2.06 41.92 -43.84
N ALA C 581 -1.66 43.20 -43.72
CA ALA C 581 -1.53 43.92 -42.46
C ALA C 581 -2.88 44.08 -41.78
N GLU C 582 -3.93 44.37 -42.59
CA GLU C 582 -5.30 44.50 -42.10
C GLU C 582 -5.79 43.18 -41.48
N MET C 583 -5.52 42.05 -42.15
CA MET C 583 -5.99 40.76 -41.66
C MET C 583 -5.21 40.35 -40.43
N ALA C 584 -3.88 40.61 -40.42
CA ALA C 584 -3.04 40.37 -39.25
C ALA C 584 -3.54 41.13 -38.03
N ALA C 585 -3.93 42.41 -38.21
CA ALA C 585 -4.44 43.22 -37.10
C ALA C 585 -5.63 42.60 -36.40
N GLN C 586 -6.51 41.88 -37.12
CA GLN C 586 -7.68 41.26 -36.50
C GLN C 586 -7.27 40.19 -35.48
N PHE C 587 -6.04 39.63 -35.59
CA PHE C 587 -5.56 38.59 -34.70
C PHE C 587 -4.63 39.11 -33.61
N GLU C 588 -4.54 40.45 -33.46
CA GLU C 588 -3.86 41.00 -32.33
C GLU C 588 -4.65 40.75 -31.04
N GLY C 589 -3.96 40.89 -29.91
CA GLY C 589 -4.55 40.93 -28.59
C GLY C 589 -4.62 39.55 -27.96
N PHE C 590 -3.70 38.66 -28.33
CA PHE C 590 -3.59 37.33 -27.71
C PHE C 590 -2.17 37.11 -27.21
N ASP C 591 -1.51 38.20 -26.74
CA ASP C 591 -0.18 38.07 -26.16
C ASP C 591 -0.30 37.54 -24.75
N TRP C 592 -0.67 36.27 -24.57
CA TRP C 592 -1.02 35.73 -23.26
C TRP C 592 -0.06 34.60 -22.91
N LYS C 593 0.50 34.64 -21.68
CA LYS C 593 1.40 33.62 -21.21
C LYS C 593 0.68 32.69 -20.24
N THR C 594 -0.37 33.18 -19.54
CA THR C 594 -1.09 32.37 -18.57
C THR C 594 -2.57 32.76 -18.66
N GLU C 595 -3.39 31.90 -18.07
CA GLU C 595 -4.85 32.06 -18.09
C GLU C 595 -5.27 33.39 -17.45
N GLU C 596 -4.55 33.82 -16.39
CA GLU C 596 -4.80 35.09 -15.75
C GLU C 596 -4.85 36.26 -16.75
N ASP C 597 -4.01 36.21 -17.77
CA ASP C 597 -3.97 37.26 -18.79
C ASP C 597 -5.33 37.38 -19.53
N ALA C 598 -6.03 36.24 -19.72
CA ALA C 598 -7.37 36.16 -20.35
C ALA C 598 -8.46 36.74 -19.44
N PHE C 599 -8.27 36.55 -18.13
CA PHE C 599 -9.08 37.16 -17.09
C PHE C 599 -8.96 38.69 -17.13
N ASN C 600 -7.72 39.21 -17.21
CA ASN C 600 -7.43 40.63 -17.31
C ASN C 600 -7.96 41.21 -18.60
N ASP C 601 -7.83 40.48 -19.71
CA ASP C 601 -8.22 41.05 -21.01
C ASP C 601 -9.73 41.07 -21.22
N GLY C 602 -10.51 40.15 -20.56
CA GLY C 602 -11.93 39.98 -20.79
C GLY C 602 -12.75 40.51 -19.59
N PHE C 603 -12.90 39.65 -18.59
CA PHE C 603 -13.73 39.92 -17.42
C PHE C 603 -13.40 41.29 -16.82
N ARG C 604 -12.11 41.58 -16.68
CA ARG C 604 -11.67 42.77 -15.98
C ARG C 604 -11.73 44.01 -16.86
N ARG C 605 -11.97 43.86 -18.16
CA ARG C 605 -12.05 45.00 -19.04
C ARG C 605 -13.47 45.39 -19.38
N ALA C 606 -14.46 44.53 -19.07
CA ALA C 606 -15.82 44.80 -19.43
C ALA C 606 -16.23 46.19 -18.89
N GLY C 607 -16.70 47.01 -19.81
CA GLY C 607 -17.34 48.26 -19.45
C GLY C 607 -16.33 49.34 -19.13
N GLN C 608 -15.02 49.11 -19.35
CA GLN C 608 -13.97 50.03 -18.94
C GLN C 608 -13.76 51.00 -20.09
N PRO C 609 -13.10 52.18 -19.86
CA PRO C 609 -12.88 53.18 -20.91
C PRO C 609 -11.97 52.71 -22.03
N GLY C 610 -12.42 52.90 -23.31
CA GLY C 610 -11.72 52.40 -24.47
C GLY C 610 -11.69 50.88 -24.60
N ALA C 611 -12.60 50.15 -23.89
CA ALA C 611 -12.77 48.72 -24.08
C ALA C 611 -13.68 48.51 -25.29
N PRO C 612 -13.55 47.39 -26.03
CA PRO C 612 -14.55 47.05 -27.06
C PRO C 612 -15.78 46.50 -26.33
N ALA C 613 -16.87 46.32 -27.09
CA ALA C 613 -18.10 45.79 -26.54
C ALA C 613 -17.81 44.37 -25.97
N ILE C 614 -18.14 44.17 -24.69
CA ILE C 614 -17.92 42.91 -24.00
C ILE C 614 -19.20 42.61 -23.26
N ASP C 615 -19.70 41.37 -23.38
CA ASP C 615 -20.86 40.87 -22.64
C ASP C 615 -20.30 39.95 -21.57
N SER C 616 -20.35 40.41 -20.30
CA SER C 616 -19.80 39.69 -19.15
C SER C 616 -20.85 39.60 -18.03
N GLN C 617 -21.01 38.40 -17.46
CA GLN C 617 -21.72 38.15 -16.23
C GLN C 617 -21.08 38.81 -15.00
N GLY C 618 -19.84 39.29 -15.10
CA GLY C 618 -19.23 40.10 -14.05
C GLY C 618 -19.73 41.54 -14.04
N GLY C 619 -20.26 41.99 -15.20
CA GLY C 619 -20.66 43.36 -15.38
C GLY C 619 -19.46 44.29 -15.47
N SER C 620 -19.82 45.56 -15.33
CA SER C 620 -18.81 46.60 -15.52
C SER C 620 -18.02 46.80 -14.22
N THR C 621 -18.32 46.10 -13.10
CA THR C 621 -17.47 46.16 -11.90
C THR C 621 -16.55 44.92 -11.81
N GLY C 622 -16.49 44.12 -12.89
CA GLY C 622 -15.62 42.94 -12.93
C GLY C 622 -14.13 43.24 -12.68
N HIS C 623 -13.69 44.46 -13.06
CA HIS C 623 -12.33 44.89 -12.82
C HIS C 623 -11.93 44.89 -11.33
N LEU C 624 -12.90 44.94 -10.42
CA LEU C 624 -12.61 44.93 -8.99
C LEU C 624 -12.23 43.54 -8.53
N VAL C 625 -12.55 42.52 -9.34
CA VAL C 625 -12.12 41.16 -9.02
C VAL C 625 -10.71 40.94 -9.58
N THR C 626 -9.77 40.44 -8.76
CA THR C 626 -8.47 39.92 -9.20
C THR C 626 -8.34 38.49 -8.66
N TYR C 627 -7.37 37.71 -9.20
CA TYR C 627 -7.11 36.37 -8.65
C TYR C 627 -6.70 36.49 -7.16
N ASP C 628 -5.91 37.48 -6.79
N ASP C 628 -5.88 37.48 -6.79
CA ASP C 628 -5.44 37.60 -5.39
CA ASP C 628 -5.42 37.62 -5.39
C ASP C 628 -6.58 37.92 -4.45
C ASP C 628 -6.58 37.92 -4.45
N ARG C 629 -7.55 38.72 -4.91
CA ARG C 629 -8.71 39.06 -4.10
C ARG C 629 -9.61 37.84 -3.92
N LEU C 630 -9.76 37.02 -4.96
CA LEU C 630 -10.54 35.79 -4.86
C LEU C 630 -9.90 34.78 -3.94
N ARG C 631 -8.59 34.62 -4.05
CA ARG C 631 -7.84 33.83 -3.09
C ARG C 631 -8.21 34.23 -1.65
N LYS C 632 -8.16 35.53 -1.34
CA LYS C 632 -8.45 35.97 0.02
C LYS C 632 -9.89 35.65 0.39
N SER C 633 -10.83 35.67 -0.59
CA SER C 633 -12.22 35.36 -0.32
C SER C 633 -12.45 33.89 0.08
N GLY C 634 -11.59 32.95 -0.33
CA GLY C 634 -11.91 31.53 -0.07
C GLY C 634 -12.92 30.98 -1.07
N ASN C 635 -13.42 29.79 -0.77
CA ASN C 635 -14.48 29.15 -1.50
C ASN C 635 -15.82 29.90 -1.36
N ASN C 636 -15.94 30.85 -0.40
CA ASN C 636 -17.11 31.74 -0.37
C ASN C 636 -17.16 32.77 -1.46
N GLY C 637 -16.00 33.18 -2.03
CA GLY C 637 -15.98 34.15 -3.11
C GLY C 637 -16.83 35.39 -2.75
N VAL C 638 -17.58 35.81 -3.75
CA VAL C 638 -18.44 36.94 -3.73
C VAL C 638 -19.53 36.70 -4.79
N GLN C 639 -20.75 37.15 -4.44
CA GLN C 639 -21.85 37.15 -5.38
C GLN C 639 -21.73 38.35 -6.29
N LEU C 640 -21.77 38.08 -7.61
CA LEU C 640 -21.78 39.12 -8.60
C LEU C 640 -23.16 39.79 -8.72
N PRO C 641 -23.28 41.08 -9.17
CA PRO C 641 -22.13 41.94 -9.38
C PRO C 641 -21.53 42.48 -8.06
N VAL C 642 -20.18 42.67 -8.08
CA VAL C 642 -19.44 43.26 -6.99
C VAL C 642 -19.90 44.74 -6.92
N VAL C 643 -20.13 45.23 -5.73
CA VAL C 643 -20.59 46.60 -5.50
C VAL C 643 -19.45 47.44 -4.95
N SER C 644 -18.60 46.86 -4.13
CA SER C 644 -17.45 47.59 -3.63
C SER C 644 -16.25 46.63 -3.36
N TRP C 645 -15.08 47.27 -3.27
CA TRP C 645 -13.86 46.64 -2.77
C TRP C 645 -13.02 47.64 -2.00
N ASP C 646 -12.48 47.20 -0.87
CA ASP C 646 -11.28 47.80 -0.33
C ASP C 646 -10.49 46.73 0.44
N GLU C 647 -9.28 47.10 0.86
CA GLU C 647 -8.39 46.15 1.53
C GLU C 647 -9.00 45.62 2.84
N SER C 648 -9.72 46.46 3.57
CA SER C 648 -10.21 46.10 4.89
C SER C 648 -11.50 45.29 4.82
N LYS C 649 -12.37 45.54 3.81
CA LYS C 649 -13.68 44.92 3.63
C LYS C 649 -13.68 43.69 2.72
N GLY C 650 -12.78 43.67 1.73
CA GLY C 650 -12.84 42.60 0.73
C GLY C 650 -13.87 42.97 -0.33
N LEU C 651 -14.12 42.01 -1.20
CA LEU C 651 -15.16 42.09 -2.21
C LEU C 651 -16.52 42.05 -1.54
N VAL C 652 -17.34 43.09 -1.74
CA VAL C 652 -18.76 43.10 -1.34
C VAL C 652 -19.64 43.08 -2.59
N GLY C 653 -20.57 42.12 -2.67
CA GLY C 653 -21.38 41.87 -3.85
C GLY C 653 -22.89 41.95 -3.61
N THR C 654 -23.68 41.16 -4.36
CA THR C 654 -25.12 41.40 -4.49
C THR C 654 -25.84 40.10 -4.15
N GLU C 655 -26.73 40.12 -3.16
CA GLU C 655 -27.42 38.88 -2.74
C GLU C 655 -28.55 38.50 -3.71
N MET C 656 -29.46 39.43 -3.96
CA MET C 656 -30.62 39.18 -4.79
C MET C 656 -30.80 40.31 -5.76
N LEU C 657 -31.24 39.99 -6.97
CA LEU C 657 -31.57 41.02 -7.97
C LEU C 657 -33.05 41.42 -7.89
N TYR C 658 -33.33 42.67 -8.22
CA TYR C 658 -34.65 43.23 -8.48
C TYR C 658 -35.38 43.56 -7.18
N THR C 659 -34.68 43.73 -6.06
CA THR C 659 -35.32 44.04 -4.80
C THR C 659 -35.83 45.49 -4.79
N GLU C 660 -35.50 46.38 -5.73
CA GLU C 660 -36.13 47.70 -5.71
C GLU C 660 -37.16 47.81 -6.84
N GLY C 661 -37.46 46.72 -7.51
CA GLY C 661 -38.45 46.80 -8.57
C GLY C 661 -37.96 47.46 -9.87
N LYS C 662 -36.62 47.47 -10.09
CA LYS C 662 -36.09 48.00 -11.32
C LYS C 662 -35.63 46.78 -12.09
N PHE C 663 -36.27 46.50 -13.24
CA PHE C 663 -35.94 45.39 -14.09
C PHE C 663 -35.04 45.83 -15.26
N ASP C 664 -34.50 44.84 -15.99
CA ASP C 664 -33.59 45.04 -17.08
C ASP C 664 -34.37 45.17 -18.38
N THR C 665 -35.08 46.29 -18.53
CA THR C 665 -35.82 46.64 -19.74
C THR C 665 -35.65 48.14 -19.92
N ASP C 666 -36.18 48.64 -21.03
CA ASP C 666 -36.06 50.03 -21.43
C ASP C 666 -36.61 50.95 -20.35
N ASP C 667 -37.73 50.56 -19.72
CA ASP C 667 -38.46 51.45 -18.83
C ASP C 667 -38.26 51.08 -17.36
N GLY C 668 -37.43 50.07 -17.05
CA GLY C 668 -37.27 49.59 -15.68
C GLY C 668 -38.41 48.69 -15.18
N LYS C 669 -39.43 48.40 -16.01
CA LYS C 669 -40.56 47.58 -15.54
C LYS C 669 -40.44 46.14 -16.04
N ALA C 670 -40.97 45.18 -15.31
CA ALA C 670 -41.09 43.82 -15.79
C ALA C 670 -42.22 43.77 -16.79
N HIS C 671 -42.06 43.02 -17.87
CA HIS C 671 -43.01 43.02 -18.99
C HIS C 671 -43.69 41.66 -19.08
N PHE C 672 -45.04 41.64 -18.98
CA PHE C 672 -45.83 40.45 -19.21
C PHE C 672 -45.84 40.15 -20.69
N LYS C 673 -45.95 38.86 -21.03
CA LYS C 673 -45.97 38.40 -22.41
C LYS C 673 -47.12 37.44 -22.65
N PRO C 674 -47.69 37.43 -23.89
CA PRO C 674 -48.69 36.45 -24.27
C PRO C 674 -48.08 35.05 -24.38
N ALA C 675 -48.84 34.02 -23.97
CA ALA C 675 -48.38 32.63 -23.97
C ALA C 675 -49.46 31.75 -24.60
N PRO C 676 -49.54 31.62 -25.95
CA PRO C 676 -50.57 30.77 -26.57
C PRO C 676 -50.30 29.29 -26.26
N TRP C 677 -51.38 28.55 -26.03
CA TRP C 677 -51.30 27.09 -25.99
C TRP C 677 -51.59 26.62 -27.41
N ASN C 678 -50.61 25.98 -28.09
CA ASN C 678 -50.80 25.48 -29.45
C ASN C 678 -50.56 23.98 -29.52
N GLY C 679 -50.68 23.23 -28.40
CA GLY C 679 -50.39 21.80 -28.42
C GLY C 679 -48.89 21.52 -28.60
N LEU C 680 -48.60 20.25 -28.88
CA LEU C 680 -47.25 19.81 -29.22
C LEU C 680 -46.91 20.29 -30.62
N PRO C 681 -45.61 20.45 -30.98
CA PRO C 681 -45.25 20.76 -32.37
C PRO C 681 -45.65 19.62 -33.29
N ALA C 682 -46.10 19.93 -34.50
CA ALA C 682 -46.55 18.92 -35.43
C ALA C 682 -45.49 17.83 -35.66
N THR C 683 -44.20 18.19 -35.75
CA THR C 683 -43.17 17.17 -35.94
C THR C 683 -43.18 16.17 -34.79
N VAL C 684 -43.34 16.67 -33.55
CA VAL C 684 -43.36 15.81 -32.38
C VAL C 684 -44.68 15.04 -32.32
N GLN C 685 -45.78 15.73 -32.56
CA GLN C 685 -47.11 15.09 -32.60
C GLN C 685 -47.15 13.92 -33.60
N GLN C 686 -46.51 14.07 -34.76
CA GLN C 686 -46.44 12.99 -35.75
C GLN C 686 -45.76 11.75 -35.18
N GLN C 687 -44.67 11.95 -34.38
CA GLN C 687 -44.00 10.84 -33.73
C GLN C 687 -44.97 10.20 -32.73
N LYS C 688 -45.59 11.02 -31.88
CA LYS C 688 -46.58 10.54 -30.91
C LYS C 688 -47.75 9.78 -31.55
N ASP C 689 -48.18 10.21 -32.75
CA ASP C 689 -49.22 9.55 -33.54
C ASP C 689 -48.80 8.18 -34.05
N LYS C 690 -47.52 8.00 -34.39
CA LYS C 690 -47.00 6.81 -35.02
C LYS C 690 -46.57 5.78 -33.99
N TYR C 691 -46.06 6.19 -32.83
CA TYR C 691 -45.27 5.33 -31.97
C TYR C 691 -45.77 5.42 -30.54
N ARG C 692 -45.40 4.42 -29.73
CA ARG C 692 -46.13 4.01 -28.53
C ARG C 692 -45.61 4.80 -27.32
N PHE C 693 -44.30 5.02 -27.19
CA PHE C 693 -43.73 5.46 -25.91
C PHE C 693 -43.24 6.90 -25.97
N TRP C 694 -43.54 7.69 -24.91
CA TRP C 694 -42.87 8.97 -24.72
C TRP C 694 -41.44 8.72 -24.25
N LEU C 695 -40.45 9.28 -24.98
CA LEU C 695 -39.03 8.96 -24.73
C LEU C 695 -38.41 10.12 -23.97
N ASN C 696 -38.88 10.26 -22.73
CA ASN C 696 -38.30 11.21 -21.79
C ASN C 696 -36.81 10.82 -21.59
N ASN C 697 -36.02 11.80 -21.12
CA ASN C 697 -34.57 11.65 -21.09
C ASN C 697 -33.98 12.72 -20.19
N GLY C 698 -32.76 12.45 -19.74
CA GLY C 698 -32.09 13.35 -18.83
C GLY C 698 -31.07 12.67 -17.95
N ARG C 699 -30.94 13.23 -16.74
CA ARG C 699 -29.81 12.91 -15.88
C ARG C 699 -29.99 11.70 -14.98
N ASN C 700 -28.85 11.08 -14.68
CA ASN C 700 -28.67 10.16 -13.59
C ASN C 700 -27.74 10.84 -12.58
N ASN C 701 -28.06 10.67 -11.29
CA ASN C 701 -27.25 11.21 -10.20
C ASN C 701 -25.76 10.87 -10.32
N GLU C 702 -25.44 9.60 -10.55
CA GLU C 702 -24.05 9.15 -10.47
C GLU C 702 -23.26 9.55 -11.74
N VAL C 703 -23.91 9.57 -12.95
CA VAL C 703 -23.24 9.84 -14.22
C VAL C 703 -23.14 11.37 -14.48
N TRP C 704 -21.96 11.85 -14.86
CA TRP C 704 -21.75 13.24 -15.29
C TRP C 704 -21.73 13.30 -16.83
N GLN C 705 -22.77 13.89 -17.41
CA GLN C 705 -22.79 14.42 -18.79
C GLN C 705 -22.48 13.28 -19.75
N THR C 706 -21.47 13.42 -20.66
CA THR C 706 -21.16 12.40 -21.69
C THR C 706 -20.26 11.30 -21.18
N ALA C 707 -20.02 11.27 -19.85
CA ALA C 707 -19.28 10.23 -19.15
C ALA C 707 -17.85 10.14 -19.66
N TYR C 708 -17.27 11.29 -20.00
CA TYR C 708 -15.93 11.39 -20.54
C TYR C 708 -14.90 10.93 -19.52
N HIS C 709 -14.98 11.28 -18.22
CA HIS C 709 -14.25 10.57 -17.19
C HIS C 709 -14.89 9.23 -16.79
N ASP C 710 -16.22 9.21 -16.66
CA ASP C 710 -16.86 8.05 -16.02
C ASP C 710 -16.70 6.76 -16.79
N GLN C 711 -16.58 6.89 -18.13
CA GLN C 711 -16.31 5.79 -19.01
C GLN C 711 -15.05 5.00 -18.65
N TYR C 712 -14.10 5.60 -17.97
CA TYR C 712 -12.83 4.98 -17.55
C TYR C 712 -12.87 4.50 -16.10
N ASN C 713 -13.98 4.69 -15.39
CA ASN C 713 -14.10 4.37 -13.97
C ASN C 713 -14.74 2.98 -13.84
N SER C 714 -14.05 2.01 -13.23
CA SER C 714 -14.48 0.62 -13.19
C SER C 714 -15.80 0.49 -12.41
N LEU C 715 -15.95 1.25 -11.33
CA LEU C 715 -17.18 1.26 -10.53
C LEU C 715 -18.32 1.79 -11.37
N MET C 716 -18.16 2.91 -12.03
CA MET C 716 -19.21 3.50 -12.83
C MET C 716 -19.65 2.57 -13.98
N GLN C 717 -18.69 1.90 -14.60
CA GLN C 717 -18.99 1.03 -15.73
C GLN C 717 -19.63 -0.30 -15.27
N GLU C 718 -19.28 -0.77 -14.07
CA GLU C 718 -19.94 -1.91 -13.47
C GLU C 718 -21.39 -1.57 -13.11
N ARG C 719 -21.64 -0.33 -12.66
CA ARG C 719 -22.98 0.08 -12.29
C ARG C 719 -23.88 0.32 -13.53
N TYR C 720 -23.34 1.08 -14.50
CA TYR C 720 -24.05 1.53 -15.69
C TYR C 720 -23.23 1.17 -16.91
N PRO C 721 -23.06 -0.13 -17.24
CA PRO C 721 -22.26 -0.52 -18.39
C PRO C 721 -22.91 -0.05 -19.67
N MET C 722 -24.24 0.17 -19.62
CA MET C 722 -24.97 0.65 -20.78
C MET C 722 -25.99 1.71 -20.33
N ALA C 723 -26.35 2.62 -21.24
CA ALA C 723 -27.43 3.56 -21.00
C ALA C 723 -28.69 2.76 -20.68
N TYR C 724 -29.45 3.24 -19.67
CA TYR C 724 -30.61 2.49 -19.20
C TYR C 724 -31.86 3.27 -19.61
N ILE C 725 -32.98 2.52 -19.70
CA ILE C 725 -34.29 3.10 -20.02
C ILE C 725 -35.25 2.60 -18.94
N GLU C 726 -35.72 3.52 -18.11
CA GLU C 726 -36.76 3.25 -17.11
C GLU C 726 -38.04 2.98 -17.87
N MET C 727 -38.68 1.81 -17.58
CA MET C 727 -39.95 1.44 -18.19
C MET C 727 -40.90 0.93 -17.12
N ASN C 728 -42.20 1.17 -17.40
CA ASN C 728 -43.28 0.67 -16.55
C ASN C 728 -43.24 -0.86 -16.53
N PRO C 729 -43.29 -1.55 -15.37
CA PRO C 729 -43.34 -3.04 -15.28
C PRO C 729 -44.37 -3.73 -16.14
N ASP C 730 -45.54 -3.11 -16.30
CA ASP C 730 -46.60 -3.70 -17.12
C ASP C 730 -46.24 -3.62 -18.60
N ASP C 731 -45.67 -2.50 -19.03
CA ASP C 731 -45.14 -2.35 -20.40
C ASP C 731 -44.03 -3.38 -20.68
N CYS C 732 -43.20 -3.62 -19.68
CA CYS C 732 -42.12 -4.59 -19.66
C CYS C 732 -42.65 -5.98 -19.91
N LYS C 733 -43.69 -6.36 -19.17
CA LYS C 733 -44.27 -7.69 -19.30
C LYS C 733 -44.83 -7.85 -20.71
N GLN C 734 -45.45 -6.81 -21.25
CA GLN C 734 -46.04 -6.88 -22.59
C GLN C 734 -44.96 -7.09 -23.64
N LEU C 735 -43.76 -6.46 -23.47
CA LEU C 735 -42.61 -6.67 -24.33
C LEU C 735 -41.72 -7.84 -23.94
N ASP C 736 -42.08 -8.65 -22.94
CA ASP C 736 -41.30 -9.73 -22.39
C ASP C 736 -39.87 -9.28 -22.07
N VAL C 737 -39.73 -8.11 -21.43
CA VAL C 737 -38.43 -7.67 -20.97
C VAL C 737 -38.43 -7.54 -19.44
N THR C 738 -37.21 -7.59 -18.91
CA THR C 738 -36.94 -7.27 -17.53
C THR C 738 -35.59 -6.59 -17.41
N GLY C 739 -35.15 -6.39 -16.13
CA GLY C 739 -33.90 -5.71 -15.85
C GLY C 739 -32.74 -6.43 -16.56
N GLY C 740 -31.95 -5.67 -17.35
CA GLY C 740 -30.74 -6.25 -17.94
C GLY C 740 -30.95 -6.80 -19.32
N ASP C 741 -32.18 -6.72 -19.86
CA ASP C 741 -32.42 -6.99 -21.27
C ASP C 741 -31.99 -5.75 -22.01
N ILE C 742 -31.63 -5.92 -23.27
CA ILE C 742 -31.29 -4.80 -24.13
C ILE C 742 -32.47 -4.66 -25.09
N VAL C 743 -32.80 -3.40 -25.38
CA VAL C 743 -33.81 -3.01 -26.30
C VAL C 743 -33.24 -2.03 -27.31
N GLU C 744 -33.78 -2.08 -28.55
CA GLU C 744 -33.70 -0.99 -29.51
C GLU C 744 -34.85 -0.01 -29.21
N VAL C 745 -34.55 1.29 -29.30
CA VAL C 745 -35.49 2.39 -29.18
C VAL C 745 -35.43 3.15 -30.47
N TYR C 746 -36.58 3.46 -31.10
CA TYR C 746 -36.53 3.92 -32.48
C TYR C 746 -37.74 4.66 -32.92
N ASN C 747 -37.52 5.53 -33.88
CA ASN C 747 -38.62 6.25 -34.53
C ASN C 747 -38.19 6.64 -35.94
N ASP C 748 -38.86 7.64 -36.53
CA ASP C 748 -38.48 8.17 -37.84
C ASP C 748 -37.10 8.86 -37.81
N PHE C 749 -36.68 9.42 -36.66
CA PHE C 749 -35.43 10.18 -36.55
C PHE C 749 -34.20 9.27 -36.42
N GLY C 750 -34.33 8.14 -35.74
CA GLY C 750 -33.21 7.24 -35.55
C GLY C 750 -33.54 5.97 -34.75
N SER C 751 -32.47 5.20 -34.53
CA SER C 751 -32.44 3.94 -33.79
C SER C 751 -31.30 3.99 -32.73
N THR C 752 -31.55 3.60 -31.48
CA THR C 752 -30.51 3.50 -30.47
C THR C 752 -30.83 2.33 -29.55
N PHE C 753 -30.05 2.17 -28.46
CA PHE C 753 -30.11 0.94 -27.70
C PHE C 753 -30.00 1.34 -26.24
N ALA C 754 -30.63 0.53 -25.36
CA ALA C 754 -30.58 0.77 -23.95
C ALA C 754 -30.82 -0.56 -23.22
N MET C 755 -30.32 -0.65 -21.99
CA MET C 755 -30.65 -1.76 -21.13
C MET C 755 -31.94 -1.41 -20.37
N VAL C 756 -32.79 -2.42 -20.20
CA VAL C 756 -34.10 -2.21 -19.58
C VAL C 756 -33.89 -2.06 -18.05
N TYR C 757 -34.58 -1.04 -17.50
CA TYR C 757 -34.59 -0.77 -16.06
C TYR C 757 -36.07 -0.64 -15.65
N PRO C 758 -36.74 -1.75 -15.22
CA PRO C 758 -38.11 -1.63 -14.72
C PRO C 758 -38.23 -0.71 -13.52
N VAL C 759 -39.20 0.24 -13.59
CA VAL C 759 -39.37 1.23 -12.58
C VAL C 759 -40.89 1.40 -12.37
N ALA C 760 -41.35 1.00 -11.18
CA ALA C 760 -42.76 0.99 -10.82
C ALA C 760 -43.38 2.39 -10.99
N GLU C 761 -42.59 3.45 -10.80
CA GLU C 761 -43.09 4.82 -10.77
C GLU C 761 -43.31 5.39 -12.16
N ILE C 762 -42.80 4.71 -13.18
CA ILE C 762 -43.00 5.14 -14.56
C ILE C 762 -44.40 4.82 -14.99
N LYS C 763 -44.98 5.79 -15.67
CA LYS C 763 -46.35 5.65 -16.12
C LYS C 763 -46.33 4.83 -17.41
N ARG C 764 -47.45 4.11 -17.61
CA ARG C 764 -47.68 3.32 -18.84
C ARG C 764 -47.57 4.23 -20.06
N GLY C 765 -46.85 3.77 -21.10
CA GLY C 765 -46.63 4.55 -22.30
C GLY C 765 -45.64 5.69 -22.14
N GLN C 766 -44.96 5.76 -20.95
CA GLN C 766 -43.85 6.64 -20.69
C GLN C 766 -42.61 5.81 -20.37
N THR C 767 -41.45 6.39 -20.68
CA THR C 767 -40.11 5.88 -20.42
C THR C 767 -39.18 7.01 -20.04
N PHE C 768 -37.97 6.65 -19.60
CA PHE C 768 -36.96 7.62 -19.26
C PHE C 768 -35.58 6.99 -19.59
N MET C 769 -34.83 7.61 -20.46
CA MET C 769 -33.56 7.06 -20.90
C MET C 769 -32.45 8.02 -20.49
N LEU C 770 -31.35 7.50 -19.94
CA LEU C 770 -30.16 8.32 -19.71
C LEU C 770 -29.68 8.99 -21.01
N PHE C 771 -29.48 10.28 -20.98
CA PHE C 771 -29.04 11.07 -22.14
C PHE C 771 -27.50 11.05 -22.25
N GLY C 772 -27.06 11.35 -23.46
CA GLY C 772 -25.65 11.69 -23.68
C GLY C 772 -24.59 10.59 -23.52
N TYR C 773 -25.00 9.32 -23.38
CA TYR C 773 -24.04 8.37 -22.84
C TYR C 773 -23.15 7.75 -23.95
N VAL C 774 -22.09 7.13 -23.43
CA VAL C 774 -21.07 6.46 -24.22
C VAL C 774 -21.49 5.10 -24.78
N ASN C 775 -22.58 4.49 -24.28
CA ASN C 775 -23.05 3.22 -24.81
C ASN C 775 -24.58 3.27 -24.92
N GLY C 776 -25.09 3.64 -26.11
CA GLY C 776 -26.51 3.84 -26.33
C GLY C 776 -26.81 5.32 -26.19
N ILE C 777 -26.72 6.03 -27.31
CA ILE C 777 -26.87 7.47 -27.37
C ILE C 777 -28.38 7.74 -27.48
N GLN C 778 -28.94 8.42 -26.49
CA GLN C 778 -30.38 8.77 -26.49
C GLN C 778 -30.82 9.68 -27.63
N GLY C 779 -29.95 10.65 -27.99
CA GLY C 779 -30.29 11.77 -28.83
C GLY C 779 -30.66 11.38 -30.26
N ASP C 780 -30.34 10.14 -30.67
CA ASP C 780 -30.68 9.59 -31.98
C ASP C 780 -32.16 9.66 -32.27
N VAL C 781 -32.96 9.68 -31.21
CA VAL C 781 -34.40 9.63 -31.40
C VAL C 781 -35.04 10.99 -31.10
N THR C 782 -34.25 12.03 -30.72
CA THR C 782 -34.81 13.37 -30.61
C THR C 782 -35.03 13.97 -32.00
N THR C 783 -36.04 14.85 -32.12
CA THR C 783 -36.45 15.38 -33.45
C THR C 783 -35.57 16.59 -33.75
N ASP C 784 -35.73 17.16 -34.95
CA ASP C 784 -35.02 18.38 -35.34
C ASP C 784 -35.75 19.63 -34.88
N TRP C 785 -36.91 19.47 -34.21
CA TRP C 785 -37.75 20.61 -33.93
C TRP C 785 -37.13 21.52 -32.87
N THR C 786 -37.19 22.84 -33.16
CA THR C 786 -36.75 23.86 -32.25
C THR C 786 -37.77 25.00 -32.21
N ASP C 787 -37.73 25.78 -31.14
CA ASP C 787 -38.62 26.94 -31.00
C ASP C 787 -38.13 28.09 -31.88
N ARG C 788 -38.75 29.28 -31.74
CA ARG C 788 -38.42 30.42 -32.59
C ARG C 788 -36.95 30.84 -32.51
N ASN C 789 -36.28 30.65 -31.34
CA ASN C 789 -34.89 30.96 -31.15
C ASN C 789 -33.95 29.74 -31.33
N ILE C 790 -34.43 28.67 -31.96
CA ILE C 790 -33.66 27.46 -32.22
C ILE C 790 -33.26 26.79 -30.89
N ILE C 791 -34.21 26.64 -30.01
CA ILE C 791 -34.05 25.85 -28.80
C ILE C 791 -34.82 24.54 -29.03
N PRO C 792 -34.13 23.38 -28.97
CA PRO C 792 -34.75 22.08 -29.16
C PRO C 792 -35.68 21.63 -28.06
N TYR C 793 -36.71 20.90 -28.49
CA TYR C 793 -37.57 20.20 -27.56
C TYR C 793 -36.97 18.81 -27.35
N TYR C 794 -35.80 18.75 -26.68
CA TYR C 794 -35.13 17.50 -26.44
C TYR C 794 -36.01 16.55 -25.62
N LYS C 795 -36.91 17.05 -24.75
CA LYS C 795 -37.75 16.19 -23.94
C LYS C 795 -39.05 15.80 -24.65
N GLY C 796 -39.16 16.07 -25.96
CA GLY C 796 -40.35 15.89 -26.77
C GLY C 796 -40.06 14.99 -27.95
N THR C 797 -40.25 13.68 -27.71
CA THR C 797 -40.13 12.67 -28.71
C THR C 797 -40.81 11.38 -28.23
N TRP C 798 -41.31 10.66 -29.25
CA TRP C 798 -41.98 9.38 -29.07
C TRP C 798 -41.32 8.36 -30.01
N GLY C 799 -41.41 7.07 -29.67
CA GLY C 799 -40.80 5.97 -30.40
C GLY C 799 -41.29 4.64 -29.86
N ASP C 800 -40.95 3.57 -30.59
CA ASP C 800 -41.26 2.19 -30.25
C ASP C 800 -40.02 1.53 -29.68
N ILE C 801 -40.25 0.36 -29.09
CA ILE C 801 -39.26 -0.34 -28.30
C ILE C 801 -39.33 -1.80 -28.72
N ARG C 802 -38.16 -2.39 -29.04
CA ARG C 802 -38.07 -3.77 -29.48
C ARG C 802 -37.00 -4.49 -28.68
N LYS C 803 -37.30 -5.69 -28.17
CA LYS C 803 -36.36 -6.49 -27.41
C LYS C 803 -35.25 -7.01 -28.32
N VAL C 804 -33.97 -6.75 -27.98
CA VAL C 804 -32.86 -7.44 -28.62
C VAL C 804 -32.60 -8.77 -27.92
N GLY C 805 -32.33 -8.72 -26.63
CA GLY C 805 -32.11 -9.98 -25.96
C GLY C 805 -31.73 -9.73 -24.51
N SER C 806 -31.46 -10.82 -23.80
CA SER C 806 -31.04 -10.79 -22.41
C SER C 806 -29.51 -10.73 -22.28
N MET C 807 -28.99 -9.71 -21.61
CA MET C 807 -27.56 -9.62 -21.29
C MET C 807 -27.32 -10.24 -19.92
N GLU C 808 -26.94 -11.51 -19.88
N GLU C 808 -26.94 -11.52 -19.87
CA GLU C 808 -26.85 -12.27 -18.63
CA GLU C 808 -26.83 -12.27 -18.63
C GLU C 808 -25.84 -11.62 -17.70
C GLU C 808 -25.83 -11.61 -17.69
N GLU C 809 -24.76 -11.07 -18.26
CA GLU C 809 -23.75 -10.38 -17.48
C GLU C 809 -24.32 -9.13 -16.80
N PHE C 810 -25.23 -8.39 -17.48
CA PHE C 810 -25.88 -7.27 -16.81
C PHE C 810 -26.73 -7.76 -15.63
N LYS C 811 -27.40 -8.90 -15.84
CA LYS C 811 -28.22 -9.47 -14.78
C LYS C 811 -27.36 -9.88 -13.57
N ARG C 812 -26.11 -10.31 -13.81
CA ARG C 812 -25.22 -10.82 -12.76
C ARG C 812 -24.61 -9.69 -11.95
N THR C 813 -24.43 -8.48 -12.53
CA THR C 813 -23.55 -7.49 -11.96
C THR C 813 -24.24 -6.13 -11.73
N VAL C 814 -25.34 -5.81 -12.44
CA VAL C 814 -26.01 -4.54 -12.35
C VAL C 814 -27.25 -4.68 -11.44
N SER C 815 -27.39 -3.76 -10.48
CA SER C 815 -28.60 -3.59 -9.67
C SER C 815 -29.69 -2.93 -10.52
N PHE C 816 -30.87 -3.54 -10.56
CA PHE C 816 -32.08 -2.95 -11.11
C PHE C 816 -33.05 -2.60 -9.99
N LYS C 817 -32.52 -2.36 -8.76
CA LYS C 817 -33.37 -2.01 -7.64
C LYS C 817 -33.73 -0.55 -7.72
N SER C 818 -34.66 -0.13 -6.86
CA SER C 818 -35.27 1.17 -7.00
C SER C 818 -34.32 2.27 -6.60
N ARG C 819 -34.32 3.34 -7.41
CA ARG C 819 -33.55 4.55 -7.16
C ARG C 819 -34.43 5.65 -6.54
N ARG C 820 -35.68 5.34 -6.16
CA ARG C 820 -36.58 6.30 -5.46
C ARG C 820 -36.65 5.90 -4.00
N PHE C 821 -35.97 6.63 -3.14
CA PHE C 821 -35.80 6.21 -1.75
C PHE C 821 -37.13 6.29 -0.99
N ALA C 822 -37.47 5.22 -0.26
N ALA C 822 -37.43 5.24 -0.20
CA ALA C 822 -38.54 5.25 0.71
CA ALA C 822 -38.51 5.28 0.78
C ALA C 822 -38.16 4.36 1.88
C ALA C 822 -38.07 4.68 2.11
N ALA D 1 8.84 -3.37 9.68
CA ALA D 1 7.67 -4.28 9.72
C ALA D 1 7.90 -5.44 8.75
N GLY D 2 8.06 -5.09 7.45
CA GLY D 2 7.72 -5.94 6.31
C GLY D 2 6.31 -5.62 5.83
N ARG D 3 5.35 -5.87 6.73
CA ARG D 3 3.98 -6.20 6.39
C ARG D 3 3.27 -5.09 5.62
N THR D 4 2.57 -5.52 4.56
CA THR D 4 1.76 -4.69 3.70
C THR D 4 0.28 -4.86 4.05
N THR D 5 -0.10 -5.84 4.86
CA THR D 5 -1.48 -6.12 5.18
C THR D 5 -1.80 -5.63 6.60
N LEU D 6 -3.11 -5.32 6.81
CA LEU D 6 -3.62 -5.01 8.13
C LEU D 6 -3.76 -6.30 8.92
N GLN D 7 -3.56 -6.23 10.26
CA GLN D 7 -3.74 -7.40 11.11
C GLN D 7 -5.22 -7.50 11.53
N TYR D 8 -6.07 -8.07 10.67
CA TYR D 8 -7.46 -8.33 11.02
C TYR D 8 -7.61 -9.40 12.10
N PRO D 9 -8.51 -9.19 13.10
CA PRO D 9 -8.91 -10.27 14.00
C PRO D 9 -9.75 -11.33 13.31
N ALA D 10 -9.78 -12.53 13.91
CA ALA D 10 -10.70 -13.57 13.48
C ALA D 10 -11.84 -13.61 14.50
N THR D 11 -13.05 -13.17 14.11
CA THR D 11 -14.15 -13.07 15.04
C THR D 11 -15.28 -14.01 14.64
N GLN D 12 -15.60 -15.00 15.47
CA GLN D 12 -16.84 -15.75 15.33
C GLN D 12 -18.11 -14.86 15.21
N VAL D 13 -18.96 -15.09 14.17
CA VAL D 13 -20.26 -14.45 14.03
C VAL D 13 -21.37 -15.38 14.56
N SER D 14 -21.46 -16.57 13.97
CA SER D 14 -22.40 -17.60 14.39
C SER D 14 -22.11 -18.88 13.58
N VAL D 15 -22.93 -19.94 13.74
CA VAL D 15 -22.95 -21.00 12.76
C VAL D 15 -23.99 -20.66 11.70
N ALA D 16 -23.72 -21.05 10.44
CA ALA D 16 -24.55 -20.68 9.28
C ALA D 16 -25.99 -21.13 9.42
N LYS D 17 -26.20 -22.35 9.92
CA LYS D 17 -27.53 -22.90 10.02
C LYS D 17 -28.43 -22.17 11.02
N ASN D 18 -27.89 -21.32 11.90
CA ASN D 18 -28.72 -20.51 12.77
C ASN D 18 -29.33 -19.34 12.03
N LEU D 19 -28.80 -18.95 10.88
CA LEU D 19 -29.30 -17.75 10.23
C LEU D 19 -30.59 -18.10 9.51
N LYS D 20 -31.64 -17.29 9.68
CA LYS D 20 -32.87 -17.44 8.91
C LYS D 20 -32.81 -16.57 7.65
N ALA D 21 -33.43 -17.03 6.57
CA ALA D 21 -33.47 -16.27 5.34
C ALA D 21 -34.01 -14.85 5.60
N ASN D 22 -33.25 -13.85 5.16
CA ASN D 22 -33.60 -12.43 5.15
C ASN D 22 -33.85 -11.85 6.54
N GLU D 23 -33.19 -12.39 7.58
CA GLU D 23 -33.28 -11.95 8.97
C GLU D 23 -31.88 -11.56 9.45
N PRO D 24 -31.52 -10.21 9.38
CA PRO D 24 -30.13 -9.77 9.54
C PRO D 24 -29.63 -10.06 10.96
N VAL D 25 -28.36 -10.48 11.07
CA VAL D 25 -27.70 -10.63 12.36
C VAL D 25 -26.73 -9.46 12.54
N SER D 26 -26.73 -8.83 13.70
CA SER D 26 -25.79 -7.75 14.05
C SER D 26 -24.59 -8.30 14.79
N PHE D 27 -23.42 -7.71 14.49
CA PHE D 27 -22.17 -8.02 15.18
C PHE D 27 -21.25 -6.80 14.94
N THR D 28 -20.13 -6.74 15.66
CA THR D 28 -19.10 -5.72 15.47
C THR D 28 -17.84 -6.39 14.93
N TYR D 29 -17.21 -5.68 13.97
CA TYR D 29 -16.00 -6.14 13.30
C TYR D 29 -15.33 -4.99 12.55
N PRO D 30 -14.00 -4.74 12.67
CA PRO D 30 -13.06 -5.52 13.47
C PRO D 30 -12.87 -5.08 14.90
N ASP D 31 -13.75 -4.20 15.40
CA ASP D 31 -13.78 -3.83 16.80
C ASP D 31 -15.20 -3.37 17.12
N THR D 32 -15.44 -3.06 18.38
CA THR D 32 -16.78 -2.79 18.87
C THR D 32 -17.29 -1.47 18.36
N SER D 33 -16.49 -0.57 17.73
CA SER D 33 -17.02 0.65 17.13
C SER D 33 -17.40 0.50 15.65
N SER D 34 -17.31 -0.70 15.11
CA SER D 34 -17.58 -0.93 13.65
C SER D 34 -18.81 -1.83 13.54
N PRO D 35 -20.05 -1.33 13.47
CA PRO D 35 -21.24 -2.17 13.37
C PRO D 35 -21.36 -2.83 11.97
N CYS D 36 -21.73 -4.12 12.02
CA CYS D 36 -21.86 -4.95 10.84
C CYS D 36 -23.15 -5.79 10.90
N VAL D 37 -23.60 -6.21 9.70
CA VAL D 37 -24.71 -7.13 9.56
C VAL D 37 -24.25 -8.29 8.67
N ALA D 38 -24.68 -9.52 9.01
CA ALA D 38 -24.64 -10.68 8.16
C ALA D 38 -26.09 -11.09 7.85
N VAL D 39 -26.39 -11.45 6.60
CA VAL D 39 -27.73 -11.89 6.25
C VAL D 39 -27.62 -13.08 5.26
N LYS D 40 -28.43 -14.12 5.52
CA LYS D 40 -28.75 -15.15 4.55
C LYS D 40 -29.76 -14.61 3.55
N LEU D 41 -29.36 -14.51 2.31
CA LEU D 41 -30.21 -13.90 1.31
C LEU D 41 -31.34 -14.81 0.86
N GLY D 42 -31.12 -16.14 0.92
CA GLY D 42 -32.12 -17.13 0.56
C GLY D 42 -31.89 -17.68 -0.85
N SER D 43 -30.97 -17.05 -1.60
CA SER D 43 -30.69 -17.42 -2.96
C SER D 43 -29.20 -17.18 -3.23
N PRO D 44 -28.43 -18.06 -3.91
CA PRO D 44 -27.00 -17.84 -4.10
C PRO D 44 -26.67 -16.52 -4.78
N VAL D 45 -25.60 -15.87 -4.34
CA VAL D 45 -25.04 -14.72 -5.01
C VAL D 45 -23.50 -14.89 -5.14
N PRO D 46 -22.84 -14.15 -6.08
CA PRO D 46 -21.39 -14.27 -6.25
C PRO D 46 -20.72 -13.96 -4.90
N GLY D 47 -19.90 -14.87 -4.43
CA GLY D 47 -19.16 -14.62 -3.19
C GLY D 47 -19.95 -14.84 -1.92
N GLY D 48 -21.24 -15.30 -2.01
CA GLY D 48 -21.94 -15.72 -0.83
C GLY D 48 -21.31 -16.97 -0.21
N VAL D 49 -21.34 -17.04 1.13
CA VAL D 49 -20.86 -18.21 1.82
C VAL D 49 -22.02 -18.99 2.44
N GLY D 50 -21.62 -20.16 2.94
CA GLY D 50 -22.47 -21.05 3.67
C GLY D 50 -22.95 -22.16 2.74
N PRO D 51 -23.82 -23.05 3.29
CA PRO D 51 -24.32 -24.19 2.53
C PRO D 51 -25.05 -23.79 1.23
N ASN D 52 -25.70 -22.63 1.19
CA ASN D 52 -26.44 -22.23 -0.02
C ASN D 52 -25.77 -21.03 -0.68
N ASN D 53 -24.50 -20.76 -0.33
CA ASN D 53 -23.67 -19.74 -0.96
C ASN D 53 -24.39 -18.40 -0.98
N ASP D 54 -25.07 -18.08 0.09
CA ASP D 54 -25.99 -16.99 0.03
C ASP D 54 -25.84 -16.07 1.21
N ILE D 55 -24.87 -16.32 2.12
CA ILE D 55 -24.68 -15.49 3.28
C ILE D 55 -23.67 -14.41 2.91
N VAL D 56 -24.03 -13.15 3.16
CA VAL D 56 -23.16 -12.01 2.87
C VAL D 56 -23.11 -11.16 4.14
N ALA D 57 -22.05 -10.35 4.26
CA ALA D 57 -21.90 -9.50 5.45
C ALA D 57 -21.26 -8.17 5.06
N TYR D 58 -21.65 -7.11 5.76
CA TYR D 58 -21.24 -5.74 5.48
C TYR D 58 -20.97 -4.93 6.75
N SER D 59 -20.12 -3.92 6.60
CA SER D 59 -20.15 -2.71 7.43
C SER D 59 -21.44 -1.96 7.12
N VAL D 60 -22.13 -1.50 8.18
CA VAL D 60 -23.38 -0.79 7.96
C VAL D 60 -23.18 0.73 7.97
N LEU D 61 -21.97 1.23 8.17
CA LEU D 61 -21.72 2.69 8.18
C LEU D 61 -21.74 3.19 6.75
N CYS D 62 -22.53 4.21 6.47
CA CYS D 62 -22.60 4.76 5.15
C CYS D 62 -21.22 5.26 4.75
N THR D 63 -20.75 4.89 3.54
CA THR D 63 -19.45 5.33 3.06
C THR D 63 -19.50 6.78 2.54
N HIS D 64 -20.67 7.45 2.56
CA HIS D 64 -20.75 8.90 2.30
C HIS D 64 -20.27 9.64 3.56
N MET D 65 -21.15 9.80 4.57
CA MET D 65 -20.76 10.50 5.79
C MET D 65 -21.07 9.75 7.05
N GLY D 66 -21.23 8.43 6.99
CA GLY D 66 -20.99 7.61 8.15
C GLY D 66 -22.19 7.30 9.00
N PHE D 67 -23.41 7.67 8.58
CA PHE D 67 -24.57 7.30 9.41
C PHE D 67 -24.75 5.78 9.35
N PRO D 68 -25.12 5.09 10.46
CA PRO D 68 -25.47 3.68 10.40
C PRO D 68 -26.66 3.52 9.43
N THR D 69 -26.49 2.68 8.42
CA THR D 69 -27.54 2.39 7.46
C THR D 69 -28.47 1.32 8.07
N SER D 70 -29.67 1.15 7.49
CA SER D 70 -30.58 0.13 8.00
C SER D 70 -30.88 -0.83 6.88
N TYR D 71 -30.88 -2.12 7.24
CA TYR D 71 -31.20 -3.18 6.31
C TYR D 71 -32.72 -3.17 6.08
N ASP D 72 -33.15 -3.02 4.82
CA ASP D 72 -34.55 -3.19 4.44
C ASP D 72 -34.76 -4.61 3.92
N LYS D 73 -35.55 -5.42 4.65
CA LYS D 73 -35.78 -6.80 4.29
C LYS D 73 -36.56 -6.94 2.99
N SER D 74 -37.41 -5.99 2.63
CA SER D 74 -38.25 -6.10 1.45
C SER D 74 -37.46 -5.88 0.17
N SER D 75 -36.45 -5.01 0.19
CA SER D 75 -35.64 -4.75 -1.01
C SER D 75 -34.29 -5.47 -0.97
N LYS D 76 -33.83 -5.94 0.22
CA LYS D 76 -32.50 -6.46 0.52
C LYS D 76 -31.45 -5.40 0.15
N THR D 77 -31.63 -4.20 0.74
CA THR D 77 -30.73 -3.10 0.57
C THR D 77 -30.40 -2.49 1.95
N PHE D 78 -29.35 -1.65 1.97
CA PHE D 78 -29.04 -0.85 3.16
C PHE D 78 -29.31 0.59 2.76
N LYS D 79 -30.10 1.31 3.57
CA LYS D 79 -30.52 2.66 3.26
C LYS D 79 -29.97 3.59 4.31
N CYS D 80 -29.47 4.72 3.82
CA CYS D 80 -28.85 5.70 4.66
C CYS D 80 -29.84 6.85 4.89
N PRO D 81 -30.13 7.22 6.18
CA PRO D 81 -31.04 8.35 6.40
C PRO D 81 -30.42 9.74 6.22
N GLY D 82 -29.11 9.80 5.92
CA GLY D 82 -28.41 11.07 5.87
C GLY D 82 -28.72 11.78 4.57
N HIS D 83 -28.24 11.23 3.45
CA HIS D 83 -28.45 11.83 2.13
C HIS D 83 -28.96 10.81 1.15
N PHE D 84 -29.61 9.73 1.69
CA PHE D 84 -30.50 8.86 0.94
C PHE D 84 -29.76 7.91 -0.01
N THR D 85 -28.50 7.61 0.32
CA THR D 85 -27.75 6.61 -0.39
C THR D 85 -28.37 5.24 -0.07
N GLU D 86 -28.43 4.38 -1.08
CA GLU D 86 -28.91 3.01 -0.95
C GLU D 86 -27.94 2.02 -1.63
N PHE D 87 -27.60 0.94 -0.90
CA PHE D 87 -26.64 -0.06 -1.34
C PHE D 87 -27.33 -1.41 -1.49
N ASP D 88 -26.90 -2.19 -2.51
CA ASP D 88 -27.49 -3.45 -2.84
C ASP D 88 -26.74 -4.54 -2.09
N ALA D 89 -27.45 -5.30 -1.21
CA ALA D 89 -26.86 -6.41 -0.48
C ALA D 89 -26.56 -7.58 -1.38
N GLU D 90 -27.24 -7.64 -2.54
CA GLU D 90 -27.08 -8.76 -3.45
C GLU D 90 -26.03 -8.46 -4.56
N LYS D 91 -25.52 -7.22 -4.65
CA LYS D 91 -24.47 -6.87 -5.60
C LYS D 91 -23.21 -6.35 -4.91
N ALA D 92 -22.83 -7.01 -3.81
CA ALA D 92 -21.60 -6.67 -3.09
C ALA D 92 -21.54 -5.18 -2.74
N GLY D 93 -22.64 -4.66 -2.22
CA GLY D 93 -22.65 -3.27 -1.76
C GLY D 93 -22.63 -2.21 -2.83
N GLN D 94 -22.98 -2.60 -4.09
CA GLN D 94 -23.09 -1.62 -5.14
C GLN D 94 -24.08 -0.51 -4.75
N MET D 95 -23.72 0.72 -5.03
CA MET D 95 -24.57 1.86 -4.75
C MET D 95 -25.67 1.94 -5.82
N ILE D 96 -26.96 1.82 -5.40
CA ILE D 96 -28.10 1.85 -6.32
C ILE D 96 -28.29 3.28 -6.84
N CYS D 97 -28.25 4.19 -5.88
CA CYS D 97 -28.42 5.64 -6.02
C CYS D 97 -27.79 6.22 -4.74
N GLY D 98 -27.10 7.38 -4.84
CA GLY D 98 -26.59 8.03 -3.64
C GLY D 98 -25.40 8.92 -3.92
N GLN D 99 -24.84 9.40 -2.80
CA GLN D 99 -23.83 10.38 -2.82
C GLN D 99 -22.45 9.82 -2.49
N ALA D 100 -22.36 8.54 -2.11
CA ALA D 100 -21.11 7.89 -1.82
C ALA D 100 -20.30 7.68 -3.07
N THR D 101 -19.01 7.50 -2.82
CA THR D 101 -18.07 7.19 -3.88
C THR D 101 -17.41 5.85 -3.62
N GLU D 102 -18.01 5.02 -2.77
CA GLU D 102 -17.47 3.71 -2.46
C GLU D 102 -18.61 2.81 -2.07
N ASN D 103 -18.56 1.57 -2.57
CA ASN D 103 -19.47 0.54 -2.22
C ASN D 103 -19.42 0.27 -0.72
N LEU D 104 -20.57 -0.24 -0.23
CA LEU D 104 -20.63 -0.63 1.14
C LEU D 104 -19.57 -1.69 1.38
N PRO D 105 -18.67 -1.57 2.39
CA PRO D 105 -17.61 -2.54 2.58
C PRO D 105 -18.15 -3.93 2.93
N ARG D 106 -17.53 -4.97 2.40
CA ARG D 106 -17.98 -6.34 2.66
C ARG D 106 -17.12 -6.85 3.81
N VAL D 107 -17.75 -7.49 4.79
CA VAL D 107 -17.06 -8.31 5.78
C VAL D 107 -16.83 -9.70 5.16
N LEU D 108 -15.57 -10.09 5.02
CA LEU D 108 -15.17 -11.39 4.52
C LEU D 108 -15.34 -12.42 5.63
N LEU D 109 -16.14 -13.44 5.31
CA LEU D 109 -16.48 -14.55 6.18
C LEU D 109 -15.80 -15.80 5.68
N ARG D 110 -15.12 -16.51 6.54
CA ARG D 110 -14.78 -17.88 6.29
C ARG D 110 -15.99 -18.74 6.71
N TYR D 111 -16.36 -19.73 5.84
CA TYR D 111 -17.33 -20.74 6.24
C TYR D 111 -16.62 -22.07 6.33
N ASP D 112 -16.67 -22.73 7.53
CA ASP D 112 -16.07 -24.02 7.79
C ASP D 112 -17.18 -25.07 7.81
N GLU D 113 -17.15 -25.99 6.84
CA GLU D 113 -18.15 -27.03 6.70
C GLU D 113 -18.12 -27.93 7.94
N ALA D 114 -16.93 -28.21 8.45
CA ALA D 114 -16.75 -29.15 9.54
C ALA D 114 -17.47 -28.73 10.84
N SER D 115 -17.52 -27.43 11.12
CA SER D 115 -18.10 -26.83 12.32
C SER D 115 -19.39 -26.06 12.06
N ASP D 116 -19.73 -25.82 10.78
CA ASP D 116 -20.74 -24.89 10.32
C ASP D 116 -20.48 -23.42 10.71
N ALA D 117 -19.28 -23.04 11.18
CA ALA D 117 -18.96 -21.72 11.68
C ALA D 117 -18.75 -20.72 10.55
N LEU D 118 -19.22 -19.51 10.82
CA LEU D 118 -18.90 -18.31 10.05
C LEU D 118 -17.97 -17.47 10.92
N THR D 119 -16.76 -17.18 10.42
CA THR D 119 -15.83 -16.27 11.07
C THR D 119 -15.53 -15.06 10.17
N ALA D 120 -15.68 -13.84 10.74
CA ALA D 120 -15.24 -12.61 10.11
C ALA D 120 -13.71 -12.58 10.15
N VAL D 121 -13.11 -12.39 8.97
CA VAL D 121 -11.67 -12.51 8.84
C VAL D 121 -11.03 -11.32 8.14
N GLY D 122 -11.80 -10.39 7.62
CA GLY D 122 -11.26 -9.30 6.85
C GLY D 122 -12.38 -8.37 6.42
N VAL D 123 -11.96 -7.26 5.77
CA VAL D 123 -12.91 -6.35 5.19
C VAL D 123 -12.42 -6.03 3.80
N ASP D 124 -13.32 -6.09 2.81
CA ASP D 124 -13.08 -5.61 1.46
C ASP D 124 -13.78 -4.24 1.31
N GLY D 125 -12.95 -3.18 1.12
CA GLY D 125 -13.38 -1.78 1.12
C GLY D 125 -12.96 -1.14 2.44
N LEU D 126 -12.94 0.21 2.48
CA LEU D 126 -12.62 0.98 3.67
C LEU D 126 -13.86 1.43 4.45
N ILE D 127 -13.92 1.09 5.74
CA ILE D 127 -14.99 1.49 6.62
C ILE D 127 -14.95 3.01 6.79
N TYR D 128 -16.14 3.67 6.82
CA TYR D 128 -16.27 5.09 7.04
C TYR D 128 -15.46 5.51 8.28
N GLY D 129 -14.87 6.73 8.21
CA GLY D 129 -14.43 7.39 9.44
C GLY D 129 -13.21 6.76 10.06
N ARG D 130 -12.37 6.13 9.21
CA ARG D 130 -11.20 5.35 9.61
C ARG D 130 -10.08 5.59 8.61
N GLN D 131 -8.88 5.68 9.13
CA GLN D 131 -7.65 5.80 8.28
C GLN D 131 -7.35 4.42 7.72
N ALA D 132 -7.58 3.36 8.53
CA ALA D 132 -7.43 1.97 8.14
C ALA D 132 -8.53 1.17 8.83
N ASN D 133 -8.97 0.07 8.23
CA ASN D 133 -10.03 -0.76 8.84
C ASN D 133 -9.68 -1.17 10.26
N VAL D 134 -8.41 -1.46 10.54
CA VAL D 134 -7.95 -1.87 11.87
C VAL D 134 -7.33 -0.62 12.50
N ILE D 135 -7.88 -0.19 13.64
CA ILE D 135 -7.40 0.98 14.32
C ILE D 135 -6.35 0.51 15.34
N ALA E 1 44.05 60.00 -0.41
CA ALA E 1 43.45 60.90 -1.42
C ALA E 1 42.51 60.10 -2.34
N ALA E 2 41.66 60.83 -3.09
CA ALA E 2 40.57 60.29 -3.91
C ALA E 2 39.51 59.55 -3.04
N ASN E 3 38.51 60.29 -2.51
CA ASN E 3 37.42 59.81 -1.68
C ASN E 3 36.23 59.29 -2.48
N ASP E 4 36.16 59.61 -3.77
CA ASP E 4 34.97 59.55 -4.57
C ASP E 4 35.06 58.57 -5.74
N ARG E 5 35.97 57.61 -5.69
CA ARG E 5 36.08 56.57 -6.71
C ARG E 5 36.81 55.37 -6.14
N ILE E 6 36.72 54.25 -6.85
CA ILE E 6 37.37 53.01 -6.48
C ILE E 6 37.95 52.41 -7.76
N THR E 7 39.11 51.79 -7.64
CA THR E 7 39.75 51.04 -8.73
C THR E 7 39.14 49.63 -8.66
N LEU E 8 38.43 49.25 -9.75
CA LEU E 8 37.88 47.92 -9.84
C LEU E 8 38.98 46.88 -10.13
N PRO E 9 38.76 45.65 -9.63
CA PRO E 9 39.64 44.53 -9.92
C PRO E 9 39.43 44.09 -11.36
N PRO E 10 40.51 43.88 -12.14
CA PRO E 10 40.38 43.37 -13.50
C PRO E 10 39.69 42.01 -13.52
N ALA E 11 39.09 41.65 -14.68
CA ALA E 11 38.42 40.39 -14.80
C ALA E 11 39.34 39.26 -14.43
N ASN E 12 40.64 39.35 -14.80
CA ASN E 12 41.58 38.24 -14.57
C ASN E 12 42.30 38.36 -13.23
N ALA E 13 41.88 39.27 -12.35
CA ALA E 13 42.56 39.44 -11.09
C ALA E 13 42.72 38.13 -10.32
N GLN E 14 43.81 38.03 -9.58
CA GLN E 14 44.01 36.93 -8.64
C GLN E 14 42.95 37.02 -7.56
N ARG E 15 42.43 35.89 -7.09
CA ARG E 15 41.41 35.80 -6.06
C ARG E 15 41.73 34.67 -5.12
N THR E 16 41.95 35.02 -3.82
CA THR E 16 42.14 33.98 -2.84
C THR E 16 41.00 34.07 -1.84
N ASN E 17 40.91 33.01 -1.03
CA ASN E 17 39.97 32.92 0.05
C ASN E 17 40.61 33.45 1.34
N MET E 18 39.77 34.16 2.10
CA MET E 18 40.13 34.64 3.40
C MET E 18 38.89 34.56 4.31
N THR E 19 39.08 33.97 5.50
CA THR E 19 38.11 33.99 6.58
C THR E 19 38.37 35.30 7.30
N CYS E 20 37.30 35.94 7.77
CA CYS E 20 37.42 37.12 8.56
C CYS E 20 38.41 36.90 9.73
N HIS E 21 39.28 37.91 9.91
CA HIS E 21 40.28 37.90 11.00
C HIS E 21 39.70 37.78 12.42
N PHE E 22 38.48 38.31 12.66
CA PHE E 22 38.02 38.70 13.99
C PHE E 22 37.04 37.65 14.58
N CYS E 23 35.71 37.91 14.58
CA CYS E 23 34.85 37.21 15.52
C CYS E 23 34.56 35.79 15.10
N ILE E 24 34.05 35.04 16.07
CA ILE E 24 33.67 33.63 15.94
C ILE E 24 32.90 33.28 14.63
N VAL E 25 32.09 34.19 14.11
CA VAL E 25 31.24 33.85 12.98
C VAL E 25 32.06 33.30 11.84
N GLY E 26 33.25 33.89 11.58
CA GLY E 26 34.08 33.28 10.57
C GLY E 26 33.53 33.54 9.17
N CYS E 27 32.96 34.71 8.91
CA CYS E 27 32.45 35.07 7.61
C CYS E 27 33.48 34.92 6.52
N GLY E 28 32.99 34.48 5.33
CA GLY E 28 33.86 34.22 4.21
C GLY E 28 34.04 35.49 3.38
N TYR E 29 35.29 35.68 2.99
CA TYR E 29 35.71 36.76 2.11
C TYR E 29 36.62 36.23 1.00
N HIS E 30 36.69 37.04 -0.05
CA HIS E 30 37.60 36.94 -1.15
C HIS E 30 38.56 38.13 -1.12
N VAL E 31 39.83 37.85 -1.43
CA VAL E 31 40.85 38.88 -1.61
C VAL E 31 41.24 38.92 -3.08
N TYR E 32 41.00 40.06 -3.70
CA TYR E 32 41.40 40.34 -5.06
C TYR E 32 42.73 41.10 -4.99
N LYS E 33 43.72 40.62 -5.76
CA LYS E 33 45.06 41.22 -5.80
C LYS E 33 45.51 41.45 -7.22
N TRP E 34 46.03 42.66 -7.53
CA TRP E 34 46.38 42.91 -8.90
C TRP E 34 47.36 44.08 -8.99
N PRO E 35 48.19 44.16 -10.05
CA PRO E 35 49.13 45.28 -10.16
C PRO E 35 48.49 46.66 -10.07
N GLU E 36 49.19 47.54 -9.38
CA GLU E 36 48.66 48.87 -9.09
C GLU E 36 48.23 49.62 -10.38
N LEU E 37 48.90 49.41 -11.49
CA LEU E 37 48.61 50.25 -12.63
C LEU E 37 47.60 49.61 -13.58
N GLN E 38 46.94 48.50 -13.17
CA GLN E 38 45.84 47.88 -13.88
C GLN E 38 44.54 48.19 -13.15
N GLU E 39 43.44 48.13 -13.89
CA GLU E 39 42.10 48.19 -13.33
C GLU E 39 41.10 47.43 -14.22
N GLY E 40 39.97 47.06 -13.58
CA GLY E 40 38.81 46.50 -14.25
C GLY E 40 37.98 47.56 -14.93
N GLY E 41 37.22 47.13 -15.96
CA GLY E 41 36.24 47.97 -16.64
C GLY E 41 34.92 47.92 -15.85
N ARG E 42 34.07 48.90 -16.09
CA ARG E 42 32.76 48.95 -15.43
C ARG E 42 31.77 47.87 -15.90
N ALA E 43 31.88 47.41 -17.18
CA ALA E 43 31.06 46.34 -17.68
C ALA E 43 31.21 45.10 -16.83
N PRO E 44 30.11 44.33 -16.51
CA PRO E 44 30.19 43.26 -15.52
C PRO E 44 31.22 42.17 -15.91
N GLU E 45 31.33 41.84 -17.18
CA GLU E 45 32.27 40.81 -17.60
C GLU E 45 33.72 41.34 -17.71
N GLN E 46 33.97 42.66 -17.51
CA GLN E 46 35.30 43.22 -17.53
C GLN E 46 35.83 43.57 -16.14
N ASN E 47 35.17 43.10 -15.07
CA ASN E 47 35.71 43.20 -13.75
C ASN E 47 35.49 41.90 -13.03
N ALA E 48 36.32 41.70 -11.98
CA ALA E 48 36.37 40.43 -11.25
C ALA E 48 35.12 40.22 -10.39
N LEU E 49 34.44 41.32 -9.99
CA LEU E 49 33.21 41.22 -9.23
C LEU E 49 32.03 40.73 -10.03
N GLY E 50 32.06 40.81 -11.36
CA GLY E 50 30.94 40.53 -12.25
C GLY E 50 29.74 41.45 -12.01
N LEU E 51 29.95 42.74 -11.68
CA LEU E 51 28.87 43.65 -11.37
C LEU E 51 28.92 44.76 -12.38
N ASP E 52 27.75 45.35 -12.61
CA ASP E 52 27.59 46.31 -13.69
C ASP E 52 27.74 47.71 -13.11
N PHE E 53 28.89 48.34 -13.28
CA PHE E 53 29.13 49.67 -12.73
C PHE E 53 28.92 50.76 -13.77
N ARG E 54 28.24 50.43 -14.87
CA ARG E 54 27.86 51.43 -15.85
C ARG E 54 26.59 52.20 -15.44
N LYS E 55 25.88 51.75 -14.41
CA LYS E 55 24.73 52.42 -13.84
C LYS E 55 24.64 52.00 -12.39
N GLN E 56 23.85 52.76 -11.61
CA GLN E 56 23.77 52.58 -10.19
C GLN E 56 23.43 51.10 -9.86
N LEU E 57 24.01 50.54 -8.83
CA LEU E 57 23.69 49.18 -8.45
C LEU E 57 22.49 49.23 -7.50
N PRO E 58 21.63 48.17 -7.49
CA PRO E 58 20.48 48.11 -6.58
C PRO E 58 20.98 47.78 -5.18
N PRO E 59 20.14 47.94 -4.14
CA PRO E 59 20.51 47.53 -2.78
C PRO E 59 20.85 46.01 -2.74
N LEU E 60 21.77 45.64 -1.83
CA LEU E 60 22.28 44.28 -1.64
C LEU E 60 23.18 43.76 -2.78
N ALA E 61 23.49 44.59 -3.77
CA ALA E 61 24.27 44.11 -4.92
C ALA E 61 25.71 43.84 -4.53
N VAL E 62 26.21 44.57 -3.53
CA VAL E 62 27.63 44.57 -3.23
C VAL E 62 27.80 45.18 -1.83
N THR E 63 28.89 44.79 -1.20
CA THR E 63 29.49 45.52 -0.10
C THR E 63 30.87 45.98 -0.58
N LEU E 64 31.05 47.28 -0.80
CA LEU E 64 32.28 47.81 -1.36
C LEU E 64 32.37 49.28 -0.98
N THR E 65 33.38 49.60 -0.13
CA THR E 65 33.78 50.94 0.17
C THR E 65 35.30 51.08 0.01
N PRO E 66 35.82 52.32 0.07
CA PRO E 66 37.26 52.51 0.07
C PRO E 66 37.99 51.84 1.22
N ALA E 67 37.31 51.66 2.36
CA ALA E 67 37.89 50.97 3.50
C ALA E 67 38.17 49.48 3.18
N MET E 68 37.59 48.98 2.10
CA MET E 68 37.70 47.55 1.72
C MET E 68 38.77 47.37 0.63
N THR E 69 39.49 48.48 0.34
CA THR E 69 40.55 48.50 -0.66
C THR E 69 41.87 48.95 -0.02
N ASN E 70 42.98 48.56 -0.65
CA ASN E 70 44.28 49.12 -0.27
C ASN E 70 45.28 48.86 -1.40
N VAL E 71 46.47 49.43 -1.25
CA VAL E 71 47.64 49.20 -2.09
C VAL E 71 48.77 48.72 -1.18
N VAL E 72 49.23 47.46 -1.39
CA VAL E 72 50.29 46.89 -0.59
C VAL E 72 51.60 47.04 -1.39
N THR E 73 52.70 47.08 -0.62
CA THR E 73 54.04 47.07 -1.16
C THR E 73 54.72 45.80 -0.70
N GLU E 74 55.11 44.95 -1.65
CA GLU E 74 55.62 43.62 -1.33
C GLU E 74 57.14 43.69 -1.11
N HIS E 75 57.72 42.56 -0.68
CA HIS E 75 59.17 42.43 -0.42
C HIS E 75 60.00 42.74 -1.65
N ASN E 76 59.46 42.50 -2.85
CA ASN E 76 60.12 42.93 -4.07
C ASN E 76 59.96 44.42 -4.41
N GLY E 77 59.31 45.25 -3.58
CA GLY E 77 59.13 46.65 -3.88
C GLY E 77 57.93 46.93 -4.79
N ARG E 78 57.27 45.91 -5.36
CA ARG E 78 56.16 46.12 -6.30
C ARG E 78 54.85 46.33 -5.53
N ARG E 79 54.03 47.18 -6.13
CA ARG E 79 52.78 47.67 -5.55
C ARG E 79 51.58 46.96 -6.17
N TYR E 80 50.65 46.53 -5.31
CA TYR E 80 49.47 45.79 -5.75
C TYR E 80 48.20 46.33 -5.07
N ASN E 81 47.19 46.61 -5.90
CA ASN E 81 45.83 46.81 -5.40
C ASN E 81 45.32 45.54 -4.74
N ILE E 82 44.67 45.72 -3.59
CA ILE E 82 43.94 44.64 -2.95
C ILE E 82 42.50 45.12 -2.69
N MET E 83 41.55 44.16 -2.69
CA MET E 83 40.14 44.39 -2.39
C MET E 83 39.69 43.17 -1.59
N VAL E 84 39.19 43.40 -0.37
CA VAL E 84 38.79 42.36 0.57
C VAL E 84 37.29 42.50 0.80
N VAL E 85 36.53 41.56 0.18
CA VAL E 85 35.07 41.69 0.10
C VAL E 85 34.41 40.38 0.49
N PRO E 86 33.22 40.43 1.08
CA PRO E 86 32.52 39.18 1.47
C PRO E 86 32.06 38.31 0.29
N ASP E 87 32.06 37.00 0.55
CA ASP E 87 31.72 36.02 -0.43
C ASP E 87 30.21 35.85 -0.36
N LYS E 88 29.51 36.08 -1.49
CA LYS E 88 28.07 35.95 -1.57
C LYS E 88 27.63 34.50 -1.44
N ALA E 89 28.49 33.54 -1.82
CA ALA E 89 28.08 32.16 -1.82
C ALA E 89 28.63 31.46 -0.61
N CYS E 90 29.28 32.14 0.34
CA CYS E 90 29.59 31.47 1.60
C CYS E 90 28.32 31.30 2.43
N VAL E 91 28.12 30.07 2.91
CA VAL E 91 26.92 29.80 3.69
C VAL E 91 26.86 30.59 4.99
N VAL E 92 28.03 30.92 5.60
CA VAL E 92 28.05 31.54 6.92
C VAL E 92 27.36 32.89 6.89
N ASN E 93 27.76 33.76 5.97
CA ASN E 93 27.41 35.15 5.86
C ASN E 93 26.64 35.50 4.59
N SER E 94 26.60 34.66 3.54
CA SER E 94 25.81 34.95 2.36
C SER E 94 26.13 36.35 1.85
N GLY E 95 27.42 36.73 1.76
CA GLY E 95 27.82 38.06 1.32
C GLY E 95 27.74 39.21 2.36
N LEU E 96 27.32 38.97 3.58
CA LEU E 96 27.38 40.01 4.62
C LEU E 96 28.83 40.20 5.10
N SER E 97 29.14 41.51 5.36
CA SER E 97 30.31 41.91 6.10
C SER E 97 29.88 42.76 7.29
N SER E 98 30.47 42.53 8.46
CA SER E 98 30.33 43.44 9.57
C SER E 98 31.22 44.69 9.36
N THR E 99 31.01 45.70 10.20
CA THR E 99 31.89 46.88 10.18
C THR E 99 33.33 46.46 10.55
N ARG E 100 33.50 45.34 11.29
CA ARG E 100 34.82 44.94 11.73
C ARG E 100 35.54 44.21 10.60
N GLY E 101 34.90 43.17 10.06
CA GLY E 101 35.40 42.44 8.87
C GLY E 101 35.68 43.37 7.65
N GLY E 102 34.80 44.33 7.50
CA GLY E 102 34.74 45.24 6.37
C GLY E 102 36.01 46.07 6.26
N LYS E 103 36.66 46.29 7.40
CA LYS E 103 37.89 47.06 7.43
C LYS E 103 39.14 46.22 7.18
N MET E 104 39.02 44.90 6.97
CA MET E 104 40.23 44.08 6.79
C MET E 104 41.26 44.68 5.80
N ALA E 105 40.84 45.13 4.64
CA ALA E 105 41.77 45.69 3.67
C ALA E 105 42.59 46.83 4.26
N SER E 106 41.92 47.71 4.99
CA SER E 106 42.53 48.88 5.61
C SER E 106 43.55 48.44 6.66
N TYR E 107 43.32 47.26 7.25
CA TYR E 107 44.10 46.80 8.39
C TYR E 107 45.10 45.77 7.90
N MET E 108 45.18 45.54 6.58
CA MET E 108 46.40 44.90 6.05
C MET E 108 47.61 45.85 6.18
N TYR E 109 48.82 45.26 6.26
CA TYR E 109 50.04 46.03 6.38
C TYR E 109 50.34 46.77 5.08
N THR E 110 50.46 48.09 5.17
CA THR E 110 51.10 48.93 4.16
C THR E 110 51.99 49.93 4.89
N PRO E 111 53.04 50.44 4.18
CA PRO E 111 53.95 51.41 4.76
C PRO E 111 53.33 52.73 5.18
N THR E 112 52.23 53.17 4.55
CA THR E 112 51.65 54.48 4.80
C THR E 112 50.25 54.46 5.40
N GLY E 113 49.63 53.26 5.58
CA GLY E 113 48.24 53.15 5.96
C GLY E 113 48.04 52.94 7.43
N ASP E 114 46.84 52.37 7.81
CA ASP E 114 46.53 52.13 9.21
C ASP E 114 47.52 51.16 9.86
N GLY E 115 48.17 50.26 9.08
CA GLY E 115 49.11 49.29 9.61
C GLY E 115 50.57 49.72 9.66
N LYS E 116 50.79 51.02 9.51
CA LYS E 116 52.12 51.53 9.26
C LYS E 116 52.99 51.34 10.51
N GLN E 117 52.42 51.21 11.72
CA GLN E 117 53.22 50.98 12.92
C GLN E 117 53.36 49.51 13.26
N ARG E 118 53.04 48.64 12.30
CA ARG E 118 53.34 47.22 12.53
C ARG E 118 54.79 46.97 12.97
N LEU E 119 55.00 46.01 13.87
CA LEU E 119 56.31 45.56 14.26
C LEU E 119 56.91 44.88 13.04
N LYS E 120 58.09 45.33 12.61
CA LYS E 120 58.79 44.85 11.44
C LYS E 120 60.12 44.21 11.76
N ALA E 121 60.60 44.28 13.00
CA ALA E 121 61.85 43.68 13.41
C ALA E 121 61.81 43.56 14.91
N PRO E 122 62.69 42.75 15.52
CA PRO E 122 62.87 42.73 16.97
C PRO E 122 63.16 44.12 17.52
N ARG E 123 62.44 44.47 18.61
CA ARG E 123 62.65 45.70 19.36
C ARG E 123 63.20 45.33 20.75
N LEU E 124 64.20 46.09 21.15
CA LEU E 124 64.88 45.88 22.42
C LEU E 124 64.84 47.20 23.22
N TYR E 125 64.46 47.11 24.48
CA TYR E 125 64.65 48.23 25.41
C TYR E 125 65.99 48.04 26.08
N ALA E 126 66.99 48.72 25.54
CA ALA E 126 68.37 48.59 25.99
C ALA E 126 68.60 49.52 27.18
N ALA E 127 67.96 49.11 28.32
CA ALA E 127 68.06 49.76 29.62
C ALA E 127 67.29 51.09 29.71
N ASP E 128 67.50 52.00 28.72
CA ASP E 128 66.98 53.35 28.75
C ASP E 128 66.51 53.86 27.39
N GLN E 129 66.28 52.98 26.37
CA GLN E 129 65.82 53.47 25.08
C GLN E 129 65.39 52.27 24.24
N TRP E 130 64.41 52.50 23.37
CA TRP E 130 63.99 51.53 22.36
C TRP E 130 64.95 51.54 21.21
N VAL E 131 65.44 50.36 20.81
CA VAL E 131 66.25 50.22 19.61
C VAL E 131 65.83 48.96 18.87
N ASP E 132 66.18 48.89 17.58
CA ASP E 132 66.07 47.64 16.86
C ASP E 132 67.18 46.68 17.29
N THR E 133 66.91 45.36 17.23
CA THR E 133 68.01 44.40 17.33
C THR E 133 67.80 43.30 16.29
N THR E 134 68.77 42.40 16.14
CA THR E 134 68.63 41.31 15.18
C THR E 134 67.82 40.17 15.82
N TRP E 135 67.26 39.35 14.95
CA TRP E 135 66.60 38.11 15.37
C TRP E 135 67.53 37.19 16.15
N ASP E 136 68.81 37.06 15.69
CA ASP E 136 69.73 36.19 16.37
C ASP E 136 70.09 36.74 17.75
N HIS E 137 70.24 38.08 17.88
CA HIS E 137 70.51 38.66 19.21
C HIS E 137 69.32 38.45 20.13
N ALA E 138 68.10 38.71 19.59
CA ALA E 138 66.87 38.51 20.34
C ALA E 138 66.72 37.08 20.87
N MET E 139 67.00 36.08 20.00
CA MET E 139 66.91 34.67 20.38
C MET E 139 68.00 34.33 21.41
N ALA E 140 69.23 34.87 21.21
CA ALA E 140 70.30 34.59 22.13
C ALA E 140 69.95 35.06 23.54
N LEU E 141 69.34 36.26 23.63
CA LEU E 141 68.92 36.83 24.90
C LEU E 141 67.72 36.07 25.49
N TYR E 142 66.72 35.73 24.65
CA TYR E 142 65.44 35.20 25.12
C TYR E 142 65.56 33.71 25.48
N ALA E 143 66.06 32.92 24.53
CA ALA E 143 66.48 31.53 24.73
C ALA E 143 67.51 31.47 25.86
N GLY E 144 68.52 32.37 25.87
CA GLY E 144 69.50 32.37 26.91
C GLY E 144 68.93 32.46 28.32
N LEU E 145 68.01 33.40 28.51
CA LEU E 145 67.29 33.56 29.76
C LEU E 145 66.46 32.33 30.14
N ILE E 146 65.71 31.82 29.18
CA ILE E 146 64.88 30.65 29.38
C ILE E 146 65.76 29.48 29.79
N LYS E 147 66.90 29.30 29.07
CA LYS E 147 67.81 28.21 29.39
C LYS E 147 68.36 28.39 30.81
N LYS E 148 68.73 29.63 31.15
CA LYS E 148 69.31 29.88 32.45
C LYS E 148 68.29 29.54 33.53
N THR E 149 67.01 29.95 33.28
CA THR E 149 65.95 29.74 34.24
C THR E 149 65.67 28.23 34.38
N LEU E 150 65.59 27.51 33.26
CA LEU E 150 65.44 26.05 33.30
C LEU E 150 66.56 25.39 34.12
N ASP E 151 67.80 25.80 33.89
CA ASP E 151 68.94 25.16 34.54
C ASP E 151 68.98 25.42 36.05
N LYS E 152 68.44 26.56 36.51
CA LYS E 152 68.60 27.01 37.88
C LYS E 152 67.30 26.85 38.67
N ASP E 153 66.17 27.27 38.07
CA ASP E 153 64.86 27.24 38.72
C ASP E 153 63.96 26.09 38.23
N GLY E 154 64.24 25.49 37.07
CA GLY E 154 63.29 24.62 36.39
C GLY E 154 62.22 25.39 35.63
N PRO E 155 61.30 24.67 34.94
CA PRO E 155 60.23 25.34 34.18
C PRO E 155 59.32 26.32 34.93
N GLN E 156 59.25 26.24 36.25
CA GLN E 156 58.38 27.07 37.09
C GLN E 156 58.78 28.55 37.06
N GLY E 157 60.02 28.86 36.64
CA GLY E 157 60.45 30.23 36.48
C GLY E 157 60.08 30.91 35.16
N VAL E 158 59.48 30.16 34.20
CA VAL E 158 59.22 30.66 32.85
C VAL E 158 57.74 30.79 32.63
N PHE E 159 57.26 32.03 32.40
CA PHE E 159 55.84 32.32 32.39
C PHE E 159 55.40 32.76 31.00
N PHE E 160 54.16 32.43 30.68
CA PHE E 160 53.49 32.88 29.45
C PHE E 160 52.06 33.29 29.78
N SER E 161 51.59 34.32 29.08
CA SER E 161 50.19 34.45 28.75
C SER E 161 50.05 34.36 27.22
N CYS E 162 49.27 33.39 26.73
CA CYS E 162 49.21 33.11 25.29
C CYS E 162 47.79 32.96 24.84
N PHE E 163 47.48 33.39 23.61
CA PHE E 163 46.26 33.02 22.90
C PHE E 163 46.08 31.50 22.96
N ASP E 164 44.82 31.05 23.09
CA ASP E 164 44.42 29.68 22.82
C ASP E 164 43.39 29.57 21.68
N HIS E 165 43.14 30.65 20.98
CA HIS E 165 41.97 30.88 20.20
C HIS E 165 42.29 30.64 18.75
N GLY E 166 41.31 30.89 17.88
CA GLY E 166 41.45 30.80 16.44
C GLY E 166 41.55 32.15 15.76
N GLY E 167 41.37 32.13 14.46
CA GLY E 167 41.44 33.32 13.66
C GLY E 167 42.82 34.01 13.71
N ALA E 168 42.85 35.35 13.46
CA ALA E 168 44.08 36.10 13.39
C ALA E 168 44.68 36.14 14.81
N GLY E 169 45.96 35.76 14.96
CA GLY E 169 46.62 35.62 16.24
C GLY E 169 46.18 34.37 17.00
N GLY E 170 45.74 33.39 16.24
CA GLY E 170 45.44 32.06 16.75
C GLY E 170 45.46 31.06 15.59
N GLY E 171 44.69 29.96 15.79
CA GLY E 171 44.48 28.98 14.75
C GLY E 171 45.36 27.75 14.95
N PHE E 172 45.06 26.75 14.18
CA PHE E 172 45.53 25.38 14.50
C PHE E 172 47.07 25.27 14.39
N GLU E 173 47.65 26.01 13.44
CA GLU E 173 49.09 26.03 13.25
C GLU E 173 49.74 26.65 14.49
N ASN E 174 49.18 27.83 14.89
CA ASN E 174 49.70 28.67 15.91
C ASN E 174 49.54 28.14 17.33
N THR E 175 48.34 27.64 17.65
CA THR E 175 48.13 27.04 18.96
C THR E 175 49.02 25.81 19.10
N TRP E 176 49.16 25.02 18.02
CA TRP E 176 50.07 23.87 18.11
C TRP E 176 51.54 24.29 18.40
N GLY E 177 51.98 25.33 17.68
CA GLY E 177 53.38 25.74 17.74
C GLY E 177 53.71 26.23 19.16
N THR E 178 52.82 27.11 19.66
CA THR E 178 53.00 27.64 20.99
C THR E 178 52.89 26.58 22.05
N GLY E 179 51.86 25.72 21.89
CA GLY E 179 51.62 24.70 22.89
C GLY E 179 52.72 23.68 22.97
N LYS E 180 53.21 23.26 21.77
CA LYS E 180 54.35 22.34 21.72
C LYS E 180 55.57 22.93 22.44
N LEU E 181 55.81 24.25 22.21
CA LEU E 181 56.94 24.92 22.78
C LEU E 181 56.77 24.99 24.30
N MET E 182 55.60 25.50 24.74
CA MET E 182 55.40 25.75 26.16
C MET E 182 55.36 24.44 26.94
N PHE E 183 54.63 23.48 26.39
CA PHE E 183 54.27 22.28 27.16
C PHE E 183 55.18 21.08 26.87
N SER E 184 55.52 20.79 25.61
CA SER E 184 56.32 19.61 25.35
C SER E 184 57.81 19.89 25.53
N ALA E 185 58.27 21.11 25.20
CA ALA E 185 59.67 21.41 25.13
C ALA E 185 60.19 22.04 26.43
N ILE E 186 59.70 23.27 26.73
CA ILE E 186 60.00 23.98 27.96
C ILE E 186 59.38 23.25 29.13
N GLN E 187 58.16 22.77 28.94
CA GLN E 187 57.39 22.00 29.94
C GLN E 187 57.02 22.90 31.12
N THR E 188 56.64 24.15 30.84
CA THR E 188 56.21 25.07 31.90
C THR E 188 54.68 24.89 32.14
N PRO E 189 54.29 24.76 33.44
CA PRO E 189 52.89 24.95 33.87
C PRO E 189 52.47 26.39 34.14
N MET E 190 53.42 27.35 34.03
CA MET E 190 53.16 28.71 34.42
C MET E 190 52.66 29.42 33.20
N VAL E 191 51.46 29.01 32.77
CA VAL E 191 50.84 29.48 31.54
C VAL E 191 49.41 29.88 31.81
N ARG E 192 49.03 31.11 31.45
CA ARG E 192 47.65 31.48 31.36
C ARG E 192 47.25 31.67 29.91
N ILE E 193 45.96 32.00 29.76
CA ILE E 193 45.31 32.13 28.44
C ILE E 193 45.06 33.61 28.24
N HIS E 194 44.77 33.98 27.01
CA HIS E 194 44.64 35.37 26.66
C HIS E 194 43.55 36.06 27.46
N ASN E 195 42.43 35.36 27.69
CA ASN E 195 41.26 36.00 28.30
C ASN E 195 40.99 35.57 29.74
N ARG E 196 41.83 34.71 30.30
CA ARG E 196 41.60 34.25 31.65
C ARG E 196 42.91 33.87 32.30
N PRO E 197 43.05 34.11 33.62
CA PRO E 197 44.36 34.01 34.28
C PRO E 197 44.91 32.71 34.83
N ALA E 198 44.51 31.59 34.23
CA ALA E 198 45.01 30.25 34.51
C ALA E 198 44.83 29.44 33.22
N TYR E 199 45.31 28.18 33.24
CA TYR E 199 45.13 27.25 32.14
C TYR E 199 43.87 26.38 32.42
N ASN E 200 42.73 26.86 31.90
CA ASN E 200 41.39 26.38 32.24
C ASN E 200 40.56 26.51 30.96
N SER E 201 39.27 26.26 31.14
CA SER E 201 38.24 26.29 30.12
C SER E 201 37.14 27.25 30.59
N GLU E 202 36.46 27.86 29.59
CA GLU E 202 35.24 28.63 29.83
C GLU E 202 34.05 27.72 30.16
N CYS E 203 34.18 26.42 29.86
CA CYS E 203 33.07 25.51 29.72
C CYS E 203 33.33 24.24 30.50
N HIS E 204 33.91 24.32 31.69
CA HIS E 204 34.15 23.14 32.52
C HIS E 204 32.86 22.38 32.83
N ALA E 205 31.82 23.08 33.33
CA ALA E 205 30.59 22.38 33.74
C ALA E 205 29.90 21.68 32.54
N THR E 206 29.63 22.40 31.45
CA THR E 206 28.95 21.78 30.28
C THR E 206 29.74 20.62 29.70
N ARG E 207 31.06 20.75 29.59
CA ARG E 207 31.92 19.63 29.19
C ARG E 207 31.77 18.45 30.15
N GLU E 208 31.91 18.69 31.45
CA GLU E 208 31.86 17.63 32.42
C GLU E 208 30.49 16.98 32.43
N MET E 209 29.45 17.71 32.00
CA MET E 209 28.09 17.16 31.95
C MET E 209 27.90 16.37 30.65
N GLY E 210 28.86 16.51 29.72
CA GLY E 210 28.95 15.69 28.53
C GLY E 210 28.61 16.44 27.25
N ILE E 211 28.52 17.77 27.34
CA ILE E 211 28.03 18.60 26.25
C ILE E 211 29.12 19.66 26.00
N GLY E 212 29.98 19.36 25.02
CA GLY E 212 30.85 20.36 24.45
C GLY E 212 30.03 21.53 23.91
N GLU E 213 30.63 22.72 24.02
CA GLU E 213 29.90 23.96 23.95
C GLU E 213 29.56 24.38 22.51
N LEU E 214 30.11 23.73 21.50
CA LEU E 214 29.79 24.07 20.13
C LEU E 214 29.19 22.83 19.48
N ASN E 215 27.90 22.59 19.80
CA ASN E 215 27.27 21.32 19.55
C ASN E 215 26.23 21.42 18.44
N ASN E 216 26.12 22.56 17.71
CA ASN E 216 25.09 22.66 16.67
C ASN E 216 25.62 23.25 15.39
N ALA E 217 24.70 23.49 14.40
CA ALA E 217 24.98 24.22 13.19
C ALA E 217 24.37 25.63 13.28
N TYR E 218 24.89 26.58 12.49
CA TYR E 218 24.17 27.84 12.32
C TYR E 218 22.77 27.64 11.71
N GLU E 219 22.58 26.58 10.91
CA GLU E 219 21.26 26.24 10.36
C GLU E 219 20.24 25.97 11.48
N ASP E 220 20.69 25.54 12.67
CA ASP E 220 19.85 25.29 13.81
C ASP E 220 19.15 26.56 14.30
N ALA E 221 19.84 27.70 14.24
CA ALA E 221 19.19 28.94 14.53
C ALA E 221 18.10 29.26 13.52
N GLN E 222 18.20 28.76 12.29
CA GLN E 222 17.11 28.91 11.33
C GLN E 222 15.88 27.99 11.61
N LEU E 223 16.07 26.86 12.29
CA LEU E 223 15.03 25.85 12.46
C LEU E 223 14.30 25.96 13.79
N ALA E 224 14.82 26.80 14.69
CA ALA E 224 14.34 26.92 16.05
C ALA E 224 12.94 27.57 16.11
N ASP E 225 12.11 27.12 17.05
CA ASP E 225 10.93 27.89 17.48
C ASP E 225 11.30 29.11 18.32
N VAL E 226 12.27 28.93 19.22
CA VAL E 226 12.62 29.92 20.21
C VAL E 226 14.14 29.97 20.25
N ILE E 227 14.71 31.19 20.25
CA ILE E 227 16.12 31.38 20.57
C ILE E 227 16.28 32.11 21.89
N TRP E 228 17.04 31.52 22.81
CA TRP E 228 17.55 32.24 24.00
C TRP E 228 18.95 32.81 23.72
N SER E 229 19.16 34.10 24.01
CA SER E 229 20.48 34.74 24.00
C SER E 229 20.78 35.16 25.46
N ILE E 230 21.63 34.39 26.14
CA ILE E 230 21.92 34.51 27.57
C ILE E 230 23.31 35.17 27.77
N GLY E 231 23.38 36.37 28.34
CA GLY E 231 24.64 37.07 28.56
C GLY E 231 25.40 37.35 27.26
N ASN E 232 24.65 37.91 26.31
CA ASN E 232 25.00 37.86 24.91
C ASN E 232 24.37 39.05 24.20
N ASN E 233 25.20 39.82 23.47
CA ASN E 233 24.74 40.98 22.70
C ASN E 233 24.99 40.73 21.21
N PRO E 234 24.33 39.73 20.61
CA PRO E 234 24.81 39.16 19.31
C PRO E 234 24.76 40.03 18.07
N TYR E 235 23.92 41.05 18.04
CA TYR E 235 23.97 41.98 16.94
C TYR E 235 25.35 42.64 16.85
N GLU E 236 25.89 43.00 18.05
CA GLU E 236 27.17 43.68 18.14
C GLU E 236 28.36 42.68 18.20
N SER E 237 28.19 41.48 18.76
CA SER E 237 29.28 40.59 19.14
C SER E 237 29.44 39.39 18.19
N GLN E 238 28.34 39.03 17.45
CA GLN E 238 28.32 37.95 16.49
C GLN E 238 27.39 38.31 15.35
N THR E 239 27.61 39.49 14.80
CA THR E 239 26.75 40.19 13.90
C THR E 239 26.12 39.29 12.86
N ASN E 240 26.93 38.65 12.05
CA ASN E 240 26.39 38.06 10.83
C ASN E 240 25.73 36.70 11.14
N TYR E 241 25.99 36.09 12.31
CA TYR E 241 25.21 34.94 12.71
C TYR E 241 23.78 35.45 13.02
N PHE E 242 23.73 36.53 13.83
CA PHE E 242 22.43 37.18 14.12
C PHE E 242 21.71 37.65 12.84
N LEU E 243 22.43 38.31 11.92
CA LEU E 243 21.78 38.88 10.74
C LEU E 243 21.41 37.84 9.69
N ASN E 244 22.25 36.85 9.44
CA ASN E 244 22.12 35.97 8.31
C ASN E 244 21.29 34.69 8.73
N HIS E 245 21.24 34.38 10.03
CA HIS E 245 20.57 33.16 10.50
C HIS E 245 19.41 33.48 11.45
N TRP E 246 19.61 34.29 12.51
CA TRP E 246 18.58 34.52 13.48
C TRP E 246 17.42 35.32 12.93
N LEU E 247 17.72 36.41 12.27
CA LEU E 247 16.73 37.38 11.85
C LEU E 247 15.83 36.75 10.76
N PRO E 248 16.38 36.03 9.77
CA PRO E 248 15.53 35.34 8.78
C PRO E 248 14.47 34.39 9.37
N ASN E 249 14.82 33.78 10.53
CA ASN E 249 13.91 32.95 11.27
C ASN E 249 12.80 33.87 11.82
N LEU E 250 13.19 34.93 12.58
CA LEU E 250 12.22 35.86 13.15
C LEU E 250 11.32 36.48 12.09
N GLN E 251 11.80 36.64 10.86
CA GLN E 251 11.01 37.20 9.77
C GLN E 251 10.10 36.24 9.06
N GLY E 252 10.19 34.92 9.33
CA GLY E 252 9.35 33.92 8.69
C GLY E 252 9.93 33.39 7.38
N ALA E 253 11.19 33.77 7.03
CA ALA E 253 11.80 33.29 5.81
C ALA E 253 12.19 31.81 5.89
N THR E 254 12.36 31.22 7.09
CA THR E 254 12.75 29.81 7.22
C THR E 254 11.58 28.89 7.59
N THR E 255 10.36 29.41 7.70
CA THR E 255 9.22 28.59 8.12
C THR E 255 9.02 27.41 7.14
N SER E 256 9.15 27.64 5.85
CA SER E 256 8.80 26.61 4.87
C SER E 256 9.81 25.45 4.99
N LYS E 257 11.06 25.77 5.37
CA LYS E 257 12.11 24.78 5.55
C LYS E 257 11.83 23.97 6.83
N LYS E 258 11.45 24.61 7.94
CA LYS E 258 11.02 23.83 9.09
C LYS E 258 9.92 22.81 8.71
N LYS E 259 8.86 23.27 8.00
CA LYS E 259 7.74 22.42 7.64
C LYS E 259 8.16 21.27 6.70
N GLU E 260 9.14 21.51 5.84
CA GLU E 260 9.60 20.48 4.90
C GLU E 260 10.35 19.40 5.67
N ARG E 261 11.10 19.80 6.69
CA ARG E 261 11.78 18.83 7.53
C ARG E 261 10.87 18.07 8.45
N PHE E 262 9.82 18.74 9.00
CA PHE E 262 8.96 18.11 9.98
C PHE E 262 7.51 18.30 9.53
N PRO E 263 7.00 17.43 8.62
CA PRO E 263 5.68 17.65 8.03
C PRO E 263 4.48 17.63 8.98
N ASN E 264 4.65 17.08 10.19
CA ASN E 264 3.55 16.86 11.12
C ASN E 264 3.83 17.63 12.41
N GLU E 265 4.47 18.80 12.31
CA GLU E 265 4.80 19.61 13.47
C GLU E 265 4.41 21.07 13.20
N ASN E 266 3.71 21.70 14.17
CA ASN E 266 3.41 23.13 14.15
C ASN E 266 4.66 23.93 14.32
N PHE E 267 4.74 25.00 13.54
CA PHE E 267 5.84 25.94 13.68
C PHE E 267 5.18 27.30 13.87
N PRO E 268 5.05 27.83 15.11
CA PRO E 268 4.53 29.17 15.30
C PRO E 268 5.61 30.15 14.82
N GLN E 269 5.25 31.42 14.86
CA GLN E 269 6.20 32.46 14.56
C GLN E 269 7.25 32.34 15.63
N ALA E 270 8.51 32.53 15.19
CA ALA E 270 9.64 32.37 16.08
C ALA E 270 9.68 33.53 17.05
N ARG E 271 10.20 33.20 18.23
CA ARG E 271 10.36 34.15 19.31
C ARG E 271 11.79 34.08 19.84
N ILE E 272 12.17 35.17 20.56
CA ILE E 272 13.47 35.30 21.11
C ILE E 272 13.40 35.81 22.54
N ILE E 273 14.24 35.25 23.39
CA ILE E 273 14.36 35.60 24.79
C ILE E 273 15.80 36.02 25.07
N PHE E 274 16.00 37.22 25.68
CA PHE E 274 17.29 37.69 26.13
C PHE E 274 17.39 37.69 27.66
N VAL E 275 18.38 37.03 28.23
CA VAL E 275 18.75 37.15 29.64
C VAL E 275 19.99 38.05 29.70
N ASP E 276 19.73 39.29 30.13
CA ASP E 276 20.74 40.33 30.12
C ASP E 276 20.23 41.45 31.03
N PRO E 277 20.95 41.79 32.12
CA PRO E 277 20.58 42.95 32.91
C PRO E 277 20.38 44.22 32.11
N ARG E 278 21.07 44.34 30.96
CA ARG E 278 21.05 45.57 30.18
C ARG E 278 20.15 45.42 28.93
N GLU E 279 19.48 46.50 28.58
CA GLU E 279 18.76 46.61 27.33
C GLU E 279 19.75 47.04 26.26
N THR E 280 20.08 46.11 25.35
CA THR E 280 21.14 46.27 24.40
C THR E 280 20.58 46.59 23.03
N PRO E 281 21.46 46.98 22.10
CA PRO E 281 21.07 47.05 20.68
C PRO E 281 20.37 45.81 20.14
N SER E 282 20.83 44.63 20.61
CA SER E 282 20.25 43.36 20.15
C SER E 282 18.77 43.25 20.56
N VAL E 283 18.45 43.64 21.81
CA VAL E 283 17.07 43.67 22.30
C VAL E 283 16.26 44.60 21.42
N ALA E 284 16.79 45.84 21.18
CA ALA E 284 16.05 46.79 20.40
C ALA E 284 15.78 46.28 19.00
N ILE E 285 16.78 45.69 18.38
CA ILE E 285 16.67 45.35 16.95
C ILE E 285 15.75 44.12 16.86
N ALA E 286 15.83 43.20 17.81
CA ALA E 286 14.88 42.08 17.82
C ALA E 286 13.43 42.58 17.90
N ARG E 287 13.20 43.66 18.69
CA ARG E 287 11.83 44.19 18.84
C ARG E 287 11.37 44.82 17.52
N HIS E 288 12.30 45.52 16.86
CA HIS E 288 12.00 46.18 15.62
C HIS E 288 11.62 45.16 14.58
N VAL E 289 12.37 44.03 14.52
CA VAL E 289 12.17 43.03 13.48
C VAL E 289 10.94 42.20 13.83
N ALA E 290 10.84 41.67 15.05
CA ALA E 290 9.82 40.66 15.39
C ALA E 290 8.54 41.24 16.03
N GLY E 291 8.54 42.51 16.49
CA GLY E 291 7.48 43.05 17.33
C GLY E 291 7.80 42.84 18.81
N ASN E 292 7.26 43.74 19.68
CA ASN E 292 7.48 43.59 21.13
C ASN E 292 6.86 42.29 21.66
N ASP E 293 5.84 41.76 20.97
CA ASP E 293 5.15 40.55 21.42
C ASP E 293 5.91 39.25 21.24
N ARG E 294 6.99 39.26 20.45
CA ARG E 294 7.79 38.07 20.18
C ARG E 294 9.20 38.15 20.78
N VAL E 295 9.43 39.18 21.62
CA VAL E 295 10.66 39.34 22.35
C VAL E 295 10.33 39.39 23.82
N LEU E 296 11.08 38.64 24.62
CA LEU E 296 11.09 38.77 26.07
C LEU E 296 12.48 39.14 26.53
N HIS E 297 12.64 40.38 27.02
CA HIS E 297 13.83 40.79 27.69
C HIS E 297 13.72 40.49 29.18
N LEU E 298 14.35 39.41 29.64
N LEU E 298 14.36 39.41 29.64
CA LEU E 298 14.46 39.09 31.06
CA LEU E 298 14.45 39.09 31.05
C LEU E 298 15.64 39.89 31.62
C LEU E 298 15.63 39.88 31.62
N ALA E 299 15.29 41.08 32.12
CA ALA E 299 16.22 42.06 32.53
C ALA E 299 16.62 41.74 33.97
N ILE E 300 17.37 40.67 34.17
CA ILE E 300 17.69 40.19 35.50
C ILE E 300 18.58 41.19 36.25
N GLU E 301 18.51 41.07 37.57
CA GLU E 301 19.52 41.64 38.44
C GLU E 301 20.88 41.00 38.10
N PRO E 302 21.95 41.82 38.06
CA PRO E 302 23.30 41.29 37.82
C PRO E 302 23.64 40.11 38.72
N GLY E 303 24.20 39.07 38.11
CA GLY E 303 24.73 37.92 38.81
C GLY E 303 23.66 36.90 39.23
N THR E 304 22.38 37.02 38.82
CA THR E 304 21.30 36.15 39.30
C THR E 304 20.89 35.11 38.27
N ASP E 305 21.75 34.82 37.28
CA ASP E 305 21.49 33.79 36.29
C ASP E 305 21.15 32.41 36.87
N THR E 306 21.85 31.99 37.91
CA THR E 306 21.69 30.70 38.54
C THR E 306 20.28 30.62 39.12
N ALA E 307 19.82 31.72 39.80
CA ALA E 307 18.45 31.74 40.32
C ALA E 307 17.41 31.60 39.18
N LEU E 308 17.58 32.39 38.12
CA LEU E 308 16.75 32.33 36.93
C LEU E 308 16.57 30.89 36.46
N PHE E 309 17.69 30.19 36.17
CA PHE E 309 17.63 28.85 35.57
C PHE E 309 17.10 27.81 36.56
N ASN E 310 17.39 27.91 37.84
CA ASN E 310 16.86 27.00 38.83
C ASN E 310 15.34 27.15 38.96
N GLY E 311 14.83 28.37 38.86
CA GLY E 311 13.41 28.68 38.92
C GLY E 311 12.70 28.16 37.67
N LEU E 312 13.30 28.34 36.49
CA LEU E 312 12.72 27.78 35.25
C LEU E 312 12.79 26.24 35.25
N PHE E 313 13.89 25.67 35.73
CA PHE E 313 14.01 24.20 35.78
C PHE E 313 12.97 23.62 36.72
N THR E 314 12.81 24.27 37.91
CA THR E 314 11.84 23.83 38.87
C THR E 314 10.44 23.86 38.23
N TYR E 315 10.13 24.93 37.53
CA TYR E 315 8.81 25.15 36.96
C TYR E 315 8.51 24.15 35.84
N VAL E 316 9.44 23.99 34.87
CA VAL E 316 9.21 23.01 33.79
C VAL E 316 9.04 21.56 34.35
N VAL E 317 9.75 21.18 35.42
CA VAL E 317 9.60 19.90 36.08
C VAL E 317 8.20 19.80 36.72
N GLU E 318 7.78 20.83 37.45
CA GLU E 318 6.49 20.79 38.13
C GLU E 318 5.33 20.74 37.12
N GLN E 319 5.43 21.45 35.98
CA GLN E 319 4.41 21.40 34.94
C GLN E 319 4.46 20.09 34.13
N GLY E 320 5.59 19.35 34.22
CA GLY E 320 5.79 18.20 33.37
C GLY E 320 6.21 18.63 31.96
N TRP E 321 6.73 19.85 31.73
CA TRP E 321 7.24 20.28 30.44
C TRP E 321 8.71 19.85 30.29
N ILE E 322 8.92 18.52 30.34
CA ILE E 322 10.22 17.89 30.24
C ILE E 322 10.05 16.67 29.37
N ASP E 323 11.17 16.11 28.90
CA ASP E 323 11.20 14.89 28.13
C ASP E 323 11.56 13.68 29.02
N LYS E 324 10.54 13.04 29.62
CA LYS E 324 10.77 11.96 30.57
C LYS E 324 11.43 10.75 29.90
N PRO E 325 11.02 10.33 28.67
CA PRO E 325 11.76 9.26 27.98
C PRO E 325 13.22 9.56 27.70
N PHE E 326 13.53 10.83 27.32
CA PHE E 326 14.88 11.26 27.12
C PHE E 326 15.67 11.20 28.43
N ILE E 327 15.14 11.76 29.52
CA ILE E 327 15.76 11.73 30.83
C ILE E 327 16.08 10.30 31.23
N GLU E 328 15.10 9.41 31.08
CA GLU E 328 15.23 8.02 31.50
C GLU E 328 16.31 7.28 30.69
N ALA E 329 16.37 7.47 29.38
CA ALA E 329 17.27 6.71 28.51
C ALA E 329 18.72 7.26 28.52
N HIS E 330 18.88 8.59 28.65
CA HIS E 330 20.08 9.27 28.23
C HIS E 330 20.69 10.20 29.32
N THR E 331 20.23 10.14 30.59
CA THR E 331 20.72 11.11 31.58
C THR E 331 20.98 10.39 32.90
N LYS E 332 21.68 11.07 33.80
CA LYS E 332 21.93 10.64 35.14
C LYS E 332 21.90 11.87 36.03
N GLY E 333 21.30 11.71 37.20
CA GLY E 333 21.32 12.72 38.25
C GLY E 333 20.08 13.62 38.26
N PHE E 334 19.05 13.37 37.44
CA PHE E 334 17.91 14.30 37.32
C PHE E 334 17.23 14.56 38.68
N ASP E 335 16.87 13.47 39.37
CA ASP E 335 16.10 13.47 40.61
C ASP E 335 16.85 14.26 41.67
N ASP E 336 18.18 14.11 41.72
CA ASP E 336 19.03 14.88 42.61
C ASP E 336 18.97 16.37 42.25
N ALA E 337 19.03 16.71 40.96
CA ALA E 337 19.04 18.11 40.55
C ALA E 337 17.69 18.79 40.86
N VAL E 338 16.58 18.03 40.74
CA VAL E 338 15.27 18.55 41.12
C VAL E 338 15.33 19.00 42.59
N LYS E 339 15.95 18.19 43.48
CA LYS E 339 16.05 18.50 44.92
C LYS E 339 16.97 19.69 45.18
N THR E 340 18.19 19.67 44.66
CA THR E 340 19.18 20.67 45.03
C THR E 340 18.82 22.03 44.43
N ASN E 341 18.19 22.05 43.24
CA ASN E 341 17.96 23.26 42.46
C ASN E 341 16.58 23.87 42.70
N ARG E 342 15.77 23.28 43.57
CA ARG E 342 14.40 23.70 43.76
C ARG E 342 14.35 25.17 44.13
N LEU E 343 13.57 25.93 43.36
CA LEU E 343 13.29 27.31 43.68
C LEU E 343 11.91 27.66 43.11
N SER E 344 11.06 28.34 43.91
CA SER E 344 9.71 28.68 43.52
C SER E 344 9.82 29.88 42.60
N LEU E 345 8.77 30.13 41.81
CA LEU E 345 8.78 31.29 40.95
C LEU E 345 8.80 32.60 41.76
N ASP E 346 8.17 32.61 42.92
CA ASP E 346 8.17 33.77 43.81
C ASP E 346 9.60 34.08 44.30
N GLU E 347 10.33 33.04 44.77
CA GLU E 347 11.72 33.22 45.20
C GLU E 347 12.57 33.69 44.01
N CYS E 348 12.41 33.01 42.85
CA CYS E 348 13.09 33.36 41.61
C CYS E 348 12.88 34.83 41.23
N SER E 349 11.61 35.29 41.29
CA SER E 349 11.24 36.67 40.97
C SER E 349 11.85 37.67 41.97
N ASN E 350 11.83 37.37 43.28
CA ASN E 350 12.47 38.24 44.29
C ASN E 350 13.99 38.38 44.06
N ILE E 351 14.69 37.29 43.74
CA ILE E 351 16.12 37.32 43.50
C ILE E 351 16.42 38.05 42.17
N THR E 352 15.73 37.62 41.04
CA THR E 352 16.07 38.14 39.75
C THR E 352 15.54 39.55 39.52
N GLY E 353 14.41 39.85 40.18
CA GLY E 353 13.59 41.03 39.93
C GLY E 353 12.70 40.83 38.71
N VAL E 354 12.66 39.66 38.07
CA VAL E 354 11.81 39.47 36.93
C VAL E 354 10.40 39.06 37.43
N PRO E 355 9.30 39.70 36.95
CA PRO E 355 7.95 39.32 37.40
C PRO E 355 7.61 37.87 37.07
N VAL E 356 6.79 37.29 37.90
CA VAL E 356 6.44 35.88 37.75
C VAL E 356 5.78 35.62 36.37
N ASP E 357 4.94 36.56 35.87
CA ASP E 357 4.27 36.42 34.59
C ASP E 357 5.30 36.25 33.46
N MET E 358 6.42 37.00 33.52
N MET E 358 6.42 37.00 33.52
CA MET E 358 7.45 36.93 32.50
CA MET E 358 7.44 36.91 32.50
C MET E 358 8.20 35.59 32.59
C MET E 358 8.20 35.58 32.60
N LEU E 359 8.49 35.11 33.81
CA LEU E 359 9.10 33.80 34.02
C LEU E 359 8.23 32.68 33.42
N LYS E 360 6.93 32.70 33.73
CA LYS E 360 5.96 31.74 33.19
C LYS E 360 5.89 31.86 31.67
N ARG E 361 5.90 33.09 31.13
CA ARG E 361 5.80 33.24 29.68
C ARG E 361 7.02 32.64 28.95
N ALA E 362 8.19 32.81 29.54
CA ALA E 362 9.43 32.35 28.93
C ALA E 362 9.38 30.80 28.87
N ALA E 363 8.91 30.17 29.97
CA ALA E 363 8.71 28.71 30.05
C ALA E 363 7.66 28.21 29.05
N GLU E 364 6.58 28.97 28.92
CA GLU E 364 5.48 28.64 28.03
C GLU E 364 5.96 28.65 26.58
N TRP E 365 6.62 29.74 26.17
CA TRP E 365 7.14 29.86 24.82
C TRP E 365 8.09 28.71 24.49
N SER E 366 8.90 28.28 25.46
CA SER E 366 10.13 27.51 25.22
C SER E 366 10.00 26.01 25.44
N TYR E 367 9.12 25.58 26.37
CA TYR E 367 9.17 24.21 26.89
C TYR E 367 7.80 23.51 26.86
N LYS E 368 6.70 24.30 26.92
CA LYS E 368 5.36 23.72 26.90
C LYS E 368 5.13 23.11 25.51
N PRO E 369 4.69 21.84 25.43
CA PRO E 369 4.48 21.19 24.12
C PRO E 369 3.61 22.03 23.19
N LYS E 370 3.99 22.02 21.92
CA LYS E 370 3.13 22.57 20.86
C LYS E 370 1.87 21.73 20.72
N ALA E 371 0.93 22.29 19.96
CA ALA E 371 -0.37 21.68 19.73
C ALA E 371 -0.20 20.29 19.09
N SER E 372 0.77 20.19 18.17
CA SER E 372 1.04 18.95 17.45
C SER E 372 1.75 17.90 18.30
N GLY E 373 2.18 18.23 19.55
CA GLY E 373 2.66 17.24 20.51
C GLY E 373 4.15 17.38 20.82
N GLN E 374 4.93 18.04 19.92
CA GLN E 374 6.37 18.05 20.04
C GLN E 374 6.75 19.23 20.93
N ALA E 375 7.85 19.08 21.68
CA ALA E 375 8.42 20.16 22.48
C ALA E 375 8.90 21.22 21.50
N PRO E 376 8.82 22.54 21.86
CA PRO E 376 9.45 23.60 21.05
C PRO E 376 10.93 23.27 20.85
N ARG E 377 11.41 23.57 19.67
CA ARG E 377 12.86 23.59 19.33
C ARG E 377 13.45 24.93 19.80
N THR E 378 14.10 24.86 20.98
CA THR E 378 14.63 26.02 21.68
C THR E 378 16.17 25.92 21.73
N MET E 379 16.82 26.78 20.97
CA MET E 379 18.25 26.94 20.98
C MET E 379 18.64 27.91 22.09
N HIS E 380 19.45 27.42 23.02
CA HIS E 380 19.97 28.19 24.13
C HIS E 380 21.43 28.63 23.84
N ALA E 381 21.61 29.91 23.48
CA ALA E 381 22.86 30.54 23.09
C ALA E 381 23.35 31.36 24.28
N TYR E 382 24.59 31.16 24.72
CA TYR E 382 25.12 31.96 25.82
C TYR E 382 26.53 32.47 25.48
N GLU E 383 26.96 33.58 26.14
CA GLU E 383 28.33 34.06 26.01
C GLU E 383 28.77 34.65 27.35
N LYS E 384 29.40 35.86 27.29
CA LYS E 384 30.26 36.27 28.40
C LYS E 384 29.47 36.83 29.59
N GLY E 385 28.21 37.23 29.38
CA GLY E 385 27.38 37.62 30.51
C GLY E 385 27.24 36.55 31.55
N ILE E 386 27.32 35.25 31.14
CA ILE E 386 27.39 34.17 32.11
C ILE E 386 28.76 33.49 32.20
N ILE E 387 29.53 33.42 31.12
CA ILE E 387 30.88 32.85 31.21
C ILE E 387 31.79 33.66 32.17
N TRP E 388 31.72 35.00 32.08
CA TRP E 388 32.34 35.89 33.06
C TRP E 388 31.35 36.35 34.11
N GLY E 389 30.40 35.49 34.46
CA GLY E 389 29.26 35.85 35.30
C GLY E 389 29.53 35.48 36.76
N ASN E 390 28.45 35.43 37.55
CA ASN E 390 28.53 35.08 38.96
C ASN E 390 28.66 33.57 39.15
N ASP E 391 29.91 33.08 39.10
CA ASP E 391 30.29 31.70 39.31
C ASP E 391 29.93 30.94 38.02
N ASN E 392 30.83 31.06 37.06
CA ASN E 392 30.82 30.41 35.76
C ASN E 392 30.35 28.96 35.86
N TYR E 393 30.96 28.18 36.76
CA TYR E 393 30.71 26.75 36.83
C TYR E 393 29.24 26.46 37.21
N VAL E 394 28.73 27.20 38.20
CA VAL E 394 27.40 27.00 38.77
C VAL E 394 26.34 27.45 37.76
N ILE E 395 26.57 28.50 37.01
CA ILE E 395 25.56 28.98 36.10
C ILE E 395 25.35 27.96 34.99
N GLN E 396 26.45 27.45 34.44
CA GLN E 396 26.39 26.43 33.40
C GLN E 396 25.73 25.16 33.93
N SER E 397 26.01 24.79 35.19
CA SER E 397 25.36 23.67 35.82
C SER E 397 23.84 23.87 35.79
N ALA E 398 23.35 25.05 36.21
CA ALA E 398 21.93 25.38 36.28
C ALA E 398 21.27 25.36 34.90
N LEU E 399 21.91 26.01 33.94
CA LEU E 399 21.41 26.20 32.59
C LEU E 399 21.32 24.85 31.89
N LEU E 400 22.40 24.06 31.96
CA LEU E 400 22.46 22.79 31.27
C LEU E 400 21.41 21.82 31.83
N ASP E 401 21.15 21.89 33.13
CA ASP E 401 20.09 21.09 33.78
C ASP E 401 18.74 21.36 33.09
N LEU E 402 18.43 22.60 32.82
CA LEU E 402 17.22 23.02 32.13
C LEU E 402 17.20 22.47 30.70
N VAL E 403 18.32 22.65 30.00
CA VAL E 403 18.42 22.22 28.63
C VAL E 403 18.27 20.70 28.49
N ILE E 404 18.86 19.94 29.41
CA ILE E 404 18.94 18.50 29.26
C ILE E 404 17.54 17.97 29.52
N ALA E 405 16.92 18.48 30.59
CA ALA E 405 15.58 18.02 30.98
C ALA E 405 14.56 18.29 29.88
N THR E 406 14.76 19.33 29.04
CA THR E 406 13.85 19.69 27.99
C THR E 406 14.33 19.17 26.62
N HIS E 407 15.37 18.29 26.62
CA HIS E 407 15.85 17.72 25.37
C HIS E 407 16.19 18.78 24.32
N ASN E 408 16.80 19.90 24.76
CA ASN E 408 17.19 20.94 23.83
C ASN E 408 18.70 20.84 23.46
N VAL E 409 19.23 19.62 23.41
CA VAL E 409 20.49 19.28 22.77
C VAL E 409 20.20 18.14 21.84
N GLY E 410 20.84 18.11 20.71
CA GLY E 410 20.76 16.92 19.86
C GLY E 410 19.53 16.90 18.98
N ARG E 411 18.57 17.84 19.09
CA ARG E 411 17.47 17.90 18.15
C ARG E 411 17.78 19.08 17.26
N ARG E 412 17.38 18.99 15.99
CA ARG E 412 17.62 20.12 15.11
C ARG E 412 16.76 21.31 15.57
N GLY E 413 17.27 22.51 15.32
CA GLY E 413 16.65 23.72 15.83
C GLY E 413 16.94 23.92 17.32
N THR E 414 17.83 23.12 17.96
CA THR E 414 18.17 23.28 19.37
C THR E 414 19.69 23.40 19.52
N GLY E 415 20.19 23.11 20.71
CA GLY E 415 21.57 23.33 21.08
C GLY E 415 21.61 24.22 22.32
N CYS E 416 22.50 23.87 23.23
CA CYS E 416 22.96 24.78 24.25
C CYS E 416 24.43 25.12 23.96
N VAL E 417 24.65 26.30 23.39
CA VAL E 417 25.90 26.58 22.73
C VAL E 417 26.43 27.91 23.21
N ARG E 418 27.80 27.97 23.20
CA ARG E 418 28.51 29.22 23.14
C ARG E 418 28.22 29.87 21.80
N MET E 419 28.01 31.19 21.89
CA MET E 419 28.05 32.08 20.74
C MET E 419 29.48 32.28 20.25
N GLY E 420 30.46 32.26 21.18
CA GLY E 420 31.88 32.31 20.86
C GLY E 420 32.36 33.76 20.82
N GLY E 421 33.69 33.92 20.73
CA GLY E 421 34.32 35.23 20.79
C GLY E 421 35.20 35.48 19.62
N HIS E 422 36.43 34.98 19.76
CA HIS E 422 37.23 34.67 18.61
C HIS E 422 36.71 33.44 17.87
N GLN E 423 37.25 33.22 16.67
CA GLN E 423 37.26 31.87 16.10
C GLN E 423 37.96 30.88 16.98
N GLU E 424 37.76 29.57 16.68
CA GLU E 424 38.40 28.50 17.38
C GLU E 424 39.49 27.91 16.49
N GLY E 425 40.54 27.48 17.15
CA GLY E 425 41.54 26.72 16.41
C GLY E 425 42.56 26.06 17.30
N TYR E 426 42.08 25.14 18.16
CA TYR E 426 42.93 24.61 19.19
C TYR E 426 43.44 23.20 18.84
N THR E 427 44.78 23.08 18.80
CA THR E 427 45.47 21.80 18.82
C THR E 427 46.74 21.96 19.67
N ARG E 428 46.82 21.24 20.78
CA ARG E 428 47.91 21.40 21.74
C ARG E 428 48.21 20.12 22.47
N PRO E 429 49.45 19.95 22.95
CA PRO E 429 49.72 18.93 23.95
C PRO E 429 48.93 19.17 25.23
N PRO E 430 48.73 18.17 26.12
CA PRO E 430 48.04 18.44 27.37
C PRO E 430 48.85 19.42 28.23
N TYR E 431 48.15 20.17 29.04
CA TYR E 431 48.73 21.03 30.05
C TYR E 431 49.61 20.19 30.99
N PRO E 432 50.91 20.52 31.19
CA PRO E 432 51.80 19.65 31.95
C PRO E 432 51.75 19.71 33.47
N GLY E 433 50.81 20.46 34.07
CA GLY E 433 50.70 20.52 35.52
C GLY E 433 49.49 19.76 36.06
N ASP E 434 49.45 19.74 37.40
CA ASP E 434 48.40 19.04 38.13
C ASP E 434 47.54 20.02 38.94
N LYS E 435 47.65 21.34 38.72
CA LYS E 435 47.04 22.38 39.55
C LYS E 435 46.62 23.54 38.64
N LYS E 436 45.51 24.20 38.96
CA LYS E 436 45.21 25.50 38.36
C LYS E 436 46.07 26.52 39.14
N ILE E 437 46.63 27.46 38.38
CA ILE E 437 47.52 28.43 38.95
C ILE E 437 47.04 29.77 38.45
N TYR E 438 46.86 30.69 39.42
CA TYR E 438 46.40 32.04 39.13
C TYR E 438 47.64 32.86 38.78
N ILE E 439 47.93 32.98 37.49
CA ILE E 439 49.20 33.45 36.99
C ILE E 439 49.41 34.91 37.37
N ASP E 440 48.40 35.78 37.18
CA ASP E 440 48.56 37.19 37.50
C ASP E 440 48.94 37.39 38.98
N GLN E 441 48.33 36.62 39.88
CA GLN E 441 48.62 36.68 41.31
C GLN E 441 50.06 36.24 41.54
N GLU E 442 50.51 35.16 40.86
CA GLU E 442 51.90 34.74 40.94
C GLU E 442 52.84 35.89 40.55
N LEU E 443 52.55 36.57 39.45
CA LEU E 443 53.36 37.68 38.96
C LEU E 443 53.36 38.84 39.95
N ILE E 444 52.17 39.19 40.47
CA ILE E 444 52.02 40.25 41.43
C ILE E 444 52.83 39.92 42.69
N LYS E 445 52.94 38.65 43.06
CA LYS E 445 53.65 38.24 44.26
C LYS E 445 55.14 38.08 44.01
N GLY E 446 55.60 38.31 42.80
CA GLY E 446 57.04 38.42 42.51
C GLY E 446 57.63 37.10 42.02
N LYS E 447 56.78 36.18 41.52
CA LYS E 447 57.27 34.92 40.98
C LYS E 447 57.65 35.06 39.50
N GLY E 448 58.52 34.17 39.04
CA GLY E 448 58.87 34.12 37.63
C GLY E 448 60.10 34.99 37.31
N ARG E 449 60.94 34.54 36.36
CA ARG E 449 62.08 35.26 35.86
C ARG E 449 61.77 36.00 34.56
N ILE E 450 61.00 35.32 33.67
CA ILE E 450 60.65 35.82 32.36
C ILE E 450 59.16 35.58 32.12
N MET E 451 58.47 36.60 31.61
CA MET E 451 57.06 36.53 31.27
C MET E 451 56.95 36.90 29.80
N THR E 452 56.31 36.07 28.99
CA THR E 452 56.00 36.39 27.60
C THR E 452 54.51 36.58 27.41
N TRP E 453 54.06 37.78 26.94
CA TRP E 453 52.73 38.00 26.40
C TRP E 453 52.80 37.63 24.93
N TRP E 454 52.01 36.68 24.50
CA TRP E 454 51.99 36.25 23.10
C TRP E 454 50.59 36.40 22.52
N GLY E 455 50.44 37.40 21.67
CA GLY E 455 49.18 37.63 20.98
C GLY E 455 48.02 37.95 21.94
N CYS E 456 48.38 38.65 23.01
CA CYS E 456 47.42 39.18 23.95
C CYS E 456 48.08 40.36 24.67
N ASN E 457 47.23 41.12 25.38
CA ASN E 457 47.64 42.35 26.03
C ASN E 457 46.88 42.47 27.35
N ASN E 458 47.37 41.80 28.41
CA ASN E 458 46.66 41.79 29.67
C ASN E 458 46.72 43.11 30.45
N PHE E 459 47.58 44.09 30.06
CA PHE E 459 47.49 45.45 30.54
C PHE E 459 46.10 46.06 30.31
N GLN E 460 45.51 45.73 29.15
CA GLN E 460 44.19 46.18 28.79
C GLN E 460 43.06 45.21 29.16
N THR E 461 43.37 43.91 29.41
CA THR E 461 42.32 42.87 29.46
C THR E 461 42.36 41.96 30.66
N SER E 462 43.36 42.05 31.56
CA SER E 462 43.28 41.33 32.82
C SER E 462 42.10 41.83 33.68
N ASN E 463 41.61 40.90 34.49
CA ASN E 463 40.79 41.27 35.62
C ASN E 463 41.73 41.83 36.67
N ASN E 464 41.23 42.80 37.45
CA ASN E 464 42.10 43.44 38.45
C ASN E 464 43.34 44.00 37.71
N ALA E 465 43.15 44.60 36.53
CA ALA E 465 44.25 44.99 35.63
C ALA E 465 45.23 46.01 36.23
N GLN E 466 44.75 46.92 37.08
CA GLN E 466 45.56 47.93 37.72
C GLN E 466 46.61 47.32 38.67
N ALA E 467 46.22 46.34 39.52
CA ALA E 467 47.18 45.57 40.32
C ALA E 467 48.28 44.95 39.44
N LEU E 468 47.88 44.44 38.26
CA LEU E 468 48.77 43.75 37.36
C LEU E 468 49.75 44.75 36.82
N ARG E 469 49.26 45.84 36.19
CA ARG E 469 50.12 46.83 35.58
C ARG E 469 51.11 47.37 36.60
N GLU E 470 50.62 47.79 37.76
CA GLU E 470 51.49 48.25 38.82
C GLU E 470 52.67 47.29 39.00
N ALA E 471 52.39 46.01 39.26
CA ALA E 471 53.41 45.07 39.63
C ALA E 471 54.37 44.86 38.47
N ILE E 472 53.86 44.72 37.23
CA ILE E 472 54.70 44.44 36.10
C ILE E 472 55.60 45.61 35.74
N LEU E 473 55.06 46.83 35.72
CA LEU E 473 55.85 48.02 35.44
C LEU E 473 57.02 48.14 36.46
N GLN E 474 56.74 47.91 37.76
CA GLN E 474 57.81 47.99 38.78
C GLN E 474 58.87 46.90 38.61
N ARG E 475 58.43 45.65 38.38
CA ARG E 475 59.35 44.53 38.12
C ARG E 475 60.15 44.76 36.85
N SER E 476 59.55 45.37 35.84
CA SER E 476 60.22 45.68 34.57
C SER E 476 61.31 46.73 34.78
N ALA E 477 60.96 47.74 35.60
CA ALA E 477 61.87 48.79 36.03
C ALA E 477 63.17 48.27 36.70
N ILE E 478 63.04 47.19 37.53
CA ILE E 478 64.19 46.63 38.20
C ILE E 478 65.18 46.11 37.14
N VAL E 479 64.67 45.36 36.16
CA VAL E 479 65.50 44.86 35.06
C VAL E 479 66.12 46.03 34.26
N LYS E 480 65.29 47.04 33.90
CA LYS E 480 65.82 48.23 33.21
C LYS E 480 67.01 48.85 33.95
N GLN E 481 66.87 49.04 35.28
CA GLN E 481 67.89 49.65 36.11
C GLN E 481 69.17 48.81 36.11
N ALA E 482 69.02 47.47 36.24
CA ALA E 482 70.18 46.58 36.23
C ALA E 482 70.91 46.56 34.87
N MET E 483 70.17 46.60 33.75
CA MET E 483 70.73 46.57 32.40
C MET E 483 71.63 47.79 32.13
N GLN E 484 71.29 48.96 32.70
CA GLN E 484 71.91 50.22 32.27
C GLN E 484 73.26 50.45 32.93
N LYS E 485 73.67 49.63 33.91
CA LYS E 485 75.03 49.68 34.43
C LYS E 485 75.97 48.94 33.48
N ALA E 486 75.46 48.11 32.55
CA ALA E 486 76.30 47.40 31.59
C ALA E 486 76.81 48.35 30.49
N ARG E 487 78.05 48.08 30.05
CA ARG E 487 78.69 48.73 28.93
C ARG E 487 79.50 47.63 28.25
N GLY E 488 79.21 47.36 26.99
CA GLY E 488 80.09 46.49 26.22
C GLY E 488 79.98 45.04 26.66
N ALA E 489 78.89 44.64 27.29
CA ALA E 489 78.70 43.29 27.71
C ALA E 489 78.31 42.42 26.49
N THR E 490 78.83 41.19 26.49
CA THR E 490 78.32 40.18 25.58
C THR E 490 76.87 39.83 25.96
N THR E 491 76.14 39.25 25.01
CA THR E 491 74.81 38.71 25.21
C THR E 491 74.74 37.81 26.46
N GLU E 492 75.69 36.90 26.62
CA GLU E 492 75.73 35.97 27.75
C GLU E 492 75.92 36.73 29.08
N GLU E 493 76.78 37.74 29.14
CA GLU E 493 76.89 38.59 30.34
C GLU E 493 75.57 39.30 30.66
N MET E 494 74.85 39.73 29.60
CA MET E 494 73.62 40.47 29.75
C MET E 494 72.57 39.55 30.35
N VAL E 495 72.50 38.29 29.87
CA VAL E 495 71.66 37.24 30.41
C VAL E 495 71.86 37.13 31.92
N ASP E 496 73.12 37.10 32.39
CA ASP E 496 73.46 37.02 33.81
C ASP E 496 73.02 38.28 34.58
N VAL E 497 73.20 39.47 33.98
CA VAL E 497 72.78 40.74 34.59
C VAL E 497 71.27 40.72 34.83
N ILE E 498 70.49 40.37 33.80
CA ILE E 498 69.05 40.33 33.84
C ILE E 498 68.58 39.28 34.85
N TYR E 499 69.15 38.06 34.77
CA TYR E 499 68.79 36.97 35.67
C TYR E 499 69.02 37.40 37.12
N GLU E 500 70.12 38.06 37.40
CA GLU E 500 70.39 38.57 38.73
C GLU E 500 69.32 39.57 39.15
N ALA E 501 68.88 40.43 38.20
CA ALA E 501 67.87 41.44 38.52
C ALA E 501 66.57 40.75 38.95
N THR E 502 66.25 39.61 38.32
CA THR E 502 65.03 38.86 38.60
C THR E 502 65.14 38.14 39.94
N GLN E 503 66.33 37.87 40.45
CA GLN E 503 66.47 37.39 41.83
C GLN E 503 66.24 38.50 42.84
N ASN E 504 66.27 39.77 42.42
CA ASN E 504 65.95 40.90 43.26
C ASN E 504 64.63 41.54 42.85
N GLY E 505 63.64 40.76 42.43
CA GLY E 505 62.29 41.23 42.23
C GLY E 505 61.95 41.54 40.78
N GLY E 506 62.97 41.56 39.90
CA GLY E 506 62.77 41.96 38.51
C GLY E 506 62.03 40.90 37.70
N LEU E 507 61.61 41.28 36.51
CA LEU E 507 60.94 40.35 35.60
C LEU E 507 61.30 40.81 34.20
N PHE E 508 61.82 39.89 33.39
CA PHE E 508 62.12 40.19 32.00
C PHE E 508 60.82 39.97 31.24
N VAL E 509 60.42 40.93 30.41
CA VAL E 509 59.13 40.86 29.75
C VAL E 509 59.34 40.85 28.24
N THR E 510 58.67 39.91 27.57
CA THR E 510 58.71 39.81 26.12
C THR E 510 57.29 39.87 25.63
N SER E 511 57.06 40.55 24.50
CA SER E 511 55.76 40.56 23.84
C SER E 511 55.95 40.15 22.41
N ILE E 512 55.11 39.24 21.97
CA ILE E 512 55.13 38.76 20.59
C ILE E 512 53.82 39.19 20.01
N ASN E 513 53.89 40.14 19.06
CA ASN E 513 52.72 40.93 18.74
C ASN E 513 52.76 41.36 17.27
N LEU E 514 51.64 41.99 16.83
CA LEU E 514 51.59 42.84 15.62
C LEU E 514 52.09 44.26 15.84
N TYR E 515 52.02 44.78 17.08
CA TYR E 515 52.17 46.20 17.31
C TYR E 515 52.83 46.35 18.70
N PRO E 516 53.41 47.54 18.97
CA PRO E 516 53.96 47.81 20.32
C PRO E 516 52.92 47.56 21.44
N THR E 517 51.76 48.22 21.34
CA THR E 517 50.71 48.29 22.33
C THR E 517 51.22 48.90 23.62
N LYS E 518 50.32 49.02 24.57
CA LYS E 518 50.65 49.43 25.93
C LYS E 518 51.66 48.51 26.58
N LEU E 519 51.79 47.24 26.14
CA LEU E 519 52.86 46.39 26.68
C LEU E 519 54.27 46.97 26.50
N ALA E 520 54.45 47.80 25.47
CA ALA E 520 55.72 48.54 25.27
C ALA E 520 56.14 49.41 26.48
N GLU E 521 55.21 49.73 27.38
CA GLU E 521 55.53 50.47 28.61
C GLU E 521 56.38 49.62 29.55
N ALA E 522 56.27 48.28 29.45
CA ALA E 522 57.01 47.41 30.35
C ALA E 522 58.04 46.50 29.64
N ALA E 523 57.80 46.22 28.35
CA ALA E 523 58.52 45.13 27.69
C ALA E 523 59.97 45.53 27.49
N HIS E 524 60.80 44.49 27.54
CA HIS E 524 62.22 44.63 27.26
C HIS E 524 62.53 44.16 25.84
N LEU E 525 61.63 43.37 25.29
CA LEU E 525 61.81 42.71 24.00
C LEU E 525 60.46 42.54 23.35
N MET E 526 60.38 42.92 22.06
CA MET E 526 59.16 42.70 21.29
C MET E 526 59.52 42.06 19.94
N LEU E 527 58.82 40.96 19.61
CA LEU E 527 59.01 40.25 18.35
C LEU E 527 57.84 40.46 17.39
N PRO E 528 58.11 40.68 16.07
CA PRO E 528 57.07 40.89 15.07
C PRO E 528 56.40 39.63 14.55
N ALA E 529 55.04 39.59 14.66
CA ALA E 529 54.30 38.47 14.16
C ALA E 529 53.51 38.87 12.88
N ALA E 530 52.99 37.84 12.23
CA ALA E 530 52.25 37.92 10.96
C ALA E 530 50.80 37.42 11.15
N HIS E 531 49.89 38.06 10.45
CA HIS E 531 48.46 37.78 10.58
C HIS E 531 47.98 37.12 9.25
N PRO E 532 46.71 36.62 9.17
CA PRO E 532 46.20 35.91 8.00
C PRO E 532 46.26 36.75 6.73
N GLY E 533 46.66 36.10 5.62
CA GLY E 533 46.92 36.82 4.37
C GLY E 533 48.43 37.09 4.20
N GLU E 534 49.16 37.36 5.30
CA GLU E 534 50.60 37.33 5.35
C GLU E 534 51.07 35.87 5.58
N MET E 535 50.15 35.03 6.05
CA MET E 535 50.45 33.63 6.25
C MET E 535 49.17 32.90 5.86
N ASN E 536 49.33 31.61 5.56
CA ASN E 536 48.23 30.67 5.59
C ASN E 536 47.76 30.46 7.02
N LEU E 537 46.43 30.25 7.25
CA LEU E 537 45.95 29.95 8.60
C LEU E 537 44.62 29.19 8.59
N THR E 538 44.51 28.21 9.48
CA THR E 538 43.29 27.43 9.57
C THR E 538 42.62 27.74 10.89
N SER E 539 41.29 27.76 10.86
CA SER E 539 40.47 27.97 12.04
C SER E 539 39.01 27.57 11.75
N MET E 540 38.22 27.50 12.81
CA MET E 540 36.82 27.14 12.66
C MET E 540 35.96 28.13 13.40
N ASN E 541 34.71 28.24 12.96
CA ASN E 541 33.74 29.18 13.53
C ASN E 541 32.86 28.49 14.58
N GLY E 542 31.79 29.18 14.99
CA GLY E 542 30.91 28.68 16.06
C GLY E 542 30.11 27.42 15.79
N GLU E 543 30.08 26.93 14.51
CA GLU E 543 29.50 25.66 14.14
C GLU E 543 30.61 24.68 13.67
N ARG E 544 31.84 24.93 14.10
CA ARG E 544 32.98 24.06 13.87
C ARG E 544 33.40 23.96 12.38
N ARG E 545 33.09 24.99 11.58
CA ARG E 545 33.39 25.01 10.18
C ARG E 545 34.83 25.51 9.99
N ILE E 546 35.74 24.58 9.69
CA ILE E 546 37.17 24.85 9.41
C ILE E 546 37.37 25.35 7.99
N ARG E 547 38.07 26.51 7.89
CA ARG E 547 38.43 27.13 6.63
C ARG E 547 39.94 27.45 6.64
N LEU E 548 40.49 27.39 5.41
CA LEU E 548 41.85 27.89 5.16
C LEU E 548 41.81 29.35 4.68
N SER E 549 42.45 30.20 5.44
CA SER E 549 42.75 31.57 4.96
C SER E 549 44.11 31.57 4.24
N GLU E 550 44.09 31.94 2.96
CA GLU E 550 45.26 31.81 2.08
C GLU E 550 46.19 33.03 2.19
N LYS E 551 47.51 32.80 2.26
CA LYS E 551 48.50 33.84 2.09
C LYS E 551 48.35 34.53 0.74
N PHE E 552 48.44 35.87 0.70
CA PHE E 552 48.38 36.59 -0.55
C PHE E 552 49.37 37.75 -0.63
N MET E 553 50.17 37.97 0.44
CA MET E 553 51.02 39.11 0.50
C MET E 553 52.11 38.83 1.54
N ASP E 554 53.13 39.66 1.50
CA ASP E 554 54.23 39.45 2.42
C ASP E 554 53.92 40.07 3.77
N PRO E 555 54.52 39.55 4.86
CA PRO E 555 54.49 40.30 6.12
C PRO E 555 55.35 41.58 6.07
N PRO E 556 55.17 42.55 7.02
CA PRO E 556 56.09 43.67 7.15
C PRO E 556 57.43 43.14 7.66
N GLY E 557 58.49 43.70 7.04
CA GLY E 557 59.86 43.37 7.38
C GLY E 557 60.06 41.87 7.58
N THR E 558 60.52 41.53 8.80
CA THR E 558 60.88 40.18 9.16
C THR E 558 59.84 39.57 10.10
N ALA E 559 58.62 40.12 10.08
CA ALA E 559 57.50 39.54 10.81
C ALA E 559 57.28 38.10 10.38
N MET E 560 56.98 37.22 11.36
CA MET E 560 56.82 35.79 11.09
C MET E 560 55.53 35.24 11.72
N ALA E 561 55.02 34.16 11.13
CA ALA E 561 53.93 33.35 11.66
C ALA E 561 54.31 32.89 13.06
N ASP E 562 53.39 32.99 14.02
CA ASP E 562 53.67 32.71 15.42
C ASP E 562 54.17 31.27 15.61
N CYS E 563 53.68 30.32 14.80
CA CYS E 563 54.16 28.93 14.91
C CYS E 563 55.64 28.84 14.57
N LEU E 564 56.08 29.70 13.61
CA LEU E 564 57.47 29.76 13.17
C LEU E 564 58.32 30.55 14.16
N ILE E 565 57.74 31.53 14.87
CA ILE E 565 58.40 32.11 16.02
C ILE E 565 58.65 31.05 17.08
N ALA E 566 57.67 30.21 17.35
CA ALA E 566 57.84 29.14 18.32
C ALA E 566 58.95 28.19 17.90
N ALA E 567 58.99 27.80 16.62
CA ALA E 567 60.05 26.96 16.10
C ALA E 567 61.43 27.63 16.24
N ARG E 568 61.49 28.94 15.95
CA ARG E 568 62.73 29.69 16.09
C ARG E 568 63.26 29.61 17.53
N ILE E 569 62.36 29.77 18.49
CA ILE E 569 62.71 29.74 19.91
C ILE E 569 63.18 28.33 20.27
N ALA E 570 62.47 27.31 19.80
CA ALA E 570 62.79 25.93 20.13
C ALA E 570 64.16 25.54 19.59
N ASN E 571 64.44 25.93 18.34
CA ASN E 571 65.70 25.67 17.67
C ASN E 571 66.88 26.39 18.32
N ALA E 572 66.62 27.60 18.81
CA ALA E 572 67.66 28.32 19.54
C ALA E 572 67.99 27.60 20.84
N LEU E 573 66.97 27.14 21.54
CA LEU E 573 67.16 26.43 22.78
C LEU E 573 67.87 25.10 22.55
N ARG E 574 67.51 24.42 21.45
CA ARG E 574 68.10 23.14 21.16
C ARG E 574 69.62 23.34 20.95
N ASP E 575 69.96 24.30 20.08
CA ASP E 575 71.35 24.64 19.77
C ASP E 575 72.16 24.96 21.05
N MET E 576 71.56 25.70 22.00
CA MET E 576 72.27 26.07 23.22
C MET E 576 72.59 24.85 24.06
N TYR E 577 71.56 23.98 24.21
CA TYR E 577 71.76 22.74 24.93
C TYR E 577 72.79 21.84 24.24
N GLN E 578 72.70 21.67 22.92
CA GLN E 578 73.67 20.85 22.20
C GLN E 578 75.09 21.35 22.44
N LYS E 579 75.29 22.66 22.30
CA LYS E 579 76.57 23.29 22.59
C LYS E 579 77.03 23.06 24.04
N ASP E 580 76.13 23.12 24.99
CA ASP E 580 76.47 22.91 26.40
C ASP E 580 76.63 21.41 26.74
N GLY E 581 76.51 20.48 25.78
CA GLY E 581 76.78 19.07 25.99
C GLY E 581 75.65 18.36 26.73
N LYS E 582 74.39 18.80 26.52
CA LYS E 582 73.25 18.35 27.32
C LYS E 582 72.23 17.77 26.36
N ALA E 583 72.51 16.51 25.94
CA ALA E 583 71.80 15.81 24.88
C ALA E 583 70.33 15.58 25.24
N GLU E 584 70.06 15.23 26.50
CA GLU E 584 68.71 15.00 26.98
C GLU E 584 67.90 16.29 26.93
N MET E 585 68.50 17.41 27.35
CA MET E 585 67.78 18.68 27.33
C MET E 585 67.54 19.15 25.89
N ALA E 586 68.54 18.96 25.00
CA ALA E 586 68.40 19.24 23.59
C ALA E 586 67.24 18.46 22.96
N ALA E 587 67.12 17.17 23.29
CA ALA E 587 66.09 16.31 22.76
C ALA E 587 64.67 16.85 23.03
N GLN E 588 64.44 17.53 24.18
CA GLN E 588 63.14 18.08 24.47
C GLN E 588 62.73 19.15 23.44
N PHE E 589 63.71 19.79 22.76
CA PHE E 589 63.43 20.84 21.78
C PHE E 589 63.48 20.36 20.35
N GLU E 590 63.50 19.04 20.15
CA GLU E 590 63.37 18.50 18.81
C GLU E 590 61.93 18.67 18.33
N GLY E 591 61.77 18.52 17.00
CA GLY E 591 60.44 18.47 16.40
C GLY E 591 59.90 19.82 16.01
N PHE E 592 60.78 20.80 15.74
CA PHE E 592 60.39 22.07 15.20
C PHE E 592 61.13 22.37 13.93
N ASP E 593 61.39 21.34 13.09
CA ASP E 593 62.05 21.57 11.82
C ASP E 593 61.00 22.04 10.83
N TRP E 594 60.53 23.30 10.97
CA TRP E 594 59.42 23.77 10.20
C TRP E 594 59.87 24.94 9.31
N LYS E 595 59.57 24.85 8.01
CA LYS E 595 59.89 25.90 7.07
C LYS E 595 58.68 26.78 6.81
N THR E 596 57.45 26.23 6.94
CA THR E 596 56.23 27.03 6.67
C THR E 596 55.15 26.61 7.67
N GLU E 597 54.08 27.40 7.73
CA GLU E 597 53.02 27.20 8.68
C GLU E 597 52.34 25.84 8.47
N GLU E 598 52.22 25.42 7.20
CA GLU E 598 51.71 24.12 6.83
C GLU E 598 52.37 23.00 7.62
N ASP E 599 53.65 23.11 7.88
CA ASP E 599 54.39 22.12 8.64
C ASP E 599 53.83 21.90 10.04
N ALA E 600 53.38 23.02 10.68
CA ALA E 600 52.76 23.04 12.01
C ALA E 600 51.38 22.37 12.01
N PHE E 601 50.65 22.57 10.90
CA PHE E 601 49.38 21.90 10.61
C PHE E 601 49.58 20.38 10.50
N ASN E 602 50.61 19.93 9.75
CA ASN E 602 50.94 18.54 9.60
C ASN E 602 51.37 17.92 10.91
N ASP E 603 52.16 18.65 11.70
CA ASP E 603 52.71 18.11 12.93
C ASP E 603 51.67 18.00 14.06
N GLY E 604 50.63 18.87 14.06
CA GLY E 604 49.68 19.01 15.15
C GLY E 604 48.30 18.44 14.78
N PHE E 605 47.54 19.28 14.08
CA PHE E 605 46.16 18.95 13.71
C PHE E 605 46.11 17.59 13.01
N ARG E 606 47.03 17.36 12.08
CA ARG E 606 46.93 16.17 11.23
C ARG E 606 47.52 14.95 11.89
N ARG E 607 48.19 15.10 13.05
CA ARG E 607 48.72 13.95 13.77
C ARG E 607 47.81 13.50 14.90
N ALA E 608 46.85 14.30 15.34
CA ALA E 608 46.04 13.97 16.50
C ALA E 608 45.43 12.57 16.37
N GLY E 609 45.72 11.72 17.36
CA GLY E 609 45.07 10.44 17.44
C GLY E 609 45.70 9.42 16.51
N GLN E 610 46.79 9.75 15.80
CA GLN E 610 47.37 8.89 14.79
C GLN E 610 48.33 7.94 15.49
N PRO E 611 48.68 6.79 14.86
CA PRO E 611 49.68 5.86 15.40
C PRO E 611 51.10 6.45 15.50
N GLY E 612 51.75 6.27 16.66
CA GLY E 612 53.01 6.88 16.99
C GLY E 612 52.95 8.39 17.28
N ALA E 613 51.74 8.98 17.41
CA ALA E 613 51.60 10.36 17.83
C ALA E 613 51.66 10.45 19.37
N PRO E 614 52.16 11.56 19.95
CA PRO E 614 52.02 11.81 21.37
C PRO E 614 50.60 12.28 21.67
N ALA E 615 50.29 12.43 22.97
CA ALA E 615 49.00 12.96 23.41
C ALA E 615 48.77 14.36 22.81
N ILE E 616 47.67 14.52 22.04
CA ILE E 616 47.34 15.78 21.39
C ILE E 616 45.86 16.04 21.66
N ASP E 617 45.48 17.23 22.12
CA ASP E 617 44.09 17.65 22.33
C ASP E 617 43.78 18.56 21.15
N SER E 618 42.90 18.11 20.23
CA SER E 618 42.57 18.84 19.01
C SER E 618 41.05 18.88 18.79
N GLN E 619 40.52 20.08 18.49
CA GLN E 619 39.15 20.26 18.03
C GLN E 619 38.90 19.62 16.64
N GLY E 620 39.94 19.19 15.92
CA GLY E 620 39.76 18.40 14.71
C GLY E 620 39.46 16.92 15.00
N GLY E 621 39.85 16.47 16.17
CA GLY E 621 39.69 15.08 16.56
C GLY E 621 40.70 14.18 15.85
N SER E 622 40.41 12.88 15.94
CA SER E 622 41.28 11.89 15.37
C SER E 622 41.12 11.73 13.86
N THR E 623 40.14 12.40 13.21
CA THR E 623 40.03 12.37 11.74
C THR E 623 40.62 13.65 11.15
N GLY E 624 41.34 14.46 11.97
CA GLY E 624 41.97 15.70 11.48
C GLY E 624 42.93 15.48 10.32
N HIS E 625 43.54 14.28 10.30
CA HIS E 625 44.45 13.93 9.21
C HIS E 625 43.78 13.95 7.82
N LEU E 626 42.44 13.87 7.75
CA LEU E 626 41.76 13.87 6.46
C LEU E 626 41.74 15.28 5.88
N VAL E 627 41.90 16.31 6.75
CA VAL E 627 41.98 17.68 6.26
C VAL E 627 43.41 17.94 5.77
N THR E 628 43.55 18.54 4.59
CA THR E 628 44.80 19.13 4.11
C THR E 628 44.48 20.54 3.65
N TYR E 629 45.53 21.35 3.46
CA TYR E 629 45.37 22.69 2.88
C TYR E 629 44.73 22.59 1.49
N ASP E 630 45.18 21.64 0.64
CA ASP E 630 44.67 21.50 -0.73
C ASP E 630 43.18 21.16 -0.72
N ARG E 631 42.78 20.28 0.20
CA ARG E 631 41.38 19.90 0.31
C ARG E 631 40.51 21.05 0.80
N LEU E 632 41.02 21.87 1.73
CA LEU E 632 40.30 23.04 2.19
C LEU E 632 40.17 24.08 1.10
N ARG E 633 41.24 24.33 0.37
CA ARG E 633 41.15 25.15 -0.83
C ARG E 633 39.97 24.72 -1.71
N LYS E 634 39.86 23.42 -2.03
CA LYS E 634 38.78 22.93 -2.89
C LYS E 634 37.43 23.15 -2.23
N SER E 635 37.35 23.10 -0.89
CA SER E 635 36.11 23.34 -0.16
C SER E 635 35.64 24.80 -0.24
N GLY E 636 36.49 25.79 -0.53
CA GLY E 636 36.05 27.18 -0.50
C GLY E 636 35.89 27.71 0.95
N ASN E 637 35.25 28.87 1.02
CA ASN E 637 34.86 29.47 2.30
C ASN E 637 33.81 28.65 3.06
N ASN E 638 33.22 27.63 2.46
CA ASN E 638 32.28 26.75 3.16
C ASN E 638 32.99 25.70 3.96
N GLY E 639 34.24 25.34 3.62
CA GLY E 639 35.01 24.41 4.40
C GLY E 639 34.21 23.09 4.62
N VAL E 640 34.37 22.60 5.83
CA VAL E 640 33.71 21.43 6.37
C VAL E 640 33.51 21.67 7.87
N GLN E 641 32.36 21.21 8.37
CA GLN E 641 32.08 21.16 9.78
C GLN E 641 32.79 19.99 10.40
N LEU E 642 33.58 20.27 11.48
CA LEU E 642 34.28 19.22 12.22
C LEU E 642 33.35 18.49 13.17
N PRO E 643 33.58 17.20 13.55
CA PRO E 643 34.64 16.37 12.93
C PRO E 643 34.32 15.92 11.51
N VAL E 644 35.39 15.72 10.69
CA VAL E 644 35.28 15.12 9.37
C VAL E 644 34.89 13.66 9.58
N VAL E 645 33.91 13.21 8.77
CA VAL E 645 33.48 11.81 8.78
C VAL E 645 34.11 11.02 7.65
N SER E 646 34.21 11.62 6.47
CA SER E 646 34.85 10.94 5.35
C SER E 646 35.49 11.97 4.39
N TRP E 647 36.39 11.43 3.55
CA TRP E 647 36.93 12.10 2.39
C TRP E 647 37.10 11.13 1.23
N ASP E 648 36.79 11.59 0.02
CA ASP E 648 37.42 11.05 -1.19
C ASP E 648 37.49 12.15 -2.26
N GLU E 649 38.16 11.86 -3.37
CA GLU E 649 38.38 12.87 -4.41
C GLU E 649 37.04 13.34 -5.02
N SER E 650 36.08 12.44 -5.13
CA SER E 650 34.82 12.74 -5.82
C SER E 650 33.82 13.47 -4.91
N LYS E 651 33.84 13.18 -3.58
CA LYS E 651 32.91 13.74 -2.57
C LYS E 651 33.45 14.98 -1.85
N GLY E 652 34.76 15.08 -1.69
CA GLY E 652 35.34 16.11 -0.83
C GLY E 652 35.22 15.69 0.63
N LEU E 653 35.52 16.66 1.49
CA LEU E 653 35.38 16.52 2.92
C LEU E 653 33.89 16.52 3.29
N VAL E 654 33.42 15.46 3.95
CA VAL E 654 32.10 15.34 4.56
C VAL E 654 32.23 15.32 6.08
N GLY E 655 31.51 16.24 6.76
CA GLY E 655 31.65 16.46 8.20
C GLY E 655 30.34 16.29 8.98
N THR E 656 30.19 17.01 10.09
CA THR E 656 29.21 16.70 11.11
C THR E 656 28.40 17.97 11.39
N GLU E 657 27.07 17.90 11.25
CA GLU E 657 26.24 19.09 11.35
C GLU E 657 25.97 19.45 12.82
N MET E 658 25.49 18.49 13.60
CA MET E 658 25.10 18.70 14.96
C MET E 658 25.65 17.58 15.81
N LEU E 659 26.05 17.93 17.05
CA LEU E 659 26.48 16.91 18.00
C LEU E 659 25.32 16.37 18.85
N TYR E 660 25.39 15.12 19.22
CA TYR E 660 24.58 14.46 20.22
C TYR E 660 23.21 14.10 19.67
N THR E 661 23.06 13.89 18.34
CA THR E 661 21.75 13.57 17.78
C THR E 661 21.37 12.10 18.07
N GLU E 662 22.25 11.24 18.58
CA GLU E 662 21.79 9.91 18.96
C GLU E 662 21.81 9.77 20.46
N GLY E 663 21.97 10.87 21.19
CA GLY E 663 21.84 10.75 22.64
C GLY E 663 23.07 10.18 23.35
N LYS E 664 24.23 10.13 22.69
CA LYS E 664 25.44 9.65 23.32
C LYS E 664 26.25 10.90 23.59
N PHE E 665 26.53 11.14 24.90
CA PHE E 665 27.24 12.30 25.35
C PHE E 665 28.70 11.95 25.69
N ASP E 666 29.51 12.97 25.89
CA ASP E 666 30.94 12.81 26.15
C ASP E 666 31.21 12.64 27.65
N THR E 667 30.82 11.50 28.20
CA THR E 667 31.02 11.11 29.58
C THR E 667 31.28 9.60 29.54
N ASP E 668 31.63 9.04 30.72
CA ASP E 668 32.06 7.66 30.88
C ASP E 668 30.98 6.72 30.37
N ASP E 669 29.69 7.06 30.65
CA ASP E 669 28.60 6.13 30.45
C ASP E 669 27.79 6.48 29.20
N GLY E 670 28.17 7.53 28.47
CA GLY E 670 27.40 7.99 27.33
C GLY E 670 26.18 8.83 27.69
N LYS E 671 25.95 9.10 28.99
CA LYS E 671 24.75 9.85 29.39
C LYS E 671 25.09 11.30 29.68
N ALA E 672 24.13 12.22 29.51
CA ALA E 672 24.32 13.59 29.99
C ALA E 672 24.11 13.57 31.50
N HIS E 673 24.91 14.35 32.24
CA HIS E 673 24.90 14.32 33.71
C HIS E 673 24.39 15.68 34.22
N PHE E 674 23.30 15.64 35.01
CA PHE E 674 22.75 16.82 35.67
C PHE E 674 23.71 17.12 36.83
N LYS E 675 23.75 18.37 37.26
CA LYS E 675 24.59 18.81 38.37
C LYS E 675 23.77 19.69 39.31
N PRO E 676 24.16 19.73 40.62
CA PRO E 676 23.55 20.67 41.57
C PRO E 676 24.00 22.09 41.21
N ALA E 677 23.15 23.10 41.40
CA ALA E 677 23.47 24.49 41.14
C ALA E 677 23.07 25.37 42.32
N PRO E 678 23.87 25.48 43.41
CA PRO E 678 23.44 26.27 44.57
C PRO E 678 23.42 27.77 44.25
N TRP E 679 22.43 28.45 44.78
CA TRP E 679 22.37 29.91 44.73
C TRP E 679 22.99 30.38 46.05
N ASN E 680 24.12 31.10 45.97
CA ASN E 680 24.82 31.60 47.15
C ASN E 680 24.97 33.13 47.10
N GLY E 681 24.15 33.85 46.32
CA GLY E 681 24.32 35.28 46.19
C GLY E 681 25.59 35.61 45.40
N LEU E 682 25.94 36.89 45.45
CA LEU E 682 27.15 37.39 44.86
C LEU E 682 28.34 36.95 45.72
N PRO E 683 29.57 36.86 45.13
CA PRO E 683 30.76 36.59 45.93
C PRO E 683 31.00 37.70 46.95
N ALA E 684 31.48 37.33 48.13
CA ALA E 684 31.76 38.32 49.19
C ALA E 684 32.64 39.49 48.70
N THR E 685 33.67 39.19 47.90
CA THR E 685 34.53 40.26 47.40
C THR E 685 33.75 41.26 46.54
N VAL E 686 32.86 40.72 45.65
CA VAL E 686 32.05 41.59 44.82
C VAL E 686 30.98 42.31 45.67
N GLN E 687 30.35 41.57 46.58
CA GLN E 687 29.30 42.15 47.43
C GLN E 687 29.83 43.33 48.24
N GLN E 688 31.10 43.20 48.72
CA GLN E 688 31.76 44.30 49.44
C GLN E 688 31.83 45.57 48.59
N GLN E 689 32.14 45.42 47.29
CA GLN E 689 32.18 46.56 46.36
C GLN E 689 30.76 47.15 46.24
N LYS E 690 29.79 46.28 46.00
CA LYS E 690 28.38 46.70 45.88
C LYS E 690 27.85 47.41 47.13
N ASP E 691 28.28 46.94 48.33
CA ASP E 691 27.91 47.56 49.60
C ASP E 691 28.54 48.94 49.77
N LYS E 692 29.74 49.20 49.22
CA LYS E 692 30.48 50.43 49.44
C LYS E 692 30.15 51.49 48.40
N TYR E 693 29.81 51.11 47.17
CA TYR E 693 29.82 52.04 46.04
C TYR E 693 28.53 51.89 45.25
N ARG E 694 28.24 52.90 44.40
CA ARG E 694 26.88 53.26 43.96
C ARG E 694 26.51 52.47 42.70
N PHE E 695 27.40 52.32 41.73
CA PHE E 695 27.02 51.92 40.39
C PHE E 695 27.54 50.51 40.05
N TRP E 696 26.70 49.70 39.41
CA TRP E 696 27.13 48.44 38.81
C TRP E 696 27.91 48.75 37.54
N LEU E 697 29.16 48.24 37.47
CA LEU E 697 30.10 48.65 36.41
C LEU E 697 30.16 47.55 35.35
N ASN E 698 29.02 47.35 34.71
CA ASN E 698 28.90 46.42 33.58
C ASN E 698 29.87 46.86 32.50
N ASN E 699 30.19 45.92 31.60
CA ASN E 699 31.29 46.14 30.66
C ASN E 699 31.23 45.10 29.55
N GLY E 700 31.85 45.43 28.42
CA GLY E 700 31.81 44.54 27.26
C GLY E 700 31.97 45.25 25.94
N ARG E 701 31.33 44.69 24.89
CA ARG E 701 31.62 45.05 23.52
C ARG E 701 30.87 46.25 22.99
N ASN E 702 31.53 46.92 22.06
CA ASN E 702 30.93 47.84 21.12
C ASN E 702 31.04 47.20 19.74
N ASN E 703 29.94 47.31 18.96
CA ASN E 703 29.89 46.82 17.60
C ASN E 703 31.10 47.23 16.76
N GLU E 704 31.40 48.53 16.75
CA GLU E 704 32.42 49.05 15.84
C GLU E 704 33.86 48.69 16.26
N VAL E 705 34.16 48.62 17.59
CA VAL E 705 35.50 48.42 18.13
C VAL E 705 35.78 46.91 18.27
N TRP E 706 36.93 46.46 17.75
CA TRP E 706 37.42 45.10 17.94
C TRP E 706 38.43 45.09 19.09
N GLN E 707 38.06 44.41 20.17
CA GLN E 707 38.94 43.93 21.21
C GLN E 707 39.72 45.11 21.83
N THR E 708 41.10 45.05 21.82
CA THR E 708 41.92 46.05 22.48
C THR E 708 42.25 47.20 21.54
N ALA E 709 41.57 47.24 20.39
CA ALA E 709 41.66 48.34 19.45
C ALA E 709 43.08 48.48 18.88
N TYR E 710 43.72 47.32 18.68
CA TYR E 710 45.11 47.29 18.22
C TYR E 710 45.22 47.83 16.82
N HIS E 711 44.31 47.42 15.88
CA HIS E 711 44.16 48.16 14.65
C HIS E 711 43.41 49.49 14.78
N ASP E 712 42.30 49.44 15.54
CA ASP E 712 41.37 50.55 15.52
C ASP E 712 41.95 51.88 16.00
N GLN E 713 42.92 51.79 16.95
CA GLN E 713 43.62 52.93 17.45
C GLN E 713 44.29 53.75 16.38
N TYR E 714 44.64 53.16 15.24
CA TYR E 714 45.30 53.85 14.14
C TYR E 714 44.32 54.29 13.05
N ASN E 715 43.04 54.08 13.24
CA ASN E 715 42.02 54.40 12.22
C ASN E 715 41.37 55.73 12.58
N SER E 716 41.51 56.76 11.72
CA SER E 716 41.07 58.12 12.02
C SER E 716 39.52 58.14 12.24
N LEU E 717 38.75 57.36 11.45
CA LEU E 717 37.30 57.28 11.63
C LEU E 717 36.97 56.71 12.99
N MET E 718 37.57 55.61 13.38
CA MET E 718 37.31 54.99 14.64
C MET E 718 37.65 55.91 15.82
N GLN E 719 38.77 56.62 15.72
CA GLN E 719 39.20 57.50 16.81
C GLN E 719 38.35 58.77 16.87
N GLU E 720 37.81 59.24 15.73
CA GLU E 720 36.86 60.34 15.73
C GLU E 720 35.55 59.92 16.42
N ARG E 721 35.12 58.66 16.17
CA ARG E 721 33.88 58.15 16.75
C ARG E 721 34.01 57.89 18.27
N TYR E 722 35.10 57.22 18.66
CA TYR E 722 35.34 56.74 20.01
C TYR E 722 36.76 57.14 20.42
N PRO E 723 37.04 58.46 20.57
CA PRO E 723 38.37 58.90 20.95
C PRO E 723 38.66 58.39 22.37
N MET E 724 37.61 58.09 23.19
CA MET E 724 37.86 57.57 24.51
C MET E 724 36.87 56.44 24.79
N ALA E 725 37.23 55.53 25.72
CA ALA E 725 36.28 54.52 26.18
C ALA E 725 35.09 55.25 26.80
N TYR E 726 33.89 54.77 26.49
CA TYR E 726 32.66 55.46 26.93
C TYR E 726 32.02 54.61 28.03
N ILE E 727 31.20 55.32 28.83
CA ILE E 727 30.42 54.68 29.88
C ILE E 727 28.95 55.11 29.69
N GLU E 728 28.13 54.18 29.32
CA GLU E 728 26.67 54.35 29.21
C GLU E 728 26.14 54.60 30.61
N MET E 729 25.41 55.72 30.78
CA MET E 729 24.84 56.05 32.07
C MET E 729 23.37 56.46 31.91
N ASN E 730 22.57 56.14 32.93
CA ASN E 730 21.19 56.60 33.03
C ASN E 730 21.16 58.14 33.05
N PRO E 731 20.35 58.83 32.21
CA PRO E 731 20.21 60.28 32.21
C PRO E 731 19.92 60.93 33.55
N ASP E 732 19.16 60.25 34.42
CA ASP E 732 18.82 60.84 35.70
C ASP E 732 20.03 60.78 36.62
N ASP E 733 20.80 59.69 36.57
CA ASP E 733 22.09 59.58 37.25
C ASP E 733 23.06 60.69 36.80
N CYS E 734 23.07 60.94 35.52
CA CYS E 734 23.85 61.97 34.84
C CYS E 734 23.50 63.35 35.39
N LYS E 735 22.21 63.67 35.47
CA LYS E 735 21.77 64.96 35.98
C LYS E 735 22.24 65.10 37.43
N GLN E 736 22.14 64.04 38.22
CA GLN E 736 22.58 64.09 39.61
C GLN E 736 24.07 64.38 39.73
N LEU E 737 24.90 63.82 38.84
CA LEU E 737 26.32 64.08 38.79
C LEU E 737 26.70 65.29 37.91
N ASP E 738 25.75 66.05 37.36
CA ASP E 738 25.98 67.18 36.49
C ASP E 738 26.86 66.78 35.30
N VAL E 739 26.64 65.60 34.71
CA VAL E 739 27.36 65.18 33.53
C VAL E 739 26.37 65.02 32.34
N THR E 740 26.93 65.16 31.16
CA THR E 740 26.28 64.90 29.89
C THR E 740 27.30 64.32 28.90
N GLY E 741 26.82 64.09 27.64
CA GLY E 741 27.66 63.42 26.68
C GLY E 741 28.96 64.19 26.45
N GLY E 742 30.10 63.47 26.49
CA GLY E 742 31.39 64.09 26.21
C GLY E 742 32.07 64.71 27.43
N ASP E 743 31.47 64.58 28.62
CA ASP E 743 32.18 64.82 29.85
C ASP E 743 33.05 63.61 30.13
N ILE E 744 34.14 63.83 30.87
CA ILE E 744 34.98 62.76 31.31
C ILE E 744 34.70 62.54 32.79
N VAL E 745 34.65 61.25 33.15
CA VAL E 745 34.52 60.85 34.53
C VAL E 745 35.66 59.90 34.91
N GLU E 746 36.01 59.94 36.20
CA GLU E 746 36.73 58.87 36.85
C GLU E 746 35.74 57.83 37.36
N VAL E 747 36.07 56.55 37.16
CA VAL E 747 35.32 55.39 37.65
C VAL E 747 36.24 54.64 38.58
N TYR E 748 35.81 54.38 39.80
CA TYR E 748 36.77 53.92 40.79
C TYR E 748 36.14 53.11 41.90
N ASN E 749 36.98 52.26 42.49
CA ASN E 749 36.59 51.48 43.66
C ASN E 749 37.84 51.12 44.47
N ASP E 750 37.74 50.08 45.32
CA ASP E 750 38.90 49.57 46.07
C ASP E 750 39.97 48.96 45.14
N PHE E 751 39.60 48.43 43.95
CA PHE E 751 40.53 47.70 43.09
C PHE E 751 41.31 48.62 42.15
N GLY E 752 40.74 49.78 41.78
CA GLY E 752 41.46 50.72 40.95
C GLY E 752 40.61 51.94 40.55
N SER E 753 41.23 52.76 39.68
CA SER E 753 40.71 54.01 39.16
C SER E 753 40.92 54.01 37.64
N THR E 754 39.90 54.39 36.86
CA THR E 754 40.04 54.52 35.41
C THR E 754 39.13 55.65 34.96
N PHE E 755 38.97 55.83 33.65
CA PHE E 755 38.45 57.07 33.13
C PHE E 755 37.63 56.72 31.90
N ALA E 756 36.57 57.50 31.66
CA ALA E 756 35.70 57.26 30.52
C ALA E 756 34.99 58.54 30.15
N MET E 757 34.54 58.60 28.88
CA MET E 757 33.67 59.66 28.47
C MET E 757 32.21 59.28 28.69
N VAL E 758 31.38 60.23 29.13
CA VAL E 758 30.03 59.95 29.53
C VAL E 758 29.19 59.82 28.24
N TYR E 759 28.39 58.73 28.22
CA TYR E 759 27.45 58.45 27.12
C TYR E 759 26.05 58.26 27.71
N PRO E 760 25.24 59.31 27.85
CA PRO E 760 23.90 59.14 28.37
C PRO E 760 23.05 58.21 27.49
N VAL E 761 22.39 57.22 28.18
CA VAL E 761 21.67 56.19 27.51
C VAL E 761 20.37 55.96 28.32
N ALA E 762 19.22 56.30 27.69
CA ALA E 762 17.92 56.26 28.36
C ALA E 762 17.59 54.84 28.83
N GLU E 763 18.11 53.81 28.15
CA GLU E 763 17.74 52.44 28.42
C GLU E 763 18.50 51.89 29.61
N ILE E 764 19.56 52.57 30.08
CA ILE E 764 20.31 52.13 31.25
C ILE E 764 19.50 52.39 32.50
N LYS E 765 19.51 51.41 33.36
CA LYS E 765 18.77 51.47 34.59
C LYS E 765 19.57 52.30 35.60
N ARG E 766 18.80 52.96 36.48
CA ARG E 766 19.39 53.77 37.55
C ARG E 766 20.31 52.90 38.41
N GLY E 767 21.49 53.43 38.75
CA GLY E 767 22.46 52.71 39.53
C GLY E 767 23.21 51.65 38.70
N GLN E 768 22.91 51.49 37.40
CA GLN E 768 23.68 50.69 36.48
C GLN E 768 24.38 51.56 35.41
N THR E 769 25.48 51.03 34.87
CA THR E 769 26.32 51.66 33.84
C THR E 769 26.83 50.55 32.92
N PHE E 770 27.47 50.96 31.83
CA PHE E 770 28.08 50.02 30.89
C PHE E 770 29.31 50.71 30.28
N MET E 771 30.51 50.17 30.52
CA MET E 771 31.74 50.77 29.99
C MET E 771 32.37 49.85 28.94
N LEU E 772 32.87 50.45 27.85
CA LEU E 772 33.59 49.67 26.83
C LEU E 772 34.82 49.05 27.47
N PHE E 773 35.04 47.75 27.25
CA PHE E 773 36.12 47.00 27.87
C PHE E 773 37.38 47.08 26.98
N GLY E 774 38.53 46.84 27.63
CA GLY E 774 39.77 46.56 26.89
C GLY E 774 40.38 47.73 26.10
N TYR E 775 39.93 48.97 26.30
CA TYR E 775 40.28 49.99 25.31
C TYR E 775 41.63 50.66 25.56
N VAL E 776 42.08 51.35 24.49
CA VAL E 776 43.35 52.08 24.47
C VAL E 776 43.33 53.41 25.22
N ASN E 777 42.17 53.92 25.59
CA ASN E 777 42.10 55.20 26.33
C ASN E 777 41.02 55.06 27.39
N GLY E 778 41.44 54.66 28.62
CA GLY E 778 40.52 54.39 29.70
C GLY E 778 40.22 52.88 29.73
N ILE E 779 41.00 52.16 30.51
CA ILE E 779 40.98 50.72 30.58
C ILE E 779 39.94 50.38 31.64
N GLN E 780 38.92 49.65 31.23
CA GLN E 780 37.83 49.25 32.14
C GLN E 780 38.24 48.30 33.27
N GLY E 781 39.16 47.38 32.97
CA GLY E 781 39.45 46.27 33.84
C GLY E 781 40.11 46.66 35.16
N ASP E 782 40.60 47.89 35.27
CA ASP E 782 41.15 48.44 36.52
C ASP E 782 40.18 48.33 37.69
N VAL E 783 38.86 48.28 37.36
CA VAL E 783 37.90 48.25 38.48
C VAL E 783 37.31 46.86 38.69
N THR E 784 37.76 45.86 37.93
CA THR E 784 37.29 44.50 38.13
C THR E 784 38.05 43.89 39.30
N THR E 785 37.38 42.97 40.01
CA THR E 785 37.95 42.39 41.22
C THR E 785 38.88 41.23 40.84
N ASP E 786 39.54 40.66 41.85
CA ASP E 786 40.37 39.48 41.66
C ASP E 786 39.57 38.20 41.79
N TRP E 787 38.25 38.30 42.02
CA TRP E 787 37.48 37.10 42.31
C TRP E 787 37.31 36.21 41.07
N THR E 788 37.50 34.90 41.28
CA THR E 788 37.30 33.89 40.27
C THR E 788 36.56 32.71 40.88
N ASP E 789 35.92 31.92 40.03
CA ASP E 789 35.24 30.69 40.47
C ASP E 789 36.23 29.58 40.82
N ARG E 790 35.72 28.38 41.10
CA ARG E 790 36.56 27.26 41.50
C ARG E 790 37.66 26.91 40.50
N ASN E 791 37.42 27.11 39.18
CA ASN E 791 38.40 26.85 38.13
C ASN E 791 39.18 28.12 37.67
N ILE E 792 39.15 29.19 38.48
CA ILE E 792 39.82 30.45 38.20
C ILE E 792 39.25 31.11 36.94
N ILE E 793 37.91 31.19 36.90
CA ILE E 793 37.23 31.98 35.91
C ILE E 793 36.77 33.26 36.59
N PRO E 794 37.22 34.45 36.13
CA PRO E 794 36.78 35.72 36.70
C PRO E 794 35.34 36.11 36.46
N TYR E 795 34.79 36.76 37.48
CA TYR E 795 33.54 37.46 37.33
C TYR E 795 33.81 38.89 36.81
N TYR E 796 34.22 38.99 35.55
CA TYR E 796 34.53 40.28 34.93
C TYR E 796 33.29 41.19 34.90
N LYS E 797 32.07 40.61 34.77
CA LYS E 797 30.85 41.41 34.76
C LYS E 797 30.31 41.76 36.15
N GLY E 798 31.09 41.51 37.21
CA GLY E 798 30.72 41.64 38.58
C GLY E 798 31.65 42.57 39.34
N THR E 799 31.30 43.86 39.28
CA THR E 799 31.96 44.89 40.02
C THR E 799 31.08 46.14 40.13
N TRP E 800 31.34 46.86 41.21
CA TRP E 800 30.66 48.11 41.57
C TRP E 800 31.68 49.19 41.90
N GLY E 801 31.32 50.44 41.67
CA GLY E 801 32.20 51.59 41.93
C GLY E 801 31.43 52.90 41.88
N ASP E 802 32.11 53.99 42.22
CA ASP E 802 31.60 55.34 42.21
C ASP E 802 32.17 56.06 41.02
N ILE E 803 31.60 57.25 40.79
CA ILE E 803 31.83 58.00 39.58
C ILE E 803 31.98 59.43 40.01
N ARG E 804 32.98 60.09 39.43
CA ARG E 804 33.32 61.47 39.75
C ARG E 804 33.54 62.19 38.44
N LYS E 805 32.93 63.37 38.29
CA LYS E 805 33.15 64.23 37.14
C LYS E 805 34.59 64.76 37.12
N VAL E 806 35.33 64.58 36.02
CA VAL E 806 36.58 65.34 35.81
C VAL E 806 36.26 66.67 35.16
N GLY E 807 35.57 66.66 34.03
CA GLY E 807 35.14 67.91 33.45
C GLY E 807 34.64 67.66 32.04
N SER E 808 34.35 68.76 31.34
CA SER E 808 33.80 68.72 29.99
C SER E 808 34.90 68.73 28.94
N MET E 809 34.92 67.74 28.04
N MET E 809 34.93 67.74 28.02
CA MET E 809 35.83 67.72 26.89
CA MET E 809 35.84 67.74 26.89
C MET E 809 35.09 68.34 25.69
C MET E 809 35.10 68.34 25.70
N GLU E 810 35.30 69.63 25.45
CA GLU E 810 34.53 70.36 24.44
C GLU E 810 34.74 69.76 23.06
N GLU E 811 35.93 69.25 22.79
CA GLU E 811 36.23 68.61 21.52
C GLU E 811 35.40 67.34 21.34
N PHE E 812 35.21 66.55 22.42
CA PHE E 812 34.31 65.38 22.27
C PHE E 812 32.90 65.85 21.93
N LYS E 813 32.47 66.96 22.55
CA LYS E 813 31.15 67.50 22.26
C LYS E 813 31.01 67.93 20.81
N ARG E 814 32.08 68.46 20.20
CA ARG E 814 32.05 68.98 18.85
C ARG E 814 32.05 67.85 17.79
N THR E 815 32.60 66.66 18.12
CA THR E 815 32.98 65.68 17.11
C THR E 815 32.39 64.30 17.35
N VAL E 816 31.99 63.97 18.59
CA VAL E 816 31.46 62.64 18.90
C VAL E 816 29.92 62.67 18.98
N SER E 817 29.22 61.78 18.25
CA SER E 817 27.81 61.54 18.44
C SER E 817 27.51 60.84 19.76
N PHE E 818 26.59 61.45 20.55
CA PHE E 818 26.06 60.76 21.73
C PHE E 818 24.61 60.35 21.49
N LYS E 819 24.22 60.09 20.23
CA LYS E 819 22.88 59.67 19.90
C LYS E 819 22.73 58.17 20.18
N SER E 820 21.49 57.69 20.15
CA SER E 820 21.18 56.37 20.66
C SER E 820 21.70 55.31 19.68
N ARG E 821 22.29 54.25 20.24
CA ARG E 821 22.78 53.10 19.49
C ARG E 821 21.76 51.96 19.60
N ARG E 822 20.52 52.22 20.11
CA ARG E 822 19.45 51.21 20.10
C ARG E 822 18.45 51.59 19.02
N PHE E 823 18.46 50.87 17.91
CA PHE E 823 17.68 51.27 16.74
C PHE E 823 16.17 51.13 17.02
N ALA E 824 15.40 52.18 16.72
N ALA E 824 15.39 52.15 16.68
CA ALA E 824 13.96 52.10 16.64
CA ALA E 824 13.94 52.01 16.60
C ALA E 824 13.37 53.08 15.62
C ALA E 824 13.45 52.46 15.22
N ALA F 1 42.95 63.32 -20.73
CA ALA F 1 44.14 63.12 -19.87
C ALA F 1 44.33 64.37 -19.02
N GLY F 2 45.03 64.15 -17.92
CA GLY F 2 45.33 65.20 -16.96
C GLY F 2 44.49 64.92 -15.74
N ARG F 3 43.16 65.09 -15.94
CA ARG F 3 42.26 65.45 -14.86
C ARG F 3 42.24 64.41 -13.74
N THR F 4 42.31 64.90 -12.50
CA THR F 4 42.35 64.07 -11.31
C THR F 4 40.99 64.05 -10.63
N THR F 5 40.10 65.00 -10.96
CA THR F 5 38.84 65.17 -10.30
C THR F 5 37.75 64.72 -11.27
N LEU F 6 36.61 64.31 -10.67
CA LEU F 6 35.40 63.99 -11.38
C LEU F 6 34.76 65.29 -11.82
N GLN F 7 34.01 65.23 -12.94
CA GLN F 7 33.29 66.34 -13.51
C GLN F 7 31.91 66.39 -12.83
N TYR F 8 31.80 66.88 -11.58
CA TYR F 8 30.51 67.08 -10.93
C TYR F 8 29.64 68.12 -11.62
N PRO F 9 28.31 67.85 -11.80
CA PRO F 9 27.39 68.90 -12.24
C PRO F 9 27.14 69.92 -11.14
N ALA F 10 26.67 71.10 -11.55
CA ALA F 10 26.17 72.10 -10.61
C ALA F 10 24.65 72.06 -10.70
N THR F 11 23.97 71.62 -9.64
CA THR F 11 22.52 71.39 -9.69
C THR F 11 21.88 72.25 -8.61
N GLN F 12 21.06 73.20 -9.02
CA GLN F 12 20.21 73.93 -8.07
C GLN F 12 19.30 73.02 -7.25
N VAL F 13 19.29 73.17 -5.91
CA VAL F 13 18.39 72.45 -5.01
C VAL F 13 17.16 73.31 -4.65
N SER F 14 17.41 74.48 -4.05
CA SER F 14 16.36 75.43 -3.67
C SER F 14 17.04 76.75 -3.27
N VAL F 15 16.26 77.76 -2.89
CA VAL F 15 16.80 78.87 -2.11
C VAL F 15 16.73 78.50 -0.62
N ALA F 16 17.75 78.91 0.16
CA ALA F 16 17.90 78.53 1.57
C ALA F 16 16.69 78.92 2.41
N LYS F 17 16.15 80.11 2.15
CA LYS F 17 15.06 80.60 2.97
C LYS F 17 13.74 79.82 2.78
N ASN F 18 13.63 78.97 1.75
CA ASN F 18 12.45 78.16 1.58
C ASN F 18 12.51 76.94 2.50
N LEU F 19 13.66 76.61 3.08
CA LEU F 19 13.76 75.40 3.89
C LEU F 19 13.21 75.75 5.27
N LYS F 20 12.35 74.91 5.82
CA LYS F 20 11.92 74.99 7.20
C LYS F 20 12.83 74.14 8.07
N ALA F 21 13.03 74.58 9.33
CA ALA F 21 13.83 73.81 10.27
C ALA F 21 13.33 72.37 10.36
N ASN F 22 14.26 71.43 10.23
CA ASN F 22 14.06 69.99 10.41
C ASN F 22 12.99 69.37 9.49
N GLU F 23 12.78 69.94 8.29
CA GLU F 23 11.86 69.45 7.27
C GLU F 23 12.66 69.09 6.01
N PRO F 24 13.02 67.80 5.79
CA PRO F 24 13.97 67.42 4.75
C PRO F 24 13.41 67.67 3.36
N VAL F 25 14.29 68.12 2.46
CA VAL F 25 13.94 68.27 1.06
C VAL F 25 14.65 67.18 0.28
N SER F 26 13.96 66.57 -0.67
CA SER F 26 14.51 65.51 -1.51
C SER F 26 14.94 66.08 -2.83
N PHE F 27 16.04 65.51 -3.36
CA PHE F 27 16.57 65.90 -4.67
C PHE F 27 17.48 64.76 -5.11
N THR F 28 17.86 64.78 -6.40
CA THR F 28 18.83 63.83 -6.93
C THR F 28 20.12 64.59 -7.29
N TYR F 29 21.24 63.88 -7.00
CA TYR F 29 22.58 64.41 -7.25
C TYR F 29 23.63 63.31 -7.14
N PRO F 30 24.57 63.12 -8.08
CA PRO F 30 24.74 63.95 -9.28
C PRO F 30 23.94 63.56 -10.53
N ASP F 31 23.02 62.62 -10.37
CA ASP F 31 22.14 62.21 -11.44
C ASP F 31 20.85 61.65 -10.77
N THR F 32 19.88 61.32 -11.59
CA THR F 32 18.56 60.94 -11.11
C THR F 32 18.58 59.60 -10.41
N SER F 33 19.61 58.75 -10.52
CA SER F 33 19.67 57.51 -9.74
C SER F 33 20.28 57.68 -8.33
N SER F 34 20.59 58.90 -7.92
CA SER F 34 21.32 59.11 -6.63
C SER F 34 20.44 59.97 -5.73
N PRO F 35 19.58 59.40 -4.89
CA PRO F 35 18.71 60.22 -4.05
C PRO F 35 19.49 60.85 -2.87
N CYS F 36 19.16 62.14 -2.63
CA CYS F 36 19.75 62.98 -1.62
C CYS F 36 18.69 63.73 -0.80
N VAL F 37 19.08 64.13 0.41
CA VAL F 37 18.29 65.02 1.27
C VAL F 37 19.13 66.23 1.65
N ALA F 38 18.51 67.41 1.66
CA ALA F 38 19.02 68.61 2.32
C ALA F 38 18.08 68.95 3.48
N VAL F 39 18.63 69.32 4.65
CA VAL F 39 17.82 69.68 5.78
C VAL F 39 18.46 70.87 6.50
N LYS F 40 17.62 71.84 6.88
CA LYS F 40 17.99 72.89 7.83
C LYS F 40 17.89 72.31 9.22
N LEU F 41 19.01 72.21 9.91
CA LEU F 41 19.01 71.62 11.23
C LEU F 41 18.41 72.53 12.28
N GLY F 42 18.51 73.86 12.11
CA GLY F 42 17.88 74.80 13.04
C GLY F 42 18.90 75.41 14.01
N SER F 43 20.11 74.86 14.04
CA SER F 43 21.18 75.28 14.92
C SER F 43 22.51 75.08 14.17
N PRO F 44 23.49 76.03 14.20
CA PRO F 44 24.72 75.87 13.41
C PRO F 44 25.47 74.57 13.67
N VAL F 45 26.00 73.95 12.61
CA VAL F 45 26.94 72.84 12.74
C VAL F 45 28.20 73.07 11.89
N PRO F 46 29.35 72.44 12.22
CA PRO F 46 30.58 72.58 11.43
C PRO F 46 30.24 72.25 9.97
N GLY F 47 30.54 73.17 9.07
CA GLY F 47 30.32 72.93 7.67
C GLY F 47 28.88 73.12 7.19
N GLY F 48 27.96 73.57 8.08
CA GLY F 48 26.63 73.91 7.63
C GLY F 48 26.64 75.16 6.78
N VAL F 49 25.77 75.22 5.76
CA VAL F 49 25.64 76.39 4.93
C VAL F 49 24.29 77.09 5.18
N GLY F 50 24.17 78.26 4.56
CA GLY F 50 22.99 79.07 4.56
C GLY F 50 23.11 80.15 5.62
N PRO F 51 22.09 81.05 5.77
CA PRO F 51 22.13 82.16 6.70
C PRO F 51 22.50 81.76 8.13
N ASN F 52 22.10 80.57 8.60
CA ASN F 52 22.33 80.17 9.97
C ASN F 52 23.34 79.02 10.02
N ASN F 53 24.09 78.80 8.93
CA ASN F 53 25.17 77.83 8.86
C ASN F 53 24.69 76.46 9.33
N ASP F 54 23.47 76.14 8.94
CA ASP F 54 22.86 74.99 9.56
C ASP F 54 22.27 74.05 8.54
N ILE F 55 22.45 74.33 7.24
CA ILE F 55 21.89 73.45 6.21
C ILE F 55 22.94 72.42 5.82
N VAL F 56 22.59 71.15 5.89
CA VAL F 56 23.46 70.04 5.49
C VAL F 56 22.73 69.20 4.44
N ALA F 57 23.48 68.41 3.67
CA ALA F 57 22.92 67.57 2.66
C ALA F 57 23.75 66.29 2.51
N TYR F 58 23.03 65.19 2.28
CA TYR F 58 23.59 63.86 2.17
C TYR F 58 23.01 63.04 1.02
N SER F 59 23.80 62.10 0.49
CA SER F 59 23.31 60.90 -0.19
C SER F 59 22.58 60.05 0.86
N VAL F 60 21.40 59.55 0.51
CA VAL F 60 20.62 58.76 1.46
C VAL F 60 20.84 57.27 1.29
N LEU F 61 21.65 56.82 0.31
CA LEU F 61 21.86 55.37 0.15
C LEU F 61 22.80 54.91 1.28
N CYS F 62 22.41 53.84 1.95
CA CYS F 62 23.22 53.32 3.01
C CYS F 62 24.57 52.90 2.46
N THR F 63 25.66 53.26 3.16
CA THR F 63 27.00 52.93 2.65
C THR F 63 27.37 51.49 2.98
N HIS F 64 26.52 50.73 3.71
CA HIS F 64 26.72 49.30 3.91
C HIS F 64 26.31 48.57 2.61
N MET F 65 24.99 48.37 2.41
CA MET F 65 24.53 47.67 1.23
C MET F 65 23.44 48.39 0.49
N GLY F 66 23.29 49.69 0.67
CA GLY F 66 22.69 50.49 -0.39
C GLY F 66 21.19 50.74 -0.27
N PHE F 67 20.53 50.30 0.76
CA PHE F 67 19.11 50.64 0.94
C PHE F 67 18.95 52.14 1.15
N PRO F 68 17.93 52.80 0.57
CA PRO F 68 17.59 54.19 0.88
C PRO F 68 17.29 54.32 2.37
N THR F 69 18.03 55.19 3.05
CA THR F 69 17.84 55.46 4.48
C THR F 69 16.70 56.47 4.64
N SER F 70 16.15 56.59 5.84
CA SER F 70 15.07 57.53 6.06
C SER F 70 15.52 58.50 7.14
N TYR F 71 15.28 59.79 6.88
CA TYR F 71 15.58 60.84 7.80
C TYR F 71 14.58 60.76 8.96
N ASP F 72 15.07 60.62 10.19
CA ASP F 72 14.25 60.72 11.39
C ASP F 72 14.35 62.13 11.97
N LYS F 73 13.24 62.87 11.95
CA LYS F 73 13.22 64.25 12.38
C LYS F 73 13.46 64.39 13.88
N SER F 74 13.07 63.40 14.69
CA SER F 74 13.16 63.51 16.12
C SER F 74 14.61 63.33 16.60
N SER F 75 15.43 62.51 15.91
CA SER F 75 16.82 62.29 16.32
C SER F 75 17.81 63.07 15.45
N LYS F 76 17.39 63.57 14.27
CA LYS F 76 18.19 64.10 13.17
C LYS F 76 19.26 63.08 12.77
N THR F 77 18.78 61.85 12.45
CA THR F 77 19.60 60.77 11.95
C THR F 77 19.00 60.20 10.65
N PHE F 78 19.80 59.45 9.92
CA PHE F 78 19.34 58.65 8.77
C PHE F 78 19.46 57.19 9.21
N LYS F 79 18.39 56.44 9.12
CA LYS F 79 18.31 55.06 9.63
C LYS F 79 18.09 54.15 8.44
N CYS F 80 18.86 53.07 8.41
CA CYS F 80 18.80 52.11 7.35
C CYS F 80 17.99 50.90 7.84
N PRO F 81 16.92 50.50 7.10
CA PRO F 81 16.17 49.31 7.49
C PRO F 81 16.83 47.96 7.21
N GLY F 82 17.99 47.95 6.52
CA GLY F 82 18.60 46.71 6.05
C GLY F 82 19.29 46.02 7.21
N HIS F 83 20.35 46.64 7.78
CA HIS F 83 21.05 46.06 8.94
C HIS F 83 21.21 47.03 10.05
N PHE F 84 20.33 48.04 10.08
CA PHE F 84 20.08 48.87 11.26
C PHE F 84 21.21 49.89 11.53
N THR F 85 21.95 50.23 10.49
CA THR F 85 22.95 51.28 10.55
C THR F 85 22.22 52.61 10.72
N GLU F 86 22.76 53.44 11.60
CA GLU F 86 22.26 54.81 11.80
C GLU F 86 23.37 55.86 11.71
N PHE F 87 23.14 56.92 10.92
CA PHE F 87 24.10 57.98 10.68
C PHE F 87 23.63 59.32 11.24
N ASP F 88 24.60 60.11 11.78
CA ASP F 88 24.32 61.34 12.47
C ASP F 88 24.37 62.49 11.47
N ALA F 89 23.22 63.19 11.25
CA ALA F 89 23.16 64.30 10.29
C ALA F 89 23.87 65.55 10.84
N GLU F 90 24.08 65.59 12.16
CA GLU F 90 24.68 66.68 12.83
C GLU F 90 26.21 66.48 12.99
N LYS F 91 26.76 65.30 12.66
CA LYS F 91 28.20 65.04 12.74
C LYS F 91 28.70 64.51 11.39
N ALA F 92 28.26 65.13 10.30
CA ALA F 92 28.78 64.84 8.95
C ALA F 92 28.69 63.37 8.64
N GLY F 93 27.52 62.77 8.91
CA GLY F 93 27.33 61.40 8.49
C GLY F 93 28.03 60.35 9.33
N GLN F 94 28.55 60.74 10.51
CA GLN F 94 29.21 59.79 11.34
C GLN F 94 28.28 58.61 11.67
N MET F 95 28.79 57.40 11.62
CA MET F 95 28.01 56.22 11.92
C MET F 95 27.84 56.08 13.41
N ILE F 96 26.56 56.15 13.92
CA ILE F 96 26.30 56.07 15.35
C ILE F 96 26.56 54.66 15.86
N CYS F 97 26.06 53.71 15.09
CA CYS F 97 26.05 52.25 15.29
C CYS F 97 25.73 51.69 13.91
N GLY F 98 26.39 50.59 13.50
CA GLY F 98 26.01 49.95 12.24
C GLY F 98 27.13 49.12 11.66
N GLN F 99 26.84 48.66 10.44
CA GLN F 99 27.70 47.74 9.75
C GLN F 99 28.47 48.40 8.62
N ALA F 100 28.21 49.68 8.31
CA ALA F 100 28.98 50.44 7.35
C ALA F 100 30.40 50.70 7.80
N THR F 101 31.27 50.91 6.82
CA THR F 101 32.67 51.25 7.06
C THR F 101 32.96 52.62 6.43
N GLU F 102 31.90 53.32 5.99
CA GLU F 102 32.05 54.70 5.55
C GLU F 102 30.90 55.54 6.10
N ASN F 103 31.22 56.79 6.42
CA ASN F 103 30.20 57.76 6.78
C ASN F 103 29.25 58.01 5.60
N LEU F 104 28.05 58.48 5.95
CA LEU F 104 27.10 58.83 4.94
C LEU F 104 27.69 59.93 4.08
N PRO F 105 27.74 59.83 2.72
CA PRO F 105 28.36 60.88 1.89
C PRO F 105 27.67 62.24 2.01
N ARG F 106 28.43 63.31 2.07
CA ARG F 106 27.89 64.66 2.19
C ARG F 106 27.78 65.21 0.77
N VAL F 107 26.64 65.79 0.44
CA VAL F 107 26.50 66.63 -0.74
C VAL F 107 26.99 68.03 -0.39
N LEU F 108 28.02 68.50 -1.10
CA LEU F 108 28.57 69.83 -0.93
C LEU F 108 27.70 70.83 -1.67
N LEU F 109 27.23 71.81 -0.90
CA LEU F 109 26.37 72.90 -1.34
C LEU F 109 27.17 74.19 -1.37
N ARG F 110 27.11 74.90 -2.47
CA ARG F 110 27.43 76.32 -2.48
C ARG F 110 26.18 77.10 -2.00
N TYR F 111 26.39 78.10 -1.12
CA TYR F 111 25.34 79.02 -0.73
C TYR F 111 25.73 80.42 -1.24
N ASP F 112 24.92 81.01 -2.17
CA ASP F 112 25.14 82.35 -2.69
C ASP F 112 24.21 83.31 -1.95
N GLU F 113 24.78 84.24 -1.19
CA GLU F 113 24.03 85.25 -0.45
C GLU F 113 23.26 86.11 -1.44
N ALA F 114 23.87 86.39 -2.60
CA ALA F 114 23.31 87.32 -3.57
C ALA F 114 21.91 86.89 -4.10
N SER F 115 21.73 85.60 -4.29
CA SER F 115 20.54 84.96 -4.85
C SER F 115 19.74 84.13 -3.80
N ASP F 116 20.36 83.83 -2.64
CA ASP F 116 19.90 82.89 -1.66
C ASP F 116 19.93 81.43 -2.14
N ALA F 117 20.55 81.11 -3.30
CA ALA F 117 20.53 79.76 -3.86
C ALA F 117 21.48 78.81 -3.18
N LEU F 118 21.01 77.56 -3.02
CA LEU F 118 21.80 76.39 -2.66
C LEU F 118 22.02 75.58 -3.92
N THR F 119 23.27 75.32 -4.28
CA THR F 119 23.64 74.52 -5.44
C THR F 119 24.53 73.35 -4.99
N ALA F 120 24.09 72.11 -5.37
CA ALA F 120 24.91 70.93 -5.17
C ALA F 120 26.05 70.98 -6.19
N VAL F 121 27.28 70.85 -5.66
CA VAL F 121 28.47 71.06 -6.49
C VAL F 121 29.50 69.95 -6.33
N GLY F 122 29.27 68.98 -5.46
CA GLY F 122 30.23 67.93 -5.24
C GLY F 122 29.69 66.93 -4.23
N VAL F 123 30.44 65.84 -4.03
CA VAL F 123 30.13 64.90 -2.98
C VAL F 123 31.43 64.60 -2.25
N ASP F 124 31.40 64.66 -0.93
CA ASP F 124 32.46 64.14 -0.06
C ASP F 124 32.03 62.75 0.49
N GLY F 125 32.78 61.71 0.09
CA GLY F 125 32.48 60.31 0.34
C GLY F 125 32.07 59.66 -0.99
N LEU F 126 32.07 58.33 -1.00
CA LEU F 126 31.64 57.54 -2.16
C LEU F 126 30.19 57.06 -1.97
N ILE F 127 29.33 57.38 -2.93
CA ILE F 127 27.93 56.91 -2.95
C ILE F 127 27.91 55.41 -3.14
N TYR F 128 27.04 54.68 -2.43
CA TYR F 128 26.94 53.22 -2.51
C TYR F 128 26.80 52.81 -3.97
N GLY F 129 27.37 51.65 -4.31
CA GLY F 129 27.01 50.96 -5.53
C GLY F 129 27.46 51.68 -6.80
N ARG F 130 28.61 52.39 -6.68
CA ARG F 130 29.18 53.22 -7.73
C ARG F 130 30.71 53.06 -7.73
N GLN F 131 31.25 53.01 -8.92
CA GLN F 131 32.72 52.96 -9.11
C GLN F 131 33.28 54.37 -8.84
N ALA F 132 32.52 55.41 -9.29
CA ALA F 132 32.84 56.81 -9.03
C ALA F 132 31.54 57.54 -8.77
N ASN F 133 31.55 58.65 -8.03
CA ASN F 133 30.29 59.37 -7.78
C ASN F 133 29.61 59.80 -9.08
N VAL F 134 30.40 60.14 -10.10
CA VAL F 134 29.91 60.52 -11.41
C VAL F 134 29.98 59.28 -12.30
N ILE F 135 28.83 58.86 -12.81
CA ILE F 135 28.81 57.69 -13.69
C ILE F 135 28.93 58.19 -15.13
N ALA G 1 -39.38 -60.74 9.71
CA ALA G 1 -39.09 -60.09 8.41
C ALA G 1 -37.59 -59.79 8.28
N ASN G 2 -36.80 -60.74 7.74
CA ASN G 2 -35.34 -60.68 7.64
C ASN G 2 -34.88 -59.89 6.42
N ASP G 3 -35.69 -59.83 5.36
CA ASP G 3 -35.21 -59.45 4.05
C ASP G 3 -35.90 -58.21 3.49
N ARG G 4 -36.48 -57.38 4.35
CA ARG G 4 -37.10 -56.13 3.95
C ARG G 4 -37.24 -55.21 5.18
N ILE G 5 -37.55 -53.96 4.91
CA ILE G 5 -37.72 -52.90 5.87
C ILE G 5 -38.91 -52.06 5.41
N THR G 6 -39.66 -51.53 6.38
CA THR G 6 -40.76 -50.61 6.11
C THR G 6 -40.15 -49.20 6.07
N LEU G 7 -40.29 -48.52 4.95
CA LEU G 7 -39.77 -47.17 4.83
C LEU G 7 -40.66 -46.18 5.60
N PRO G 8 -40.05 -45.11 6.17
CA PRO G 8 -40.79 -44.02 6.78
C PRO G 8 -41.52 -43.23 5.70
N PRO G 9 -42.82 -42.92 5.88
CA PRO G 9 -43.55 -42.07 4.93
C PRO G 9 -42.88 -40.69 4.83
N ALA G 10 -43.11 -40.00 3.71
CA ALA G 10 -42.54 -38.67 3.51
C ALA G 10 -42.92 -37.75 4.66
N ASN G 11 -44.15 -37.87 5.18
CA ASN G 11 -44.66 -36.98 6.21
C ASN G 11 -44.41 -37.53 7.61
N ALA G 12 -43.63 -38.61 7.76
CA ALA G 12 -43.36 -39.18 9.08
C ALA G 12 -42.86 -38.13 10.06
N GLN G 13 -43.22 -38.26 11.32
CA GLN G 13 -42.69 -37.40 12.37
C GLN G 13 -41.19 -37.68 12.48
N ARG G 14 -40.36 -36.62 12.62
CA ARG G 14 -38.93 -36.76 12.83
C ARG G 14 -38.53 -35.94 14.05
N THR G 15 -37.88 -36.57 15.01
CA THR G 15 -37.30 -35.84 16.12
C THR G 15 -35.79 -36.09 16.18
N ASN G 16 -35.12 -35.31 17.04
CA ASN G 16 -33.70 -35.38 17.19
C ASN G 16 -33.39 -36.27 18.37
N MET G 17 -32.30 -37.02 18.18
CA MET G 17 -31.79 -37.85 19.23
C MET G 17 -30.27 -37.89 19.12
N THR G 18 -29.61 -37.66 20.27
CA THR G 18 -28.19 -37.87 20.43
C THR G 18 -28.07 -39.33 20.78
N CYS G 19 -27.01 -39.98 20.29
CA CYS G 19 -26.72 -41.33 20.65
C CYS G 19 -26.73 -41.48 22.17
N HIS G 20 -27.33 -42.61 22.64
CA HIS G 20 -27.40 -42.93 24.05
C HIS G 20 -26.04 -43.12 24.74
N PHE G 21 -25.01 -43.58 24.00
CA PHE G 21 -23.87 -44.25 24.59
C PHE G 21 -22.68 -43.27 24.68
N CYS G 22 -21.70 -43.39 23.80
CA CYS G 22 -20.37 -42.91 24.12
C CYS G 22 -20.29 -41.40 23.94
N ILE G 23 -19.26 -40.85 24.53
CA ILE G 23 -18.85 -39.43 24.50
C ILE G 23 -19.06 -38.72 23.19
N VAL G 24 -18.80 -39.38 22.06
CA VAL G 24 -18.81 -38.66 20.81
C VAL G 24 -20.14 -37.96 20.59
N GLY G 25 -21.26 -38.58 21.05
CA GLY G 25 -22.53 -37.85 20.97
C GLY G 25 -23.06 -37.72 19.56
N CYS G 26 -22.85 -38.71 18.71
CA CYS G 26 -23.33 -38.66 17.31
C CYS G 26 -24.81 -38.29 17.22
N GLY G 27 -25.16 -37.53 16.19
CA GLY G 27 -26.51 -37.08 15.96
C GLY G 27 -27.28 -38.10 15.12
N TYR G 28 -28.52 -38.33 15.58
CA TYR G 28 -29.48 -39.19 14.92
C TYR G 28 -30.83 -38.48 14.83
N HIS G 29 -31.62 -38.98 13.88
CA HIS G 29 -33.02 -38.69 13.67
C HIS G 29 -33.84 -39.93 14.03
N VAL G 30 -34.98 -39.69 14.70
CA VAL G 30 -35.95 -40.75 15.03
C VAL G 30 -37.22 -40.50 14.22
N TYR G 31 -37.50 -41.40 13.25
CA TYR G 31 -38.73 -41.34 12.47
C TYR G 31 -39.76 -42.22 13.17
N LYS G 32 -40.99 -41.67 13.34
CA LYS G 32 -42.08 -42.35 14.03
C LYS G 32 -43.36 -42.23 13.22
N TRP G 33 -44.02 -43.37 13.01
CA TRP G 33 -45.22 -43.33 12.16
C TRP G 33 -46.11 -44.50 12.49
N PRO G 34 -47.45 -44.38 12.24
CA PRO G 34 -48.31 -45.52 12.53
C PRO G 34 -47.89 -46.83 11.81
N GLU G 35 -48.08 -47.93 12.52
CA GLU G 35 -47.61 -49.24 12.06
C GLU G 35 -48.14 -49.57 10.66
N LEU G 36 -49.35 -49.16 10.32
CA LEU G 36 -49.94 -49.63 9.08
C LEU G 36 -49.74 -48.67 7.92
N GLN G 37 -48.87 -47.65 8.08
CA GLN G 37 -48.41 -46.81 7.00
C GLN G 37 -46.98 -47.19 6.63
N GLU G 38 -46.60 -46.83 5.41
CA GLU G 38 -45.21 -46.91 4.96
C GLU G 38 -44.95 -45.88 3.87
N GLY G 39 -43.65 -45.59 3.70
CA GLY G 39 -43.15 -44.78 2.61
C GLY G 39 -43.06 -45.58 1.33
N GLY G 40 -43.01 -44.83 0.25
CA GLY G 40 -42.77 -45.37 -1.06
C GLY G 40 -41.25 -45.37 -1.35
N ARG G 41 -40.86 -46.13 -2.39
CA ARG G 41 -39.46 -46.28 -2.74
C ARG G 41 -38.90 -45.02 -3.43
N ALA G 42 -39.76 -44.28 -4.15
CA ALA G 42 -39.39 -43.01 -4.76
C ALA G 42 -38.84 -42.08 -3.69
N PRO G 43 -37.73 -41.30 -3.96
CA PRO G 43 -37.04 -40.54 -2.93
C PRO G 43 -37.96 -39.44 -2.33
N GLU G 44 -38.86 -38.87 -3.16
CA GLU G 44 -39.78 -37.87 -2.60
C GLU G 44 -41.00 -38.50 -1.90
N GLN G 45 -41.12 -39.84 -1.84
CA GLN G 45 -42.21 -40.52 -1.17
C GLN G 45 -41.76 -41.24 0.08
N ASN G 46 -40.53 -40.98 0.54
CA ASN G 46 -40.10 -41.45 1.84
C ASN G 46 -39.37 -40.35 2.55
N ALA G 47 -39.35 -40.50 3.89
CA ALA G 47 -38.76 -39.49 4.79
C ALA G 47 -37.24 -39.37 4.63
N LEU G 48 -36.55 -40.46 4.24
CA LEU G 48 -35.09 -40.43 4.04
C LEU G 48 -34.67 -39.63 2.82
N GLY G 49 -35.56 -39.42 1.84
CA GLY G 49 -35.24 -38.83 0.56
C GLY G 49 -34.29 -39.66 -0.28
N LEU G 50 -34.34 -40.99 -0.19
CA LEU G 50 -33.41 -41.88 -0.90
C LEU G 50 -34.17 -42.67 -1.91
N ASP G 51 -33.47 -43.08 -2.97
CA ASP G 51 -34.15 -43.70 -4.11
C ASP G 51 -34.02 -45.21 -3.93
N PHE G 52 -35.07 -45.87 -3.44
CA PHE G 52 -35.04 -47.31 -3.25
C PHE G 52 -35.67 -48.05 -4.43
N ARG G 53 -35.78 -47.38 -5.59
CA ARG G 53 -36.21 -48.05 -6.81
C ARG G 53 -35.05 -48.77 -7.52
N LYS G 54 -33.82 -48.61 -7.02
CA LYS G 54 -32.63 -49.25 -7.53
C LYS G 54 -31.60 -49.24 -6.42
N GLN G 55 -30.58 -50.10 -6.58
CA GLN G 55 -29.55 -50.24 -5.56
C GLN G 55 -28.98 -48.88 -5.15
N LEU G 56 -28.76 -48.67 -3.85
CA LEU G 56 -28.09 -47.45 -3.44
C LEU G 56 -26.59 -47.63 -3.53
N PRO G 57 -25.83 -46.53 -3.86
CA PRO G 57 -24.37 -46.61 -3.91
C PRO G 57 -23.84 -46.60 -2.49
N PRO G 58 -22.55 -46.91 -2.31
CA PRO G 58 -21.98 -46.90 -0.97
C PRO G 58 -22.04 -45.49 -0.36
N LEU G 59 -22.12 -45.44 0.96
CA LEU G 59 -22.22 -44.23 1.79
C LEU G 59 -23.60 -43.54 1.69
N ALA G 60 -24.53 -44.00 0.86
CA ALA G 60 -25.81 -43.32 0.71
C ALA G 60 -26.66 -43.40 1.95
N VAL G 61 -26.53 -44.44 2.77
CA VAL G 61 -27.40 -44.57 3.96
C VAL G 61 -26.73 -45.51 4.95
N THR G 62 -27.16 -45.42 6.21
CA THR G 62 -26.93 -46.47 7.17
C THR G 62 -28.33 -46.95 7.60
N LEU G 63 -28.67 -48.20 7.27
CA LEU G 63 -30.02 -48.70 7.47
C LEU G 63 -30.00 -50.21 7.46
N THR G 64 -30.29 -50.79 8.63
CA THR G 64 -30.51 -52.20 8.82
C THR G 64 -31.78 -52.42 9.63
N PRO G 65 -32.24 -53.70 9.71
CA PRO G 65 -33.34 -54.05 10.60
C PRO G 65 -33.11 -53.71 12.05
N ALA G 66 -31.84 -53.75 12.50
CA ALA G 66 -31.54 -53.42 13.88
C ALA G 66 -31.83 -51.93 14.18
N MET G 67 -31.97 -51.10 13.13
CA MET G 67 -32.21 -49.66 13.28
C MET G 67 -33.73 -49.33 13.18
N THR G 68 -34.55 -50.39 13.27
CA THR G 68 -35.99 -50.27 13.16
C THR G 68 -36.64 -50.97 14.32
N ASN G 69 -37.90 -50.55 14.64
CA ASN G 69 -38.68 -51.31 15.61
C ASN G 69 -40.13 -50.88 15.49
N VAL G 70 -41.01 -51.61 16.20
CA VAL G 70 -42.40 -51.26 16.43
C VAL G 70 -42.64 -51.12 17.92
N VAL G 71 -43.00 -49.90 18.37
CA VAL G 71 -43.29 -49.63 19.79
C VAL G 71 -44.81 -49.66 19.98
N THR G 72 -45.22 -50.03 21.20
CA THR G 72 -46.60 -50.04 21.65
C THR G 72 -46.72 -49.02 22.77
N GLU G 73 -47.50 -47.97 22.54
CA GLU G 73 -47.57 -46.81 23.43
C GLU G 73 -48.60 -47.10 24.53
N HIS G 74 -48.64 -46.20 25.53
CA HIS G 74 -49.58 -46.30 26.64
C HIS G 74 -51.01 -46.33 26.20
N ASN G 75 -51.33 -45.68 25.09
CA ASN G 75 -52.67 -45.81 24.51
C ASN G 75 -52.95 -47.14 23.75
N GLY G 76 -52.00 -48.10 23.71
CA GLY G 76 -52.15 -49.36 23.00
C GLY G 76 -51.81 -49.27 21.50
N ARG G 77 -51.58 -48.08 20.93
CA ARG G 77 -51.33 -47.92 19.52
C ARG G 77 -49.84 -48.19 19.18
N ARG G 78 -49.67 -48.79 18.01
CA ARG G 78 -48.41 -49.35 17.54
C ARG G 78 -47.81 -48.40 16.49
N TYR G 79 -46.51 -48.10 16.62
CA TYR G 79 -45.83 -47.17 15.74
C TYR G 79 -44.46 -47.75 15.32
N ASN G 80 -44.24 -47.76 14.01
CA ASN G 80 -42.90 -47.95 13.46
C ASN G 80 -41.98 -46.84 13.95
N ILE G 81 -40.75 -47.23 14.34
CA ILE G 81 -39.70 -46.26 14.56
C ILE G 81 -38.47 -46.66 13.73
N MET G 82 -37.67 -45.66 13.33
CA MET G 82 -36.44 -45.85 12.58
C MET G 82 -35.46 -44.82 13.18
N VAL G 83 -34.35 -45.33 13.71
CA VAL G 83 -33.37 -44.50 14.41
C VAL G 83 -32.07 -44.53 13.59
N VAL G 84 -31.76 -43.39 12.90
CA VAL G 84 -30.70 -43.40 11.90
C VAL G 84 -29.86 -42.14 11.99
N PRO G 85 -28.57 -42.22 11.62
CA PRO G 85 -27.66 -41.06 11.77
C PRO G 85 -27.93 -39.87 10.91
N ASP G 86 -27.72 -38.69 11.48
CA ASP G 86 -27.98 -37.42 10.79
C ASP G 86 -26.75 -37.11 9.93
N LYS G 87 -26.94 -36.99 8.62
CA LYS G 87 -25.91 -36.76 7.64
C LYS G 87 -25.39 -35.33 7.75
N ALA G 88 -26.22 -34.41 8.27
CA ALA G 88 -25.79 -33.01 8.31
C ALA G 88 -25.26 -32.70 9.72
N CYS G 89 -25.23 -33.64 10.65
CA CYS G 89 -24.63 -33.36 11.93
C CYS G 89 -23.10 -33.28 11.82
N VAL G 90 -22.54 -32.21 12.34
CA VAL G 90 -21.08 -32.02 12.23
C VAL G 90 -20.29 -33.08 13.01
N VAL G 91 -20.86 -33.67 14.05
CA VAL G 91 -20.11 -34.60 14.89
C VAL G 91 -19.72 -35.85 14.07
N ASN G 92 -20.73 -36.44 13.42
CA ASN G 92 -20.62 -37.75 12.79
C ASN G 92 -20.84 -37.72 11.29
N SER G 93 -21.39 -36.63 10.72
CA SER G 93 -21.59 -36.53 9.30
C SER G 93 -22.26 -37.78 8.76
N GLY G 94 -23.32 -38.27 9.43
CA GLY G 94 -24.04 -39.48 9.02
C GLY G 94 -23.43 -40.83 9.43
N LEU G 95 -22.32 -40.86 10.16
CA LEU G 95 -21.80 -42.15 10.63
C LEU G 95 -22.61 -42.63 11.84
N SER G 96 -22.68 -43.96 11.94
CA SER G 96 -23.25 -44.68 13.05
C SER G 96 -22.28 -45.76 13.46
N SER G 97 -21.94 -45.83 14.75
CA SER G 97 -21.21 -46.95 15.25
C SER G 97 -22.12 -48.17 15.39
N THR G 98 -21.52 -49.35 15.58
CA THR G 98 -22.32 -50.55 15.86
C THR G 98 -23.18 -50.35 17.10
N ARG G 99 -22.72 -49.50 18.08
CA ARG G 99 -23.40 -49.39 19.37
C ARG G 99 -24.62 -48.51 19.22
N GLY G 100 -24.44 -47.30 18.68
CA GLY G 100 -25.52 -46.36 18.38
C GLY G 100 -26.51 -46.88 17.32
N GLY G 101 -25.97 -47.71 16.42
CA GLY G 101 -26.73 -48.29 15.34
C GLY G 101 -27.84 -49.22 15.89
N LYS G 102 -27.63 -49.73 17.10
CA LYS G 102 -28.64 -50.61 17.68
C LYS G 102 -29.71 -49.88 18.51
N MET G 103 -29.70 -48.54 18.51
CA MET G 103 -30.60 -47.82 19.42
C MET G 103 -32.08 -48.25 19.26
N ALA G 104 -32.58 -48.36 18.01
CA ALA G 104 -33.92 -48.72 17.76
C ALA G 104 -34.27 -50.06 18.44
N SER G 105 -33.38 -51.04 18.34
CA SER G 105 -33.58 -52.36 18.86
C SER G 105 -33.61 -52.32 20.40
N TYR G 106 -32.96 -51.32 20.97
CA TYR G 106 -32.82 -51.25 22.41
C TYR G 106 -33.84 -50.26 22.97
N MET G 107 -34.72 -49.71 22.12
CA MET G 107 -35.88 -49.01 22.64
C MET G 107 -36.83 -50.07 23.26
N TYR G 108 -37.68 -49.62 24.20
CA TYR G 108 -38.58 -50.54 24.89
C TYR G 108 -39.71 -50.96 23.93
N THR G 109 -39.88 -52.28 23.77
CA THR G 109 -41.03 -52.93 23.21
C THR G 109 -41.33 -54.15 24.08
N PRO G 110 -42.61 -54.55 24.15
CA PRO G 110 -43.01 -55.71 24.96
C PRO G 110 -42.43 -57.04 24.51
N THR G 111 -41.98 -57.19 23.25
CA THR G 111 -41.55 -58.47 22.71
C THR G 111 -40.07 -58.47 22.29
N GLY G 112 -39.42 -57.29 22.22
CA GLY G 112 -38.09 -57.18 21.64
C GLY G 112 -37.00 -57.22 22.73
N ASP G 113 -35.83 -56.59 22.44
CA ASP G 113 -34.65 -56.75 23.30
C ASP G 113 -34.87 -56.11 24.67
N GLY G 114 -35.78 -55.08 24.75
CA GLY G 114 -36.15 -54.38 25.95
C GLY G 114 -37.29 -55.01 26.75
N LYS G 115 -37.60 -56.27 26.44
CA LYS G 115 -38.83 -56.88 26.97
C LYS G 115 -38.69 -56.95 28.49
N GLN G 116 -37.50 -57.15 29.06
CA GLN G 116 -37.33 -57.29 30.50
C GLN G 116 -37.11 -55.96 31.23
N ARG G 117 -37.34 -54.83 30.52
CA ARG G 117 -37.28 -53.54 31.19
C ARG G 117 -38.12 -53.51 32.47
N LEU G 118 -37.59 -52.86 33.52
CA LEU G 118 -38.30 -52.64 34.75
C LEU G 118 -39.51 -51.76 34.46
N LYS G 119 -40.71 -52.23 34.85
CA LYS G 119 -41.97 -51.53 34.53
C LYS G 119 -42.76 -51.08 35.74
N ALA G 120 -42.35 -51.54 36.92
CA ALA G 120 -42.98 -51.15 38.16
C ALA G 120 -41.97 -51.38 39.25
N PRO G 121 -42.22 -50.82 40.44
CA PRO G 121 -41.40 -51.18 41.61
C PRO G 121 -41.40 -52.68 41.85
N ARG G 122 -40.21 -53.24 42.14
CA ARG G 122 -40.00 -54.63 42.48
C ARG G 122 -39.45 -54.68 43.93
N LEU G 123 -39.96 -55.63 44.70
CA LEU G 123 -39.67 -55.78 46.10
C LEU G 123 -39.28 -57.22 46.37
N TYR G 124 -38.17 -57.45 47.08
CA TYR G 124 -37.83 -58.75 47.57
C TYR G 124 -38.41 -58.83 48.96
N ALA G 125 -39.58 -59.46 49.05
CA ALA G 125 -40.34 -59.59 50.27
C ALA G 125 -39.88 -60.83 51.03
N ALA G 126 -38.62 -60.70 51.56
CA ALA G 126 -37.98 -61.68 52.42
C ALA G 126 -37.44 -62.89 51.67
N ASP G 127 -38.29 -63.51 50.82
CA ASP G 127 -38.01 -64.81 50.23
C ASP G 127 -38.57 -64.94 48.82
N GLN G 128 -38.92 -63.82 48.14
CA GLN G 128 -39.41 -63.86 46.77
C GLN G 128 -39.53 -62.45 46.21
N TRP G 129 -39.32 -62.35 44.91
CA TRP G 129 -39.53 -61.11 44.15
C TRP G 129 -41.02 -60.95 43.89
N VAL G 130 -41.55 -59.76 44.18
CA VAL G 130 -42.91 -59.39 43.87
C VAL G 130 -42.92 -57.95 43.38
N ASP G 131 -43.94 -57.56 42.67
CA ASP G 131 -44.24 -56.17 42.40
C ASP G 131 -44.71 -55.48 43.67
N THR G 132 -44.59 -54.15 43.70
CA THR G 132 -45.27 -53.38 44.73
C THR G 132 -45.67 -52.04 44.14
N THR G 133 -46.42 -51.24 44.88
CA THR G 133 -46.80 -49.91 44.41
C THR G 133 -45.65 -48.92 44.59
N TRP G 134 -45.70 -47.84 43.82
CA TRP G 134 -44.83 -46.69 43.99
C TRP G 134 -44.99 -46.11 45.38
N ASP G 135 -46.24 -45.98 45.90
CA ASP G 135 -46.44 -45.39 47.21
C ASP G 135 -45.85 -46.29 48.30
N HIS G 136 -45.97 -47.63 48.17
CA HIS G 136 -45.40 -48.53 49.16
C HIS G 136 -43.87 -48.45 49.08
N ALA G 137 -43.34 -48.48 47.86
CA ALA G 137 -41.87 -48.31 47.62
C ALA G 137 -41.32 -47.04 48.29
N MET G 138 -42.03 -45.92 48.14
CA MET G 138 -41.61 -44.65 48.70
C MET G 138 -41.75 -44.65 50.22
N ALA G 139 -42.85 -45.23 50.75
CA ALA G 139 -43.01 -45.33 52.18
C ALA G 139 -41.88 -46.15 52.82
N LEU G 140 -41.48 -47.24 52.19
CA LEU G 140 -40.38 -48.07 52.69
C LEU G 140 -39.00 -47.39 52.53
N TYR G 141 -38.79 -46.76 51.38
CA TYR G 141 -37.44 -46.21 51.04
C TYR G 141 -37.20 -44.89 51.77
N ALA G 142 -38.17 -43.96 51.62
CA ALA G 142 -38.22 -42.71 52.37
C ALA G 142 -38.24 -43.03 53.85
N GLY G 143 -39.06 -44.00 54.26
CA GLY G 143 -39.16 -44.39 55.66
C GLY G 143 -37.82 -44.75 56.28
N LEU G 144 -37.07 -45.60 55.60
CA LEU G 144 -35.73 -45.98 56.00
C LEU G 144 -34.74 -44.80 56.07
N ILE G 145 -34.72 -44.01 55.01
CA ILE G 145 -33.85 -42.83 54.97
C ILE G 145 -34.21 -41.90 56.11
N LYS G 146 -35.52 -41.68 56.37
CA LYS G 146 -35.95 -40.81 57.43
C LYS G 146 -35.49 -41.36 58.78
N LYS G 147 -35.66 -42.66 58.97
CA LYS G 147 -35.31 -43.25 60.25
C LYS G 147 -33.79 -43.11 60.43
N THR G 148 -33.04 -43.30 59.34
CA THR G 148 -31.58 -43.22 59.37
C THR G 148 -31.17 -41.78 59.69
N LEU G 149 -31.75 -40.79 59.00
CA LEU G 149 -31.49 -39.39 59.31
C LEU G 149 -31.77 -39.06 60.79
N ASP G 150 -32.90 -39.55 61.33
CA ASP G 150 -33.30 -39.22 62.68
C ASP G 150 -32.35 -39.81 63.74
N LYS G 151 -31.77 -40.97 63.48
CA LYS G 151 -31.06 -41.75 64.47
C LYS G 151 -29.55 -41.69 64.22
N ASP G 152 -29.11 -41.83 62.98
CA ASP G 152 -27.70 -41.84 62.62
C ASP G 152 -27.22 -40.55 61.95
N GLY G 153 -28.12 -39.70 61.44
CA GLY G 153 -27.73 -38.60 60.57
C GLY G 153 -27.48 -39.04 59.12
N PRO G 154 -27.13 -38.11 58.21
CA PRO G 154 -26.88 -38.45 56.82
C PRO G 154 -25.82 -39.52 56.53
N GLN G 155 -24.89 -39.75 57.46
CA GLN G 155 -23.79 -40.69 57.29
C GLN G 155 -24.28 -42.15 57.26
N GLY G 156 -25.55 -42.40 57.63
CA GLY G 156 -26.09 -43.75 57.45
C GLY G 156 -26.67 -44.04 56.04
N VAL G 157 -26.71 -43.04 55.15
CA VAL G 157 -27.41 -43.17 53.85
C VAL G 157 -26.40 -43.13 52.73
N PHE G 158 -26.28 -44.23 51.94
CA PHE G 158 -25.24 -44.35 50.96
C PHE G 158 -25.82 -44.39 49.54
N PHE G 159 -25.05 -43.84 48.61
CA PHE G 159 -25.36 -43.91 47.19
C PHE G 159 -24.11 -44.28 46.39
N SER G 160 -24.31 -45.02 45.30
CA SER G 160 -23.45 -44.96 44.14
C SER G 160 -24.31 -44.52 42.96
N CYS G 161 -23.98 -43.39 42.33
CA CYS G 161 -24.84 -42.79 41.36
C CYS G 161 -24.01 -42.31 40.21
N PHE G 162 -24.55 -42.41 38.99
CA PHE G 162 -24.00 -41.81 37.78
C PHE G 162 -23.73 -40.32 38.07
N ASP G 163 -22.67 -39.80 37.44
CA ASP G 163 -22.42 -38.38 37.34
C ASP G 163 -22.30 -37.91 35.90
N HIS G 164 -22.56 -38.80 34.94
CA HIS G 164 -22.21 -38.62 33.56
C HIS G 164 -23.41 -38.10 32.80
N GLY G 165 -23.24 -37.98 31.49
CA GLY G 165 -24.25 -37.57 30.53
C GLY G 165 -24.85 -38.71 29.73
N GLY G 166 -25.56 -38.33 28.67
CA GLY G 166 -26.27 -39.28 27.84
C GLY G 166 -27.31 -40.14 28.60
N ALA G 167 -27.58 -41.35 28.08
CA ALA G 167 -28.58 -42.23 28.67
C ALA G 167 -28.13 -42.60 30.08
N GLY G 168 -29.02 -42.44 31.07
CA GLY G 168 -28.70 -42.68 32.47
C GLY G 168 -27.78 -41.64 33.09
N GLY G 169 -27.85 -40.44 32.50
CA GLY G 169 -27.21 -39.27 32.99
C GLY G 169 -27.89 -38.02 32.46
N GLY G 170 -27.08 -36.95 32.33
CA GLY G 170 -27.49 -35.70 31.70
C GLY G 170 -27.91 -34.66 32.70
N PHE G 171 -28.03 -33.44 32.21
CA PHE G 171 -28.11 -32.29 33.10
C PHE G 171 -29.34 -32.30 34.03
N GLU G 172 -30.45 -32.80 33.53
CA GLU G 172 -31.69 -32.90 34.30
C GLU G 172 -31.47 -33.91 35.42
N ASN G 173 -30.87 -35.09 35.03
CA ASN G 173 -30.75 -36.19 35.94
C ASN G 173 -29.65 -36.01 37.01
N THR G 174 -28.48 -35.49 36.61
CA THR G 174 -27.41 -35.24 37.58
C THR G 174 -27.87 -34.15 38.57
N TRP G 175 -28.63 -33.15 38.09
CA TRP G 175 -29.18 -32.14 38.99
C TRP G 175 -30.15 -32.75 40.01
N GLY G 176 -31.04 -33.59 39.49
CA GLY G 176 -32.09 -34.16 40.33
C GLY G 176 -31.50 -35.00 41.45
N THR G 177 -30.59 -35.89 41.04
CA THR G 177 -29.95 -36.77 41.99
C THR G 177 -29.07 -36.02 42.98
N GLY G 178 -28.29 -35.05 42.43
CA GLY G 178 -27.39 -34.32 43.25
C GLY G 178 -28.10 -33.43 44.26
N LYS G 179 -29.19 -32.79 43.79
CA LYS G 179 -30.02 -31.98 44.69
C LYS G 179 -30.55 -32.84 45.83
N LEU G 180 -31.03 -34.06 45.48
CA LEU G 180 -31.53 -34.95 46.48
C LEU G 180 -30.43 -35.36 47.46
N MET G 181 -29.30 -35.88 46.92
CA MET G 181 -28.26 -36.44 47.79
C MET G 181 -27.62 -35.36 48.67
N PHE G 182 -27.32 -34.23 48.02
CA PHE G 182 -26.49 -33.21 48.63
C PHE G 182 -27.25 -32.06 49.28
N SER G 183 -28.30 -31.51 48.63
CA SER G 183 -28.99 -30.37 49.22
C SER G 183 -30.05 -30.84 50.22
N ALA G 184 -30.66 -32.01 50.00
CA ALA G 184 -31.83 -32.42 50.76
C ALA G 184 -31.47 -33.38 51.89
N ILE G 185 -30.98 -34.55 51.50
CA ILE G 185 -30.52 -35.59 52.40
C ILE G 185 -29.23 -35.12 53.08
N GLN G 186 -28.35 -34.48 52.30
CA GLN G 186 -27.08 -33.92 52.72
C GLN G 186 -26.14 -35.05 53.16
N THR G 187 -26.12 -36.15 52.41
CA THR G 187 -25.22 -37.27 52.67
C THR G 187 -23.89 -37.02 51.91
N PRO G 188 -22.74 -37.16 52.63
CA PRO G 188 -21.43 -37.30 51.96
C PRO G 188 -21.05 -38.71 51.52
N MET G 189 -21.87 -39.73 51.86
CA MET G 189 -21.49 -41.11 51.68
C MET G 189 -21.96 -41.49 50.27
N VAL G 190 -21.35 -40.84 49.28
CA VAL G 190 -21.73 -40.98 47.88
C VAL G 190 -20.49 -41.29 47.02
N ARG G 191 -20.56 -42.36 46.23
CA ARG G 191 -19.58 -42.60 45.19
C ARG G 191 -20.24 -42.41 43.83
N ILE G 192 -19.38 -42.50 42.81
CA ILE G 192 -19.74 -42.25 41.43
C ILE G 192 -19.81 -43.60 40.74
N HIS G 193 -20.43 -43.62 39.57
CA HIS G 193 -20.62 -44.85 38.86
C HIS G 193 -19.33 -45.63 38.58
N ASN G 194 -18.26 -44.93 38.17
CA ASN G 194 -17.01 -45.59 37.79
C ASN G 194 -15.86 -45.50 38.79
N ARG G 195 -16.12 -44.90 39.95
CA ARG G 195 -15.02 -44.74 40.90
C ARG G 195 -15.56 -44.62 42.29
N PRO G 196 -14.85 -45.18 43.28
CA PRO G 196 -15.40 -45.38 44.61
C PRO G 196 -15.37 -44.30 45.67
N ALA G 197 -15.38 -43.03 45.23
CA ALA G 197 -15.45 -41.88 46.10
C ALA G 197 -16.03 -40.74 45.28
N TYR G 198 -16.22 -39.55 45.93
CA TYR G 198 -16.74 -38.39 45.23
C TYR G 198 -15.55 -37.50 44.78
N ASN G 199 -15.05 -37.75 43.58
CA ASN G 199 -13.80 -37.24 43.07
C ASN G 199 -13.97 -37.00 41.57
N SER G 200 -12.85 -36.66 40.95
CA SER G 200 -12.70 -36.38 39.54
C SER G 200 -11.61 -37.32 39.00
N GLU G 201 -11.74 -37.60 37.70
CA GLU G 201 -10.74 -38.29 36.91
C GLU G 201 -9.55 -37.35 36.62
N CYS G 202 -9.76 -36.03 36.75
CA CYS G 202 -8.93 -34.99 36.20
C CYS G 202 -8.53 -33.99 37.27
N HIS G 203 -8.28 -34.43 38.50
CA HIS G 203 -7.73 -33.53 39.55
C HIS G 203 -6.48 -32.71 39.16
N ALA G 204 -5.43 -33.40 38.66
CA ALA G 204 -4.19 -32.72 38.30
C ALA G 204 -4.36 -31.70 37.19
N THR G 205 -4.87 -32.09 36.00
CA THR G 205 -5.07 -31.16 34.89
C THR G 205 -5.96 -29.97 35.29
N ARG G 206 -7.06 -30.21 36.01
CA ARG G 206 -7.86 -29.08 36.52
C ARG G 206 -7.04 -28.20 37.46
N GLU G 207 -6.36 -28.78 38.44
CA GLU G 207 -5.61 -27.95 39.40
C GLU G 207 -4.45 -27.21 38.69
N MET G 208 -4.03 -27.70 37.49
CA MET G 208 -2.95 -27.06 36.72
C MET G 208 -3.56 -25.92 35.91
N GLY G 209 -4.91 -25.89 35.83
CA GLY G 209 -5.63 -24.81 35.17
C GLY G 209 -6.22 -25.22 33.81
N ILE G 210 -6.22 -26.50 33.51
CA ILE G 210 -6.65 -26.99 32.18
C ILE G 210 -7.73 -28.04 32.41
N GLY G 211 -9.01 -27.60 32.28
CA GLY G 211 -10.10 -28.52 32.18
C GLY G 211 -9.88 -29.47 30.99
N GLU G 212 -10.30 -30.73 31.18
CA GLU G 212 -9.93 -31.83 30.31
C GLU G 212 -10.70 -31.83 28.98
N LEU G 213 -11.70 -30.99 28.76
CA LEU G 213 -12.36 -30.93 27.46
C LEU G 213 -12.19 -29.53 26.93
N ASN G 214 -11.00 -29.25 26.40
CA ASN G 214 -10.55 -27.89 26.11
C ASN G 214 -10.47 -27.62 24.62
N ASN G 215 -10.94 -28.54 23.75
CA ASN G 215 -10.84 -28.28 22.31
C ASN G 215 -12.12 -28.59 21.57
N ALA G 216 -12.06 -28.49 20.26
CA ALA G 216 -13.10 -28.89 19.32
C ALA G 216 -12.67 -30.20 18.64
N TYR G 217 -13.67 -30.97 18.15
CA TYR G 217 -13.38 -32.07 17.23
C TYR G 217 -12.64 -31.56 15.97
N GLU G 218 -12.90 -30.31 15.54
CA GLU G 218 -12.20 -29.73 14.41
C GLU G 218 -10.67 -29.68 14.62
N ASP G 219 -10.21 -29.54 15.87
CA ASP G 219 -8.82 -29.54 16.24
C ASP G 219 -8.11 -30.82 15.82
N ALA G 220 -8.75 -31.98 15.99
CA ALA G 220 -8.20 -33.20 15.47
C ALA G 220 -8.05 -33.18 13.96
N GLN G 221 -8.83 -32.40 13.24
CA GLN G 221 -8.63 -32.20 11.81
C GLN G 221 -7.42 -31.27 11.48
N LEU G 222 -7.06 -30.37 12.39
CA LEU G 222 -6.05 -29.33 12.12
C LEU G 222 -4.66 -29.69 12.64
N ALA G 223 -4.56 -30.83 13.38
CA ALA G 223 -3.32 -31.21 14.03
C ALA G 223 -2.27 -31.71 13.01
N ASP G 224 -0.98 -31.45 13.34
CA ASP G 224 0.13 -32.17 12.68
C ASP G 224 0.27 -33.59 13.20
N VAL G 225 0.10 -33.73 14.51
CA VAL G 225 0.30 -34.99 15.18
C VAL G 225 -0.83 -35.18 16.15
N ILE G 226 -1.32 -36.43 16.29
CA ILE G 226 -2.27 -36.77 17.34
C ILE G 226 -1.65 -37.85 18.20
N TRP G 227 -1.56 -37.58 19.51
CA TRP G 227 -1.25 -38.62 20.47
C TRP G 227 -2.56 -39.23 21.01
N SER G 228 -2.58 -40.56 21.17
CA SER G 228 -3.69 -41.30 21.75
C SER G 228 -3.07 -42.13 22.86
N ILE G 229 -3.20 -41.63 24.09
CA ILE G 229 -2.53 -42.15 25.27
C ILE G 229 -3.49 -42.97 26.13
N GLY G 230 -3.28 -44.28 26.27
CA GLY G 230 -4.14 -45.13 27.09
C GLY G 230 -5.57 -45.15 26.54
N ASN G 231 -5.64 -45.43 25.23
CA ASN G 231 -6.83 -45.05 24.50
C ASN G 231 -6.95 -45.91 23.24
N ASN G 232 -8.14 -46.54 23.03
CA ASN G 232 -8.37 -47.42 21.88
C ASN G 232 -9.50 -46.85 21.05
N PRO G 233 -9.30 -45.66 20.44
CA PRO G 233 -10.41 -44.83 19.98
C PRO G 233 -11.27 -45.33 18.83
N TYR G 234 -10.74 -46.22 18.00
CA TYR G 234 -11.58 -46.80 16.98
C TYR G 234 -12.72 -47.59 17.65
N GLU G 235 -12.39 -48.26 18.79
CA GLU G 235 -13.36 -49.07 19.49
C GLU G 235 -14.17 -48.26 20.55
N SER G 236 -13.58 -47.20 21.13
CA SER G 236 -14.10 -46.52 22.33
C SER G 236 -14.70 -45.14 22.02
N GLN G 237 -14.25 -44.52 20.91
CA GLN G 237 -14.73 -43.23 20.43
C GLN G 237 -14.80 -43.22 18.91
N THR G 238 -15.41 -44.24 18.40
CA THR G 238 -15.43 -44.63 16.96
C THR G 238 -15.54 -43.43 16.04
N ASN G 239 -16.62 -42.66 16.15
CA ASN G 239 -16.90 -41.74 15.06
C ASN G 239 -16.07 -40.46 15.18
N TYR G 240 -15.46 -40.17 16.35
CA TYR G 240 -14.52 -39.10 16.45
C TYR G 240 -13.27 -39.52 15.62
N PHE G 241 -12.83 -40.77 15.87
CA PHE G 241 -11.70 -41.34 15.14
C PHE G 241 -12.01 -41.41 13.62
N LEU G 242 -13.20 -41.86 13.25
CA LEU G 242 -13.53 -42.07 11.81
C LEU G 242 -13.79 -40.76 11.09
N ASN G 243 -14.49 -39.81 11.73
CA ASN G 243 -14.99 -38.64 11.04
C ASN G 243 -14.00 -37.46 11.09
N HIS G 244 -13.10 -37.48 12.08
CA HIS G 244 -12.18 -36.37 12.32
C HIS G 244 -10.71 -36.80 12.21
N TRP G 245 -10.31 -37.90 12.88
CA TRP G 245 -8.90 -38.27 12.89
C TRP G 245 -8.48 -38.79 11.53
N LEU G 246 -9.25 -39.70 10.96
CA LEU G 246 -8.86 -40.39 9.74
C LEU G 246 -8.77 -39.41 8.58
N PRO G 247 -9.71 -38.49 8.40
CA PRO G 247 -9.59 -37.51 7.34
C PRO G 247 -8.29 -36.67 7.33
N ASN G 248 -7.78 -36.42 8.56
CA ASN G 248 -6.52 -35.76 8.74
C ASN G 248 -5.42 -36.68 8.24
N LEU G 249 -5.39 -37.93 8.76
CA LEU G 249 -4.36 -38.88 8.34
C LEU G 249 -4.40 -39.13 6.82
N GLN G 250 -5.58 -39.03 6.20
CA GLN G 250 -5.67 -39.20 4.74
C GLN G 250 -5.31 -37.98 3.90
N GLY G 251 -5.13 -36.79 4.51
CA GLY G 251 -4.76 -35.62 3.73
C GLY G 251 -5.96 -34.79 3.28
N ALA G 252 -7.17 -35.14 3.71
CA ALA G 252 -8.37 -34.44 3.26
C ALA G 252 -8.50 -33.09 3.94
N THR G 253 -7.84 -32.86 5.14
CA THR G 253 -7.95 -31.58 5.80
C THR G 253 -6.75 -30.65 5.56
N THR G 254 -5.77 -31.04 4.73
CA THR G 254 -4.56 -30.25 4.55
C THR G 254 -4.86 -28.83 4.08
N SER G 255 -5.77 -28.70 3.12
N SER G 255 -5.78 -28.66 3.13
CA SER G 255 -6.10 -27.44 2.49
CA SER G 255 -6.05 -27.36 2.51
C SER G 255 -6.67 -26.47 3.53
C SER G 255 -6.75 -26.42 3.47
N LYS G 256 -7.38 -27.00 4.51
CA LYS G 256 -8.02 -26.20 5.55
C LYS G 256 -6.94 -25.76 6.54
N LYS G 257 -6.00 -26.62 6.93
CA LYS G 257 -4.83 -26.14 7.70
C LYS G 257 -4.15 -24.94 6.99
N LYS G 258 -3.87 -25.08 5.68
CA LYS G 258 -3.12 -24.09 4.94
C LYS G 258 -3.91 -22.78 4.81
N GLU G 259 -5.24 -22.87 4.73
CA GLU G 259 -6.07 -21.68 4.59
C GLU G 259 -6.04 -20.91 5.91
N ARG G 260 -6.10 -21.64 7.03
CA ARG G 260 -5.99 -21.01 8.35
C ARG G 260 -4.63 -20.40 8.63
N PHE G 261 -3.54 -21.06 8.17
CA PHE G 261 -2.20 -20.67 8.51
C PHE G 261 -1.36 -20.57 7.23
N PRO G 262 -1.46 -19.44 6.49
CA PRO G 262 -0.82 -19.25 5.19
C PRO G 262 0.69 -19.50 5.11
N ASN G 263 1.40 -19.34 6.25
CA ASN G 263 2.86 -19.27 6.26
C ASN G 263 3.40 -20.33 7.20
N GLU G 264 2.68 -21.46 7.33
CA GLU G 264 3.09 -22.60 8.11
C GLU G 264 3.09 -23.87 7.26
N ASN G 265 4.19 -24.64 7.34
CA ASN G 265 4.26 -25.96 6.72
C ASN G 265 3.33 -26.94 7.43
N PHE G 266 2.69 -27.77 6.64
CA PHE G 266 1.85 -28.84 7.18
C PHE G 266 2.31 -30.15 6.54
N PRO G 267 3.16 -30.94 7.20
CA PRO G 267 3.53 -32.25 6.66
C PRO G 267 2.31 -33.16 6.77
N GLN G 268 2.49 -34.35 6.26
CA GLN G 268 1.54 -35.40 6.44
C GLN G 268 1.40 -35.61 7.93
N ALA G 269 0.16 -35.81 8.33
CA ALA G 269 -0.19 -36.00 9.70
C ALA G 269 0.24 -37.39 10.13
N ARG G 270 0.66 -37.43 11.40
CA ARG G 270 1.12 -38.64 12.04
C ARG G 270 0.41 -38.83 13.37
N ILE G 271 0.45 -40.09 13.84
CA ILE G 271 -0.26 -40.49 15.03
C ILE G 271 0.66 -41.34 15.90
N ILE G 272 0.66 -41.04 17.19
CA ILE G 272 1.43 -41.78 18.19
C ILE G 272 0.45 -42.39 19.21
N PHE G 273 0.54 -43.71 19.45
CA PHE G 273 -0.21 -44.41 20.49
C PHE G 273 0.69 -44.80 21.67
N VAL G 274 0.37 -44.37 22.89
CA VAL G 274 0.94 -44.91 24.10
C VAL G 274 -0.02 -45.94 24.68
N ASP G 275 0.36 -47.20 24.52
CA ASP G 275 -0.48 -48.30 24.94
C ASP G 275 0.38 -49.55 25.04
N PRO G 276 0.45 -50.23 26.21
CA PRO G 276 1.13 -51.52 26.27
C PRO G 276 0.68 -52.55 25.22
N ARG G 277 -0.56 -52.40 24.73
CA ARG G 277 -1.15 -53.36 23.83
C ARG G 277 -1.26 -52.81 22.43
N GLU G 278 -1.05 -53.70 21.45
CA GLU G 278 -1.33 -53.41 20.06
C GLU G 278 -2.81 -53.66 19.81
N THR G 279 -3.57 -52.60 19.60
CA THR G 279 -5.00 -52.59 19.58
C THR G 279 -5.44 -52.52 18.11
N PRO G 280 -6.76 -52.72 17.89
CA PRO G 280 -7.35 -52.43 16.58
C PRO G 280 -7.04 -51.01 16.07
N SER G 281 -6.97 -50.04 16.98
CA SER G 281 -6.76 -48.64 16.60
C SER G 281 -5.34 -48.48 15.99
N VAL G 282 -4.35 -49.17 16.57
CA VAL G 282 -2.99 -49.18 16.07
C VAL G 282 -3.01 -49.79 14.68
N ALA G 283 -3.62 -50.99 14.56
CA ALA G 283 -3.65 -51.68 13.24
C ALA G 283 -4.33 -50.81 12.19
N ILE G 284 -5.46 -50.18 12.53
CA ILE G 284 -6.23 -49.47 11.53
C ILE G 284 -5.47 -48.18 11.17
N ALA G 285 -4.82 -47.58 12.12
CA ALA G 285 -4.02 -46.38 11.81
C ALA G 285 -2.91 -46.72 10.81
N ARG G 286 -2.32 -47.92 10.97
CA ARG G 286 -1.22 -48.35 10.09
C ARG G 286 -1.76 -48.58 8.67
N HIS G 287 -2.94 -49.18 8.62
CA HIS G 287 -3.60 -49.49 7.36
C HIS G 287 -3.85 -48.18 6.61
N VAL G 288 -4.33 -47.16 7.33
CA VAL G 288 -4.77 -45.93 6.70
C VAL G 288 -3.56 -45.06 6.38
N ALA G 289 -2.64 -44.87 7.32
CA ALA G 289 -1.56 -43.86 7.19
C ALA G 289 -0.23 -44.46 6.70
N GLY G 290 -0.06 -45.81 6.71
CA GLY G 290 1.23 -46.44 6.45
C GLY G 290 2.00 -46.61 7.79
N ASN G 291 2.85 -47.66 7.90
CA ASN G 291 3.67 -47.88 9.09
C ASN G 291 4.59 -46.71 9.43
N ASP G 292 5.01 -45.94 8.43
CA ASP G 292 5.92 -44.82 8.66
C ASP G 292 5.32 -43.60 9.35
N ARG G 293 4.00 -43.50 9.44
CA ARG G 293 3.30 -42.36 10.03
C ARG G 293 2.56 -42.74 11.34
N VAL G 294 2.80 -43.96 11.84
CA VAL G 294 2.29 -44.41 13.10
C VAL G 294 3.48 -44.79 13.96
N LEU G 295 3.50 -44.33 15.22
CA LEU G 295 4.40 -44.80 16.27
C LEU G 295 3.60 -45.45 17.37
N HIS G 296 3.72 -46.77 17.50
CA HIS G 296 3.21 -47.47 18.65
C HIS G 296 4.27 -47.52 19.74
N LEU G 297 4.15 -46.64 20.77
N LEU G 297 4.13 -46.65 20.77
CA LEU G 297 5.00 -46.73 21.97
CA LEU G 297 4.97 -46.74 21.97
C LEU G 297 4.38 -47.76 22.90
C LEU G 297 4.35 -47.77 22.90
N ALA G 298 4.82 -49.00 22.73
CA ALA G 298 4.29 -50.13 23.46
C ALA G 298 4.93 -50.21 24.83
N ILE G 299 4.66 -49.22 25.70
CA ILE G 299 5.29 -49.16 27.01
C ILE G 299 4.98 -50.39 27.85
N GLU G 300 5.86 -50.66 28.82
CA GLU G 300 5.57 -51.53 29.92
C GLU G 300 4.37 -50.96 30.67
N PRO G 301 3.48 -51.85 31.17
CA PRO G 301 2.32 -51.39 31.93
C PRO G 301 2.73 -50.50 33.11
N GLY G 302 1.99 -49.39 33.27
CA GLY G 302 2.16 -48.52 34.42
C GLY G 302 3.29 -47.50 34.28
N THR G 303 3.99 -47.40 33.12
CA THR G 303 5.22 -46.63 33.01
C THR G 303 5.00 -45.28 32.31
N ASP G 304 3.76 -44.83 32.17
CA ASP G 304 3.44 -43.58 31.51
C ASP G 304 4.16 -42.35 32.09
N THR G 305 4.26 -42.25 33.43
CA THR G 305 4.94 -41.17 34.11
C THR G 305 6.40 -41.11 33.68
N ALA G 306 7.10 -42.26 33.63
CA ALA G 306 8.47 -42.32 33.11
C ALA G 306 8.58 -41.85 31.66
N LEU G 307 7.64 -42.33 30.78
CA LEU G 307 7.57 -41.90 29.40
C LEU G 307 7.57 -40.37 29.30
N PHE G 308 6.57 -39.72 29.95
CA PHE G 308 6.37 -38.29 29.81
C PHE G 308 7.51 -37.49 30.46
N ASN G 309 8.06 -37.95 31.58
CA ASN G 309 9.18 -37.29 32.20
C ASN G 309 10.44 -37.32 31.32
N GLY G 310 10.66 -38.43 30.61
CA GLY G 310 11.73 -38.58 29.65
C GLY G 310 11.53 -37.67 28.43
N LEU G 311 10.28 -37.60 27.88
CA LEU G 311 10.02 -36.71 26.78
C LEU G 311 10.13 -35.22 27.17
N PHE G 312 9.62 -34.90 28.35
CA PHE G 312 9.72 -33.52 28.85
C PHE G 312 11.18 -33.12 29.04
N THR G 313 11.97 -34.02 29.63
CA THR G 313 13.37 -33.76 29.86
C THR G 313 14.07 -33.50 28.52
N TYR G 314 13.77 -34.33 27.52
CA TYR G 314 14.41 -34.24 26.22
C TYR G 314 14.02 -32.95 25.48
N VAL G 315 12.72 -32.64 25.40
CA VAL G 315 12.29 -31.43 24.70
C VAL G 315 12.86 -30.16 25.37
N VAL G 316 13.00 -30.13 26.70
CA VAL G 316 13.65 -29.02 27.41
C VAL G 316 15.13 -28.98 27.01
N GLU G 317 15.81 -30.12 27.03
CA GLU G 317 17.24 -30.13 26.69
C GLU G 317 17.46 -29.73 25.22
N GLN G 318 16.61 -30.14 24.27
CA GLN G 318 16.73 -29.73 22.87
C GLN G 318 16.30 -28.28 22.64
N GLY G 319 15.55 -27.70 23.59
CA GLY G 319 14.98 -26.37 23.40
C GLY G 319 13.74 -26.46 22.53
N TRP G 320 13.08 -27.63 22.42
CA TRP G 320 11.83 -27.76 21.67
C TRP G 320 10.62 -27.42 22.55
N ILE G 321 10.58 -26.17 23.01
CA ILE G 321 9.62 -25.66 23.98
C ILE G 321 9.34 -24.22 23.55
N ASP G 322 8.23 -23.68 24.07
CA ASP G 322 7.85 -22.29 23.83
C ASP G 322 8.21 -21.41 25.02
N LYS G 323 9.44 -20.85 25.01
CA LYS G 323 9.96 -20.10 26.14
C LYS G 323 9.15 -18.82 26.37
N PRO G 324 8.75 -18.05 25.31
CA PRO G 324 7.83 -16.91 25.52
C PRO G 324 6.48 -17.28 26.15
N PHE G 325 5.92 -18.41 25.73
CA PHE G 325 4.70 -18.94 26.35
C PHE G 325 4.93 -19.25 27.83
N ILE G 326 5.98 -20.00 28.16
CA ILE G 326 6.32 -20.40 29.51
C ILE G 326 6.43 -19.17 30.39
N GLU G 327 7.18 -18.16 29.91
CA GLU G 327 7.46 -16.96 30.65
C GLU G 327 6.18 -16.18 30.92
N ALA G 328 5.29 -16.00 29.92
CA ALA G 328 4.13 -15.13 30.06
C ALA G 328 2.97 -15.79 30.82
N HIS G 329 2.83 -17.12 30.74
CA HIS G 329 1.57 -17.80 30.98
C HIS G 329 1.68 -18.99 31.92
N THR G 330 2.84 -19.24 32.55
CA THR G 330 3.00 -20.47 33.33
C THR G 330 3.72 -20.15 34.63
N LYS G 331 3.74 -21.11 35.53
CA LYS G 331 4.40 -21.01 36.82
C LYS G 331 4.89 -22.40 37.14
N GLY G 332 6.09 -22.48 37.70
CA GLY G 332 6.65 -23.72 38.21
C GLY G 332 7.51 -24.50 37.21
N PHE G 333 7.84 -23.91 36.03
CA PHE G 333 8.54 -24.68 34.99
C PHE G 333 9.91 -25.18 35.47
N ASP G 334 10.71 -24.28 36.01
CA ASP G 334 12.09 -24.55 36.43
C ASP G 334 12.12 -25.62 37.51
N ASP G 335 11.14 -25.58 38.44
CA ASP G 335 10.97 -26.64 39.42
C ASP G 335 10.71 -27.98 38.75
N ALA G 336 9.78 -28.01 37.76
CA ALA G 336 9.42 -29.24 37.10
C ALA G 336 10.60 -29.84 36.33
N VAL G 337 11.41 -29.00 35.70
CA VAL G 337 12.61 -29.45 35.03
C VAL G 337 13.49 -30.24 36.00
N LYS G 338 13.67 -29.73 37.26
CA LYS G 338 14.45 -30.44 38.27
C LYS G 338 13.77 -31.73 38.74
N THR G 339 12.49 -31.69 39.14
CA THR G 339 11.86 -32.83 39.79
C THR G 339 11.65 -33.98 38.80
N ASN G 340 11.37 -33.66 37.53
CA ASN G 340 10.96 -34.63 36.51
C ASN G 340 12.11 -35.15 35.64
N ARG G 341 13.33 -34.68 35.91
CA ARG G 341 14.47 -34.98 35.07
C ARG G 341 14.67 -36.50 34.99
N LEU G 342 14.74 -37.01 33.76
CA LEU G 342 15.04 -38.40 33.50
C LEU G 342 15.69 -38.48 32.12
N SER G 343 16.79 -39.25 32.03
CA SER G 343 17.54 -39.38 30.77
C SER G 343 16.74 -40.28 29.83
N LEU G 344 17.02 -40.22 28.54
CA LEU G 344 16.37 -41.12 27.62
C LEU G 344 16.75 -42.58 27.87
N ASP G 345 17.97 -42.84 28.33
CA ASP G 345 18.39 -44.19 28.66
C ASP G 345 17.59 -44.75 29.85
N GLU G 346 17.40 -43.95 30.92
CA GLU G 346 16.63 -44.37 32.07
C GLU G 346 15.17 -44.58 31.65
N CYS G 347 14.63 -43.61 30.89
CA CYS G 347 13.29 -43.69 30.29
C CYS G 347 13.06 -44.98 29.50
N SER G 348 14.04 -45.33 28.66
CA SER G 348 14.02 -46.57 27.86
C SER G 348 14.05 -47.84 28.72
N ASN G 349 14.91 -47.86 29.76
N ASN G 349 14.89 -47.88 29.78
CA ASN G 349 15.01 -49.00 30.68
CA ASN G 349 14.97 -49.05 30.64
C ASN G 349 13.67 -49.23 31.39
C ASN G 349 13.65 -49.26 31.41
N ILE G 350 13.02 -48.16 31.85
CA ILE G 350 11.76 -48.27 32.58
C ILE G 350 10.63 -48.65 31.62
N THR G 351 10.49 -47.90 30.52
CA THR G 351 9.34 -48.11 29.61
C THR G 351 9.48 -49.37 28.77
N GLY G 352 10.74 -49.70 28.43
CA GLY G 352 11.04 -50.72 27.42
C GLY G 352 10.97 -50.16 26.00
N VAL G 353 10.72 -48.87 25.82
CA VAL G 353 10.70 -48.28 24.51
C VAL G 353 12.15 -47.90 24.13
N PRO G 354 12.64 -48.26 22.93
CA PRO G 354 14.01 -47.92 22.54
C PRO G 354 14.19 -46.39 22.42
N VAL G 355 15.41 -45.97 22.64
CA VAL G 355 15.76 -44.56 22.63
C VAL G 355 15.43 -43.91 21.29
N ASP G 356 15.65 -44.61 20.16
CA ASP G 356 15.33 -44.12 18.82
C ASP G 356 13.86 -43.76 18.68
N MET G 357 12.96 -44.60 19.27
N MET G 357 12.93 -44.58 19.23
CA MET G 357 11.53 -44.36 19.18
CA MET G 357 11.51 -44.28 19.12
C MET G 357 11.14 -43.16 20.06
C MET G 357 11.12 -43.15 20.06
N LEU G 358 11.74 -43.03 21.27
CA LEU G 358 11.49 -41.90 22.14
C LEU G 358 11.87 -40.58 21.44
N LYS G 359 13.08 -40.55 20.86
CA LYS G 359 13.56 -39.41 20.09
C LYS G 359 12.64 -39.13 18.91
N ARG G 360 12.19 -40.15 18.19
CA ARG G 360 11.35 -39.95 17.01
C ARG G 360 10.00 -39.31 17.39
N ALA G 361 9.46 -39.72 18.53
CA ALA G 361 8.16 -39.22 18.95
C ALA G 361 8.30 -37.72 19.26
N ALA G 362 9.41 -37.33 19.92
CA ALA G 362 9.71 -35.92 20.19
C ALA G 362 9.98 -35.12 18.93
N GLU G 363 10.69 -35.72 17.98
CA GLU G 363 10.95 -35.04 16.72
C GLU G 363 9.65 -34.83 15.89
N TRP G 364 8.78 -35.80 15.84
CA TRP G 364 7.49 -35.62 15.15
C TRP G 364 6.65 -34.51 15.78
N SER G 365 6.69 -34.42 17.11
CA SER G 365 5.66 -33.77 17.93
C SER G 365 6.03 -32.35 18.38
N TYR G 366 7.32 -32.07 18.63
CA TYR G 366 7.78 -30.89 19.35
C TYR G 366 8.86 -30.11 18.62
N LYS G 367 9.65 -30.78 17.73
CA LYS G 367 10.72 -30.10 17.03
C LYS G 367 10.07 -29.12 16.07
N PRO G 368 10.53 -27.84 16.05
CA PRO G 368 9.95 -26.86 15.13
C PRO G 368 9.91 -27.37 13.69
N LYS G 369 8.83 -27.07 13.00
CA LYS G 369 8.75 -27.29 11.57
C LYS G 369 9.68 -26.28 10.88
N ALA G 370 9.85 -26.49 9.58
CA ALA G 370 10.81 -25.72 8.81
C ALA G 370 10.40 -24.24 8.80
N SER G 371 9.08 -23.98 8.80
CA SER G 371 8.54 -22.61 8.79
C SER G 371 8.68 -21.91 10.14
N GLY G 372 9.08 -22.62 11.21
CA GLY G 372 9.44 -22.00 12.49
C GLY G 372 8.47 -22.30 13.62
N GLN G 373 7.24 -22.75 13.29
CA GLN G 373 6.19 -22.96 14.27
C GLN G 373 6.36 -24.38 14.81
N ALA G 374 6.07 -24.54 16.11
CA ALA G 374 5.95 -25.87 16.69
C ALA G 374 4.85 -26.65 15.99
N PRO G 375 5.00 -28.01 15.85
CA PRO G 375 3.89 -28.86 15.40
C PRO G 375 2.67 -28.60 16.28
N ARG G 376 1.52 -28.64 15.61
CA ARG G 376 0.21 -28.70 16.28
C ARG G 376 -0.08 -30.15 16.71
N THR G 377 0.18 -30.42 17.99
CA THR G 377 0.12 -31.76 18.55
C THR G 377 -1.02 -31.85 19.57
N MET G 378 -2.08 -32.55 19.18
CA MET G 378 -3.23 -32.83 20.04
C MET G 378 -2.92 -34.06 20.88
N HIS G 379 -2.94 -33.89 22.20
CA HIS G 379 -2.67 -34.95 23.13
C HIS G 379 -4.03 -35.42 23.69
N ALA G 380 -4.42 -36.65 23.36
CA ALA G 380 -5.72 -37.24 23.69
C ALA G 380 -5.44 -38.39 24.63
N TYR G 381 -6.12 -38.47 25.76
CA TYR G 381 -5.90 -39.59 26.67
C TYR G 381 -7.22 -40.12 27.21
N GLU G 382 -7.26 -41.40 27.63
CA GLU G 382 -8.40 -41.95 28.33
C GLU G 382 -7.93 -42.89 29.44
N LYS G 383 -8.59 -44.06 29.55
CA LYS G 383 -8.52 -44.85 30.76
C LYS G 383 -7.22 -45.61 30.95
N GLY G 384 -6.43 -45.84 29.91
CA GLY G 384 -5.10 -46.41 30.08
C GLY G 384 -4.27 -45.63 31.09
N ILE G 385 -4.46 -44.27 31.14
CA ILE G 385 -3.81 -43.47 32.17
C ILE G 385 -4.75 -42.99 33.28
N ILE G 386 -6.03 -42.72 32.98
CA ILE G 386 -6.94 -42.34 34.04
C ILE G 386 -7.11 -43.43 35.10
N TRP G 387 -7.23 -44.70 34.67
CA TRP G 387 -7.15 -45.85 35.58
C TRP G 387 -5.75 -46.46 35.61
N GLY G 388 -4.73 -45.63 35.42
CA GLY G 388 -3.34 -46.07 35.24
C GLY G 388 -2.59 -46.07 36.59
N ASN G 389 -1.27 -46.16 36.50
CA ASN G 389 -0.39 -46.17 37.67
C ASN G 389 -0.23 -44.74 38.23
N ASP G 390 -1.17 -44.34 39.09
CA ASP G 390 -1.18 -43.09 39.81
C ASP G 390 -1.70 -42.04 38.85
N ASN G 391 -3.07 -41.98 38.80
CA ASN G 391 -3.82 -41.04 37.98
C ASN G 391 -3.24 -39.63 38.06
N TYR G 392 -3.03 -39.15 39.30
CA TYR G 392 -2.68 -37.77 39.51
C TYR G 392 -1.29 -37.45 38.94
N VAL G 393 -0.35 -38.37 39.13
CA VAL G 393 1.03 -38.19 38.74
C VAL G 393 1.14 -38.29 37.22
N ILE G 394 0.37 -39.14 36.57
CA ILE G 394 0.51 -39.27 35.12
C ILE G 394 0.08 -37.99 34.45
N GLN G 395 -1.06 -37.46 34.86
CA GLN G 395 -1.57 -36.19 34.36
C GLN G 395 -0.60 -35.07 34.62
N SER G 396 0.00 -35.00 35.85
CA SER G 396 1.00 -34.04 36.16
C SER G 396 2.11 -34.10 35.09
N ALA G 397 2.63 -35.29 34.84
CA ALA G 397 3.76 -35.48 33.93
C ALA G 397 3.42 -35.07 32.49
N LEU G 398 2.25 -35.49 32.04
CA LEU G 398 1.78 -35.28 30.67
C LEU G 398 1.56 -33.78 30.46
N LEU G 399 0.81 -33.16 31.42
CA LEU G 399 0.46 -31.76 31.28
C LEU G 399 1.72 -30.90 31.23
N ASP G 400 2.75 -31.22 32.04
CA ASP G 400 4.03 -30.54 32.03
C ASP G 400 4.60 -30.48 30.61
N LEU G 401 4.61 -31.59 29.93
CA LEU G 401 5.03 -31.69 28.53
C LEU G 401 4.19 -30.82 27.61
N VAL G 402 2.88 -30.92 27.77
CA VAL G 402 1.97 -30.16 26.93
C VAL G 402 2.16 -28.65 27.11
N ILE G 403 2.31 -28.19 28.38
CA ILE G 403 2.29 -26.77 28.65
C ILE G 403 3.61 -26.19 28.12
N ALA G 404 4.70 -26.90 28.38
CA ALA G 404 6.02 -26.48 27.92
C ALA G 404 6.09 -26.38 26.39
N THR G 405 5.29 -27.18 25.67
CA THR G 405 5.25 -27.19 24.21
C THR G 405 4.05 -26.43 23.67
N HIS G 406 3.33 -25.69 24.54
CA HIS G 406 2.27 -24.80 24.06
C HIS G 406 1.25 -25.60 23.24
N ASN G 407 0.92 -26.86 23.68
CA ASN G 407 -0.03 -27.65 22.99
C ASN G 407 -1.40 -27.61 23.69
N VAL G 408 -1.78 -26.43 24.23
CA VAL G 408 -3.09 -26.13 24.69
C VAL G 408 -3.36 -24.75 24.13
N GLY G 409 -4.57 -24.47 23.69
CA GLY G 409 -4.91 -23.09 23.34
C GLY G 409 -4.52 -22.76 21.90
N ARG G 410 -3.86 -23.66 21.16
CA ARG G 410 -3.58 -23.40 19.75
C ARG G 410 -4.54 -24.26 18.99
N ARG G 411 -5.02 -23.79 17.84
CA ARG G 411 -5.82 -24.68 17.00
C ARG G 411 -4.99 -25.90 16.55
N GLY G 412 -5.64 -27.06 16.49
CA GLY G 412 -4.97 -28.30 16.18
C GLY G 412 -4.23 -28.88 17.35
N THR G 413 -4.44 -28.36 18.57
CA THR G 413 -3.81 -28.88 19.77
C THR G 413 -4.89 -29.18 20.81
N GLY G 414 -4.47 -29.22 22.09
CA GLY G 414 -5.30 -29.58 23.20
C GLY G 414 -4.70 -30.79 23.87
N CYS G 415 -4.80 -30.80 25.20
CA CYS G 415 -4.58 -31.99 25.97
C CYS G 415 -5.90 -32.40 26.61
N VAL G 416 -6.56 -33.38 26.00
CA VAL G 416 -7.98 -33.63 26.32
C VAL G 416 -8.17 -35.10 26.72
N ARG G 417 -9.17 -35.30 27.55
CA ARG G 417 -9.90 -36.56 27.65
C ARG G 417 -10.62 -36.83 26.32
N MET G 418 -10.52 -38.10 25.90
CA MET G 418 -11.34 -38.63 24.81
C MET G 418 -12.79 -38.91 25.31
N GLY G 419 -12.94 -39.22 26.61
CA GLY G 419 -14.23 -39.32 27.27
C GLY G 419 -14.76 -40.76 27.20
N GLY G 420 -15.84 -41.01 27.94
CA GLY G 420 -16.42 -42.33 28.07
C GLY G 420 -17.87 -42.29 27.72
N HIS G 421 -18.66 -41.91 28.72
CA HIS G 421 -19.99 -41.42 28.46
C HIS G 421 -19.92 -39.99 27.93
N GLN G 422 -21.05 -39.51 27.45
CA GLN G 422 -21.30 -38.09 27.31
C GLN G 422 -21.23 -37.44 28.67
N GLU G 423 -21.12 -36.09 28.65
CA GLU G 423 -21.11 -35.27 29.83
C GLU G 423 -22.46 -34.60 30.03
N GLY G 424 -22.78 -34.39 31.29
CA GLY G 424 -23.98 -33.62 31.56
C GLY G 424 -24.14 -33.29 33.04
N TYR G 425 -23.13 -32.62 33.60
CA TYR G 425 -23.06 -32.42 35.06
C TYR G 425 -23.56 -31.05 35.48
N THR G 426 -24.62 -31.05 36.30
CA THR G 426 -25.03 -29.86 37.09
C THR G 426 -25.48 -30.35 38.46
N ARG G 427 -24.73 -29.97 39.51
CA ARG G 427 -25.01 -30.47 40.86
C ARG G 427 -24.66 -29.41 41.91
N PRO G 428 -25.27 -29.48 43.09
CA PRO G 428 -24.76 -28.70 44.23
C PRO G 428 -23.34 -29.18 44.58
N PRO G 429 -22.56 -28.45 45.41
CA PRO G 429 -21.27 -28.93 45.87
C PRO G 429 -21.45 -30.19 46.70
N TYR G 430 -20.45 -31.08 46.66
CA TYR G 430 -20.40 -32.23 47.53
C TYR G 430 -20.37 -31.74 48.99
N PRO G 431 -21.24 -32.22 49.90
CA PRO G 431 -21.34 -31.65 51.25
C PRO G 431 -20.32 -32.12 52.28
N GLY G 432 -19.28 -32.84 51.90
CA GLY G 432 -18.23 -33.16 52.86
C GLY G 432 -16.91 -32.46 52.57
N ASP G 433 -15.99 -32.65 53.52
CA ASP G 433 -14.66 -32.08 53.49
C ASP G 433 -13.60 -33.19 53.44
N LYS G 434 -13.97 -34.46 53.17
CA LYS G 434 -13.09 -35.62 53.23
C LYS G 434 -13.37 -36.55 52.06
N LYS G 435 -12.32 -37.23 51.58
CA LYS G 435 -12.44 -38.27 50.55
C LYS G 435 -12.86 -39.54 51.27
N ILE G 436 -13.81 -40.28 50.75
CA ILE G 436 -14.32 -41.46 51.46
C ILE G 436 -14.39 -42.60 50.45
N TYR G 437 -13.79 -43.73 50.81
CA TYR G 437 -13.71 -44.89 49.96
C TYR G 437 -14.95 -45.71 50.25
N ILE G 438 -16.00 -45.53 49.41
CA ILE G 438 -17.33 -45.96 49.76
C ILE G 438 -17.39 -47.47 49.86
N ASP G 439 -16.80 -48.16 48.84
CA ASP G 439 -16.79 -49.62 48.84
C ASP G 439 -16.23 -50.21 50.14
N GLN G 440 -15.10 -49.67 50.56
CA GLN G 440 -14.43 -50.09 51.79
C GLN G 440 -15.33 -49.86 53.00
N GLU G 441 -15.97 -48.70 53.07
CA GLU G 441 -16.96 -48.43 54.13
C GLU G 441 -18.06 -49.50 54.18
N LEU G 442 -18.65 -49.83 52.99
CA LEU G 442 -19.69 -50.82 52.91
C LEU G 442 -19.17 -52.20 53.31
N ILE G 443 -18.00 -52.58 52.82
CA ILE G 443 -17.41 -53.87 53.15
C ILE G 443 -17.11 -53.92 54.66
N LYS G 444 -16.80 -52.80 55.30
CA LYS G 444 -16.56 -52.77 56.75
C LYS G 444 -17.84 -52.75 57.57
N GLY G 445 -19.01 -52.69 56.93
CA GLY G 445 -20.26 -52.85 57.66
C GLY G 445 -20.91 -51.50 57.98
N LYS G 446 -20.49 -50.41 57.33
CA LYS G 446 -21.15 -49.12 57.51
C LYS G 446 -22.39 -48.94 56.61
N GLY G 447 -23.26 -48.06 57.08
CA GLY G 447 -24.42 -47.66 56.30
C GLY G 447 -25.63 -48.54 56.63
N ARG G 448 -26.82 -47.91 56.62
CA ARG G 448 -28.10 -48.62 56.78
C ARG G 448 -28.70 -49.01 55.41
N ILE G 449 -28.57 -48.11 54.45
CA ILE G 449 -29.18 -48.18 53.13
C ILE G 449 -28.15 -47.78 52.08
N MET G 450 -28.07 -48.56 50.99
CA MET G 450 -27.21 -48.28 49.87
C MET G 450 -28.10 -48.29 48.61
N THR G 451 -28.07 -47.23 47.81
CA THR G 451 -28.75 -47.14 46.55
C THR G 451 -27.74 -47.11 45.41
N TRP G 452 -27.81 -48.13 44.50
CA TRP G 452 -27.18 -48.10 43.20
C TRP G 452 -28.13 -47.41 42.23
N TRP G 453 -27.69 -46.32 41.61
CA TRP G 453 -28.54 -45.54 40.75
C TRP G 453 -27.87 -45.39 39.40
N GLY G 454 -28.37 -46.09 38.39
CA GLY G 454 -27.79 -45.91 37.06
C GLY G 454 -26.35 -46.44 36.98
N CYS G 455 -26.09 -47.51 37.76
CA CYS G 455 -24.77 -48.13 37.76
C CYS G 455 -24.89 -49.49 38.42
N ASN G 456 -23.85 -50.31 38.24
CA ASN G 456 -23.91 -51.72 38.64
C ASN G 456 -22.49 -52.09 39.05
N ASN G 457 -22.14 -51.78 40.32
CA ASN G 457 -20.77 -51.99 40.76
C ASN G 457 -20.44 -53.47 41.04
N PHE G 458 -21.40 -54.37 41.08
CA PHE G 458 -21.14 -55.82 41.06
C PHE G 458 -20.29 -56.22 39.84
N GLN G 459 -20.54 -55.53 38.73
CA GLN G 459 -19.82 -55.76 37.50
C GLN G 459 -18.60 -54.84 37.31
N THR G 460 -18.58 -53.67 37.97
CA THR G 460 -17.69 -52.58 37.60
C THR G 460 -16.84 -52.03 38.78
N SER G 461 -17.05 -52.46 40.03
CA SER G 461 -16.15 -52.02 41.10
C SER G 461 -14.74 -52.61 40.88
N ASN G 462 -13.77 -51.86 41.34
CA ASN G 462 -12.43 -52.41 41.56
C ASN G 462 -12.54 -53.33 42.76
N ASN G 463 -11.76 -54.41 42.78
CA ASN G 463 -11.86 -55.35 43.89
C ASN G 463 -13.33 -55.75 44.03
N ALA G 464 -14.01 -56.07 42.89
CA ALA G 464 -15.44 -56.29 42.82
C ALA G 464 -15.88 -57.52 43.62
N GLN G 465 -14.99 -58.56 43.73
CA GLN G 465 -15.30 -59.75 44.48
C GLN G 465 -15.50 -59.45 45.97
N ALA G 466 -14.56 -58.69 46.59
CA ALA G 466 -14.74 -58.29 48.00
C ALA G 466 -16.10 -57.57 48.18
N LEU G 467 -16.47 -56.74 47.19
CA LEU G 467 -17.70 -55.96 47.23
C LEU G 467 -18.91 -56.89 47.20
N ARG G 468 -19.03 -57.73 46.19
CA ARG G 468 -20.16 -58.63 46.05
C ARG G 468 -20.29 -59.54 47.26
N GLU G 469 -19.20 -60.14 47.71
CA GLU G 469 -19.23 -60.96 48.91
C GLU G 469 -19.91 -60.20 50.03
N ALA G 470 -19.47 -58.99 50.32
CA ALA G 470 -19.93 -58.27 51.49
C ALA G 470 -21.39 -57.90 51.28
N ILE G 471 -21.75 -57.41 50.10
CA ILE G 471 -23.12 -56.90 49.88
C ILE G 471 -24.15 -58.03 49.91
N LEU G 472 -23.83 -59.17 49.27
CA LEU G 472 -24.66 -60.37 49.36
C LEU G 472 -24.91 -60.80 50.81
N GLN G 473 -23.84 -60.93 51.61
CA GLN G 473 -23.98 -61.29 53.04
C GLN G 473 -24.83 -60.28 53.83
N ARG G 474 -24.56 -58.99 53.65
CA ARG G 474 -25.30 -57.93 54.35
C ARG G 474 -26.77 -57.91 53.91
N SER G 475 -27.04 -58.16 52.61
CA SER G 475 -28.38 -58.20 52.07
C SER G 475 -29.15 -59.35 52.69
N ALA G 476 -28.45 -60.52 52.84
CA ALA G 476 -29.01 -61.72 53.42
C ALA G 476 -29.55 -61.51 54.82
N ILE G 477 -28.79 -60.71 55.64
CA ILE G 477 -29.23 -60.43 57.00
C ILE G 477 -30.60 -59.73 56.97
N VAL G 478 -30.76 -58.71 56.13
CA VAL G 478 -32.04 -58.03 55.96
C VAL G 478 -33.15 -58.97 55.46
N LYS G 479 -32.87 -59.77 54.43
CA LYS G 479 -33.80 -60.77 53.94
C LYS G 479 -34.28 -61.70 55.07
N GLN G 480 -33.36 -62.19 55.90
CA GLN G 480 -33.68 -63.10 57.00
C GLN G 480 -34.55 -62.38 58.04
N ALA G 481 -34.29 -61.09 58.32
CA ALA G 481 -35.08 -60.35 59.29
C ALA G 481 -36.50 -60.08 58.77
N MET G 482 -36.64 -59.80 57.46
CA MET G 482 -37.92 -59.53 56.80
C MET G 482 -38.89 -60.71 56.90
N GLN G 483 -38.33 -61.92 56.87
CA GLN G 483 -38.99 -63.22 56.83
C GLN G 483 -39.84 -63.54 58.05
N LYS G 484 -39.46 -63.01 59.21
CA LYS G 484 -40.18 -63.23 60.46
C LYS G 484 -41.46 -62.38 60.49
N ALA G 485 -41.55 -61.32 59.67
CA ALA G 485 -42.75 -60.48 59.64
C ALA G 485 -43.97 -61.19 58.99
N ARG G 486 -45.15 -60.94 59.56
CA ARG G 486 -46.42 -61.37 59.04
C ARG G 486 -47.40 -60.24 59.30
N GLY G 487 -47.95 -59.68 58.25
CA GLY G 487 -49.01 -58.68 58.40
C GLY G 487 -48.47 -57.37 58.96
N ALA G 488 -47.21 -57.05 58.71
CA ALA G 488 -46.62 -55.85 59.29
C ALA G 488 -47.05 -54.64 58.45
N THR G 489 -47.34 -53.52 59.10
CA THR G 489 -47.47 -52.25 58.38
C THR G 489 -46.10 -51.87 57.84
N THR G 490 -46.09 -50.98 56.84
CA THR G 490 -44.88 -50.41 56.26
C THR G 490 -43.96 -49.90 57.35
N GLU G 491 -44.49 -49.13 58.30
CA GLU G 491 -43.73 -48.55 59.42
C GLU G 491 -43.09 -49.64 60.29
N GLU G 492 -43.82 -50.68 60.66
CA GLU G 492 -43.22 -51.81 61.38
C GLU G 492 -42.08 -52.48 60.58
N MET G 493 -42.25 -52.57 59.24
CA MET G 493 -41.26 -53.22 58.39
C MET G 493 -40.00 -52.38 58.36
N VAL G 494 -40.15 -51.03 58.33
CA VAL G 494 -39.03 -50.10 58.37
C VAL G 494 -38.22 -50.35 59.66
N ASP G 495 -38.90 -50.58 60.80
CA ASP G 495 -38.24 -50.91 62.07
C ASP G 495 -37.52 -52.26 62.00
N VAL G 496 -38.15 -53.26 61.35
CA VAL G 496 -37.56 -54.60 61.23
C VAL G 496 -36.24 -54.52 60.47
N ILE G 497 -36.26 -53.86 59.31
CA ILE G 497 -35.10 -53.69 58.44
C ILE G 497 -34.03 -52.87 59.17
N TYR G 498 -34.42 -51.74 59.74
CA TYR G 498 -33.49 -50.87 60.48
C TYR G 498 -32.76 -51.66 61.57
N GLU G 499 -33.50 -52.47 62.32
CA GLU G 499 -32.88 -53.32 63.33
C GLU G 499 -31.88 -54.28 62.70
N ALA G 500 -32.23 -54.85 61.52
CA ALA G 500 -31.33 -55.81 60.88
C ALA G 500 -30.01 -55.13 60.49
N THR G 501 -30.07 -53.82 60.12
CA THR G 501 -28.90 -53.07 59.71
C THR G 501 -28.05 -52.73 60.93
N GLN G 502 -28.61 -52.73 62.14
CA GLN G 502 -27.79 -52.59 63.34
C GLN G 502 -27.07 -53.89 63.66
N ASN G 503 -27.45 -55.01 63.03
CA ASN G 503 -26.73 -56.27 63.20
C ASN G 503 -26.04 -56.67 61.91
N GLY G 504 -25.49 -55.71 61.16
CA GLY G 504 -24.63 -56.00 60.04
C GLY G 504 -25.36 -55.99 58.70
N GLY G 505 -26.69 -55.82 58.71
CA GLY G 505 -27.46 -55.86 57.47
C GLY G 505 -27.33 -54.56 56.67
N LEU G 506 -27.78 -54.57 55.42
CA LEU G 506 -27.80 -53.39 54.59
C LEU G 506 -29.02 -53.52 53.68
N PHE G 507 -29.83 -52.47 53.58
CA PHE G 507 -30.96 -52.45 52.69
C PHE G 507 -30.44 -51.93 51.38
N VAL G 508 -30.75 -52.63 50.29
CA VAL G 508 -30.17 -52.29 49.01
C VAL G 508 -31.28 -51.93 48.03
N THR G 509 -31.13 -50.82 47.34
CA THR G 509 -32.05 -50.36 46.33
C THR G 509 -31.28 -50.15 45.05
N SER G 510 -31.91 -50.47 43.92
CA SER G 510 -31.36 -50.19 42.60
C SER G 510 -32.39 -49.44 41.80
N ILE G 511 -31.95 -48.38 41.15
CA ILE G 511 -32.79 -47.59 40.30
C ILE G 511 -32.20 -47.75 38.92
N ASN G 512 -32.96 -48.41 38.02
CA ASN G 512 -32.33 -48.99 36.86
C ASN G 512 -33.34 -49.07 35.70
N LEU G 513 -32.82 -49.45 34.53
CA LEU G 513 -33.59 -49.94 33.37
C LEU G 513 -33.93 -51.44 33.51
N TYR G 514 -33.13 -52.22 34.22
CA TYR G 514 -33.19 -53.68 34.19
C TYR G 514 -32.88 -54.21 35.55
N PRO G 515 -33.24 -55.48 35.82
CA PRO G 515 -32.87 -56.09 37.10
C PRO G 515 -31.36 -56.04 37.36
N THR G 516 -30.60 -56.57 36.38
CA THR G 516 -29.16 -56.75 36.45
C THR G 516 -28.81 -57.72 37.56
N LYS G 517 -27.53 -58.03 37.65
CA LYS G 517 -26.96 -58.82 38.72
C LYS G 517 -27.19 -58.20 40.07
N LEU G 518 -27.37 -56.87 40.17
CA LEU G 518 -27.76 -56.28 41.45
C LEU G 518 -29.02 -56.89 42.08
N ALA G 519 -29.93 -57.40 41.25
CA ALA G 519 -31.08 -58.19 41.75
C ALA G 519 -30.73 -59.38 42.65
N GLU G 520 -29.52 -59.87 42.60
CA GLU G 520 -29.06 -60.92 43.52
C GLU G 520 -28.99 -60.40 44.97
N ALA G 521 -28.88 -59.09 45.17
CA ALA G 521 -28.75 -58.53 46.53
C ALA G 521 -29.86 -57.53 46.87
N ALA G 522 -30.50 -56.93 45.83
CA ALA G 522 -31.41 -55.81 46.05
C ALA G 522 -32.68 -56.28 46.73
N HIS G 523 -33.21 -55.39 47.58
CA HIS G 523 -34.48 -55.54 48.25
C HIS G 523 -35.56 -54.78 47.51
N LEU G 524 -35.16 -53.77 46.71
CA LEU G 524 -36.07 -52.84 46.08
C LEU G 524 -35.47 -52.35 44.79
N MET G 525 -36.25 -52.43 43.69
CA MET G 525 -35.79 -51.93 42.42
C MET G 525 -36.83 -51.01 41.79
N LEU G 526 -36.41 -49.80 41.35
CA LEU G 526 -37.31 -48.79 40.82
C LEU G 526 -37.07 -48.57 39.32
N PRO G 527 -38.15 -48.50 38.47
CA PRO G 527 -37.97 -48.40 37.03
C PRO G 527 -37.65 -46.99 36.53
N ALA G 528 -36.57 -46.87 35.73
CA ALA G 528 -36.21 -45.59 35.11
C ALA G 528 -36.48 -45.63 33.60
N ALA G 529 -36.37 -44.43 33.02
CA ALA G 529 -36.62 -44.11 31.64
C ALA G 529 -35.38 -43.49 30.97
N HIS G 530 -35.16 -43.85 29.69
CA HIS G 530 -33.96 -43.48 28.98
C HIS G 530 -34.35 -42.45 27.92
N PRO G 531 -33.39 -41.83 27.19
CA PRO G 531 -33.70 -40.78 26.23
C PRO G 531 -34.60 -41.27 25.09
N GLY G 532 -35.57 -40.42 24.72
CA GLY G 532 -36.63 -40.79 23.77
C GLY G 532 -37.92 -41.16 24.54
N GLU G 533 -37.78 -41.81 25.70
CA GLU G 533 -38.81 -41.95 26.69
C GLU G 533 -38.92 -40.68 27.54
N MET G 534 -37.90 -39.83 27.49
CA MET G 534 -37.90 -38.55 28.14
C MET G 534 -37.09 -37.64 27.25
N ASN G 535 -37.28 -36.34 27.42
CA ASN G 535 -36.34 -35.33 26.97
C ASN G 535 -35.04 -35.42 27.80
N LEU G 536 -33.86 -35.21 27.17
CA LEU G 536 -32.61 -35.27 27.94
C LEU G 536 -31.55 -34.38 27.26
N THR G 537 -30.78 -33.65 28.07
CA THR G 537 -29.72 -32.82 27.53
C THR G 537 -28.39 -33.37 28.01
N SER G 538 -27.39 -33.19 27.16
CA SER G 538 -26.01 -33.63 27.42
C SER G 538 -25.06 -33.00 26.43
N MET G 539 -23.78 -33.16 26.67
CA MET G 539 -22.76 -32.62 25.74
C MET G 539 -21.72 -33.71 25.47
N ASN G 540 -21.01 -33.56 24.38
CA ASN G 540 -20.02 -34.54 23.93
C ASN G 540 -18.60 -34.05 24.33
N GLY G 541 -17.57 -34.70 23.80
CA GLY G 541 -16.20 -34.45 24.13
C GLY G 541 -15.65 -33.08 23.68
N GLU G 542 -16.40 -32.31 22.87
CA GLU G 542 -16.08 -30.93 22.52
C GLU G 542 -17.12 -29.97 23.13
N ARG G 543 -17.81 -30.42 24.18
CA ARG G 543 -18.77 -29.63 24.95
C ARG G 543 -20.04 -29.23 24.16
N ARG G 544 -20.37 -29.96 23.08
CA ARG G 544 -21.53 -29.65 22.25
C ARG G 544 -22.80 -30.21 22.92
N ILE G 545 -23.59 -29.29 23.52
CA ILE G 545 -24.87 -29.62 24.17
C ILE G 545 -25.96 -29.76 23.10
N ARG G 546 -26.69 -30.93 23.19
CA ARG G 546 -27.83 -31.23 22.37
C ARG G 546 -28.98 -31.67 23.29
N LEU G 547 -30.19 -31.39 22.79
CA LEU G 547 -31.42 -31.98 23.31
C LEU G 547 -31.80 -33.26 22.57
N SER G 548 -31.94 -34.32 23.33
CA SER G 548 -32.58 -35.57 22.89
C SER G 548 -34.09 -35.49 23.19
N GLU G 549 -34.92 -35.46 22.12
CA GLU G 549 -36.38 -35.24 22.20
C GLU G 549 -37.12 -36.52 22.60
N LYS G 550 -38.06 -36.46 23.54
CA LYS G 550 -39.04 -37.51 23.83
C LYS G 550 -39.84 -37.81 22.55
N PHE G 551 -40.01 -39.10 22.24
CA PHE G 551 -40.83 -39.50 21.10
C PHE G 551 -41.74 -40.74 21.42
N MET G 552 -41.66 -41.31 22.62
CA MET G 552 -42.37 -42.50 22.97
C MET G 552 -42.55 -42.58 24.48
N ASP G 553 -43.42 -43.53 24.94
CA ASP G 553 -43.69 -43.61 26.33
C ASP G 553 -42.71 -44.55 26.95
N PRO G 554 -42.37 -44.40 28.25
CA PRO G 554 -41.60 -45.43 28.93
C PRO G 554 -42.41 -46.71 29.16
N PRO G 555 -41.77 -47.86 29.48
CA PRO G 555 -42.46 -49.06 29.92
C PRO G 555 -43.18 -48.82 31.23
N GLY G 556 -44.44 -49.28 31.30
CA GLY G 556 -45.23 -49.20 32.53
C GLY G 556 -45.14 -47.84 33.19
N THR G 557 -44.73 -47.86 34.47
CA THR G 557 -44.58 -46.67 35.28
C THR G 557 -43.13 -46.19 35.42
N ALA G 558 -42.25 -46.61 34.50
CA ALA G 558 -40.88 -46.14 34.48
C ALA G 558 -40.84 -44.61 34.37
N MET G 559 -39.90 -43.99 35.13
CA MET G 559 -39.81 -42.54 35.24
C MET G 559 -38.38 -42.04 34.98
N ALA G 560 -38.27 -40.79 34.52
CA ALA G 560 -37.01 -40.09 34.38
C ALA G 560 -36.39 -39.97 35.80
N ASP G 561 -35.09 -40.22 35.92
CA ASP G 561 -34.38 -40.32 37.19
C ASP G 561 -34.55 -39.02 37.99
N CYS G 562 -34.56 -37.84 37.32
CA CYS G 562 -34.74 -36.57 38.04
C CYS G 562 -36.09 -36.52 38.76
N LEU G 563 -37.11 -37.12 38.12
CA LEU G 563 -38.48 -37.20 38.65
C LEU G 563 -38.56 -38.30 39.71
N ILE G 564 -37.78 -39.37 39.62
CA ILE G 564 -37.65 -40.32 40.73
C ILE G 564 -37.07 -39.61 41.94
N ALA G 565 -36.06 -38.76 41.72
CA ALA G 565 -35.46 -38.02 42.80
C ALA G 565 -36.49 -37.08 43.44
N ALA G 566 -37.30 -36.41 42.64
CA ALA G 566 -38.37 -35.54 43.15
C ALA G 566 -39.40 -36.36 43.94
N ARG G 567 -39.73 -37.55 43.43
CA ARG G 567 -40.66 -38.43 44.13
C ARG G 567 -40.15 -38.73 45.53
N ILE G 568 -38.87 -39.06 45.64
CA ILE G 568 -38.22 -39.41 46.90
C ILE G 568 -38.19 -38.20 47.82
N ALA G 569 -37.83 -37.02 47.27
CA ALA G 569 -37.75 -35.79 48.04
C ALA G 569 -39.09 -35.41 48.65
N ASN G 570 -40.14 -35.47 47.82
CA ASN G 570 -41.49 -35.12 48.24
C ASN G 570 -42.06 -36.12 49.24
N ALA G 571 -41.66 -37.40 49.13
CA ALA G 571 -42.11 -38.37 50.11
C ALA G 571 -41.46 -38.05 51.46
N LEU G 572 -40.15 -37.70 51.42
CA LEU G 572 -39.49 -37.34 52.66
C LEU G 572 -40.07 -36.06 53.26
N ARG G 573 -40.35 -35.07 52.42
CA ARG G 573 -40.90 -33.81 52.89
C ARG G 573 -42.22 -34.08 53.62
N ASP G 574 -43.11 -34.82 52.96
CA ASP G 574 -44.41 -35.18 53.51
C ASP G 574 -44.29 -35.91 54.85
N MET G 575 -43.32 -36.82 55.00
CA MET G 575 -43.14 -37.56 56.25
C MET G 575 -42.73 -36.61 57.36
N TYR G 576 -41.78 -35.70 57.06
CA TYR G 576 -41.34 -34.70 58.02
C TYR G 576 -42.48 -33.76 58.40
N GLN G 577 -43.26 -33.26 57.42
CA GLN G 577 -44.40 -32.39 57.71
C GLN G 577 -45.34 -33.10 58.66
N LYS G 578 -45.68 -34.35 58.33
CA LYS G 578 -46.53 -35.19 59.19
C LYS G 578 -45.96 -35.34 60.61
N ASP G 579 -44.65 -35.53 60.73
CA ASP G 579 -43.99 -35.71 62.01
C ASP G 579 -43.77 -34.37 62.76
N GLY G 580 -44.24 -33.22 62.23
CA GLY G 580 -44.16 -31.94 62.88
C GLY G 580 -42.76 -31.33 62.87
N LYS G 581 -41.96 -31.55 61.83
CA LYS G 581 -40.55 -31.19 61.79
C LYS G 581 -40.33 -30.28 60.59
N ALA G 582 -40.68 -29.00 60.77
CA ALA G 582 -40.75 -28.00 59.72
C ALA G 582 -39.38 -27.72 59.12
N GLU G 583 -38.34 -27.70 59.98
CA GLU G 583 -36.97 -27.50 59.57
C GLU G 583 -36.51 -28.64 58.66
N MET G 584 -36.81 -29.89 59.02
CA MET G 584 -36.35 -31.03 58.24
C MET G 584 -37.17 -31.11 56.92
N ALA G 585 -38.46 -30.79 56.97
CA ALA G 585 -39.30 -30.68 55.79
C ALA G 585 -38.75 -29.67 54.80
N ALA G 586 -38.30 -28.49 55.30
CA ALA G 586 -37.78 -27.45 54.43
C ALA G 586 -36.57 -27.90 53.61
N GLN G 587 -35.74 -28.83 54.14
CA GLN G 587 -34.57 -29.30 53.39
C GLN G 587 -35.00 -30.05 52.12
N PHE G 588 -36.25 -30.57 52.07
CA PHE G 588 -36.77 -31.31 50.92
C PHE G 588 -37.67 -30.48 50.01
N GLU G 589 -37.68 -29.17 50.21
CA GLU G 589 -38.30 -28.28 49.25
C GLU G 589 -37.50 -28.22 47.94
N GLY G 590 -38.22 -27.76 46.92
CA GLY G 590 -37.58 -27.46 45.63
C GLY G 590 -37.66 -28.59 44.66
N PHE G 591 -38.60 -29.56 44.83
CA PHE G 591 -38.76 -30.63 43.85
C PHE G 591 -40.18 -30.67 43.31
N ASP G 592 -40.80 -29.50 43.13
CA ASP G 592 -42.11 -29.42 42.53
C ASP G 592 -42.00 -29.57 41.02
N TRP G 593 -41.66 -30.76 40.54
CA TRP G 593 -41.32 -30.99 39.14
C TRP G 593 -42.31 -31.94 38.50
N LYS G 594 -42.88 -31.52 37.38
CA LYS G 594 -43.86 -32.32 36.66
C LYS G 594 -43.18 -32.94 35.44
N THR G 595 -42.15 -32.30 34.83
CA THR G 595 -41.42 -32.88 33.69
C THR G 595 -39.94 -32.61 33.85
N GLU G 596 -39.16 -33.32 33.05
CA GLU G 596 -37.70 -33.27 33.13
C GLU G 596 -37.22 -31.82 32.88
N GLU G 597 -37.88 -31.10 31.97
CA GLU G 597 -37.57 -29.72 31.70
C GLU G 597 -37.50 -28.85 32.98
N ASP G 598 -38.33 -29.15 33.95
CA ASP G 598 -38.35 -28.39 35.21
C ASP G 598 -37.00 -28.52 35.95
N ALA G 599 -36.35 -29.71 35.90
CA ALA G 599 -35.03 -30.00 36.44
C ALA G 599 -33.91 -29.24 35.70
N PHE G 600 -34.06 -29.12 34.38
CA PHE G 600 -33.20 -28.30 33.53
C PHE G 600 -33.27 -26.84 33.93
N ASN G 601 -34.49 -26.30 34.13
CA ASN G 601 -34.68 -24.93 34.57
C ASN G 601 -34.15 -24.71 35.99
N ASP G 602 -34.33 -25.68 36.87
CA ASP G 602 -33.95 -25.52 38.26
C ASP G 602 -32.42 -25.59 38.47
N GLY G 603 -31.67 -26.31 37.60
CA GLY G 603 -30.26 -26.63 37.78
C GLY G 603 -29.39 -25.85 36.79
N PHE G 604 -29.30 -26.42 35.59
CA PHE G 604 -28.45 -25.88 34.54
C PHE G 604 -28.78 -24.39 34.34
N ARG G 605 -30.06 -24.03 34.31
CA ARG G 605 -30.42 -22.68 33.92
C ARG G 605 -30.37 -21.70 35.09
N ARG G 606 -30.13 -22.19 36.29
CA ARG G 606 -29.98 -21.31 37.44
C ARG G 606 -28.52 -21.05 37.79
N ALA G 607 -27.57 -21.86 37.28
CA ALA G 607 -26.17 -21.75 37.67
C ALA G 607 -25.66 -20.32 37.56
N GLY G 608 -25.18 -19.81 38.71
CA GLY G 608 -24.52 -18.52 38.74
C GLY G 608 -25.47 -17.35 38.59
N GLN G 609 -26.79 -17.56 38.72
CA GLN G 609 -27.76 -16.51 38.57
C GLN G 609 -27.98 -15.90 39.94
N PRO G 610 -28.58 -14.67 40.02
CA PRO G 610 -28.89 -14.01 41.30
C PRO G 610 -29.92 -14.75 42.16
N GLY G 611 -29.60 -14.96 43.45
CA GLY G 611 -30.48 -15.70 44.34
C GLY G 611 -30.37 -17.20 44.18
N ALA G 612 -29.42 -17.70 43.34
CA ALA G 612 -29.24 -19.13 43.17
C ALA G 612 -28.33 -19.64 44.28
N PRO G 613 -28.47 -20.91 44.74
CA PRO G 613 -27.48 -21.51 45.63
C PRO G 613 -26.26 -21.92 44.79
N ALA G 614 -25.19 -22.32 45.48
CA ALA G 614 -23.98 -22.78 44.82
C ALA G 614 -24.29 -23.97 43.88
N ILE G 615 -24.01 -23.82 42.58
CA ILE G 615 -24.28 -24.85 41.60
C ILE G 615 -23.03 -25.04 40.77
N ASP G 616 -22.53 -26.30 40.65
CA ASP G 616 -21.40 -26.60 39.77
C ASP G 616 -21.99 -27.18 38.50
N SER G 617 -21.81 -26.47 37.39
CA SER G 617 -22.42 -26.79 36.10
C SER G 617 -21.39 -26.64 34.99
N GLN G 618 -21.31 -27.65 34.11
CA GLN G 618 -20.61 -27.59 32.82
C GLN G 618 -21.19 -26.55 31.86
N GLY G 619 -22.40 -26.05 32.11
CA GLY G 619 -22.93 -24.95 31.31
C GLY G 619 -22.40 -23.60 31.73
N GLY G 620 -21.90 -23.49 32.98
CA GLY G 620 -21.41 -22.24 33.51
C GLY G 620 -22.55 -21.30 33.83
N SER G 621 -22.18 -20.02 33.95
CA SER G 621 -23.12 -19.03 34.38
C SER G 621 -23.97 -18.53 33.21
N THR G 622 -23.67 -18.93 31.96
CA THR G 622 -24.50 -18.56 30.80
C THR G 622 -25.42 -19.70 30.42
N GLY G 623 -25.53 -20.75 31.27
CA GLY G 623 -26.47 -21.84 31.11
C GLY G 623 -27.93 -21.40 30.88
N HIS G 624 -28.32 -20.29 31.53
CA HIS G 624 -29.68 -19.78 31.41
C HIS G 624 -30.03 -19.41 29.95
N LEU G 625 -29.03 -19.18 29.08
CA LEU G 625 -29.31 -18.82 27.70
C LEU G 625 -29.80 -20.01 26.91
N VAL G 626 -29.48 -21.22 27.38
CA VAL G 626 -29.95 -22.44 26.73
C VAL G 626 -31.37 -22.73 27.25
N THR G 627 -32.30 -22.96 26.30
CA THR G 627 -33.62 -23.50 26.60
C THR G 627 -33.80 -24.72 25.70
N TYR G 628 -34.79 -25.58 26.06
CA TYR G 628 -35.15 -26.70 25.20
C TYR G 628 -35.53 -26.21 23.80
N ASP G 629 -36.31 -25.12 23.70
N ASP G 629 -36.30 -25.11 23.69
CA ASP G 629 -36.77 -24.63 22.42
CA ASP G 629 -36.79 -24.67 22.38
C ASP G 629 -35.60 -24.15 21.56
C ASP G 629 -35.64 -24.09 21.55
N ARG G 630 -34.61 -23.54 22.20
CA ARG G 630 -33.44 -23.02 21.49
C ARG G 630 -32.57 -24.19 21.01
N LEU G 631 -32.46 -25.26 21.79
CA LEU G 631 -31.71 -26.45 21.38
C LEU G 631 -32.36 -27.13 20.20
N ARG G 632 -33.67 -27.28 20.29
CA ARG G 632 -34.46 -27.77 19.16
C ARG G 632 -34.09 -27.00 17.89
N LYS G 633 -34.12 -25.66 17.91
CA LYS G 633 -33.80 -24.87 16.73
C LYS G 633 -32.36 -25.15 16.26
N SER G 634 -31.41 -25.36 17.20
CA SER G 634 -30.03 -25.65 16.84
C SER G 634 -29.87 -26.99 16.11
N GLY G 635 -30.77 -27.99 16.34
CA GLY G 635 -30.58 -29.32 15.75
C GLY G 635 -29.54 -30.13 16.48
N ASN G 636 -29.08 -31.22 15.82
CA ASN G 636 -28.04 -32.07 16.35
C ASN G 636 -26.67 -31.36 16.42
N ASN G 637 -26.53 -30.18 15.78
CA ASN G 637 -25.31 -29.40 15.92
C ASN G 637 -25.23 -28.67 17.26
N GLY G 638 -26.36 -28.38 17.91
CA GLY G 638 -26.37 -27.76 19.22
C GLY G 638 -25.48 -26.49 19.25
N VAL G 639 -24.77 -26.38 20.38
CA VAL G 639 -23.87 -25.30 20.64
C VAL G 639 -22.74 -25.88 21.51
N GLN G 640 -21.51 -25.45 21.19
CA GLN G 640 -20.39 -25.74 22.09
C GLN G 640 -20.44 -24.84 23.31
N LEU G 641 -20.41 -25.44 24.49
CA LEU G 641 -20.40 -24.68 25.75
C LEU G 641 -19.01 -24.12 26.07
N PRO G 642 -18.84 -23.02 26.82
CA PRO G 642 -19.94 -22.16 27.26
C PRO G 642 -20.54 -21.32 26.15
N VAL G 643 -21.86 -21.01 26.31
CA VAL G 643 -22.58 -20.14 25.43
C VAL G 643 -22.01 -18.75 25.70
N VAL G 644 -21.80 -17.98 24.65
CA VAL G 644 -21.32 -16.61 24.74
C VAL G 644 -22.44 -15.61 24.52
N SER G 645 -23.30 -15.90 23.56
CA SER G 645 -24.40 -15.00 23.26
C SER G 645 -25.61 -15.79 22.75
N TRP G 646 -26.76 -15.10 22.80
CA TRP G 646 -28.00 -15.52 22.18
C TRP G 646 -28.78 -14.31 21.72
N ASP G 647 -29.36 -14.41 20.52
CA ASP G 647 -30.54 -13.66 20.17
C ASP G 647 -31.35 -14.44 19.14
N GLU G 648 -32.55 -13.95 18.80
CA GLU G 648 -33.47 -14.67 17.93
C GLU G 648 -32.87 -14.89 16.54
N SER G 649 -32.14 -13.90 16.03
CA SER G 649 -31.65 -13.89 14.66
C SER G 649 -30.37 -14.72 14.51
N LYS G 650 -29.51 -14.78 15.57
CA LYS G 650 -28.23 -15.51 15.56
C LYS G 650 -28.29 -16.91 16.14
N GLY G 651 -29.21 -17.15 17.07
CA GLY G 651 -29.18 -18.43 17.78
C GLY G 651 -28.14 -18.37 18.91
N LEU G 652 -27.89 -19.53 19.47
CA LEU G 652 -26.86 -19.77 20.43
C LEU G 652 -25.49 -19.69 19.75
N VAL G 653 -24.62 -18.79 20.25
CA VAL G 653 -23.21 -18.74 19.90
C VAL G 653 -22.36 -19.21 21.09
N GLY G 654 -21.47 -20.20 20.87
CA GLY G 654 -20.67 -20.78 21.92
C GLY G 654 -19.16 -20.69 21.65
N THR G 655 -18.39 -21.64 22.18
CA THR G 655 -16.95 -21.51 22.37
C THR G 655 -16.28 -22.72 21.75
N GLU G 656 -15.37 -22.49 20.80
CA GLU G 656 -14.75 -23.58 20.07
C GLU G 656 -13.63 -24.23 20.88
N MET G 657 -12.68 -23.40 21.34
CA MET G 657 -11.51 -23.91 22.03
C MET G 657 -11.32 -23.13 23.30
N LEU G 658 -10.90 -23.81 24.36
CA LEU G 658 -10.54 -23.12 25.59
C LEU G 658 -9.05 -22.71 25.59
N TYR G 659 -8.76 -21.59 26.24
CA TYR G 659 -7.44 -21.15 26.66
C TYR G 659 -6.70 -20.50 25.50
N THR G 660 -7.38 -19.98 24.49
CA THR G 660 -6.71 -19.44 23.30
C THR G 660 -6.10 -18.05 23.60
N GLU G 661 -6.33 -17.43 24.73
CA GLU G 661 -5.65 -16.21 25.09
C GLU G 661 -4.65 -16.48 26.19
N GLY G 662 -4.44 -17.74 26.57
CA GLY G 662 -3.47 -18.02 27.61
C GLY G 662 -3.92 -17.69 29.03
N LYS G 663 -5.22 -17.57 29.28
CA LYS G 663 -5.75 -17.38 30.61
C LYS G 663 -6.30 -18.73 31.05
N PHE G 664 -5.71 -19.32 32.09
CA PHE G 664 -6.04 -20.64 32.59
C PHE G 664 -6.95 -20.52 33.82
N ASP G 665 -7.54 -21.65 34.25
CA ASP G 665 -8.43 -21.70 35.39
C ASP G 665 -7.67 -21.93 36.69
N THR G 666 -6.91 -20.93 37.11
CA THR G 666 -6.19 -20.92 38.38
C THR G 666 -6.34 -19.51 38.94
N ASP G 667 -5.83 -19.32 40.16
CA ASP G 667 -5.90 -18.07 40.88
C ASP G 667 -5.26 -16.94 40.08
N ASP G 668 -4.13 -17.23 39.38
CA ASP G 668 -3.33 -16.19 38.76
C ASP G 668 -3.55 -16.16 37.25
N GLY G 669 -4.38 -17.03 36.68
CA GLY G 669 -4.58 -17.06 35.23
C GLY G 669 -3.45 -17.82 34.50
N LYS G 670 -2.46 -18.39 35.22
CA LYS G 670 -1.36 -19.08 34.57
C LYS G 670 -1.54 -20.57 34.70
N ALA G 671 -0.99 -21.34 33.74
CA ALA G 671 -0.98 -22.79 33.85
C ALA G 671 0.14 -23.14 34.80
N HIS G 672 -0.05 -24.17 35.63
CA HIS G 672 0.87 -24.51 36.70
C HIS G 672 1.49 -25.87 36.43
N PHE G 673 2.84 -25.92 36.29
CA PHE G 673 3.56 -27.18 36.21
C PHE G 673 3.53 -27.85 37.57
N LYS G 674 3.61 -29.18 37.57
CA LYS G 674 3.60 -29.95 38.78
C LYS G 674 4.73 -30.98 38.77
N PRO G 675 5.29 -31.34 39.95
CA PRO G 675 6.28 -32.43 40.02
C PRO G 675 5.61 -33.75 39.72
N ALA G 676 6.31 -34.69 39.10
CA ALA G 676 5.78 -36.00 38.73
C ALA G 676 6.79 -37.07 39.12
N PRO G 677 6.86 -37.54 40.38
CA PRO G 677 7.87 -38.55 40.72
C PRO G 677 7.55 -39.90 40.10
N TRP G 678 8.58 -40.62 39.69
CA TRP G 678 8.48 -42.01 39.33
C TRP G 678 8.74 -42.84 40.56
N ASN G 679 7.74 -43.60 41.03
CA ASN G 679 7.87 -44.44 42.20
C ASN G 679 7.63 -45.92 41.91
N GLY G 680 7.67 -46.32 40.60
CA GLY G 680 7.33 -47.68 40.26
C GLY G 680 5.81 -47.94 40.37
N LEU G 681 5.48 -49.22 40.29
CA LEU G 681 4.13 -49.71 40.51
C LEU G 681 3.81 -49.62 42.00
N PRO G 682 2.52 -49.51 42.39
CA PRO G 682 2.14 -49.58 43.80
C PRO G 682 2.49 -50.94 44.39
N ALA G 683 2.95 -50.95 45.66
CA ALA G 683 3.38 -52.18 46.30
C ALA G 683 2.34 -53.30 46.20
N THR G 684 1.07 -52.99 46.40
CA THR G 684 0.04 -54.02 46.33
C THR G 684 -0.03 -54.62 44.93
N VAL G 685 0.15 -53.81 43.88
CA VAL G 685 0.15 -54.30 42.50
C VAL G 685 1.44 -55.07 42.23
N GLN G 686 2.56 -54.54 42.69
CA GLN G 686 3.85 -55.21 42.53
C GLN G 686 3.84 -56.61 43.17
N GLN G 687 3.22 -56.73 44.33
CA GLN G 687 3.06 -58.01 45.02
C GLN G 687 2.32 -59.04 44.16
N GLN G 688 1.24 -58.58 43.46
CA GLN G 688 0.55 -59.45 42.51
C GLN G 688 1.51 -59.88 41.38
N LYS G 689 2.18 -58.89 40.77
CA LYS G 689 3.16 -59.12 39.72
C LYS G 689 4.27 -60.09 40.11
N ASP G 690 4.73 -60.02 41.38
CA ASP G 690 5.78 -60.89 41.88
C ASP G 690 5.28 -62.32 42.07
N LYS G 691 4.01 -62.51 42.41
CA LYS G 691 3.46 -63.82 42.75
C LYS G 691 2.92 -64.55 41.50
N TYR G 692 2.48 -63.82 40.48
CA TYR G 692 1.63 -64.40 39.45
C TYR G 692 2.16 -64.01 38.07
N ARG G 693 1.70 -64.75 37.03
CA ARG G 693 2.38 -64.84 35.74
C ARG G 693 1.94 -63.70 34.81
N PHE G 694 0.65 -63.37 34.72
CA PHE G 694 0.14 -62.61 33.59
C PHE G 694 -0.30 -61.21 34.03
N TRP G 695 0.01 -60.19 33.24
CA TRP G 695 -0.61 -58.89 33.37
C TRP G 695 -2.05 -58.92 32.86
N LEU G 696 -3.00 -58.52 33.74
CA LEU G 696 -4.43 -58.68 33.45
C LEU G 696 -5.01 -57.33 33.02
N ASN G 697 -4.54 -56.92 31.83
CA ASN G 697 -5.08 -55.75 31.16
C ASN G 697 -6.55 -55.99 30.90
N ASN G 698 -7.30 -54.90 30.70
CA ASN G 698 -8.75 -54.97 30.65
C ASN G 698 -9.32 -53.69 30.06
N GLY G 699 -10.53 -53.79 29.50
CA GLY G 699 -11.20 -52.65 28.92
C GLY G 699 -12.22 -53.04 27.85
N ARG G 700 -12.34 -52.18 26.85
CA ARG G 700 -13.47 -52.19 25.93
C ARG G 700 -13.31 -53.12 24.73
N ASN G 701 -14.47 -53.62 24.28
CA ASN G 701 -14.68 -54.17 22.97
C ASN G 701 -15.57 -53.20 22.21
N ASN G 702 -15.26 -53.02 20.92
CA ASN G 702 -16.08 -52.22 20.00
C ASN G 702 -17.57 -52.51 20.06
N GLU G 703 -17.94 -53.77 19.99
CA GLU G 703 -19.36 -54.14 19.81
C GLU G 703 -20.13 -54.03 21.12
N VAL G 704 -19.46 -54.31 22.28
CA VAL G 704 -20.13 -54.41 23.58
C VAL G 704 -20.11 -53.04 24.28
N TRP G 705 -21.29 -52.60 24.76
CA TRP G 705 -21.46 -51.38 25.53
C TRP G 705 -21.48 -51.74 27.01
N GLN G 706 -20.41 -51.38 27.72
CA GLN G 706 -20.44 -51.24 29.18
C GLN G 706 -20.77 -52.57 29.83
N THR G 707 -21.72 -52.63 30.79
CA THR G 707 -22.10 -53.87 31.48
C THR G 707 -23.08 -54.73 30.70
N ALA G 708 -23.29 -54.39 29.41
CA ALA G 708 -24.05 -55.18 28.46
C ALA G 708 -25.51 -55.35 28.95
N TYR G 709 -26.05 -54.26 29.52
CA TYR G 709 -27.36 -54.23 30.09
C TYR G 709 -28.39 -54.41 28.98
N HIS G 710 -28.26 -53.72 27.85
CA HIS G 710 -29.00 -54.09 26.64
C HIS G 710 -28.46 -55.36 25.95
N ASP G 711 -27.13 -55.43 25.79
CA ASP G 711 -26.52 -56.40 24.88
C ASP G 711 -26.78 -57.85 25.33
N GLN G 712 -26.89 -58.06 26.63
CA GLN G 712 -27.24 -59.36 27.17
C GLN G 712 -28.54 -59.97 26.62
N TYR G 713 -29.45 -59.15 26.15
CA TYR G 713 -30.73 -59.57 25.58
C TYR G 713 -30.70 -59.69 24.07
N ASN G 714 -29.59 -59.36 23.43
CA ASN G 714 -29.48 -59.27 21.98
C ASN G 714 -28.87 -60.60 21.48
N SER G 715 -29.61 -61.35 20.65
CA SER G 715 -29.19 -62.69 20.23
C SER G 715 -27.88 -62.64 19.44
N LEU G 716 -27.67 -61.60 18.61
CA LEU G 716 -26.44 -61.45 17.83
C LEU G 716 -25.27 -61.22 18.78
N MET G 717 -25.40 -60.33 19.72
CA MET G 717 -24.33 -60.05 20.68
C MET G 717 -23.97 -61.26 21.49
N GLN G 718 -24.97 -62.01 21.94
CA GLN G 718 -24.75 -63.18 22.76
C GLN G 718 -24.11 -64.34 21.97
N GLU G 719 -24.47 -64.46 20.67
CA GLU G 719 -23.82 -65.45 19.82
C GLU G 719 -22.32 -65.09 19.61
N ARG G 720 -22.03 -63.77 19.41
CA ARG G 720 -20.69 -63.32 19.15
C ARG G 720 -19.78 -63.42 20.41
N TYR G 721 -20.31 -62.98 21.57
CA TYR G 721 -19.59 -62.87 22.86
C TYR G 721 -20.44 -63.51 23.96
N PRO G 722 -20.67 -64.85 23.91
CA PRO G 722 -21.51 -65.50 24.91
C PRO G 722 -20.86 -65.38 26.28
N MET G 723 -19.51 -65.21 26.30
CA MET G 723 -18.77 -65.07 27.55
C MET G 723 -17.74 -63.97 27.36
N ALA G 724 -17.32 -63.36 28.48
CA ALA G 724 -16.19 -62.46 28.49
C ALA G 724 -14.97 -63.22 27.97
N TYR G 725 -14.23 -62.56 27.08
CA TYR G 725 -13.04 -63.17 26.48
C TYR G 725 -11.77 -62.56 27.08
N ILE G 726 -10.68 -63.34 26.97
CA ILE G 726 -9.36 -62.90 27.39
C ILE G 726 -8.39 -63.16 26.21
N GLU G 727 -7.93 -62.08 25.62
CA GLU G 727 -6.88 -62.11 24.58
C GLU G 727 -5.62 -62.65 25.22
N MET G 728 -5.06 -63.74 24.64
CA MET G 728 -3.83 -64.32 25.13
C MET G 728 -2.86 -64.53 23.96
N ASN G 729 -1.58 -64.43 24.31
CA ASN G 729 -0.51 -64.75 23.36
C ASN G 729 -0.59 -66.23 22.95
N PRO G 730 -0.55 -66.60 21.64
CA PRO G 730 -0.60 -67.99 21.22
C PRO G 730 0.42 -68.95 21.81
N ASP G 731 1.61 -68.44 22.10
CA ASP G 731 2.65 -69.26 22.72
C ASP G 731 2.31 -69.55 24.18
N ASP G 732 1.76 -68.55 24.88
CA ASP G 732 1.24 -68.74 26.23
C ASP G 732 0.12 -69.78 26.25
N CYS G 733 -0.76 -69.71 25.23
CA CYS G 733 -1.86 -70.62 24.99
C CYS G 733 -1.36 -72.05 24.88
N LYS G 734 -0.35 -72.28 24.03
CA LYS G 734 0.18 -73.61 23.84
C LYS G 734 0.74 -74.14 25.15
N GLN G 735 1.43 -73.30 25.91
CA GLN G 735 1.98 -73.72 27.19
C GLN G 735 0.89 -74.11 28.19
N LEU G 736 -0.26 -73.40 28.19
CA LEU G 736 -1.41 -73.80 29.01
C LEU G 736 -2.36 -74.82 28.34
N ASP G 737 -2.06 -75.32 27.13
CA ASP G 737 -2.91 -76.23 26.39
C ASP G 737 -4.31 -75.65 26.24
N VAL G 738 -4.40 -74.38 25.86
CA VAL G 738 -5.68 -73.77 25.58
C VAL G 738 -5.67 -73.24 24.13
N THR G 739 -6.89 -73.05 23.62
CA THR G 739 -7.12 -72.41 22.33
C THR G 739 -8.48 -71.70 22.35
N GLY G 740 -8.91 -71.21 21.17
CA GLY G 740 -10.11 -70.39 21.06
C GLY G 740 -11.32 -71.15 21.60
N GLY G 741 -12.08 -70.54 22.55
CA GLY G 741 -13.30 -71.14 23.05
C GLY G 741 -13.10 -72.14 24.19
N ASP G 742 -11.86 -72.24 24.72
CA ASP G 742 -11.65 -72.88 26.00
C ASP G 742 -12.04 -71.89 27.07
N ILE G 743 -12.41 -72.41 28.23
CA ILE G 743 -12.71 -71.55 29.36
C ILE G 743 -11.52 -71.66 30.31
N VAL G 744 -11.17 -70.51 30.89
CA VAL G 744 -10.11 -70.45 31.91
C VAL G 744 -10.66 -69.73 33.13
N GLU G 745 -10.13 -70.12 34.29
CA GLU G 745 -10.15 -69.30 35.49
C GLU G 745 -8.95 -68.33 35.48
N VAL G 746 -9.19 -67.05 35.79
CA VAL G 746 -8.21 -66.00 36.00
C VAL G 746 -8.25 -65.64 37.47
N TYR G 747 -7.09 -65.66 38.15
CA TYR G 747 -7.17 -65.52 39.62
C TYR G 747 -5.92 -64.97 40.22
N ASN G 748 -6.09 -64.37 41.40
CA ASN G 748 -4.98 -63.83 42.18
C ASN G 748 -5.41 -63.79 43.64
N ASP G 749 -4.67 -63.00 44.48
CA ASP G 749 -5.05 -62.83 45.89
C ASP G 749 -6.42 -62.13 46.03
N PHE G 750 -6.80 -61.25 45.12
CA PHE G 750 -8.03 -60.46 45.22
C PHE G 750 -9.32 -61.21 44.82
N GLY G 751 -9.22 -62.14 43.86
CA GLY G 751 -10.41 -62.79 43.35
C GLY G 751 -10.11 -63.87 42.30
N SER G 752 -11.23 -64.52 41.90
CA SER G 752 -11.26 -65.55 40.86
C SER G 752 -12.41 -65.22 39.90
N THR G 753 -12.17 -65.29 38.59
CA THR G 753 -13.18 -65.06 37.58
C THR G 753 -12.85 -65.95 36.39
N PHE G 754 -13.62 -65.84 35.31
CA PHE G 754 -13.65 -66.84 34.27
C PHE G 754 -13.78 -66.11 32.97
N ALA G 755 -13.17 -66.70 31.92
CA ALA G 755 -13.20 -66.08 30.60
C ALA G 755 -12.99 -67.15 29.56
N MET G 756 -13.51 -66.90 28.34
CA MET G 756 -13.16 -67.72 27.22
C MET G 756 -11.86 -67.27 26.55
N VAL G 757 -11.06 -68.24 26.12
CA VAL G 757 -9.75 -67.97 25.56
C VAL G 757 -9.92 -67.41 24.13
N TYR G 758 -9.21 -66.31 23.85
CA TYR G 758 -9.21 -65.64 22.58
C TYR G 758 -7.74 -65.50 22.18
N PRO G 759 -7.13 -66.48 21.48
CA PRO G 759 -5.74 -66.31 21.05
C PRO G 759 -5.58 -65.10 20.12
N VAL G 760 -4.59 -64.24 20.40
CA VAL G 760 -4.35 -62.99 19.69
C VAL G 760 -2.82 -62.84 19.52
N ALA G 761 -2.38 -62.94 18.27
CA ALA G 761 -0.94 -62.91 17.95
C ALA G 761 -0.27 -61.62 18.43
N GLU G 762 -1.02 -60.51 18.53
CA GLU G 762 -0.47 -59.22 18.83
C GLU G 762 -0.25 -59.05 20.32
N ILE G 763 -0.74 -59.98 21.15
CA ILE G 763 -0.54 -59.93 22.57
C ILE G 763 0.86 -60.40 22.88
N LYS G 764 1.49 -59.68 23.81
CA LYS G 764 2.84 -60.00 24.21
C LYS G 764 2.77 -61.13 25.23
N ARG G 765 3.86 -61.89 25.25
CA ARG G 765 4.04 -62.99 26.21
C ARG G 765 3.99 -62.42 27.63
N GLY G 766 3.32 -63.14 28.56
CA GLY G 766 3.06 -62.68 29.90
C GLY G 766 2.05 -61.56 30.01
N GLN G 767 1.37 -61.17 28.91
CA GLN G 767 0.32 -60.18 28.93
C GLN G 767 -0.97 -60.80 28.36
N THR G 768 -2.11 -60.24 28.80
CA THR G 768 -3.47 -60.61 28.46
C THR G 768 -4.32 -59.37 28.38
N PHE G 769 -5.56 -59.54 27.85
CA PHE G 769 -6.52 -58.45 27.79
C PHE G 769 -7.90 -59.07 27.94
N MET G 770 -8.62 -58.69 29.01
CA MET G 770 -9.95 -59.26 29.27
C MET G 770 -11.02 -58.18 29.12
N LEU G 771 -12.10 -58.49 28.40
CA LEU G 771 -13.31 -57.65 28.40
C LEU G 771 -13.76 -57.35 29.83
N PHE G 772 -13.98 -56.07 30.10
CA PHE G 772 -14.33 -55.58 31.44
C PHE G 772 -15.86 -55.54 31.58
N GLY G 773 -16.28 -55.51 32.84
CA GLY G 773 -17.70 -55.17 33.14
C GLY G 773 -18.78 -56.19 32.70
N TYR G 774 -18.42 -57.42 32.31
CA TYR G 774 -19.36 -58.19 31.55
C TYR G 774 -20.31 -59.02 32.43
N VAL G 775 -21.41 -59.45 31.77
CA VAL G 775 -22.45 -60.27 32.38
C VAL G 775 -22.07 -61.72 32.59
N ASN G 776 -21.02 -62.21 31.94
CA ASN G 776 -20.60 -63.61 32.12
C ASN G 776 -19.08 -63.64 32.22
N GLY G 777 -18.56 -63.61 33.46
CA GLY G 777 -17.12 -63.52 33.68
C GLY G 777 -16.82 -62.04 33.93
N ILE G 778 -16.89 -61.65 35.21
CA ILE G 778 -16.69 -60.28 35.66
C ILE G 778 -15.16 -60.12 35.81
N GLN G 779 -14.58 -59.20 35.01
CA GLN G 779 -13.13 -58.96 35.08
C GLN G 779 -12.63 -58.39 36.43
N GLY G 780 -13.46 -57.49 37.02
CA GLY G 780 -13.04 -56.69 38.15
C GLY G 780 -12.74 -57.45 39.41
N ASP G 781 -13.13 -58.75 39.51
CA ASP G 781 -12.80 -59.61 40.62
C ASP G 781 -11.29 -59.65 40.90
N VAL G 782 -10.47 -59.40 39.86
CA VAL G 782 -9.04 -59.56 40.05
C VAL G 782 -8.34 -58.22 40.12
N THR G 783 -9.09 -57.09 40.03
CA THR G 783 -8.48 -55.80 40.26
C THR G 783 -8.26 -55.60 41.80
N THR G 784 -7.26 -54.83 42.13
CA THR G 784 -6.83 -54.62 43.52
C THR G 784 -7.66 -53.50 44.11
N ASP G 785 -7.46 -53.28 45.42
CA ASP G 785 -8.12 -52.19 46.14
C ASP G 785 -7.35 -50.88 46.00
N TRP G 786 -6.21 -50.88 45.31
CA TRP G 786 -5.33 -49.72 45.33
C TRP G 786 -5.90 -48.55 44.58
N THR G 787 -5.76 -47.35 45.18
CA THR G 787 -6.14 -46.12 44.51
C THR G 787 -5.08 -45.06 44.72
N ASP G 788 -5.12 -44.04 43.86
CA ASP G 788 -4.20 -42.90 44.03
C ASP G 788 -4.65 -42.01 45.21
N ARG G 789 -4.03 -40.84 45.36
CA ARG G 789 -4.28 -39.96 46.49
C ARG G 789 -5.74 -39.50 46.57
N ASN G 790 -6.46 -39.37 45.42
CA ASN G 790 -7.84 -38.94 45.37
C ASN G 790 -8.82 -40.12 45.21
N ILE G 791 -8.37 -41.35 45.50
CA ILE G 791 -9.16 -42.55 45.46
C ILE G 791 -9.63 -42.82 44.01
N ILE G 792 -8.67 -42.75 43.09
CA ILE G 792 -8.84 -43.20 41.73
C ILE G 792 -8.14 -44.55 41.60
N PRO G 793 -8.88 -45.61 41.21
CA PRO G 793 -8.29 -46.97 41.12
C PRO G 793 -7.35 -47.19 39.96
N TYR G 794 -6.35 -48.04 40.20
CA TYR G 794 -5.51 -48.50 39.10
C TYR G 794 -6.14 -49.80 38.52
N TYR G 795 -7.30 -49.62 37.87
CA TYR G 795 -8.02 -50.73 37.27
C TYR G 795 -7.18 -51.49 36.24
N LYS G 796 -6.29 -50.81 35.51
CA LYS G 796 -5.45 -51.45 34.51
C LYS G 796 -4.19 -52.09 35.08
N GLY G 797 -4.06 -52.16 36.42
CA GLY G 797 -2.89 -52.60 37.14
C GLY G 797 -3.20 -53.77 38.04
N THR G 798 -3.03 -54.98 37.48
CA THR G 798 -3.15 -56.22 38.22
C THR G 798 -2.54 -57.37 37.43
N TRP G 799 -2.13 -58.39 38.16
CA TRP G 799 -1.49 -59.59 37.67
C TRP G 799 -2.20 -60.80 38.30
N GLY G 800 -2.20 -61.94 37.59
CA GLY G 800 -2.79 -63.18 38.10
C GLY G 800 -2.33 -64.35 37.24
N ASP G 801 -2.73 -65.57 37.71
CA ASP G 801 -2.49 -66.81 37.03
C ASP G 801 -3.77 -67.22 36.29
N ILE G 802 -3.60 -68.20 35.40
CA ILE G 802 -4.62 -68.66 34.47
C ILE G 802 -4.58 -70.18 34.54
N ARG G 803 -5.76 -70.78 34.72
CA ARG G 803 -5.92 -72.22 34.82
C ARG G 803 -7.02 -72.64 33.83
N LYS G 804 -6.75 -73.67 33.01
CA LYS G 804 -7.73 -74.20 32.11
C LYS G 804 -8.87 -74.90 32.87
N VAL G 805 -10.13 -74.50 32.61
CA VAL G 805 -11.30 -75.27 33.04
C VAL G 805 -11.61 -76.35 32.01
N GLY G 806 -11.82 -75.96 30.77
CA GLY G 806 -11.98 -77.01 29.76
C GLY G 806 -12.43 -76.39 28.47
N SER G 807 -12.70 -77.22 27.49
CA SER G 807 -13.13 -76.81 26.15
C SER G 807 -14.65 -76.65 26.05
N MET G 808 -15.14 -75.46 25.72
CA MET G 808 -16.57 -75.23 25.44
C MET G 808 -16.83 -75.45 23.94
N GLU G 809 -17.26 -76.64 23.58
CA GLU G 809 -17.42 -77.05 22.18
C GLU G 809 -18.37 -76.13 21.45
N GLU G 810 -19.44 -75.70 22.18
CA GLU G 810 -20.41 -74.78 21.61
C GLU G 810 -19.77 -73.44 21.21
N PHE G 811 -18.85 -72.94 22.03
CA PHE G 811 -18.16 -71.67 21.67
C PHE G 811 -17.37 -71.90 20.41
N LYS G 812 -16.75 -73.07 20.28
CA LYS G 812 -15.91 -73.37 19.13
C LYS G 812 -16.78 -73.46 17.88
N ARG G 813 -18.03 -73.91 17.99
CA ARG G 813 -18.93 -74.07 16.85
C ARG G 813 -19.49 -72.74 16.36
N THR G 814 -19.65 -71.73 17.27
CA THR G 814 -20.49 -70.58 16.97
C THR G 814 -19.76 -69.23 17.07
N VAL G 815 -18.61 -69.15 17.80
CA VAL G 815 -17.90 -67.91 18.01
C VAL G 815 -16.67 -67.84 17.09
N SER G 816 -16.48 -66.70 16.41
CA SER G 816 -15.26 -66.37 15.67
C SER G 816 -14.14 -66.03 16.65
N PHE G 817 -12.99 -66.71 16.52
CA PHE G 817 -11.77 -66.36 17.24
C PHE G 817 -10.77 -65.75 16.24
N LYS G 818 -11.25 -65.19 15.13
CA LYS G 818 -10.38 -64.62 14.13
C LYS G 818 -9.98 -63.21 14.59
N SER G 819 -9.04 -62.62 13.86
CA SER G 819 -8.32 -61.46 14.37
C SER G 819 -9.22 -60.24 14.29
N ARG G 820 -9.19 -59.43 15.37
CA ARG G 820 -9.92 -58.17 15.38
C ARG G 820 -9.05 -56.98 14.98
N ARG G 821 -7.80 -57.24 14.55
CA ARG G 821 -6.86 -56.17 14.10
C ARG G 821 -6.80 -56.19 12.58
N PHE G 822 -7.47 -55.24 11.96
CA PHE G 822 -7.64 -55.24 10.52
C PHE G 822 -6.28 -55.01 9.83
N ALA G 823 -6.01 -55.78 8.77
CA ALA G 823 -4.93 -55.45 7.86
C ALA G 823 -5.34 -55.83 6.45
N ALA H 1 -53.00 -62.49 -4.15
CA ALA H 1 -51.69 -62.52 -3.45
C ALA H 1 -51.75 -61.57 -2.26
N GLY H 2 -51.97 -62.12 -1.04
CA GLY H 2 -51.51 -61.50 0.21
C GLY H 2 -50.10 -61.97 0.66
N ARG H 3 -49.24 -62.24 -0.33
CA ARG H 3 -47.97 -62.95 -0.22
C ARG H 3 -47.05 -62.34 0.82
N THR H 4 -46.42 -63.19 1.63
CA THR H 4 -45.51 -62.76 2.70
C THR H 4 -44.04 -62.90 2.33
N THR H 5 -43.70 -63.62 1.25
CA THR H 5 -42.30 -63.87 0.87
C THR H 5 -42.01 -63.02 -0.37
N LEU H 6 -40.71 -62.69 -0.54
CA LEU H 6 -40.22 -62.04 -1.73
C LEU H 6 -40.12 -63.06 -2.85
N GLN H 7 -40.21 -62.56 -4.09
CA GLN H 7 -40.12 -63.43 -5.26
C GLN H 7 -38.65 -63.55 -5.70
N TYR H 8 -37.86 -64.35 -5.04
CA TYR H 8 -36.48 -64.60 -5.44
C TYR H 8 -36.39 -65.33 -6.77
N PRO H 9 -35.48 -64.93 -7.70
CA PRO H 9 -35.17 -65.74 -8.88
C PRO H 9 -34.37 -66.99 -8.47
N ALA H 10 -34.36 -67.98 -9.35
CA ALA H 10 -33.46 -69.12 -9.22
C ALA H 10 -32.33 -68.91 -10.23
N THR H 11 -31.11 -68.73 -9.75
CA THR H 11 -29.99 -68.39 -10.65
C THR H 11 -28.91 -69.45 -10.52
N GLN H 12 -28.64 -70.17 -11.58
CA GLN H 12 -27.45 -71.01 -11.65
C GLN H 12 -26.14 -70.25 -11.38
N VAL H 13 -25.31 -70.79 -10.47
CA VAL H 13 -23.99 -70.24 -10.18
C VAL H 13 -22.91 -71.03 -10.96
N SER H 14 -22.84 -72.34 -10.68
CA SER H 14 -21.98 -73.25 -11.38
C SER H 14 -22.31 -74.66 -10.89
N VAL H 15 -21.55 -75.65 -11.32
CA VAL H 15 -21.53 -76.94 -10.68
C VAL H 15 -20.47 -76.90 -9.56
N ALA H 16 -20.76 -77.63 -8.47
CA ALA H 16 -19.94 -77.65 -7.25
C ALA H 16 -18.53 -78.10 -7.54
N LYS H 17 -18.38 -79.14 -8.40
CA LYS H 17 -17.08 -79.70 -8.59
C LYS H 17 -16.14 -78.77 -9.38
N ASN H 18 -16.60 -77.67 -9.95
CA ASN H 18 -15.71 -76.72 -10.58
C ASN H 18 -15.09 -75.82 -9.52
N LEU H 19 -15.60 -75.77 -8.29
CA LEU H 19 -15.09 -74.83 -7.30
C LEU H 19 -13.83 -75.43 -6.69
N LYS H 20 -12.75 -74.64 -6.65
CA LYS H 20 -11.50 -75.06 -6.01
C LYS H 20 -11.52 -74.55 -4.57
N ALA H 21 -10.92 -75.30 -3.63
CA ALA H 21 -10.82 -74.87 -2.23
C ALA H 21 -10.28 -73.44 -2.15
N ASN H 22 -11.02 -72.58 -1.47
CA ASN H 22 -10.61 -71.24 -1.07
C ASN H 22 -10.34 -70.31 -2.25
N GLU H 23 -11.00 -70.55 -3.40
CA GLU H 23 -10.90 -69.75 -4.62
C GLU H 23 -12.29 -69.19 -4.94
N PRO H 24 -12.57 -67.90 -4.57
CA PRO H 24 -13.92 -67.36 -4.62
C PRO H 24 -14.43 -67.22 -6.06
N VAL H 25 -15.72 -67.51 -6.27
CA VAL H 25 -16.40 -67.28 -7.53
C VAL H 25 -17.33 -66.10 -7.36
N SER H 26 -17.30 -65.16 -8.28
CA SER H 26 -18.15 -63.99 -8.27
C SER H 26 -19.36 -64.22 -9.16
N PHE H 27 -20.51 -63.69 -8.71
CA PHE H 27 -21.75 -63.74 -9.48
C PHE H 27 -22.63 -62.62 -8.92
N THR H 28 -23.74 -62.33 -9.61
CA THR H 28 -24.74 -61.39 -9.16
C THR H 28 -26.03 -62.15 -8.79
N TYR H 29 -26.65 -61.71 -7.68
CA TYR H 29 -27.92 -62.28 -7.19
C TYR H 29 -28.51 -61.35 -6.12
N PRO H 30 -29.81 -61.00 -6.15
CA PRO H 30 -30.79 -61.48 -7.14
C PRO H 30 -30.96 -60.68 -8.41
N ASP H 31 -30.05 -59.76 -8.67
CA ASP H 31 -30.02 -58.98 -9.89
C ASP H 31 -28.57 -58.49 -10.10
N THR H 32 -28.32 -57.84 -11.24
CA THR H 32 -26.94 -57.52 -11.62
C THR H 32 -26.35 -56.41 -10.75
N SER H 33 -27.12 -55.68 -9.93
CA SER H 33 -26.53 -54.70 -9.02
C SER H 33 -26.15 -55.28 -7.67
N SER H 34 -26.26 -56.60 -7.48
CA SER H 34 -26.02 -57.21 -6.18
C SER H 34 -24.85 -58.17 -6.33
N PRO H 35 -23.58 -57.74 -6.09
CA PRO H 35 -22.44 -58.66 -6.18
C PRO H 35 -22.40 -59.64 -5.01
N CYS H 36 -22.09 -60.90 -5.39
CA CYS H 36 -21.99 -62.03 -4.48
C CYS H 36 -20.72 -62.85 -4.77
N VAL H 37 -20.31 -63.63 -3.74
CA VAL H 37 -19.24 -64.59 -3.84
C VAL H 37 -19.76 -65.93 -3.31
N ALA H 38 -19.37 -67.03 -3.96
CA ALA H 38 -19.44 -68.38 -3.42
C ALA H 38 -18.02 -68.89 -3.28
N VAL H 39 -17.73 -69.56 -2.16
CA VAL H 39 -16.42 -70.16 -1.96
C VAL H 39 -16.58 -71.55 -1.33
N LYS H 40 -15.80 -72.50 -1.83
CA LYS H 40 -15.57 -73.77 -1.18
C LYS H 40 -14.52 -73.52 -0.08
N LEU H 41 -14.92 -73.68 1.17
CA LEU H 41 -14.02 -73.43 2.28
C LEU H 41 -12.99 -74.55 2.45
N GLY H 42 -13.32 -75.81 2.07
CA GLY H 42 -12.33 -76.89 2.14
C GLY H 42 -12.57 -77.78 3.35
N SER H 43 -13.42 -77.33 4.27
CA SER H 43 -13.72 -78.05 5.50
C SER H 43 -15.19 -77.80 5.85
N PRO H 44 -16.00 -78.81 6.25
CA PRO H 44 -17.43 -78.60 6.49
C PRO H 44 -17.74 -77.50 7.48
N VAL H 45 -18.75 -76.71 7.18
CA VAL H 45 -19.30 -75.74 8.12
C VAL H 45 -20.83 -75.87 8.22
N PRO H 46 -21.44 -75.48 9.35
CA PRO H 46 -22.89 -75.40 9.51
C PRO H 46 -23.55 -74.76 8.32
N GLY H 47 -24.41 -75.52 7.67
CA GLY H 47 -25.16 -75.03 6.52
C GLY H 47 -24.37 -74.89 5.21
N GLY H 48 -23.10 -75.37 5.18
CA GLY H 48 -22.40 -75.48 3.92
C GLY H 48 -23.05 -76.50 2.98
N VAL H 49 -23.04 -76.23 1.70
CA VAL H 49 -23.56 -77.15 0.71
C VAL H 49 -22.46 -77.80 -0.10
N GLY H 50 -22.91 -78.78 -0.89
CA GLY H 50 -22.07 -79.50 -1.82
C GLY H 50 -21.63 -80.82 -1.23
N PRO H 51 -20.80 -81.60 -2.01
CA PRO H 51 -20.28 -82.88 -1.54
C PRO H 51 -19.58 -82.82 -0.18
N ASN H 52 -18.90 -81.71 0.15
CA ASN H 52 -18.16 -81.71 1.42
C ASN H 52 -18.81 -80.72 2.41
N ASN H 53 -20.06 -80.33 2.12
CA ASN H 53 -20.83 -79.45 3.01
C ASN H 53 -20.05 -78.19 3.34
N ASP H 54 -19.35 -77.67 2.37
CA ASP H 54 -18.39 -76.66 2.71
C ASP H 54 -18.49 -75.44 1.82
N ILE H 55 -19.46 -75.40 0.90
CA ILE H 55 -19.59 -74.29 -0.02
C ILE H 55 -20.57 -73.31 0.63
N VAL H 56 -20.21 -72.03 0.64
CA VAL H 56 -21.03 -70.98 1.26
C VAL H 56 -21.03 -69.83 0.28
N ALA H 57 -22.04 -68.95 0.41
CA ALA H 57 -22.12 -67.81 -0.46
C ALA H 57 -22.72 -66.61 0.27
N TYR H 58 -22.31 -65.42 -0.16
CA TYR H 58 -22.64 -64.18 0.48
C TYR H 58 -22.83 -63.02 -0.50
N SER H 59 -23.68 -62.05 -0.10
CA SER H 59 -23.59 -60.68 -0.57
C SER H 59 -22.27 -60.10 -0.09
N VAL H 60 -21.58 -59.39 -0.99
CA VAL H 60 -20.31 -58.82 -0.60
C VAL H 60 -20.45 -57.35 -0.22
N LEU H 61 -21.67 -56.77 -0.32
CA LEU H 61 -21.81 -55.36 0.06
C LEU H 61 -21.81 -55.25 1.59
N CYS H 62 -20.93 -54.39 2.13
CA CYS H 62 -20.85 -54.23 3.57
C CYS H 62 -22.22 -53.77 4.09
N THR H 63 -22.72 -54.41 5.15
CA THR H 63 -24.01 -54.03 5.75
C THR H 63 -23.92 -52.77 6.60
N HIS H 64 -22.72 -52.18 6.75
CA HIS H 64 -22.56 -50.86 7.36
C HIS H 64 -23.01 -49.80 6.37
N MET H 65 -22.11 -49.41 5.44
CA MET H 65 -22.43 -48.40 4.47
C MET H 65 -22.18 -48.81 3.02
N GLY H 66 -22.07 -50.10 2.76
CA GLY H 66 -22.33 -50.56 1.43
C GLY H 66 -21.12 -50.69 0.53
N PHE H 67 -19.91 -50.53 1.07
CA PHE H 67 -18.76 -50.70 0.17
C PHE H 67 -18.63 -52.19 -0.21
N PRO H 68 -18.29 -52.55 -1.46
CA PRO H 68 -17.93 -53.94 -1.79
C PRO H 68 -16.77 -54.40 -0.89
N THR H 69 -16.96 -55.47 -0.14
CA THR H 69 -15.95 -56.07 0.69
C THR H 69 -15.04 -56.96 -0.19
N SER H 70 -13.86 -57.30 0.32
CA SER H 70 -13.00 -58.20 -0.43
C SER H 70 -12.79 -59.47 0.38
N TYR H 71 -12.85 -60.61 -0.31
CA TYR H 71 -12.59 -61.88 0.32
C TYR H 71 -11.07 -62.01 0.51
N ASP H 72 -10.63 -62.23 1.76
CA ASP H 72 -9.26 -62.55 2.06
C ASP H 72 -9.10 -64.06 2.21
N LYS H 73 -8.34 -64.67 1.31
CA LYS H 73 -8.21 -66.14 1.27
C LYS H 73 -7.41 -66.65 2.46
N SER H 74 -6.49 -65.87 3.03
CA SER H 74 -5.68 -66.33 4.15
C SER H 74 -6.52 -66.44 5.43
N SER H 75 -7.52 -65.56 5.64
CA SER H 75 -8.28 -65.57 6.87
C SER H 75 -9.68 -66.19 6.68
N LYS H 76 -10.14 -66.37 5.41
CA LYS H 76 -11.51 -66.67 5.02
C LYS H 76 -12.48 -65.69 5.65
N THR H 77 -12.24 -64.39 5.37
CA THR H 77 -13.10 -63.33 5.83
C THR H 77 -13.39 -62.37 4.69
N PHE H 78 -14.41 -61.50 4.91
CA PHE H 78 -14.67 -60.42 3.99
C PHE H 78 -14.35 -59.14 4.75
N LYS H 79 -13.56 -58.27 4.15
CA LYS H 79 -13.04 -57.07 4.83
C LYS H 79 -13.54 -55.88 4.07
N CYS H 80 -14.09 -54.92 4.81
CA CYS H 80 -14.59 -53.72 4.22
C CYS H 80 -13.54 -52.61 4.35
N PRO H 81 -13.17 -51.95 3.22
CA PRO H 81 -12.22 -50.83 3.31
C PRO H 81 -12.80 -49.52 3.88
N GLY H 82 -14.11 -49.46 4.16
CA GLY H 82 -14.76 -48.20 4.46
C GLY H 82 -14.48 -47.80 5.90
N HIS H 83 -14.98 -48.62 6.86
CA HIS H 83 -14.76 -48.39 8.29
C HIS H 83 -14.29 -49.67 8.95
N PHE H 84 -13.69 -50.59 8.16
CA PHE H 84 -12.82 -51.65 8.66
C PHE H 84 -13.63 -52.80 9.32
N THR H 85 -14.91 -52.93 8.99
CA THR H 85 -15.69 -54.10 9.38
C THR H 85 -15.14 -55.36 8.70
N GLU H 86 -15.14 -56.47 9.43
CA GLU H 86 -14.68 -57.76 8.92
C GLU H 86 -15.65 -58.86 9.36
N PHE H 87 -16.08 -59.68 8.38
CA PHE H 87 -17.05 -60.75 8.55
C PHE H 87 -16.38 -62.10 8.40
N ASP H 88 -16.88 -63.10 9.17
CA ASP H 88 -16.34 -64.44 9.14
C ASP H 88 -17.13 -65.29 8.13
N ALA H 89 -16.48 -65.80 7.07
CA ALA H 89 -17.15 -66.60 6.05
C ALA H 89 -17.45 -68.00 6.59
N GLU H 90 -16.78 -68.38 7.72
CA GLU H 90 -16.94 -69.68 8.31
C GLU H 90 -17.95 -69.64 9.47
N LYS H 91 -18.48 -68.46 9.84
CA LYS H 91 -19.47 -68.36 10.91
C LYS H 91 -20.71 -67.61 10.42
N ALA H 92 -21.11 -67.87 9.18
CA ALA H 92 -22.35 -67.36 8.61
C ALA H 92 -22.35 -65.85 8.61
N GLY H 93 -21.22 -65.23 8.23
CA GLY H 93 -21.20 -63.78 8.12
C GLY H 93 -21.13 -63.05 9.45
N GLN H 94 -20.84 -63.78 10.55
CA GLN H 94 -20.65 -63.12 11.84
C GLN H 94 -19.67 -61.94 11.72
N MET H 95 -20.00 -60.80 12.31
CA MET H 95 -19.08 -59.68 12.34
C MET H 95 -18.00 -59.97 13.40
N ILE H 96 -16.72 -60.02 12.97
CA ILE H 96 -15.60 -60.25 13.87
C ILE H 96 -15.35 -59.02 14.72
N CYS H 97 -15.38 -57.87 14.03
CA CYS H 97 -15.10 -56.52 14.53
C CYS H 97 -15.67 -55.59 13.47
N GLY H 98 -16.32 -54.49 13.86
CA GLY H 98 -16.78 -53.50 12.88
C GLY H 98 -17.98 -52.70 13.37
N GLN H 99 -18.50 -51.91 12.44
CA GLN H 99 -19.52 -50.94 12.73
C GLN H 99 -20.92 -51.33 12.23
N ALA H 100 -21.02 -52.46 11.55
CA ALA H 100 -22.29 -53.03 11.12
C ALA H 100 -23.12 -53.54 12.29
N THR H 101 -24.43 -53.53 12.02
CA THR H 101 -25.39 -54.08 12.97
C THR H 101 -26.08 -55.31 12.39
N GLU H 102 -25.59 -55.81 11.26
CA GLU H 102 -26.09 -57.04 10.65
C GLU H 102 -24.96 -57.86 10.09
N ASN H 103 -25.06 -59.19 10.23
CA ASN H 103 -24.13 -60.08 9.64
C ASN H 103 -24.20 -59.96 8.12
N LEU H 104 -23.13 -60.40 7.48
CA LEU H 104 -23.07 -60.36 6.02
C LEU H 104 -24.20 -61.26 5.51
N PRO H 105 -25.09 -60.79 4.60
CA PRO H 105 -26.20 -61.63 4.13
C PRO H 105 -25.71 -62.92 3.42
N ARG H 106 -26.32 -64.09 3.73
CA ARG H 106 -25.94 -65.33 3.12
C ARG H 106 -26.80 -65.51 1.86
N VAL H 107 -26.20 -65.87 0.72
CA VAL H 107 -26.92 -66.35 -0.45
C VAL H 107 -27.21 -67.86 -0.23
N LEU H 108 -28.48 -68.22 -0.18
CA LEU H 108 -28.95 -69.59 -0.02
C LEU H 108 -28.88 -70.32 -1.37
N LEU H 109 -28.12 -71.42 -1.36
CA LEU H 109 -27.82 -72.23 -2.51
C LEU H 109 -28.53 -73.57 -2.33
N ARG H 110 -29.24 -74.01 -3.39
CA ARG H 110 -29.61 -75.41 -3.49
C ARG H 110 -28.45 -76.15 -4.14
N TYR H 111 -28.13 -77.35 -3.62
CA TYR H 111 -27.16 -78.24 -4.23
C TYR H 111 -27.90 -79.49 -4.68
N ASP H 112 -27.90 -79.76 -6.00
CA ASP H 112 -28.55 -80.90 -6.64
C ASP H 112 -27.47 -81.93 -6.94
N GLU H 113 -27.52 -83.09 -6.27
CA GLU H 113 -26.55 -84.15 -6.45
C GLU H 113 -26.69 -84.70 -7.85
N ALA H 114 -27.91 -84.75 -8.38
CA ALA H 114 -28.17 -85.31 -9.70
C ALA H 114 -27.37 -84.66 -10.84
N SER H 115 -27.29 -83.34 -10.79
CA SER H 115 -26.69 -82.44 -11.78
C SER H 115 -25.35 -81.85 -11.34
N ASP H 116 -25.04 -81.94 -10.02
CA ASP H 116 -23.96 -81.22 -9.37
C ASP H 116 -24.14 -79.68 -9.34
N ALA H 117 -25.32 -79.16 -9.70
CA ALA H 117 -25.63 -77.74 -9.77
C ALA H 117 -25.74 -77.10 -8.40
N LEU H 118 -25.27 -75.86 -8.34
CA LEU H 118 -25.46 -74.93 -7.25
C LEU H 118 -26.33 -73.83 -7.83
N THR H 119 -27.52 -73.60 -7.21
CA THR H 119 -28.45 -72.58 -7.63
C THR H 119 -28.72 -71.63 -6.45
N ALA H 120 -28.51 -70.32 -6.69
CA ALA H 120 -28.91 -69.31 -5.76
C ALA H 120 -30.43 -69.18 -5.78
N VAL H 121 -31.04 -69.31 -4.59
CA VAL H 121 -32.51 -69.38 -4.51
C VAL H 121 -33.10 -68.41 -3.50
N GLY H 122 -32.27 -67.73 -2.71
CA GLY H 122 -32.77 -66.86 -1.67
C GLY H 122 -31.62 -66.10 -1.02
N VAL H 123 -31.98 -65.21 -0.08
CA VAL H 123 -31.00 -64.52 0.70
C VAL H 123 -31.49 -64.51 2.14
N ASP H 124 -30.61 -64.85 3.08
CA ASP H 124 -30.82 -64.75 4.51
C ASP H 124 -30.05 -63.50 5.02
N GLY H 125 -30.88 -62.48 5.41
CA GLY H 125 -30.43 -61.17 5.78
C GLY H 125 -30.73 -60.17 4.68
N LEU H 126 -30.54 -58.89 4.99
CA LEU H 126 -30.93 -57.81 4.08
C LEU H 126 -29.67 -57.22 3.43
N ILE H 127 -29.66 -57.17 2.10
CA ILE H 127 -28.56 -56.65 1.34
C ILE H 127 -28.52 -55.14 1.52
N TYR H 128 -27.30 -54.56 1.68
CA TYR H 128 -27.13 -53.12 1.86
C TYR H 128 -27.94 -52.34 0.84
N GLY H 129 -28.51 -51.22 1.29
CA GLY H 129 -28.95 -50.19 0.37
C GLY H 129 -30.14 -50.58 -0.48
N ARG H 130 -31.01 -51.40 0.15
CA ARG H 130 -32.22 -51.97 -0.46
C ARG H 130 -33.34 -51.97 0.58
N GLN H 131 -34.53 -51.62 0.13
CA GLN H 131 -35.75 -51.71 0.95
C GLN H 131 -36.12 -53.19 1.13
N ALA H 132 -35.91 -54.01 0.06
CA ALA H 132 -36.09 -55.45 0.11
C ALA H 132 -35.02 -56.09 -0.75
N ASN H 133 -34.68 -57.35 -0.50
CA ASN H 133 -33.64 -58.01 -1.32
C ASN H 133 -33.99 -58.01 -2.81
N VAL H 134 -35.29 -58.12 -3.12
CA VAL H 134 -35.79 -58.15 -4.50
C VAL H 134 -36.34 -56.76 -4.79
N ILE H 135 -35.73 -56.08 -5.75
CA ILE H 135 -36.18 -54.76 -6.13
C ILE H 135 -37.23 -54.95 -7.26
PB MGD I . 13.27 -8.94 -37.01
O1B MGD I . 13.50 -7.66 -36.25
O2B MGD I . 12.00 -8.97 -37.82
O3B MGD I . 13.38 -10.09 -35.96
O3A MGD I . 12.66 -12.20 -34.96
PA MGD I . 13.71 -11.66 -36.05
O1A MGD I . 13.50 -12.08 -37.47
O2A MGD I . 14.85 -12.07 -35.20
O5' MGD I . 14.39 -9.17 -38.16
C5' MGD I . 15.70 -9.80 -37.96
C4' MGD I . 16.79 -9.10 -38.76
O4' MGD I . 16.56 -9.20 -40.18
C3' MGD I . 16.95 -7.59 -38.51
O3' MGD I . 17.93 -7.39 -37.49
C2' MGD I . 17.12 -6.97 -39.92
O2' MGD I . 18.18 -6.05 -39.94
C1' MGD I . 17.41 -8.21 -40.75
N9 MGD I . 17.25 -8.07 -42.17
C8 MGD I . 16.51 -7.20 -42.92
N7 MGD I . 16.52 -7.43 -44.21
C5 MGD I . 17.39 -8.49 -44.33
C6 MGD I . 17.79 -9.16 -45.49
O6 MGD I . 17.49 -8.87 -46.66
N1 MGD I . 18.59 -10.24 -45.20
C2 MGD I . 19.04 -10.59 -43.95
N2 MGD I . 19.83 -11.65 -43.86
N3 MGD I . 18.64 -9.97 -42.83
C4 MGD I . 17.83 -8.92 -43.11
C10 MGD I . 11.25 -12.02 -35.21
C11 MGD I . 10.49 -12.93 -34.29
O11 MGD I . 10.57 -12.21 -33.02
C12 MGD I . 9.05 -13.15 -34.72
S12 MGD I . 8.55 -13.57 -36.36
C13 MGD I . 8.08 -12.95 -33.83
S13 MGD I . 6.38 -13.17 -34.21
C14 MGD I . 8.31 -12.44 -32.42
N15 MGD I . 8.06 -11.00 -32.30
C16 MGD I . 8.73 -10.27 -31.26
C17 MGD I . 8.39 -8.92 -30.93
O17 MGD I . 7.47 -8.29 -31.44
N18 MGD I . 9.12 -8.31 -29.90
C19 MGD I . 10.24 -8.92 -29.36
N19 MGD I . 11.01 -8.20 -28.51
N20 MGD I . 10.59 -10.18 -29.69
C21 MGD I . 9.80 -10.85 -30.57
N22 MGD I . 10.17 -12.11 -30.79
C23 MGD I . 9.73 -12.74 -32.03
PB MGD J . 0.04 -9.66 -33.37
O1B MGD J . 0.29 -8.46 -32.56
O2B MGD J . 0.66 -10.99 -33.15
O3B MGD J . -0.03 -9.14 -34.86
O3A MGD J . 0.72 -9.77 -37.16
PA MGD J . -0.54 -9.87 -36.19
O1A MGD J . -0.73 -11.33 -35.82
O2A MGD J . -1.47 -8.93 -36.87
O5' MGD J . -1.57 -9.92 -33.19
C5' MGD J . -2.16 -10.49 -32.07
C4' MGD J . -3.54 -9.89 -31.92
O4' MGD J . -4.38 -10.82 -31.22
C3' MGD J . -3.70 -8.56 -31.18
O3' MGD J . -4.73 -7.78 -31.70
C2' MGD J . -3.98 -9.03 -29.74
O2' MGD J . -4.64 -8.07 -28.95
C1' MGD J . -4.84 -10.27 -30.03
N9 MGD J . -4.78 -11.34 -29.06
C8 MGD J . -3.86 -11.57 -28.06
N7 MGD J . -4.13 -12.65 -27.36
C5 MGD J . -5.26 -13.20 -27.96
C6 MGD J . -6.05 -14.33 -27.58
O6 MGD J . -5.84 -15.18 -26.69
N1 MGD J . -7.13 -14.50 -28.46
C2 MGD J . -7.49 -13.64 -29.48
N2 MGD J . -8.57 -13.98 -30.20
N3 MGD J . -6.79 -12.50 -29.76
C4 MGD J . -5.68 -12.39 -28.99
C10 MGD J . 2.03 -10.22 -36.67
C11 MGD J . 2.81 -10.46 -37.93
O11 MGD J . 3.25 -9.16 -38.43
C12 MGD J . 4.01 -11.37 -37.70
S12 MGD J . 4.03 -12.66 -36.52
C13 MGD J . 5.11 -11.14 -38.38
S13 MGD J . 6.55 -12.15 -38.12
C14 MGD J . 5.17 -10.16 -39.51
N15 MGD J . 6.36 -9.35 -39.39
C16 MGD J . 6.39 -8.19 -40.13
C17 MGD J . 7.62 -7.61 -40.39
O17 MGD J . 8.70 -8.08 -39.95
N18 MGD J . 7.59 -6.42 -41.12
C19 MGD J . 6.42 -5.82 -41.50
N19 MGD J . 6.53 -4.69 -42.19
N20 MGD J . 5.24 -6.37 -41.28
C21 MGD J . 5.23 -7.54 -40.57
N22 MGD J . 4.03 -8.09 -40.32
C23 MGD J . 3.85 -9.36 -39.67
MO 4MO K . 6.13 -13.67 -36.49
FE1 F3S L . 8.84 -14.62 -22.91
FE3 F3S L . 11.21 -15.82 -22.56
FE4 F3S L . 10.50 -15.02 -24.99
S1 F3S L . 10.14 -14.51 -21.03
S2 F3S L . 9.28 -13.10 -24.40
S3 F3S L . 9.51 -16.58 -23.86
S4 F3S L . 12.58 -14.83 -23.94
C1 PEG M . -0.11 6.52 -25.30
O1 PEG M . -0.58 5.41 -26.03
C2 PEG M . 1.04 7.25 -25.98
O2 PEG M . 1.06 8.60 -25.52
C3 PEG M . 0.86 9.58 -26.53
C4 PEG M . 2.07 9.70 -27.32
O4 PEG M . 2.39 11.06 -27.62
C1 PEG N . 10.01 -19.51 -7.25
O1 PEG N . 9.60 -19.60 -8.68
C2 PEG N . 11.47 -19.19 -6.93
O2 PEG N . 11.87 -17.87 -7.35
C3 PEG N . 12.15 -17.76 -8.74
C4 PEG N . 11.81 -16.39 -9.26
O4 PEG N . 12.95 -15.71 -9.83
C1 EDO O . 35.92 -10.33 -37.68
O1 EDO O . 36.55 -9.24 -38.35
C2 EDO O . 36.65 -11.02 -36.58
O2 EDO O . 37.52 -12.10 -37.04
C1 EDO P . 20.79 0.46 -49.99
O1 EDO P . 20.24 1.77 -49.88
C2 EDO P . 21.52 0.11 -48.74
O2 EDO P . 22.84 -0.50 -48.78
OH2 1PE Q . -16.29 -4.69 -23.85
C12 1PE Q . -15.79 -3.52 -23.12
C22 1PE Q . -14.49 -2.93 -23.66
OH3 1PE Q . -14.77 -1.70 -24.33
C13 1PE Q . -14.70 -1.90 -26.79
C23 1PE Q . -13.98 -1.46 -25.49
OH4 1PE Q . -15.29 -0.81 -27.53
C14 1PE Q . -14.84 0.93 -29.15
C24 1PE Q . -14.89 -0.53 -28.87
OH5 1PE Q . -15.44 1.65 -28.06
C15 1PE Q . -14.49 3.02 -26.28
C25 1PE Q . -14.63 1.66 -26.88
OH6 1PE Q . -14.42 2.81 -24.87
C16 1PE Q . -13.45 3.85 -23.00
C26 1PE Q . -14.48 3.98 -24.08
OH7 1PE Q . -13.82 2.89 -22.01
C1 EDO R . 23.06 -23.07 -18.82
O1 EDO R . 24.39 -23.32 -19.37
C2 EDO R . 22.79 -21.75 -18.28
O2 EDO R . 21.72 -21.75 -17.26
C1 PEG S . 6.29 -19.00 -34.72
O1 PEG S . 7.46 -19.72 -34.29
C2 PEG S . 6.49 -18.48 -36.11
O2 PEG S . 5.40 -18.50 -37.05
C3 PEG S . 4.21 -17.96 -36.47
C4 PEG S . 4.44 -16.84 -35.46
O4 PEG S . 3.87 -15.61 -35.78
C1 PGE T . 3.19 -24.64 -39.36
O1 PGE T . 2.51 -23.61 -38.61
C2 PGE T . 2.41 -25.94 -39.36
O2 PGE T . 2.87 -26.81 -40.40
C3 PGE T . 1.95 -27.12 -41.46
C4 PGE T . 2.02 -26.06 -42.61
O4 PGE T . 0.80 -23.40 -40.98
C6 PGE T . 0.29 -23.61 -42.28
C5 PGE T . -0.12 -25.02 -42.49
O3 PGE T . 0.82 -25.75 -43.28
C1 GOL U . 9.33 7.07 -14.56
O1 GOL U . 7.96 7.32 -14.91
C2 GOL U . 10.03 8.38 -14.28
O2 GOL U . 9.74 9.23 -15.41
C3 GOL U . 9.55 9.02 -13.00
O3 GOL U . 8.15 8.72 -12.84
C1 PEG V . -18.60 -3.63 -19.99
O1 PEG V . -18.24 -2.36 -19.39
C2 PEG V . -19.62 -3.44 -21.07
O2 PEG V . -19.00 -2.64 -22.08
C3 PEG V . -19.39 -1.26 -22.07
C4 PEG V . -18.60 -0.39 -23.10
O4 PEG V . -18.81 1.08 -22.96
O O W . 6.13 -15.17 -36.77
NA NA X . -0.68 5.68 -44.38
C1 PEG Y . 7.94 -1.51 -17.97
O1 PEG Y . 7.52 -2.40 -16.97
C2 PEG Y . 9.42 -1.52 -18.13
O2 PEG Y . 9.75 -1.41 -19.51
C3 PEG Y . 9.47 -0.13 -20.07
C4 PEG Y . 10.46 0.16 -21.13
O4 PEG Y . 11.68 0.42 -20.56
FE1 FES Z . 21.12 -6.64 -14.97
FE2 FES Z . 20.05 -8.97 -16.03
S1 FES Z . 20.45 -7.00 -17.11
S2 FES Z . 20.91 -8.69 -14.04
PB MGD AA . -20.33 17.41 -22.11
O1B MGD AA . -20.30 15.98 -21.68
O2B MGD AA . -20.69 18.48 -21.16
O3B MGD AA . -21.37 17.38 -23.33
O3A MGD AA . -23.40 18.32 -24.40
PA MGD AA . -21.76 18.33 -24.48
O1A MGD AA . -21.43 19.78 -24.23
O2A MGD AA . -21.47 17.78 -25.81
O5' MGD AA . -19.10 17.88 -23.09
C5' MGD AA . -17.82 18.13 -22.49
C4' MGD AA . -16.72 17.62 -23.41
O4' MGD AA . -15.57 18.44 -23.15
C3' MGD AA . -16.28 16.17 -23.16
O3' MGD AA . -16.02 15.67 -24.47
C2' MGD AA . -15.14 16.33 -22.18
O2' MGD AA . -14.13 15.35 -22.24
C1' MGD AA . -14.51 17.66 -22.66
N9 MGD AA . -13.82 18.49 -21.68
C8 MGD AA . -13.88 18.44 -20.30
N7 MGD AA . -13.16 19.39 -19.75
C5 MGD AA . -12.63 20.15 -20.80
C6 MGD AA . -11.67 21.23 -20.79
O6 MGD AA . -11.19 21.85 -19.79
N1 MGD AA . -11.38 21.68 -22.09
C2 MGD AA . -11.92 21.13 -23.26
N2 MGD AA . -11.56 21.65 -24.46
N3 MGD AA . -12.65 20.02 -23.23
C4 MGD AA . -13.01 19.60 -22.00
C10 MGD AA . -24.02 18.58 -23.10
C11 MGD AA . -25.42 19.08 -23.41
O11 MGD AA . -26.21 17.96 -23.82
C12 MGD AA . -26.14 19.79 -22.28
S12 MGD AA . -25.20 20.67 -21.07
C13 MGD AA . -27.46 19.73 -22.25
S13 MGD AA . -28.33 20.64 -21.05
C14 MGD AA . -28.33 19.05 -23.28
N15 MGD AA . -29.11 18.04 -22.56
C16 MGD AA . -29.78 17.17 -23.26
C17 MGD AA . -30.89 16.52 -22.70
O17 MGD AA . -31.42 16.85 -21.62
N18 MGD AA . -31.44 15.57 -23.53
C19 MGD AA . -30.95 15.19 -24.77
N19 MGD AA . -31.53 14.22 -25.48
N20 MGD AA . -29.86 15.78 -25.25
C21 MGD AA . -29.25 16.73 -24.48
N22 MGD AA . -28.10 17.27 -24.98
C23 MGD AA . -27.43 18.38 -24.40
PB MGD BA . -32.96 16.49 -16.49
O1B MGD BA . -32.87 15.02 -16.07
O2B MGD BA . -32.39 16.85 -17.83
O3B MGD BA . -32.32 17.38 -15.24
O3A MGD BA . -30.85 19.14 -14.67
PA MGD BA . -32.42 18.95 -14.75
O1A MGD BA . -32.92 19.78 -15.86
O2A MGD BA . -32.75 19.03 -13.32
O5' MGD BA . -34.54 16.85 -16.63
C5' MGD BA . -35.39 17.38 -15.57
C4' MGD BA . -36.77 16.75 -15.56
O4' MGD BA . -37.54 17.13 -16.74
C3' MGD BA . -36.85 15.20 -15.61
O3' MGD BA . -36.96 14.74 -14.27
C2' MGD BA . -37.99 14.87 -16.61
O2' MGD BA . -38.88 13.87 -16.11
C1' MGD BA . -38.61 16.25 -16.80
N9 MGD BA . -39.37 16.57 -17.98
C8 MGD BA . -39.38 15.95 -19.20
N7 MGD BA . -40.23 16.48 -20.06
C5 MGD BA . -40.80 17.52 -19.36
C6 MGD BA . -41.79 18.41 -19.76
O6 MGD BA . -42.42 18.52 -20.84
N1 MGD BA . -42.09 19.26 -18.73
C2 MGD BA . -41.57 19.26 -17.45
N2 MGD BA . -42.09 20.18 -16.59
N3 MGD BA . -40.65 18.40 -17.04
C4 MGD BA . -40.29 17.58 -18.08
C10 MGD BA . -30.09 19.53 -15.84
C11 MGD BA . -28.70 19.99 -15.39
O11 MGD BA . -28.10 18.96 -14.59
C12 MGD BA . -27.85 20.34 -16.58
S12 MGD BA . -28.55 21.07 -18.03
C13 MGD BA . -26.49 19.97 -16.53
S13 MGD BA . -25.41 20.49 -17.76
C14 MGD BA . -25.88 19.13 -15.45
N15 MGD BA . -25.74 17.73 -15.84
C16 MGD BA . -25.68 16.79 -14.83
C17 MGD BA . -25.28 15.47 -15.10
O17 MGD BA . -24.96 15.06 -16.22
N18 MGD BA . -25.44 14.56 -14.05
C19 MGD BA . -25.82 14.95 -12.79
N19 MGD BA . -26.01 14.00 -11.87
N20 MGD BA . -26.09 16.23 -12.52
C21 MGD BA . -26.00 17.13 -13.51
N22 MGD BA . -26.39 18.36 -13.19
C23 MGD BA . -26.75 19.26 -14.23
MO 4MO CA . -26.78 21.56 -19.49
FE1 F3S DA . -20.09 18.94 -7.55
FE3 F3S DA . -21.62 19.86 -5.70
FE4 F3S DA . -22.65 19.77 -8.01
S1 F3S DA . -19.86 18.42 -5.43
S2 F3S DA . -21.44 18.06 -9.04
S3 F3S DA . -20.88 21.20 -7.32
S4 F3S DA . -23.70 19.15 -6.01
C8 P4G EA . -21.00 7.22 -8.45
C7 P4G EA . -20.15 6.61 -7.39
O4 P4G EA . -19.32 5.50 -7.79
C6 P4G EA . -19.88 4.23 -7.46
C5 P4G EA . -21.15 3.96 -8.30
O3 P4G EA . -21.99 2.99 -7.67
C4 P4G EA . -21.51 1.67 -7.37
C3 P4G EA . -20.41 1.12 -8.26
O2 P4G EA . -20.78 -0.03 -9.03
C2 P4G EA . -19.89 -1.15 -9.04
C1 P4G EA . -20.23 -2.39 -8.25
C1 PEG FA . -12.12 20.98 6.06
O1 PEG FA . -13.03 21.94 5.52
C2 PEG FA . -11.54 20.04 4.94
O2 PEG FA . -11.37 18.71 5.44
C3 PEG FA . -12.55 17.95 5.75
C4 PEG FA . -13.16 17.28 4.50
O4 PEG FA . -14.56 16.89 4.62
C1 PEG GA . -26.82 23.62 6.64
O1 PEG GA . -25.42 23.24 6.40
C2 PEG GA . -27.38 24.61 5.62
O2 PEG GA . -26.59 25.81 5.41
C3 PEG GA . -26.99 26.93 6.16
C4 PEG GA . -26.42 26.75 7.56
O4 PEG GA . -26.39 28.00 8.27
OH2 1PE HA . -2.58 11.69 -26.50
C12 1PE HA . -2.25 10.27 -26.16
C22 1PE HA . -3.35 9.34 -25.64
OH3 1PE HA . -4.60 9.52 -26.33
C13 1PE HA . -5.88 9.26 -28.42
C23 1PE HA . -4.57 9.04 -27.70
OH4 1PE HA . -5.82 9.16 -29.85
C14 1PE HA . -7.32 7.22 -30.41
C24 1PE HA . -7.01 8.73 -30.54
OH5 1PE HA . -6.26 6.39 -30.87
C15 1PE HA . -6.40 4.32 -32.31
C25 1PE HA . -6.58 4.96 -30.89
OH6 1PE HA . -7.53 3.51 -32.71
C16 1PE HA . -9.38 5.20 -32.87
C26 1PE HA . -8.52 4.07 -33.56
OH7 1PE HA . -10.64 5.51 -33.58
OH2 1PE IA . -24.88 33.24 -25.04
C12 1PE IA . -25.74 34.23 -25.66
C22 1PE IA . -26.50 35.06 -24.64
OH3 1PE IA . -25.72 36.20 -24.25
C13 1PE IA . -24.91 35.34 -22.02
C23 1PE IA . -25.55 36.48 -22.84
OH4 1PE IA . -25.88 34.55 -21.31
C14 1PE IA . -24.80 32.53 -20.65
C24 1PE IA . -25.84 33.13 -21.54
OH5 1PE IA . -24.83 31.12 -20.63
C15 1PE IA . -25.65 29.11 -19.61
C25 1PE IA . -25.97 30.54 -19.97
OH6 1PE IA . -25.76 28.16 -20.69
C16 1PE IA . -26.58 26.29 -19.31
C26 1PE IA . -25.55 26.78 -20.33
OH7 1PE IA . -26.15 25.23 -18.45
C1 EDO JA . -23.72 37.29 0.87
O1 EDO JA . -23.02 36.67 -0.21
C2 EDO JA . -23.53 38.73 0.91
O2 EDO JA . -23.43 39.25 2.19
O O KA . -26.86 23.22 -19.84
NA NA LA . -28.28 4.99 -34.21
C1 EDO MA . -12.86 4.02 -6.34
O1 EDO MA . -12.03 4.43 -5.16
C2 EDO MA . -12.92 4.98 -7.46
O2 EDO MA . -14.06 4.91 -8.36
FE1 FES NA . -25.17 8.45 4.05
FE2 FES NA . -24.76 10.88 3.25
S1 FES NA . -26.02 9.21 2.08
S2 FES NA . -24.18 10.11 5.27
C5 PG0 OA . -12.67 5.98 6.20
O2 PG0 OA . -12.59 6.04 4.85
C4 PG0 OA . -13.80 5.62 4.31
C3 PG0 OA . -13.77 5.29 2.93
O1 PG0 OA . -14.62 4.17 2.74
C2 PG0 OA . -14.71 3.77 1.38
C1 PG0 OA . -14.92 2.23 1.16
OTT PG0 OA . -13.89 1.59 0.34
C1 EDO PA . -14.95 -0.51 -3.49
O1 EDO PA . -15.89 0.60 -3.60
C2 EDO PA . -15.32 -1.54 -2.43
O2 EDO PA . -15.93 -1.00 -1.18
FE1 F3S QA . 34.07 39.37 10.82
FE3 F3S QA . 31.64 38.32 10.38
FE4 F3S QA . 32.37 38.46 12.82
S1 F3S QA . 32.71 40.00 9.15
S2 F3S QA . 33.70 40.42 12.70
S3 F3S QA . 33.49 37.16 11.39
S4 F3S QA . 30.36 39.04 11.89
PB MGD RA . 29.75 41.29 26.04
O1B MGD RA . 29.48 42.74 25.73
O2B MGD RA . 31.05 40.91 26.64
O3B MGD RA . 29.52 40.49 24.61
O3A MGD RA . 30.32 38.68 23.18
PA MGD RA . 29.20 38.86 24.33
O1A MGD RA . 29.39 38.06 25.53
O2A MGD RA . 28.03 38.84 23.41
O5' MGD RA . 28.60 40.70 27.04
C5' MGD RA . 27.18 40.40 26.63
C4' MGD RA . 26.16 40.86 27.65
O4' MGD RA . 26.44 40.41 29.00
C3' MGD RA . 26.12 42.41 27.81
O3' MGD RA . 25.14 42.95 26.93
C2' MGD RA . 25.95 42.66 29.35
O2' MGD RA . 24.95 43.64 29.45
C1' MGD RA . 25.63 41.24 29.83
N9 MGD RA . 25.84 40.91 31.22
C8 MGD RA . 26.59 41.50 32.19
N7 MGD RA . 26.50 40.96 33.37
C5 MGD RA . 25.67 39.88 33.16
C6 MGD RA . 25.18 38.93 34.07
O6 MGD RA . 25.43 38.73 35.26
N1 MGD RA . 24.39 38.03 33.45
C2 MGD RA . 23.93 38.08 32.16
N2 MGD RA . 23.03 37.12 31.88
N3 MGD RA . 24.35 38.96 31.27
C4 MGD RA . 25.23 39.84 31.85
C10 MGD RA . 31.69 38.40 23.54
C11 MGD RA . 32.49 38.04 22.31
O11 MGD RA . 32.37 39.08 21.34
C12 MGD RA . 33.94 37.79 22.67
S12 MGD RA . 34.33 36.97 24.19
C13 MGD RA . 34.92 38.22 21.85
S13 MGD RA . 36.57 37.78 22.19
C14 MGD RA . 34.60 39.01 20.63
N15 MGD RA . 34.88 40.43 20.82
C16 MGD RA . 34.26 41.37 20.06
C17 MGD RA . 34.72 42.70 20.02
O17 MGD RA . 35.62 43.09 20.72
N18 MGD RA . 33.97 43.64 19.34
C19 MGD RA . 32.88 43.25 18.59
N19 MGD RA . 32.14 44.18 17.99
N20 MGD RA . 32.49 41.95 18.58
C21 MGD RA . 33.21 41.00 19.22
N22 MGD RA . 32.74 39.71 19.22
C23 MGD RA . 33.17 38.81 20.22
PB MGD SA . 43.02 41.10 22.21
O1B MGD SA . 42.83 42.46 21.68
O2B MGD SA . 42.35 39.94 21.62
O3B MGD SA . 43.19 41.26 23.80
O3A MGD SA . 42.25 39.99 25.86
PA MGD SA . 43.52 40.12 24.82
O1A MGD SA . 43.71 38.71 24.29
O2A MGD SA . 44.51 40.52 25.87
O5' MGD SA . 44.62 40.74 22.04
C5' MGD SA . 45.19 40.43 20.78
C4' MGD SA . 46.58 41.03 20.73
O4' MGD SA . 47.39 40.26 19.82
C3' MGD SA . 46.78 42.50 20.36
O3' MGD SA . 47.82 43.10 21.12
C2' MGD SA . 47.09 42.41 18.88
O2' MGD SA . 47.91 43.44 18.37
C1' MGD SA . 47.84 41.07 18.81
N9 MGD SA . 47.69 40.27 17.59
C8 MGD SA . 46.82 40.36 16.55
N7 MGD SA . 47.10 39.51 15.58
C5 MGD SA . 48.23 38.84 16.04
C6 MGD SA . 48.95 37.78 15.47
O6 MGD SA . 48.78 37.30 14.34
N1 MGD SA . 50.00 37.34 16.28
C2 MGD SA . 50.28 37.84 17.52
N2 MGD SA . 51.35 37.33 18.14
N3 MGD SA . 49.66 38.91 18.03
C4 MGD SA . 48.60 39.28 17.27
C10 MGD SA . 40.94 39.72 25.32
C11 MGD SA . 40.13 39.08 26.40
O11 MGD SA . 39.84 40.19 27.27
C12 MGD SA . 38.89 38.40 25.89
S12 MGD SA . 38.83 37.53 24.32
C13 MGD SA . 37.77 38.46 26.69
S13 MGD SA . 36.38 37.47 26.32
C14 MGD SA . 37.72 39.18 28.01
N15 MGD SA . 36.68 40.20 27.95
C16 MGD SA . 36.60 41.05 29.00
C17 MGD SA . 35.38 41.62 29.39
O17 MGD SA . 34.25 41.29 28.93
N18 MGD SA . 35.46 42.50 30.45
C19 MGD SA . 36.62 42.83 31.08
N19 MGD SA . 36.60 43.69 32.10
N20 MGD SA . 37.75 42.31 30.70
C21 MGD SA . 37.77 41.42 29.64
N22 MGD SA . 38.99 40.92 29.25
C23 MGD SA . 39.11 39.76 28.40
MO 4MO TA . 36.64 36.57 24.20
C1 EDO UA . 26.23 31.35 43.33
O1 EDO UA . 27.49 30.61 43.34
C2 EDO UA . 25.75 31.88 41.98
O2 EDO UA . 25.83 31.13 40.71
C1 PEG VA . 31.67 54.97 13.41
O1 PEG VA . 30.85 54.34 14.51
C2 PEG VA . 32.80 54.09 12.90
O2 PEG VA . 32.98 54.19 11.47
C3 PEG VA . 33.96 53.27 10.95
C4 PEG VA . 33.36 51.87 10.96
O4 PEG VA . 33.30 51.15 12.27
C1 EDO WA . 20.83 32.24 4.64
O1 EDO WA . 20.85 30.83 4.85
C2 EDO WA . 19.57 32.94 4.99
O2 EDO WA . 19.73 34.33 4.76
C1 EDO XA . 40.82 24.05 27.44
O1 EDO XA . 41.21 23.06 28.35
C2 EDO XA . 42.01 24.92 27.22
O2 EDO XA . 41.73 26.02 26.38
C1 PEG YA . 38.01 33.80 23.09
O1 PEG YA . 39.07 34.19 22.31
C2 PEG YA . 37.27 32.58 22.65
O2 PEG YA . 36.95 31.77 23.79
C3 PEG YA . 37.44 30.44 23.65
C4 PEG YA . 38.94 30.38 23.69
O4 PEG YA . 39.38 29.83 24.90
C1 EDO ZA . 39.15 25.81 24.44
O1 EDO ZA . 39.98 24.73 24.01
C2 EDO ZA . 39.16 26.99 23.53
O2 EDO ZA . 37.83 27.52 23.23
C1 PEG AB . 32.42 29.42 -1.55
O1 PEG AB . 33.67 30.04 -1.16
C2 PEG AB . 31.96 29.92 -2.93
O2 PEG AB . 32.40 31.27 -3.25
C3 PEG AB . 31.99 31.82 -4.54
C4 PEG AB . 31.34 33.25 -4.44
O4 PEG AB . 31.37 34.05 -5.61
O O BB . 36.62 34.85 24.66
NA NA CB . 71.84 54.00 26.76
FE1 FES DB . 22.18 49.60 5.45
FE2 FES DB . 23.12 47.18 5.71
S1 FES DB . 22.80 48.78 7.29
S2 FES DB . 22.23 47.93 3.93
MO 4MO EB . -16.18 -44.70 31.76
PB MGD FB . -22.69 -49.06 33.27
O1B MGD FB . -22.85 -50.23 32.36
O2B MGD FB . -22.40 -47.73 32.63
O3B MGD FB . -21.69 -49.53 34.39
O3A MGD FB . -19.66 -49.06 35.64
PA MGD FB . -21.23 -48.87 35.79
O1A MGD FB . -21.57 -47.42 35.82
O2A MGD FB . -21.56 -49.80 36.87
O5' MGD FB . -24.01 -48.89 34.20
C5' MGD FB . -25.22 -48.26 33.73
C4' MGD FB . -26.39 -48.93 34.46
O4' MGD FB . -27.56 -48.07 34.53
C3' MGD FB . -26.84 -50.29 33.94
O3' MGD FB . -27.10 -51.15 35.03
C2' MGD FB . -27.99 -49.86 33.01
O2' MGD FB . -29.01 -50.81 32.89
C1' MGD FB . -28.59 -48.65 33.79
N9 MGD FB . -29.18 -47.56 33.03
C8 MGD FB . -29.13 -47.31 31.71
N7 MGD FB . -29.88 -46.29 31.37
C5 MGD FB . -30.40 -45.82 32.55
C6 MGD FB . -31.23 -44.70 32.82
O6 MGD FB . -31.73 -43.89 32.03
N1 MGD FB . -31.48 -44.57 34.18
C2 MGD FB . -31.07 -45.45 35.15
N2 MGD FB . -31.42 -45.15 36.40
N3 MGD FB . -30.25 -46.46 34.90
C4 MGD FB . -29.95 -46.56 33.59
C10 MGD FB . -18.97 -48.30 34.56
C11 MGD FB . -17.59 -48.04 34.82
O11 MGD FB . -16.90 -49.24 35.07
C12 MGD FB . -16.86 -47.24 33.82
S12 MGD FB . -17.70 -45.90 33.14
C13 MGD FB . -15.53 -47.29 33.78
S13 MGD FB . -14.57 -46.08 32.93
C14 MGD FB . -14.75 -48.22 34.64
N15 MGD FB . -13.99 -49.01 33.71
C16 MGD FB . -13.38 -50.12 34.16
C17 MGD FB . -12.21 -50.62 33.58
O17 MGD FB . -11.65 -50.13 32.57
N18 MGD FB . -11.70 -51.79 34.13
C19 MGD FB . -12.31 -52.45 35.14
N19 MGD FB . -11.79 -53.59 35.54
N20 MGD FB . -13.40 -51.96 35.71
C21 MGD FB . -13.97 -50.83 35.20
N22 MGD FB . -15.06 -50.31 35.85
C23 MGD FB . -15.59 -49.01 35.58
PB MGD GB . -10.22 -49.00 27.47
O1B MGD GB . -10.32 -50.29 26.76
O2B MGD GB . -10.69 -49.03 28.87
O3B MGD GB . -10.77 -47.83 26.50
O3A MGD GB . -12.07 -45.77 26.32
PA MGD GB . -10.55 -46.21 26.39
O1A MGD GB . -9.97 -45.87 27.74
O2A MGD GB . -10.03 -45.71 25.07
O5' MGD GB . -8.58 -48.68 27.58
C5' MGD GB . -7.73 -47.98 26.62
C4' MGD GB . -6.36 -48.60 26.55
O4' MGD GB . -5.64 -48.55 27.83
C3' MGD GB . -6.28 -50.09 26.18
O3' MGD GB . -6.17 -50.27 24.76
C2' MGD GB . -5.20 -50.67 27.12
O2' MGD GB . -4.36 -51.62 26.47
C1' MGD GB . -4.57 -49.42 27.64
N9 MGD GB . -3.79 -49.52 28.88
C8 MGD GB . -3.84 -50.46 29.84
N7 MGD GB . -2.99 -50.27 30.82
C5 MGD GB . -2.28 -49.16 30.42
C6 MGD GB . -1.25 -48.45 31.06
O6 MGD GB . -0.69 -48.68 32.14
N1 MGD GB . -0.87 -47.34 30.32
C2 MGD GB . -1.37 -46.99 29.08
N2 MGD GB . -0.84 -45.89 28.49
N3 MGD GB . -2.36 -47.62 28.50
C4 MGD GB . -2.76 -48.71 29.20
C10 MGD GB . -12.88 -45.89 27.53
C11 MGD GB . -14.24 -45.23 27.33
O11 MGD GB . -14.95 -45.84 26.27
C12 MGD GB . -15.11 -45.22 28.53
S12 MGD GB . -14.41 -44.83 30.06
C13 MGD GB . -16.42 -45.44 28.44
S13 MGD GB . -17.43 -45.15 29.78
C14 MGD GB . -17.18 -45.85 27.21
N15 MGD GB . -17.30 -47.31 27.19
C16 MGD GB . -17.41 -47.97 25.97
C17 MGD GB . -17.80 -49.31 25.87
O17 MGD GB . -18.21 -49.99 26.82
N18 MGD GB . -17.81 -49.88 24.61
C19 MGD GB . -17.38 -49.21 23.50
N19 MGD GB . -17.25 -49.88 22.33
N20 MGD GB . -17.01 -47.93 23.57
C21 MGD GB . -17.05 -47.32 24.78
N22 MGD GB . -16.69 -46.05 24.76
C23 MGD GB . -16.31 -45.43 26.04
FE1 F3S HB . -22.88 -43.80 19.59
FE3 F3S HB . -21.40 -42.39 17.95
FE4 F3S HB . -20.27 -43.17 20.10
S1 F3S HB . -23.11 -43.91 17.30
S2 F3S HB . -21.46 -45.20 20.70
S3 F3S HB . -21.89 -41.67 20.06
S4 F3S HB . -19.35 -43.40 18.19
C1 EDO IB . -28.63 -30.91 11.64
O1 EDO IB . -29.31 -31.65 12.68
C2 EDO IB . -28.49 -29.46 12.03
O2 EDO IB . -28.07 -29.15 13.46
C1 PEG JB . -49.22 -44.99 2.95
O1 PEG JB . -48.99 -46.02 3.97
C2 PEG JB . -49.76 -45.48 1.59
O2 PEG JB . -49.03 -46.58 1.03
C3 PEG JB . -48.03 -46.31 0.03
C4 PEG JB . -47.66 -47.56 -0.78
O4 PEG JB . -46.22 -47.73 -0.91
C1 PEG KB . -20.26 -20.97 16.99
O1 PEG KB . -21.17 -21.13 18.10
C2 PEG KB . -18.90 -21.64 17.20
O2 PEG KB . -18.61 -22.69 16.27
C3 PEG KB . -18.80 -24.06 16.75
C4 PEG KB . -19.60 -24.91 15.71
O4 PEG KB . -19.31 -26.35 15.65
C1 PEG LB . -30.45 -36.66 7.85
O1 PEG LB . -30.11 -35.70 6.90
C2 PEG LB . -30.04 -38.04 7.49
O2 PEG LB . -31.01 -39.00 7.98
C3 PEG LB . -30.76 -40.26 7.34
C4 PEG LB . -31.48 -40.28 5.99
O4 PEG LB . -30.64 -40.67 4.92
C1 EDO MB . -41.27 -40.05 32.10
O1 EDO MB . -40.75 -39.69 33.43
C2 EDO MB . -41.12 -39.02 30.99
O2 EDO MB . -41.37 -37.67 31.45
C1 EDO NB . 7.42 -45.26 12.32
O1 EDO NB . 7.41 -46.64 12.73
C2 EDO NB . 8.84 -44.78 12.03
O2 EDO NB . 9.07 -43.84 10.97
C1 EDO OB . 8.22 -51.41 35.75
O1 EDO OB . 6.89 -51.98 36.13
C2 EDO OB . 8.77 -52.08 34.49
O2 EDO OB . 9.81 -51.41 33.72
OH2 1PE PB . -17.86 -28.71 37.08
C12 1PE PB . -17.01 -29.82 36.91
C22 1PE PB . -17.80 -31.10 36.67
OH3 1PE PB . -16.96 -32.25 36.67
C13 1PE PB . -16.94 -34.71 36.45
C23 1PE PB . -17.47 -33.37 35.92
OH4 1PE PB . -16.55 -34.73 37.82
C14 1PE PB . -17.29 -34.93 40.19
C24 1PE PB . -17.66 -34.76 38.73
OH5 1PE PB . -16.12 -34.14 40.53
C15 1PE PB . -14.94 -33.93 42.62
C25 1PE PB . -16.14 -33.52 41.83
OH6 1PE PB . -14.84 -33.17 43.83
C16 1PE PB . -14.02 -33.52 46.08
C26 1PE PB . -13.68 -33.45 44.64
OH7 1PE PB . -15.37 -33.11 46.33
C1 EDO QB . -15.48 -35.17 7.52
O1 EDO QB . -16.66 -36.00 7.29
C2 EDO QB . -15.84 -33.72 7.59
O2 EDO QB . -15.89 -33.08 8.92
C1 PEG RB . -17.77 -29.26 45.45
O1 PEG RB . -17.70 -30.63 45.06
C2 PEG RB . -17.28 -28.24 44.44
O2 PEG RB . -17.40 -26.92 45.00
C3 PEG RB . -18.31 -26.03 44.35
C4 PEG RB . -18.51 -24.71 45.08
O4 PEG RB . -19.47 -23.88 44.41
O O SB . -16.29 -43.23 31.79
NA NA TB . -43.07 -65.29 51.76
C1 PEG UB . -25.87 -56.58 15.25
O1 PEG UB . -27.08 -56.00 15.71
C2 PEG UB . -25.07 -57.25 16.27
O2 PEG UB . -23.70 -57.30 15.86
C3 PEG UB . -22.89 -58.11 16.72
C4 PEG UB . -21.74 -58.68 15.99
O4 PEG UB . -22.11 -59.58 14.86
FE1 FES VB . -18.20 -51.11 5.47
FE2 FES VB . -18.44 -48.87 7.05
S1 FES VB . -17.33 -50.84 7.57
S2 FES VB . -19.03 -49.14 4.98
C1 PEG WB . -29.26 -59.16 8.09
O1 PEG WB . -29.48 -57.83 7.62
C2 PEG WB . -27.91 -59.94 7.69
O2 PEG WB . -27.92 -61.31 8.18
C3 PEG WB . -28.81 -61.74 9.26
C4 PEG WB . -28.22 -61.42 10.71
O4 PEG WB . -27.71 -60.07 10.80
#